data_8DYX
#
_entry.id   8DYX
#
_cell.length_a   1.00
_cell.length_b   1.00
_cell.length_c   1.00
_cell.angle_alpha   90.00
_cell.angle_beta   90.00
_cell.angle_gamma   90.00
#
_symmetry.space_group_name_H-M   'P 1'
#
loop_
_entity.id
_entity.type
_entity.pdbx_description
1 polymer 'Circumsporozoite protein'
2 polymer '311 heavy chain'
3 polymer '311 light chain'
#
loop_
_entity_poly.entity_id
_entity_poly.type
_entity_poly.pdbx_seq_one_letter_code
_entity_poly.pdbx_strand_id
1 'polypeptide(L)'
;YGSSSNTRVLNELNYDNAGTNLYNELEMNYYGKQENWYSLKKNSRSLGENDDGNNEDNEKLRKPKHKKLKQPADGNPDPN
ANPNVDPNANPNVDPNANPNVDPNANPNANPNANPNANPNANPNANPNANPNANPNANPNANPNANPNANPNANPNANPN
ANPNANPNKNNQGNGQGHNMPNDPNRNVDENANANSAVKNNNNEEPSDKHIKEYLNKIQNSLSTEWSPCSVTCGNGIQVR
IKPGSANKPKDELDYANDIEKKICKMEKCSSVFNVVNS
;
I
2 'polypeptide(L)'
;QVQLVESGGGVVPPGRSLRLSCATSGFTFSNYGMHWVRQAPGKGLEWVAIIWYDGSRNFYAASVEGRFTISRDNSKNTLY
LQMNSLRVEDTAVYYCARAAYYDTSGYGDYWGQGTLVTVSSASTKGPSVFPLAPSSKSTSGGTAALGCLVKDYFPEPVTV
SWNSGALTSGVHTFPAVLQSSGLYSLSSVVTVPSSSLGTQTYICNVNHKPSNTKVDKKVEPKSCD
;
H,A,C,E,M,O,Q,S,U,W,Y
3 'polypeptide(L)'
;QSVLTQPPSVSGAPGQTVTISCTGGSSNIGAGYDVHWYQQLPGTAPKLLIYGNINRPSGVPDRFSGSKSGTSASLAITGL
QAEDEADYYCQSYDRRLSGSWVFGGGTKLTVLGQPKAAPSVTLFPPSSEELQANKATLVCLVSDFYPGAVTVAWKADGSP
VKVGVETTKPSKQSNNKYAASSYLSLTPEQWKSHRSYSCRVTHEGSTVEKTVAPAECS
;
L,B,D,F,N,P,R,T,V,X,Z
#
# COMPACT_ATOMS: atom_id res chain seq x y z
N ASP A 78 -47.02 -1.32 -19.13
CA ASP A 78 -48.29 -1.42 -18.42
C ASP A 78 -48.41 -0.30 -17.39
N PRO A 79 -49.33 0.64 -17.64
CA PRO A 79 -49.55 1.72 -16.66
C PRO A 79 -50.09 1.25 -15.33
N ASN A 80 -50.71 0.07 -15.28
CA ASN A 80 -51.43 -0.38 -14.10
C ASN A 80 -50.70 -1.48 -13.33
N ALA A 81 -49.41 -1.67 -13.59
CA ALA A 81 -48.62 -2.60 -12.78
C ALA A 81 -48.41 -2.02 -11.39
N ASN A 82 -47.98 -2.88 -10.47
CA ASN A 82 -47.74 -2.46 -9.09
C ASN A 82 -46.45 -1.64 -9.04
N PRO A 83 -46.52 -0.33 -8.76
CA PRO A 83 -45.32 0.52 -8.80
C PRO A 83 -44.59 0.58 -7.46
N ASN A 84 -44.34 -0.59 -6.88
CA ASN A 84 -43.68 -0.67 -5.58
C ASN A 84 -42.77 -1.89 -5.58
N VAL A 85 -41.78 -1.88 -4.69
CA VAL A 85 -40.92 -3.05 -4.50
C VAL A 85 -41.77 -4.18 -3.95
N ASP A 86 -41.48 -5.40 -4.36
CA ASP A 86 -42.41 -6.50 -4.13
C ASP A 86 -41.86 -7.40 -3.05
N PRO A 87 -42.49 -7.48 -1.87
CA PRO A 87 -42.04 -8.43 -0.84
C PRO A 87 -42.35 -9.86 -1.26
N ASN A 88 -42.22 -10.78 -0.30
CA ASN A 88 -42.52 -12.19 -0.55
C ASN A 88 -41.64 -12.71 -1.69
N ALA A 89 -40.35 -12.45 -1.57
CA ALA A 89 -39.33 -12.93 -2.49
C ALA A 89 -38.22 -13.58 -1.69
N ASN A 90 -37.48 -14.47 -2.34
CA ASN A 90 -36.49 -15.26 -1.62
C ASN A 90 -35.41 -14.34 -1.07
N PRO A 91 -35.24 -14.25 0.24
CA PRO A 91 -34.25 -13.34 0.82
C PRO A 91 -32.89 -13.99 1.06
N ASN A 92 -32.70 -15.23 0.62
CA ASN A 92 -31.46 -15.96 0.85
C ASN A 92 -30.59 -15.92 -0.39
N VAL A 93 -29.33 -16.31 -0.22
CA VAL A 93 -28.38 -16.35 -1.34
C VAL A 93 -28.81 -17.42 -2.31
N ASP A 94 -28.56 -17.19 -3.59
CA ASP A 94 -28.87 -18.18 -4.62
C ASP A 94 -27.69 -19.12 -4.79
N PRO A 95 -27.84 -20.40 -4.47
CA PRO A 95 -26.74 -21.36 -4.69
C PRO A 95 -26.64 -21.84 -6.13
N ASN A 96 -27.65 -21.54 -6.97
CA ASN A 96 -27.63 -21.91 -8.38
C ASN A 96 -27.00 -20.75 -9.16
N ALA A 97 -25.70 -20.59 -8.99
CA ALA A 97 -24.96 -19.56 -9.68
C ALA A 97 -23.65 -20.15 -10.17
N ASN A 98 -23.01 -19.45 -11.10
CA ASN A 98 -21.75 -19.93 -11.66
C ASN A 98 -20.62 -19.72 -10.65
N PRO A 99 -19.96 -20.77 -10.18
CA PRO A 99 -18.87 -20.61 -9.22
C PRO A 99 -17.50 -20.41 -9.83
N ASN A 100 -17.39 -20.34 -11.16
CA ASN A 100 -16.12 -20.18 -11.85
C ASN A 100 -15.86 -18.70 -12.14
N VAL A 101 -14.62 -18.40 -12.53
CA VAL A 101 -14.24 -17.03 -12.85
C VAL A 101 -14.88 -16.64 -14.17
N ASP A 102 -15.00 -15.34 -14.40
CA ASP A 102 -15.55 -14.83 -15.65
C ASP A 102 -14.41 -14.53 -16.61
N PRO A 103 -14.26 -15.29 -17.69
CA PRO A 103 -13.26 -14.94 -18.71
C PRO A 103 -13.66 -13.78 -19.58
N ASN A 104 -14.93 -13.34 -19.52
CA ASN A 104 -15.42 -12.21 -20.30
C ASN A 104 -15.36 -10.98 -19.40
N ALA A 105 -14.15 -10.61 -19.00
CA ALA A 105 -13.94 -9.41 -18.21
C ALA A 105 -12.84 -8.61 -18.88
N ASN A 106 -12.80 -7.32 -18.57
CA ASN A 106 -11.83 -6.44 -19.21
C ASN A 106 -10.42 -6.78 -18.76
N PRO A 107 -9.52 -7.18 -19.65
CA PRO A 107 -8.18 -7.60 -19.22
C PRO A 107 -7.13 -6.50 -19.22
N ASN A 108 -7.51 -5.26 -19.52
CA ASN A 108 -6.56 -4.16 -19.64
C ASN A 108 -6.52 -3.33 -18.36
N ALA A 109 -5.46 -2.54 -18.23
CA ALA A 109 -5.33 -1.65 -17.09
C ALA A 109 -6.42 -0.59 -17.11
N ASN A 110 -6.79 -0.12 -15.92
CA ASN A 110 -7.89 0.83 -15.79
C ASN A 110 -7.35 2.24 -15.76
N PRO A 111 -7.65 3.08 -16.76
CA PRO A 111 -7.19 4.48 -16.72
C PRO A 111 -8.01 5.35 -15.78
N ASN A 112 -9.23 4.93 -15.43
CA ASN A 112 -10.11 5.71 -14.57
C ASN A 112 -9.94 5.22 -13.13
N ALA A 113 -8.77 5.51 -12.58
CA ALA A 113 -8.50 5.24 -11.17
C ALA A 113 -7.92 6.50 -10.55
N ASN A 114 -7.74 6.47 -9.23
CA ASN A 114 -7.22 7.66 -8.56
C ASN A 114 -5.71 7.76 -8.78
N PRO A 115 -5.23 8.83 -9.42
CA PRO A 115 -3.80 8.96 -9.71
C PRO A 115 -3.00 9.68 -8.64
N ASN A 116 -3.61 10.04 -7.52
CA ASN A 116 -2.96 10.85 -6.50
C ASN A 116 -2.49 9.98 -5.34
N ALA A 117 -1.64 10.57 -4.50
CA ALA A 117 -1.17 9.86 -3.31
C ALA A 117 -2.30 9.65 -2.33
N ASN A 118 -2.24 8.55 -1.61
CA ASN A 118 -3.28 8.22 -0.64
C ASN A 118 -2.92 8.78 0.73
N PRO A 119 -3.70 9.74 1.27
CA PRO A 119 -3.40 10.24 2.61
C PRO A 119 -3.91 9.34 3.71
N ASN A 120 -4.79 8.39 3.40
CA ASN A 120 -5.33 7.47 4.39
C ASN A 120 -4.52 6.17 4.37
N ALA A 121 -3.30 6.27 4.90
CA ALA A 121 -2.42 5.13 5.04
C ALA A 121 -1.76 5.21 6.41
N ASN A 122 -1.15 4.11 6.82
CA ASN A 122 -0.54 4.06 8.14
C ASN A 122 0.74 4.89 8.15
N PRO A 123 0.82 5.96 8.95
CA PRO A 123 2.02 6.80 8.97
C PRO A 123 3.08 6.37 9.98
N ASN A 124 2.94 5.20 10.60
CA ASN A 124 3.84 4.75 11.65
C ASN A 124 4.76 3.65 11.14
N ALA A 125 5.83 3.42 11.89
CA ALA A 125 6.79 2.39 11.52
C ALA A 125 6.16 1.01 11.63
N ASN A 126 6.66 0.07 10.84
CA ASN A 126 6.13 -1.28 10.80
C ASN A 126 6.94 -2.18 11.73
N PRO A 127 6.37 -2.67 12.84
CA PRO A 127 7.12 -3.61 13.68
C PRO A 127 7.21 -5.00 13.06
N ASN A 128 6.37 -5.32 12.08
CA ASN A 128 6.39 -6.61 11.41
C ASN A 128 7.32 -6.51 10.21
N ALA A 129 8.61 -6.36 10.50
CA ALA A 129 9.64 -6.33 9.48
C ALA A 129 10.77 -7.23 9.92
N ASN A 130 11.57 -7.67 8.96
CA ASN A 130 12.66 -8.59 9.27
C ASN A 130 13.72 -7.86 10.09
N PRO A 131 14.00 -8.29 11.31
CA PRO A 131 14.99 -7.60 12.15
C PRO A 131 16.41 -8.14 12.05
N ASN A 132 16.70 -9.02 11.10
CA ASN A 132 17.99 -9.67 11.01
C ASN A 132 18.79 -9.13 9.83
N ALA A 133 20.10 -9.35 9.88
CA ALA A 133 20.98 -8.92 8.81
C ALA A 133 20.68 -9.68 7.53
N ASN A 134 20.85 -8.98 6.40
CA ASN A 134 20.50 -9.54 5.10
C ASN A 134 21.69 -10.29 4.53
N PRO A 135 21.59 -11.61 4.32
CA PRO A 135 22.71 -12.32 3.66
C PRO A 135 22.79 -12.06 2.18
N ASN A 136 21.72 -11.57 1.55
CA ASN A 136 21.69 -11.33 0.11
C ASN A 136 22.01 -9.86 -0.14
N ALA A 137 23.25 -9.50 0.16
CA ALA A 137 23.75 -8.17 -0.14
C ALA A 137 25.06 -8.34 -0.90
N ASN A 138 25.50 -7.26 -1.53
CA ASN A 138 26.72 -7.33 -2.32
C ASN A 138 27.92 -7.42 -1.40
N PRO A 139 28.70 -8.49 -1.43
CA PRO A 139 29.86 -8.60 -0.54
C PRO A 139 31.15 -8.01 -1.08
N ASN A 140 31.11 -7.36 -2.24
CA ASN A 140 32.29 -6.88 -2.93
C ASN A 140 32.46 -5.38 -2.72
N ALA A 141 33.70 -4.92 -2.89
CA ALA A 141 34.00 -3.50 -2.76
C ALA A 141 33.28 -2.72 -3.83
N ASN A 142 32.95 -1.46 -3.51
CA ASN A 142 32.18 -0.61 -4.41
C ASN A 142 33.15 0.14 -5.33
N PRO A 143 33.15 -0.12 -6.63
CA PRO A 143 34.02 0.64 -7.53
C PRO A 143 33.50 2.03 -7.83
N ASN A 144 32.22 2.30 -7.56
CA ASN A 144 31.62 3.61 -7.76
C ASN A 144 31.57 4.30 -6.40
N ALA A 145 32.70 4.88 -6.01
CA ALA A 145 32.79 5.65 -4.79
C ALA A 145 33.74 6.81 -5.03
N ASN A 146 33.61 7.84 -4.21
CA ASN A 146 34.39 9.05 -4.37
C ASN A 146 35.88 8.75 -4.18
N PRO A 147 36.71 8.87 -5.22
CA PRO A 147 38.15 8.59 -5.06
C PRO A 147 38.97 9.79 -4.62
N ASN A 148 38.33 10.90 -4.24
CA ASN A 148 39.04 12.14 -3.96
C ASN A 148 39.19 12.35 -2.47
N ALA A 149 39.81 13.48 -2.08
CA ALA A 149 40.33 13.66 -0.73
C ALA A 149 39.32 14.24 0.25
N ASN A 150 38.10 14.55 -0.17
CA ASN A 150 37.06 15.00 0.74
C ASN A 150 37.46 16.26 1.49
N PRO A 151 37.45 17.43 0.86
CA PRO A 151 37.85 18.67 1.54
C PRO A 151 36.83 19.12 2.57
N ASN A 152 36.40 18.19 3.43
CA ASN A 152 35.54 18.48 4.56
C ASN A 152 35.86 17.53 5.71
N ALA A 153 36.74 17.96 6.60
CA ALA A 153 37.13 17.18 7.76
C ALA A 153 37.69 18.14 8.79
N ASN A 154 37.91 17.64 9.99
CA ASN A 154 38.43 18.47 11.07
C ASN A 154 39.87 18.86 10.72
N PRO A 155 40.13 20.13 10.39
CA PRO A 155 41.50 20.52 10.02
C PRO A 155 42.41 20.74 11.22
N ASN A 156 41.85 20.75 12.43
CA ASN A 156 42.63 20.95 13.65
C ASN A 156 42.79 19.60 14.37
N ALA A 157 43.06 18.57 13.55
CA ALA A 157 42.88 17.19 13.98
C ALA A 157 43.93 16.79 15.02
N ASN A 158 43.76 17.34 16.22
CA ASN A 158 44.44 16.87 17.42
C ASN A 158 43.38 16.62 18.49
N PRO A 159 42.34 15.83 18.20
CA PRO A 159 41.20 15.77 19.12
C PRO A 159 41.49 15.03 20.41
N ASN A 160 42.10 13.86 20.35
CA ASN A 160 42.39 13.05 21.54
C ASN A 160 43.38 11.95 21.18
N ALA A 161 44.45 11.82 21.96
CA ALA A 161 45.47 10.83 21.67
C ALA A 161 46.11 10.41 22.98
N ASN A 162 46.76 9.25 22.94
CA ASN A 162 47.45 8.74 24.11
C ASN A 162 48.67 9.60 24.41
N PRO A 163 48.76 10.24 25.58
CA PRO A 163 49.91 11.09 25.88
C PRO A 163 51.10 10.35 26.46
N ASN A 164 51.07 9.02 26.51
CA ASN A 164 52.15 8.24 27.09
C ASN A 164 53.04 7.68 25.99
N ALA A 165 54.13 7.03 26.40
CA ALA A 165 55.08 6.48 25.44
C ALA A 165 54.52 5.26 24.72
N ASN A 166 53.69 4.47 25.39
CA ASN A 166 53.17 3.23 24.85
C ASN A 166 51.66 3.20 24.90
N PRO A 167 51.00 2.51 23.96
CA PRO A 167 49.55 2.36 23.94
C PRO A 167 48.99 1.73 25.22
N GLN B 1 4.83 8.10 30.65
CA GLN B 1 3.64 8.89 30.33
C GLN B 1 3.90 9.79 29.12
N VAL B 2 3.02 9.69 28.12
CA VAL B 2 3.19 10.47 26.90
C VAL B 2 2.91 11.94 27.18
N GLN B 3 3.88 12.79 26.87
CA GLN B 3 3.76 14.23 27.09
C GLN B 3 4.06 14.96 25.79
N LEU B 4 3.16 15.83 25.36
CA LEU B 4 3.35 16.68 24.20
C LEU B 4 3.18 18.13 24.66
N VAL B 5 4.25 18.91 24.59
CA VAL B 5 4.26 20.30 25.06
C VAL B 5 4.55 21.20 23.88
N GLU B 6 3.72 22.22 23.69
CA GLU B 6 3.83 23.11 22.55
C GLU B 6 4.29 24.50 22.96
N SER B 7 4.85 25.22 22.00
CA SER B 7 5.33 26.58 22.22
C SER B 7 5.39 27.30 20.87
N GLY B 8 5.66 28.59 20.93
CA GLY B 8 5.85 29.38 19.73
C GLY B 8 4.66 30.24 19.31
N GLY B 9 3.59 30.28 20.09
CA GLY B 9 2.45 31.12 19.78
C GLY B 9 2.71 32.58 20.06
N GLY B 10 1.68 33.38 19.89
CA GLY B 10 1.75 34.80 20.15
C GLY B 10 0.88 35.57 19.20
N VAL B 11 1.13 36.87 19.10
CA VAL B 11 0.36 37.78 18.26
C VAL B 11 1.26 38.22 17.10
N VAL B 12 0.74 38.10 15.89
CA VAL B 12 1.52 38.39 14.69
C VAL B 12 0.69 39.22 13.72
N PRO B 13 1.26 40.27 13.12
CA PRO B 13 0.51 41.00 12.09
C PRO B 13 0.31 40.13 10.86
N PRO B 14 -0.79 40.30 10.14
CA PRO B 14 -1.03 39.48 8.95
C PRO B 14 0.01 39.75 7.87
N GLY B 15 0.40 38.68 7.17
CA GLY B 15 1.32 38.77 6.06
C GLY B 15 2.73 38.27 6.34
N ARG B 16 3.06 37.96 7.59
CA ARG B 16 4.41 37.50 7.93
C ARG B 16 4.33 36.14 8.63
N SER B 17 5.50 35.61 8.97
CA SER B 17 5.66 34.21 9.33
C SER B 17 5.69 34.00 10.84
N LEU B 18 5.45 32.74 11.23
CA LEU B 18 5.52 32.30 12.62
C LEU B 18 5.80 30.82 12.62
N ARG B 19 6.55 30.36 13.63
CA ARG B 19 7.00 28.97 13.71
C ARG B 19 6.57 28.38 15.04
N LEU B 20 5.86 27.26 14.99
CA LEU B 20 5.44 26.54 16.18
C LEU B 20 6.29 25.29 16.37
N SER B 21 6.34 24.81 17.61
CA SER B 21 7.07 23.59 17.94
C SER B 21 6.29 22.80 18.98
N CYS B 22 6.52 21.50 19.00
CA CYS B 22 5.85 20.58 19.93
C CYS B 22 6.89 19.59 20.45
N ALA B 23 7.51 19.92 21.58
CA ALA B 23 8.50 19.05 22.21
C ALA B 23 7.80 17.84 22.82
N THR B 24 8.48 16.70 22.75
CA THR B 24 7.87 15.42 23.09
C THR B 24 8.72 14.66 24.10
N SER B 25 8.06 13.84 24.90
CA SER B 25 8.74 12.93 25.82
C SER B 25 7.79 11.80 26.18
N GLY B 26 8.36 10.67 26.60
CA GLY B 26 7.60 9.55 27.07
C GLY B 26 7.33 8.46 26.05
N PHE B 27 7.91 8.54 24.86
CA PHE B 27 7.73 7.52 23.84
C PHE B 27 8.84 7.65 22.81
N THR B 28 8.91 6.66 21.92
CA THR B 28 9.89 6.68 20.84
C THR B 28 9.37 7.57 19.73
N PHE B 29 9.95 8.77 19.61
CA PHE B 29 9.43 9.77 18.68
C PHE B 29 9.55 9.30 17.23
N SER B 30 10.62 8.57 16.91
CA SER B 30 10.91 8.23 15.53
C SER B 30 10.04 7.09 15.00
N ASN B 31 9.23 6.46 15.85
CA ASN B 31 8.38 5.36 15.43
C ASN B 31 6.98 5.79 15.03
N TYR B 32 6.64 7.07 15.17
CA TYR B 32 5.27 7.53 15.04
C TYR B 32 5.18 8.72 14.10
N GLY B 33 4.09 8.81 13.35
CA GLY B 33 3.74 10.02 12.64
C GLY B 33 3.00 10.98 13.54
N MET B 34 2.91 12.24 13.10
CA MET B 34 2.31 13.27 13.92
C MET B 34 1.34 14.10 13.08
N HIS B 35 0.38 14.71 13.75
CA HIS B 35 -0.63 15.55 13.13
C HIS B 35 -0.58 16.95 13.72
N TRP B 36 -1.13 17.90 12.98
CA TRP B 36 -1.46 19.23 13.50
C TRP B 36 -2.95 19.46 13.31
N VAL B 37 -3.61 19.90 14.37
CA VAL B 37 -5.04 20.18 14.36
C VAL B 37 -5.26 21.55 15.00
N ARG B 38 -6.09 22.37 14.39
CA ARG B 38 -6.36 23.70 14.90
C ARG B 38 -7.86 23.88 15.15
N GLN B 39 -8.18 24.77 16.07
CA GLN B 39 -9.56 25.06 16.46
C GLN B 39 -9.72 26.56 16.62
N ALA B 40 -10.50 27.17 15.71
CA ALA B 40 -10.77 28.58 15.82
C ALA B 40 -11.64 28.85 17.05
N PRO B 41 -11.51 30.05 17.64
CA PRO B 41 -12.30 30.36 18.85
C PRO B 41 -13.79 30.25 18.59
N GLY B 42 -14.44 29.35 19.34
CA GLY B 42 -15.86 29.13 19.21
C GLY B 42 -16.28 28.21 18.09
N LYS B 43 -15.34 27.66 17.34
CA LYS B 43 -15.61 26.76 16.23
C LYS B 43 -15.19 25.34 16.58
N GLY B 44 -15.33 24.45 15.60
CA GLY B 44 -14.93 23.07 15.76
C GLY B 44 -13.48 22.83 15.40
N LEU B 45 -13.12 21.55 15.35
CA LEU B 45 -11.76 21.14 15.04
C LEU B 45 -11.56 21.01 13.54
N GLU B 46 -10.35 21.34 13.08
CA GLU B 46 -9.99 21.25 11.67
C GLU B 46 -8.61 20.61 11.55
N TRP B 47 -8.51 19.60 10.70
CA TRP B 47 -7.24 18.93 10.46
C TRP B 47 -6.37 19.79 9.56
N VAL B 48 -5.08 19.90 9.90
CA VAL B 48 -4.16 20.80 9.21
C VAL B 48 -3.13 20.04 8.38
N ALA B 49 -2.32 19.20 9.02
CA ALA B 49 -1.24 18.55 8.30
C ALA B 49 -0.82 17.26 9.01
N ILE B 50 -0.18 16.38 8.26
CA ILE B 50 0.41 15.14 8.78
C ILE B 50 1.81 15.00 8.20
N ILE B 51 2.68 14.30 8.93
CA ILE B 51 4.01 13.96 8.45
C ILE B 51 4.29 12.51 8.82
N TRP B 52 4.93 11.78 7.91
CA TRP B 52 5.25 10.38 8.15
C TRP B 52 6.33 10.24 9.22
N TYR B 53 6.55 9.00 9.65
CA TYR B 53 7.50 8.74 10.73
C TYR B 53 8.92 9.06 10.32
N ASP B 54 9.24 8.88 9.03
CA ASP B 54 10.56 9.22 8.53
C ASP B 54 10.60 10.57 7.82
N GLY B 55 9.49 11.28 7.76
CA GLY B 55 9.43 12.55 7.04
C GLY B 55 9.37 12.43 5.54
N SER B 56 9.15 11.22 5.01
CA SER B 56 9.19 11.04 3.56
C SER B 56 7.93 11.58 2.89
N ARG B 57 6.81 11.59 3.61
CA ARG B 57 5.53 12.01 3.06
C ARG B 57 4.93 13.11 3.90
N ASN B 58 4.34 14.11 3.26
CA ASN B 58 3.63 15.20 3.91
C ASN B 58 2.29 15.38 3.21
N PHE B 59 1.25 15.65 3.99
CA PHE B 59 -0.07 15.97 3.43
C PHE B 59 -0.61 17.21 4.14
N TYR B 60 -1.32 18.04 3.40
CA TYR B 60 -1.84 19.30 3.91
C TYR B 60 -3.30 19.45 3.53
N ALA B 61 -4.02 20.25 4.32
CA ALA B 61 -5.37 20.64 3.96
C ALA B 61 -5.34 21.60 2.77
N ALA B 62 -6.47 21.68 2.06
CA ALA B 62 -6.52 22.52 0.87
C ALA B 62 -6.37 24.00 1.22
N SER B 63 -6.71 24.39 2.45
CA SER B 63 -6.70 25.81 2.80
C SER B 63 -5.34 26.31 3.21
N VAL B 64 -4.38 25.43 3.49
CA VAL B 64 -3.06 25.83 3.97
C VAL B 64 -1.93 25.32 3.10
N GLU B 65 -2.20 24.54 2.06
CA GLU B 65 -1.13 24.01 1.24
C GLU B 65 -0.44 25.12 0.46
N GLY B 66 0.89 25.06 0.44
CA GLY B 66 1.70 26.10 -0.19
C GLY B 66 2.14 27.19 0.76
N ARG B 67 1.50 27.34 1.90
CA ARG B 67 1.85 28.33 2.90
C ARG B 67 2.47 27.73 4.16
N PHE B 68 1.93 26.61 4.64
CA PHE B 68 2.44 25.94 5.83
C PHE B 68 3.45 24.88 5.44
N THR B 69 4.28 24.49 6.40
CA THR B 69 5.32 23.48 6.20
C THR B 69 5.55 22.74 7.51
N ILE B 70 5.41 21.43 7.49
CA ILE B 70 5.58 20.58 8.66
C ILE B 70 6.87 19.80 8.52
N SER B 71 7.64 19.74 9.61
CA SER B 71 8.92 19.05 9.61
C SER B 71 9.20 18.52 11.01
N ARG B 72 10.16 17.62 11.11
CA ARG B 72 10.49 16.98 12.37
C ARG B 72 12.00 16.79 12.48
N ASP B 73 12.48 16.67 13.70
CA ASP B 73 13.89 16.41 13.99
C ASP B 73 13.95 15.25 14.99
N ASN B 74 14.25 14.05 14.49
CA ASN B 74 14.22 12.85 15.32
C ASN B 74 15.32 12.83 16.38
N SER B 75 16.38 13.60 16.20
CA SER B 75 17.46 13.64 17.18
C SER B 75 17.14 14.51 18.39
N LYS B 76 16.13 15.36 18.30
CA LYS B 76 15.73 16.22 19.41
C LYS B 76 14.28 15.99 19.84
N ASN B 77 13.59 15.03 19.22
CA ASN B 77 12.22 14.67 19.59
C ASN B 77 11.29 15.88 19.50
N THR B 78 11.46 16.69 18.45
CA THR B 78 10.71 17.92 18.28
C THR B 78 9.99 17.93 16.95
N LEU B 79 8.75 18.41 16.96
CA LEU B 79 7.96 18.60 15.75
C LEU B 79 7.77 20.09 15.50
N TYR B 80 7.85 20.48 14.23
CA TYR B 80 7.77 21.89 13.86
C TYR B 80 6.62 22.12 12.89
N LEU B 81 6.22 23.39 12.78
CA LEU B 81 5.24 23.84 11.82
C LEU B 81 5.57 25.27 11.42
N GLN B 82 6.09 25.45 10.21
CA GLN B 82 6.45 26.76 9.71
C GLN B 82 5.26 27.35 8.95
N MET B 83 4.75 28.46 9.45
CA MET B 83 3.58 29.12 8.87
C MET B 83 4.01 30.42 8.22
N ASN B 84 3.83 30.51 6.90
CA ASN B 84 4.22 31.67 6.13
C ASN B 84 3.00 32.37 5.56
N SER B 85 3.14 33.68 5.36
CA SER B 85 2.07 34.53 4.82
C SER B 85 0.77 34.35 5.61
N LEU B 86 0.86 34.62 6.91
CA LEU B 86 -0.25 34.36 7.81
C LEU B 86 -1.42 35.30 7.52
N ARG B 87 -2.63 34.75 7.60
CA ARG B 87 -3.85 35.50 7.36
C ARG B 87 -4.68 35.58 8.64
N VAL B 88 -5.71 36.43 8.61
CA VAL B 88 -6.58 36.57 9.78
C VAL B 88 -7.37 35.29 10.02
N GLU B 89 -7.71 34.55 8.96
CA GLU B 89 -8.46 33.32 9.10
C GLU B 89 -7.67 32.22 9.79
N ASP B 90 -6.37 32.40 9.99
CA ASP B 90 -5.52 31.40 10.61
C ASP B 90 -5.44 31.54 12.12
N THR B 91 -6.20 32.46 12.71
CA THR B 91 -6.19 32.62 14.16
C THR B 91 -6.96 31.48 14.82
N ALA B 92 -6.26 30.67 15.60
CA ALA B 92 -6.86 29.49 16.22
C ALA B 92 -5.91 28.95 17.27
N VAL B 93 -6.33 27.85 17.91
CA VAL B 93 -5.48 27.12 18.84
C VAL B 93 -5.00 25.86 18.16
N TYR B 94 -3.67 25.70 18.09
CA TYR B 94 -3.06 24.60 17.35
C TYR B 94 -2.66 23.48 18.30
N TYR B 95 -3.00 22.24 17.93
CA TYR B 95 -2.69 21.06 18.73
C TYR B 95 -1.81 20.11 17.93
N CYS B 96 -0.78 19.58 18.58
CA CYS B 96 -0.01 18.47 18.02
C CYS B 96 -0.52 17.16 18.60
N ALA B 97 -0.77 16.20 17.73
CA ALA B 97 -1.34 14.92 18.14
C ALA B 97 -0.48 13.79 17.61
N ARG B 98 -0.53 12.66 18.30
CA ARG B 98 0.23 11.48 17.90
C ARG B 98 -0.64 10.57 17.06
N ALA B 99 -0.14 10.16 15.90
CA ALA B 99 -0.94 9.41 14.95
C ALA B 99 -1.13 7.97 15.38
N ALA B 100 -2.30 7.42 15.06
CA ALA B 100 -2.61 6.01 15.25
C ALA B 100 -3.53 5.57 14.13
N TYR B 101 -3.49 4.28 13.81
CA TYR B 101 -4.25 3.72 12.71
C TYR B 101 -4.92 2.43 13.15
N TYR B 102 -6.22 2.31 12.92
CA TYR B 102 -6.92 1.14 13.42
C TYR B 102 -7.21 0.07 12.36
N ASP B 103 -8.14 0.32 11.45
CA ASP B 103 -8.43 -0.66 10.42
C ASP B 103 -8.42 -0.05 9.02
N THR B 104 -9.18 1.03 8.86
CA THR B 104 -9.36 1.71 7.58
C THR B 104 -9.33 3.22 7.73
N SER B 105 -9.03 3.71 8.93
CA SER B 105 -8.94 5.14 9.18
C SER B 105 -8.02 5.35 10.37
N GLY B 106 -7.57 6.60 10.53
CA GLY B 106 -6.66 6.94 11.59
C GLY B 106 -7.30 7.88 12.58
N TYR B 107 -6.73 7.90 13.79
CA TYR B 107 -7.21 8.74 14.86
C TYR B 107 -6.01 9.33 15.59
N GLY B 108 -6.29 10.23 16.54
CA GLY B 108 -5.27 10.84 17.37
C GLY B 108 -5.36 10.34 18.79
N ASP B 109 -4.27 9.71 19.25
CA ASP B 109 -4.34 8.87 20.45
C ASP B 109 -3.79 9.56 21.70
N TYR B 110 -2.81 10.44 21.56
CA TYR B 110 -2.51 11.44 22.60
C TYR B 110 -2.31 12.81 21.97
N TRP B 111 -2.84 13.83 22.65
CA TRP B 111 -2.82 15.20 22.18
C TRP B 111 -1.93 16.06 23.08
N GLY B 112 -1.54 17.22 22.55
CA GLY B 112 -0.79 18.18 23.32
C GLY B 112 -1.68 19.15 24.06
N GLN B 113 -1.05 20.13 24.70
CA GLN B 113 -1.81 21.11 25.48
C GLN B 113 -2.49 22.14 24.59
N GLY B 114 -1.84 22.54 23.50
CA GLY B 114 -2.36 23.54 22.61
C GLY B 114 -1.72 24.90 22.82
N THR B 115 -1.61 25.65 21.72
CA THR B 115 -1.05 27.00 21.76
C THR B 115 -1.91 27.92 20.91
N LEU B 116 -1.97 29.18 21.31
CA LEU B 116 -2.83 30.15 20.66
C LEU B 116 -2.03 31.04 19.72
N VAL B 117 -2.43 31.07 18.45
CA VAL B 117 -1.83 31.93 17.43
C VAL B 117 -2.87 32.97 17.05
N THR B 118 -2.53 34.24 17.25
CA THR B 118 -3.45 35.34 16.96
C THR B 118 -2.90 36.18 15.83
N VAL B 119 -3.71 36.38 14.79
CA VAL B 119 -3.36 37.22 13.66
C VAL B 119 -4.33 38.39 13.63
N SER B 120 -3.80 39.60 13.80
CA SER B 120 -4.64 40.78 13.84
C SER B 120 -3.79 42.00 13.46
N SER B 121 -4.49 43.09 13.14
CA SER B 121 -3.82 44.32 12.73
C SER B 121 -4.35 45.51 13.52
N SER C 2 -17.00 20.58 7.20
CA SER C 2 -17.82 19.68 8.01
C SER C 2 -18.65 18.76 7.15
N VAL C 3 -18.00 17.77 6.53
CA VAL C 3 -18.74 16.80 5.73
C VAL C 3 -19.64 15.93 6.60
N LEU C 4 -19.23 15.67 7.84
CA LEU C 4 -20.06 14.95 8.79
C LEU C 4 -20.87 15.94 9.61
N THR C 5 -22.19 15.79 9.58
CA THR C 5 -23.09 16.70 10.25
C THR C 5 -23.56 16.10 11.58
N GLN C 6 -23.73 16.95 12.58
CA GLN C 6 -24.10 16.56 13.93
C GLN C 6 -25.17 17.48 14.47
N PRO C 7 -25.99 17.01 15.41
CA PRO C 7 -26.90 17.92 16.09
C PRO C 7 -26.12 18.94 16.89
N PRO C 8 -26.53 20.22 16.84
CA PRO C 8 -25.74 21.26 17.51
C PRO C 8 -25.77 21.18 19.03
N SER C 9 -26.76 20.54 19.62
CA SER C 9 -26.85 20.46 21.08
C SER C 9 -27.77 19.32 21.47
N VAL C 10 -27.42 18.64 22.57
CA VAL C 10 -28.23 17.57 23.15
C VAL C 10 -28.19 17.71 24.67
N SER C 11 -29.35 17.55 25.29
CA SER C 11 -29.46 17.72 26.73
C SER C 11 -30.25 16.55 27.30
N GLY C 12 -30.02 16.28 28.58
CA GLY C 12 -30.71 15.20 29.27
C GLY C 12 -30.51 15.31 30.76
N ALA C 13 -31.45 14.69 31.49
CA ALA C 13 -31.41 14.73 32.94
C ALA C 13 -30.41 13.69 33.47
N PRO C 14 -29.87 13.90 34.66
CA PRO C 14 -28.92 12.92 35.22
C PRO C 14 -29.57 11.56 35.41
N GLY C 15 -28.78 10.51 35.17
CA GLY C 15 -29.22 9.15 35.38
C GLY C 15 -29.88 8.49 34.19
N GLN C 16 -30.15 9.22 33.12
CA GLN C 16 -30.82 8.65 31.96
C GLN C 16 -29.83 8.48 30.81
N THR C 17 -30.34 8.04 29.66
CA THR C 17 -29.52 7.74 28.50
C THR C 17 -29.81 8.75 27.39
N VAL C 18 -28.74 9.26 26.78
CA VAL C 18 -28.85 10.17 25.64
C VAL C 18 -28.07 9.58 24.48
N THR C 19 -28.33 10.12 23.29
CA THR C 19 -27.69 9.65 22.06
C THR C 19 -27.21 10.84 21.25
N ILE C 20 -25.97 10.78 20.79
CA ILE C 20 -25.41 11.76 19.87
C ILE C 20 -25.15 11.04 18.56
N SER C 21 -25.70 11.57 17.48
CA SER C 21 -25.56 10.94 16.17
C SER C 21 -24.60 11.73 15.29
N CYS C 22 -23.95 11.01 14.38
CA CYS C 22 -23.06 11.61 13.39
C CYS C 22 -23.29 10.89 12.06
N THR C 23 -24.09 11.50 11.19
CA THR C 23 -24.45 10.90 9.90
C THR C 23 -23.64 11.57 8.80
N GLY C 24 -23.11 10.75 7.89
CA GLY C 24 -22.33 11.25 6.78
C GLY C 24 -22.90 10.83 5.45
N GLY C 25 -22.03 10.63 4.47
CA GLY C 25 -22.47 10.22 3.15
C GLY C 25 -21.93 8.86 2.75
N SER C 26 -21.94 8.58 1.45
CA SER C 26 -21.45 7.29 0.95
C SER C 26 -19.95 7.29 0.69
N SER C 27 -19.27 8.41 0.92
CA SER C 27 -17.84 8.50 0.68
C SER C 27 -16.99 8.42 1.95
N ASN C 28 -17.57 8.70 3.11
CA ASN C 28 -16.78 8.67 4.34
C ASN C 28 -17.21 7.56 5.28
N ILE C 29 -18.49 7.53 5.67
CA ILE C 29 -18.96 6.50 6.59
C ILE C 29 -19.59 5.34 5.81
N GLY C 30 -20.31 5.66 4.75
CA GLY C 30 -20.89 4.62 3.91
C GLY C 30 -19.90 3.88 3.05
N ALA C 31 -18.65 4.33 2.99
CA ALA C 31 -17.61 3.67 2.22
C ALA C 31 -16.82 2.66 3.05
N GLY C 32 -17.13 2.50 4.33
CA GLY C 32 -16.50 1.51 5.16
C GLY C 32 -15.38 2.00 6.04
N TYR C 33 -15.18 3.31 6.16
CA TYR C 33 -14.12 3.86 7.00
C TYR C 33 -14.60 4.00 8.44
N ASP C 34 -13.68 3.85 9.37
CA ASP C 34 -14.02 3.83 10.79
C ASP C 34 -14.39 5.22 11.28
N VAL C 35 -15.07 5.25 12.42
CA VAL C 35 -15.51 6.49 13.07
C VAL C 35 -14.94 6.52 14.47
N HIS C 36 -14.34 7.64 14.85
CA HIS C 36 -13.72 7.81 16.16
C HIS C 36 -14.30 9.04 16.83
N TRP C 37 -14.33 9.01 18.17
CA TRP C 37 -14.98 10.05 18.95
C TRP C 37 -13.97 10.71 19.89
N TYR C 38 -14.09 12.02 20.04
CA TYR C 38 -13.23 12.79 20.93
C TYR C 38 -14.10 13.59 21.88
N GLN C 39 -13.58 13.83 23.08
CA GLN C 39 -14.26 14.61 24.10
C GLN C 39 -13.36 15.78 24.49
N GLN C 40 -13.91 16.99 24.45
CA GLN C 40 -13.17 18.19 24.82
C GLN C 40 -13.86 18.86 25.99
N LEU C 41 -13.26 18.79 27.16
CA LEU C 41 -13.76 19.52 28.30
C LEU C 41 -13.54 21.02 28.09
N PRO C 42 -14.30 21.87 28.79
CA PRO C 42 -14.34 23.30 28.42
C PRO C 42 -12.99 23.99 28.31
N GLY C 43 -12.04 23.68 29.19
CA GLY C 43 -10.78 24.40 29.21
C GLY C 43 -9.52 23.65 28.83
N THR C 44 -9.64 22.51 28.16
CA THR C 44 -8.46 21.70 27.86
C THR C 44 -8.54 21.17 26.43
N ALA C 45 -7.52 20.39 26.06
CA ALA C 45 -7.43 19.84 24.72
C ALA C 45 -8.34 18.62 24.57
N PRO C 46 -8.67 18.23 23.35
CA PRO C 46 -9.51 17.04 23.15
C PRO C 46 -8.83 15.79 23.67
N LYS C 47 -9.65 14.84 24.11
CA LYS C 47 -9.19 13.54 24.58
C LYS C 47 -9.94 12.44 23.83
N LEU C 48 -9.21 11.39 23.47
CA LEU C 48 -9.82 10.29 22.73
C LEU C 48 -10.87 9.59 23.59
N LEU C 49 -12.02 9.32 23.00
CA LEU C 49 -13.13 8.67 23.70
C LEU C 49 -13.42 7.27 23.18
N ILE C 50 -13.63 7.13 21.87
CA ILE C 50 -13.92 5.85 21.24
C ILE C 50 -13.16 5.77 19.92
N TYR C 51 -12.55 4.61 19.67
CA TYR C 51 -11.89 4.33 18.40
C TYR C 51 -12.35 2.99 17.88
N GLY C 52 -12.33 2.82 16.56
CA GLY C 52 -12.78 1.58 15.97
C GLY C 52 -14.26 1.34 16.08
N ASN C 53 -15.03 2.40 16.37
CA ASN C 53 -16.48 2.44 16.41
C ASN C 53 -17.07 1.74 17.63
N ILE C 54 -16.27 0.95 18.36
CA ILE C 54 -16.75 0.29 19.56
C ILE C 54 -15.76 0.31 20.71
N ASN C 55 -14.49 0.61 20.47
CA ASN C 55 -13.47 0.43 21.49
C ASN C 55 -13.20 1.74 22.22
N ARG C 56 -12.84 1.62 23.50
CA ARG C 56 -12.55 2.78 24.32
C ARG C 56 -11.23 2.60 25.05
N PRO C 57 -10.51 3.68 25.31
CA PRO C 57 -9.24 3.57 26.03
C PRO C 57 -9.46 3.19 27.49
N SER C 58 -8.33 3.11 28.22
CA SER C 58 -8.38 2.72 29.62
C SER C 58 -9.13 3.74 30.47
N GLY C 59 -8.89 5.03 30.24
CA GLY C 59 -9.46 6.05 31.10
C GLY C 59 -10.96 6.23 30.90
N VAL C 60 -11.47 5.84 29.74
CA VAL C 60 -12.88 6.07 29.46
C VAL C 60 -13.72 5.04 30.19
N PRO C 61 -14.72 5.44 30.99
CA PRO C 61 -15.52 4.47 31.73
C PRO C 61 -16.48 3.71 30.83
N ASP C 62 -17.12 2.69 31.43
CA ASP C 62 -18.01 1.82 30.69
C ASP C 62 -19.30 2.54 30.28
N ARG C 63 -19.55 3.73 30.82
CA ARG C 63 -20.78 4.44 30.50
C ARG C 63 -20.88 4.77 29.02
N PHE C 64 -19.76 5.17 28.42
CA PHE C 64 -19.75 5.54 27.01
C PHE C 64 -19.69 4.29 26.13
N SER C 65 -20.41 4.33 25.02
CA SER C 65 -20.36 3.26 24.02
C SER C 65 -20.82 3.83 22.69
N GLY C 66 -20.49 3.13 21.61
CA GLY C 66 -20.86 3.62 20.29
C GLY C 66 -20.94 2.47 19.31
N SER C 67 -21.60 2.76 18.19
CA SER C 67 -21.73 1.81 17.10
C SER C 67 -22.14 2.57 15.84
N LYS C 68 -21.99 1.91 14.70
CA LYS C 68 -22.37 2.51 13.43
C LYS C 68 -23.13 1.50 12.59
N SER C 69 -24.00 2.00 11.72
CA SER C 69 -24.77 1.16 10.82
C SER C 69 -25.15 1.99 9.60
N GLY C 70 -24.91 1.45 8.41
CA GLY C 70 -25.20 2.20 7.20
C GLY C 70 -24.29 3.40 7.08
N THR C 71 -24.89 4.58 6.89
CA THR C 71 -24.14 5.82 6.74
C THR C 71 -24.19 6.69 7.99
N SER C 72 -24.56 6.14 9.13
CA SER C 72 -24.67 6.89 10.37
C SER C 72 -23.89 6.20 11.48
N ALA C 73 -23.36 7.03 12.39
CA ALA C 73 -22.67 6.54 13.57
C ALA C 73 -23.25 7.25 14.78
N SER C 74 -23.36 6.51 15.89
CA SER C 74 -24.01 7.04 17.08
C SER C 74 -23.15 6.80 18.30
N LEU C 75 -23.20 7.75 19.22
CA LEU C 75 -22.53 7.65 20.50
C LEU C 75 -23.58 7.59 21.60
N ALA C 76 -23.54 6.54 22.40
CA ALA C 76 -24.53 6.31 23.45
C ALA C 76 -23.90 6.54 24.82
N ILE C 77 -24.44 7.51 25.56
CA ILE C 77 -24.01 7.79 26.92
C ILE C 77 -25.17 7.47 27.85
N THR C 78 -24.92 6.56 28.80
CA THR C 78 -25.94 6.10 29.72
C THR C 78 -25.59 6.53 31.14
N GLY C 79 -26.59 7.05 31.85
CA GLY C 79 -26.36 7.49 33.21
C GLY C 79 -25.52 8.74 33.32
N LEU C 80 -26.06 9.88 32.90
CA LEU C 80 -25.29 11.12 32.84
C LEU C 80 -24.79 11.56 34.21
N GLN C 81 -23.62 12.17 34.24
CA GLN C 81 -23.11 12.88 35.41
C GLN C 81 -22.97 14.36 35.10
N ALA C 82 -22.62 15.13 36.15
CA ALA C 82 -22.37 16.56 35.97
C ALA C 82 -21.08 16.81 35.21
N GLU C 83 -20.10 15.92 35.35
CA GLU C 83 -18.82 16.08 34.68
C GLU C 83 -18.84 15.61 33.23
N ASP C 84 -20.00 15.27 32.69
CA ASP C 84 -20.11 14.88 31.29
C ASP C 84 -20.38 16.06 30.36
N GLU C 85 -20.36 17.29 30.88
CA GLU C 85 -20.59 18.45 30.05
C GLU C 85 -19.33 18.73 29.23
N ALA C 86 -19.40 18.47 27.93
CA ALA C 86 -18.25 18.65 27.04
C ALA C 86 -18.73 18.59 25.60
N ASP C 87 -17.87 19.03 24.70
CA ASP C 87 -18.14 18.95 23.27
C ASP C 87 -17.68 17.59 22.76
N TYR C 88 -18.47 16.98 21.89
CA TYR C 88 -18.16 15.67 21.32
C TYR C 88 -18.06 15.80 19.81
N TYR C 89 -16.96 15.30 19.25
CA TYR C 89 -16.69 15.39 17.83
C TYR C 89 -16.52 14.00 17.24
N CYS C 90 -17.12 13.76 16.08
CA CYS C 90 -16.92 12.53 15.33
C CYS C 90 -15.88 12.78 14.24
N GLN C 91 -15.01 11.79 14.04
CA GLN C 91 -13.91 11.92 13.10
C GLN C 91 -13.85 10.68 12.22
N SER C 92 -13.66 10.89 10.92
CA SER C 92 -13.55 9.81 9.96
C SER C 92 -12.66 10.28 8.82
N TYR C 93 -12.68 9.56 7.70
CA TYR C 93 -11.92 9.92 6.51
C TYR C 93 -12.87 10.04 5.34
N ASP C 94 -12.76 11.15 4.60
CA ASP C 94 -13.59 11.40 3.43
C ASP C 94 -12.77 11.12 2.19
N ARG C 95 -13.31 10.27 1.30
CA ARG C 95 -12.59 9.87 0.10
C ARG C 95 -12.44 11.01 -0.90
N ARG C 96 -13.31 12.02 -0.80
CA ARG C 96 -13.37 13.07 -1.81
C ARG C 96 -12.46 14.26 -1.51
N LEU C 97 -11.70 14.21 -0.43
CA LEU C 97 -10.77 15.28 -0.07
C LEU C 97 -9.35 14.72 -0.05
N SER C 98 -8.40 15.58 0.32
CA SER C 98 -6.99 15.23 0.36
C SER C 98 -6.49 15.41 1.80
N GLY C 99 -7.28 14.96 2.75
CA GLY C 99 -6.94 15.08 4.15
C GLY C 99 -7.08 13.75 4.85
N SER C 100 -6.29 13.57 5.92
CA SER C 100 -6.33 12.33 6.67
C SER C 100 -7.60 12.22 7.50
N TRP C 101 -8.02 13.31 8.13
CA TRP C 101 -9.18 13.33 9.00
C TRP C 101 -10.21 14.33 8.51
N VAL C 102 -11.47 14.01 8.75
CA VAL C 102 -12.56 14.99 8.65
C VAL C 102 -13.33 14.95 9.95
N PHE C 103 -13.63 16.11 10.51
CA PHE C 103 -14.31 16.23 11.79
C PHE C 103 -15.77 16.60 11.58
N GLY C 104 -16.58 16.30 12.58
CA GLY C 104 -17.96 16.74 12.61
C GLY C 104 -18.08 18.15 13.17
N GLY C 105 -19.32 18.64 13.17
CA GLY C 105 -19.57 19.98 13.67
C GLY C 105 -19.29 20.12 15.16
N GLY C 106 -19.60 19.09 15.94
CA GLY C 106 -19.41 19.14 17.38
C GLY C 106 -20.70 19.37 18.13
N THR C 107 -21.03 18.48 19.06
CA THR C 107 -22.27 18.54 19.83
C THR C 107 -21.95 18.83 21.28
N LYS C 108 -22.57 19.88 21.82
CA LYS C 108 -22.40 20.22 23.23
C LYS C 108 -23.46 19.53 24.06
N LEU C 109 -23.05 18.78 25.06
CA LEU C 109 -23.95 18.06 25.95
C LEU C 109 -24.10 18.84 27.25
N THR C 110 -25.32 19.21 27.58
CA THR C 110 -25.63 19.90 28.83
C THR C 110 -26.51 18.99 29.69
N VAL C 111 -26.05 18.70 30.90
CA VAL C 111 -26.76 17.83 31.82
C VAL C 111 -27.64 18.69 32.72
N LEU C 112 -28.94 18.42 32.71
CA LEU C 112 -29.92 19.24 33.42
C LEU C 112 -29.90 18.90 34.92
N GLY C 113 -28.90 19.45 35.60
CA GLY C 113 -28.75 19.24 37.03
C GLY C 113 -29.74 20.04 37.85
N GLN D 1 -44.13 8.99 10.84
CA GLN D 1 -45.09 9.80 10.07
C GLN D 1 -44.53 10.12 8.69
N VAL D 2 -45.41 10.18 7.70
CA VAL D 2 -44.97 10.46 6.34
C VAL D 2 -44.93 11.97 6.12
N GLN D 3 -43.77 12.48 5.71
CA GLN D 3 -43.58 13.90 5.47
C GLN D 3 -43.18 14.12 4.02
N LEU D 4 -44.04 14.79 3.27
CA LEU D 4 -43.78 15.10 1.85
C LEU D 4 -43.83 16.60 1.68
N VAL D 5 -42.69 17.20 1.37
CA VAL D 5 -42.54 18.65 1.25
C VAL D 5 -42.10 18.96 -0.18
N GLU D 6 -42.70 20.00 -0.76
CA GLU D 6 -42.41 20.38 -2.14
C GLU D 6 -41.90 21.82 -2.21
N SER D 7 -41.14 22.11 -3.27
CA SER D 7 -40.60 23.43 -3.49
C SER D 7 -40.20 23.57 -4.95
N GLY D 8 -39.76 24.78 -5.31
CA GLY D 8 -39.29 25.05 -6.66
C GLY D 8 -40.26 25.78 -7.56
N GLY D 9 -41.45 26.13 -7.08
CA GLY D 9 -42.43 26.82 -7.88
C GLY D 9 -42.15 28.32 -7.96
N GLY D 10 -43.03 29.01 -8.69
CA GLY D 10 -42.94 30.43 -8.87
C GLY D 10 -43.65 30.86 -10.13
N VAL D 11 -43.29 32.05 -10.62
CA VAL D 11 -43.88 32.63 -11.82
C VAL D 11 -42.84 32.60 -12.92
N VAL D 12 -43.21 32.02 -14.06
CA VAL D 12 -42.28 31.83 -15.17
C VAL D 12 -42.95 32.24 -16.47
N PRO D 13 -42.25 32.93 -17.37
CA PRO D 13 -42.85 33.25 -18.66
C PRO D 13 -42.97 32.00 -19.53
N PRO D 14 -43.93 31.97 -20.44
CA PRO D 14 -44.12 30.76 -21.26
C PRO D 14 -42.95 30.55 -22.21
N GLY D 15 -42.75 29.29 -22.60
CA GLY D 15 -41.73 28.92 -23.56
C GLY D 15 -40.39 28.53 -22.97
N ARG D 16 -40.26 28.48 -21.66
CA ARG D 16 -39.01 28.09 -21.02
C ARG D 16 -39.29 27.09 -19.89
N SER D 17 -38.22 26.72 -19.20
CA SER D 17 -38.26 25.59 -18.29
C SER D 17 -38.41 26.03 -16.83
N LEU D 18 -38.87 25.10 -16.01
CA LEU D 18 -38.97 25.26 -14.57
C LEU D 18 -38.88 23.88 -13.94
N ARG D 19 -38.27 23.80 -12.76
CA ARG D 19 -37.99 22.52 -12.10
C ARG D 19 -38.66 22.49 -10.74
N LEU D 20 -39.31 21.37 -10.43
CA LEU D 20 -39.96 21.14 -9.14
C LEU D 20 -39.33 19.96 -8.42
N SER D 21 -39.60 19.86 -7.12
CA SER D 21 -39.05 18.80 -6.30
C SER D 21 -40.04 18.45 -5.19
N CYS D 22 -39.91 17.22 -4.67
CA CYS D 22 -40.72 16.75 -3.55
C CYS D 22 -39.81 15.97 -2.61
N ALA D 23 -39.47 16.57 -1.48
CA ALA D 23 -38.64 15.92 -0.47
C ALA D 23 -39.49 15.01 0.40
N THR D 24 -38.93 13.86 0.77
CA THR D 24 -39.65 12.85 1.53
C THR D 24 -38.87 12.48 2.78
N SER D 25 -39.61 12.14 3.83
CA SER D 25 -39.02 11.66 5.08
C SER D 25 -40.10 10.93 5.86
N GLY D 26 -39.66 9.96 6.66
CA GLY D 26 -40.55 9.16 7.48
C GLY D 26 -40.93 7.81 6.90
N PHE D 27 -40.43 7.48 5.71
CA PHE D 27 -40.65 6.16 5.12
C PHE D 27 -39.48 5.88 4.19
N THR D 28 -39.28 4.60 3.88
CA THR D 28 -38.19 4.20 2.99
C THR D 28 -38.56 4.64 1.57
N PHE D 29 -37.79 5.59 1.03
CA PHE D 29 -38.14 6.17 -0.26
C PHE D 29 -37.94 5.16 -1.39
N SER D 30 -36.93 4.29 -1.27
CA SER D 30 -36.58 3.39 -2.36
C SER D 30 -37.57 2.25 -2.55
N ASN D 31 -38.42 1.97 -1.57
CA ASN D 31 -39.35 0.86 -1.64
C ASN D 31 -40.69 1.23 -2.27
N TYR D 32 -40.93 2.50 -2.55
CA TYR D 32 -42.23 2.95 -3.06
C TYR D 32 -42.05 3.81 -4.29
N GLY D 33 -43.01 3.70 -5.21
CA GLY D 33 -43.09 4.63 -6.31
C GLY D 33 -43.77 5.92 -5.91
N MET D 34 -43.67 6.93 -6.77
CA MET D 34 -44.19 8.26 -6.46
C MET D 34 -44.99 8.78 -7.64
N HIS D 35 -45.89 9.72 -7.35
CA HIS D 35 -46.77 10.32 -8.34
C HIS D 35 -46.61 11.84 -8.36
N TRP D 36 -46.92 12.43 -9.51
CA TRP D 36 -47.13 13.87 -9.63
C TRP D 36 -48.54 14.12 -10.11
N VAL D 37 -49.23 15.05 -9.45
CA VAL D 37 -50.57 15.46 -9.86
C VAL D 37 -50.65 16.97 -9.79
N ARG D 38 -51.55 17.56 -10.57
CA ARG D 38 -51.73 18.99 -10.62
C ARG D 38 -53.21 19.34 -10.60
N GLN D 39 -53.53 20.49 -10.01
CA GLN D 39 -54.90 20.97 -9.90
C GLN D 39 -54.94 22.43 -10.35
N ALA D 40 -55.64 22.70 -11.45
CA ALA D 40 -55.80 24.06 -11.90
C ALA D 40 -56.70 24.84 -10.94
N PRO D 41 -56.48 26.14 -10.80
CA PRO D 41 -57.33 26.94 -9.91
C PRO D 41 -58.78 26.91 -10.38
N GLY D 42 -59.67 26.45 -9.51
CA GLY D 42 -61.08 26.31 -9.84
C GLY D 42 -61.45 25.04 -10.56
N LYS D 43 -60.53 24.10 -10.71
CA LYS D 43 -60.80 22.85 -11.40
C LYS D 43 -60.54 21.68 -10.47
N GLY D 44 -60.64 20.47 -11.03
CA GLY D 44 -60.36 19.25 -10.29
C GLY D 44 -58.91 18.81 -10.40
N LEU D 45 -58.68 17.53 -10.16
CA LEU D 45 -57.35 16.97 -10.21
C LEU D 45 -57.10 16.31 -11.56
N GLU D 46 -55.83 16.23 -11.94
CA GLU D 46 -55.43 15.66 -13.22
C GLU D 46 -54.08 14.97 -13.06
N TRP D 47 -54.07 13.65 -13.21
CA TRP D 47 -52.86 12.86 -13.03
C TRP D 47 -51.82 13.24 -14.08
N VAL D 48 -50.55 13.29 -13.68
CA VAL D 48 -49.47 13.77 -14.53
C VAL D 48 -48.47 12.67 -14.86
N ALA D 49 -47.91 12.01 -13.86
CA ALA D 49 -46.84 11.05 -14.12
C ALA D 49 -46.70 10.08 -12.97
N ILE D 50 -46.08 8.93 -13.26
CA ILE D 50 -45.74 7.90 -12.28
C ILE D 50 -44.36 7.36 -12.61
N ILE D 51 -43.55 7.13 -11.57
CA ILE D 51 -42.22 6.56 -11.73
C ILE D 51 -42.11 5.34 -10.82
N TRP D 52 -41.51 4.27 -11.32
CA TRP D 52 -41.33 3.06 -10.54
C TRP D 52 -40.28 3.28 -9.45
N TYR D 53 -40.25 2.33 -8.50
CA TYR D 53 -39.34 2.47 -7.36
C TYR D 53 -37.89 2.46 -7.80
N ASP D 54 -37.54 1.61 -8.78
CA ASP D 54 -36.19 1.58 -9.31
C ASP D 54 -35.98 2.59 -10.44
N GLY D 55 -37.02 3.28 -10.88
CA GLY D 55 -36.93 4.23 -11.95
C GLY D 55 -36.94 3.64 -13.35
N SER D 56 -37.16 2.33 -13.47
CA SER D 56 -37.14 1.70 -14.80
C SER D 56 -38.31 2.16 -15.65
N ARG D 57 -39.51 2.22 -15.09
CA ARG D 57 -40.71 2.52 -15.83
C ARG D 57 -41.16 3.95 -15.54
N ASN D 58 -41.36 4.72 -16.60
CA ASN D 58 -41.89 6.08 -16.51
C ASN D 58 -43.12 6.19 -17.40
N PHE D 59 -44.20 6.74 -16.85
CA PHE D 59 -45.44 6.94 -17.58
C PHE D 59 -45.89 8.38 -17.41
N TYR D 60 -46.54 8.92 -18.44
CA TYR D 60 -46.99 10.30 -18.43
C TYR D 60 -48.39 10.39 -19.00
N ALA D 61 -49.07 11.48 -18.69
CA ALA D 61 -50.33 11.79 -19.37
C ALA D 61 -50.05 12.22 -20.80
N ALA D 62 -51.06 12.06 -21.66
CA ALA D 62 -50.88 12.36 -23.07
C ALA D 62 -50.63 13.85 -23.31
N SER D 63 -51.20 14.72 -22.47
CA SER D 63 -51.04 16.15 -22.65
C SER D 63 -49.67 16.65 -22.22
N VAL D 64 -48.92 15.86 -21.47
CA VAL D 64 -47.62 16.30 -20.95
C VAL D 64 -46.46 15.45 -21.46
N GLU D 65 -46.72 14.38 -22.22
CA GLU D 65 -45.65 13.55 -22.73
C GLU D 65 -44.79 14.32 -23.73
N GLY D 66 -43.48 14.11 -23.68
CA GLY D 66 -42.55 14.78 -24.55
C GLY D 66 -42.05 16.10 -24.03
N ARG D 67 -42.70 16.66 -23.01
CA ARG D 67 -42.29 17.92 -22.39
C ARG D 67 -41.92 17.77 -20.93
N PHE D 68 -42.56 16.86 -20.21
CA PHE D 68 -42.31 16.65 -18.80
C PHE D 68 -41.38 15.45 -18.62
N THR D 69 -40.44 15.59 -17.70
CA THR D 69 -39.50 14.51 -17.37
C THR D 69 -39.48 14.33 -15.86
N ILE D 70 -39.69 13.09 -15.42
CA ILE D 70 -39.75 12.74 -14.01
C ILE D 70 -38.51 11.93 -13.66
N SER D 71 -37.91 12.23 -12.51
CA SER D 71 -36.72 11.52 -12.07
C SER D 71 -36.68 11.51 -10.55
N ARG D 72 -35.93 10.55 -10.01
CA ARG D 72 -35.77 10.41 -8.57
C ARG D 72 -34.32 10.11 -8.25
N ASP D 73 -33.90 10.50 -7.05
CA ASP D 73 -32.57 10.19 -6.54
C ASP D 73 -32.76 9.49 -5.19
N ASN D 74 -32.58 8.17 -5.18
CA ASN D 74 -32.82 7.37 -3.99
C ASN D 74 -31.81 7.63 -2.88
N SER D 75 -30.66 8.22 -3.20
CA SER D 75 -29.66 8.54 -2.18
C SER D 75 -29.93 9.86 -1.49
N LYS D 76 -30.90 10.64 -1.96
CA LYS D 76 -31.26 11.91 -1.35
C LYS D 76 -32.72 11.98 -0.92
N ASN D 77 -33.50 10.94 -1.21
CA ASN D 77 -34.92 10.89 -0.87
C ASN D 77 -35.67 12.10 -1.43
N THR D 78 -35.38 12.44 -2.68
CA THR D 78 -36.00 13.58 -3.35
C THR D 78 -36.44 13.18 -4.74
N LEU D 79 -37.65 13.59 -5.10
CA LEU D 79 -38.24 13.31 -6.41
C LEU D 79 -38.23 14.59 -7.24
N TYR D 80 -37.95 14.45 -8.53
CA TYR D 80 -37.82 15.59 -9.43
C TYR D 80 -38.81 15.49 -10.57
N LEU D 81 -39.29 16.65 -11.01
CA LEU D 81 -40.14 16.77 -12.20
C LEU D 81 -39.61 17.91 -13.05
N GLN D 82 -38.98 17.57 -14.17
CA GLN D 82 -38.38 18.55 -15.07
C GLN D 82 -39.41 18.95 -16.12
N MET D 83 -39.80 20.22 -16.12
CA MET D 83 -40.77 20.76 -17.06
C MET D 83 -40.06 21.68 -18.04
N ASN D 84 -40.21 21.41 -19.32
CA ASN D 84 -39.62 22.21 -20.38
C ASN D 84 -40.71 22.80 -21.28
N SER D 85 -40.42 23.98 -21.81
CA SER D 85 -41.34 24.72 -22.68
C SER D 85 -42.74 24.80 -22.07
N LEU D 86 -42.81 25.44 -20.90
CA LEU D 86 -44.09 25.54 -20.19
C LEU D 86 -45.08 26.41 -20.97
N ARG D 87 -46.34 26.00 -20.95
CA ARG D 87 -47.42 26.72 -21.59
C ARG D 87 -48.33 27.33 -20.53
N VAL D 88 -49.20 28.24 -20.97
CA VAL D 88 -50.13 28.87 -20.04
C VAL D 88 -51.08 27.86 -19.43
N GLU D 89 -51.33 26.75 -20.12
CA GLU D 89 -52.22 25.72 -19.61
C GLU D 89 -51.60 24.89 -18.49
N ASP D 90 -50.30 25.09 -18.21
CA ASP D 90 -49.60 24.33 -17.18
C ASP D 90 -49.63 25.03 -15.82
N THR D 91 -50.33 26.14 -15.69
CA THR D 91 -50.44 26.82 -14.41
C THR D 91 -51.40 26.06 -13.49
N ALA D 92 -50.84 25.39 -12.48
CA ALA D 92 -51.64 24.58 -11.57
C ALA D 92 -50.82 24.33 -10.31
N VAL D 93 -51.51 23.87 -9.26
CA VAL D 93 -50.86 23.50 -8.01
C VAL D 93 -50.46 22.04 -8.10
N TYR D 94 -49.16 21.77 -8.03
CA TYR D 94 -48.63 20.43 -8.21
C TYR D 94 -48.41 19.76 -6.87
N TYR D 95 -48.88 18.51 -6.75
CA TYR D 95 -48.69 17.71 -5.55
C TYR D 95 -47.89 16.47 -5.90
N CYS D 96 -47.20 15.93 -4.90
CA CYS D 96 -46.56 14.62 -5.00
C CYS D 96 -47.26 13.64 -4.07
N ALA D 97 -47.45 12.42 -4.55
CA ALA D 97 -48.17 11.41 -3.81
C ALA D 97 -47.43 10.08 -3.87
N ARG D 98 -47.53 9.33 -2.78
CA ARG D 98 -46.89 8.02 -2.70
C ARG D 98 -47.82 6.94 -3.24
N ALA D 99 -47.31 6.13 -4.16
CA ALA D 99 -48.13 5.14 -4.84
C ALA D 99 -48.50 3.99 -3.92
N ALA D 100 -49.73 3.49 -4.08
CA ALA D 100 -50.19 2.30 -3.40
C ALA D 100 -51.14 1.53 -4.31
N TYR D 101 -51.10 0.20 -4.19
CA TYR D 101 -51.86 -0.69 -5.05
C TYR D 101 -52.69 -1.64 -4.19
N TYR D 102 -54.00 -1.70 -4.47
CA TYR D 102 -54.85 -2.53 -3.62
C TYR D 102 -55.18 -3.88 -4.25
N ASP D 103 -55.94 -3.89 -5.34
CA ASP D 103 -56.19 -5.15 -6.03
C ASP D 103 -55.81 -5.08 -7.50
N THR D 104 -56.39 -4.11 -8.22
CA THR D 104 -56.23 -3.97 -9.66
C THR D 104 -55.96 -2.54 -10.08
N SER D 105 -56.10 -1.57 -9.17
CA SER D 105 -55.84 -0.18 -9.49
C SER D 105 -55.03 0.44 -8.37
N GLY D 106 -54.50 1.63 -8.62
CA GLY D 106 -53.63 2.28 -7.67
C GLY D 106 -54.33 3.46 -7.01
N TYR D 107 -53.74 3.90 -5.90
CA TYR D 107 -54.23 5.04 -5.15
C TYR D 107 -53.07 5.65 -4.38
N GLY D 108 -53.27 6.88 -3.90
CA GLY D 108 -52.24 7.55 -3.14
C GLY D 108 -52.57 7.64 -1.66
N ASP D 109 -51.79 6.95 -0.83
CA ASP D 109 -52.08 6.92 0.60
C ASP D 109 -51.73 8.26 1.25
N TYR D 110 -50.57 8.83 0.93
CA TYR D 110 -50.11 10.06 1.54
C TYR D 110 -49.76 11.07 0.45
N TRP D 111 -50.08 12.33 0.70
CA TRP D 111 -49.90 13.40 -0.28
C TRP D 111 -49.03 14.51 0.31
N GLY D 112 -48.39 15.26 -0.59
CA GLY D 112 -47.55 16.37 -0.19
C GLY D 112 -48.36 17.64 0.04
N GLN D 113 -47.66 18.65 0.56
CA GLN D 113 -48.29 19.95 0.78
C GLN D 113 -48.71 20.59 -0.54
N GLY D 114 -47.87 20.52 -1.54
CA GLY D 114 -48.19 21.08 -2.85
C GLY D 114 -47.55 22.45 -3.05
N THR D 115 -47.23 22.75 -4.30
CA THR D 115 -46.65 24.03 -4.67
C THR D 115 -47.36 24.57 -5.91
N LEU D 116 -47.36 25.88 -6.05
CA LEU D 116 -48.05 26.54 -7.15
C LEU D 116 -47.05 27.02 -8.19
N VAL D 117 -47.34 26.74 -9.46
CA VAL D 117 -46.51 27.17 -10.58
C VAL D 117 -47.37 28.06 -11.47
N THR D 118 -46.88 29.25 -11.77
CA THR D 118 -47.58 30.23 -12.59
C THR D 118 -46.84 30.42 -13.90
N VAL D 119 -47.56 30.23 -15.00
CA VAL D 119 -47.02 30.47 -16.35
C VAL D 119 -47.87 31.54 -17.00
N SER D 120 -47.33 32.75 -17.12
CA SER D 120 -48.06 33.87 -17.69
C SER D 120 -47.05 34.89 -18.22
N SER D 121 -47.55 35.79 -19.05
CA SER D 121 -46.71 36.84 -19.63
C SER D 121 -47.29 38.23 -19.36
N SER E 2 -62.12 13.79 -18.15
CA SER E 2 -63.11 13.45 -17.15
C SER E 2 -63.95 12.26 -17.58
N VAL E 3 -63.36 11.06 -17.50
CA VAL E 3 -64.09 9.86 -17.88
C VAL E 3 -65.08 9.44 -16.79
N LEU E 4 -64.84 9.87 -15.55
CA LEU E 4 -65.78 9.61 -14.46
C LEU E 4 -66.65 10.84 -14.24
N THR E 5 -67.97 10.61 -14.17
CA THR E 5 -68.94 11.68 -14.08
C THR E 5 -69.49 11.76 -12.66
N GLN E 6 -69.51 12.96 -12.11
CA GLN E 6 -70.02 13.21 -10.77
C GLN E 6 -70.98 14.40 -10.79
N PRO E 7 -71.94 14.45 -9.87
CA PRO E 7 -72.80 15.62 -9.78
C PRO E 7 -72.00 16.84 -9.40
N PRO E 8 -72.42 18.03 -9.85
CA PRO E 8 -71.61 19.24 -9.58
C PRO E 8 -71.66 19.69 -8.13
N SER E 9 -72.80 19.54 -7.44
CA SER E 9 -72.91 19.98 -6.07
C SER E 9 -74.06 19.25 -5.39
N VAL E 10 -73.84 18.82 -4.16
CA VAL E 10 -74.86 18.15 -3.36
C VAL E 10 -74.99 18.89 -2.03
N SER E 11 -76.18 18.79 -1.44
CA SER E 11 -76.46 19.49 -0.20
C SER E 11 -77.45 18.68 0.62
N GLY E 12 -77.47 18.94 1.92
CA GLY E 12 -78.37 18.26 2.82
C GLY E 12 -78.28 18.87 4.20
N ALA E 13 -79.33 18.62 4.99
CA ALA E 13 -79.37 19.15 6.34
C ALA E 13 -78.36 18.43 7.23
N PRO E 14 -77.87 19.11 8.27
CA PRO E 14 -76.97 18.44 9.21
C PRO E 14 -77.66 17.26 9.90
N GLY E 15 -76.91 16.17 10.07
CA GLY E 15 -77.42 14.99 10.74
C GLY E 15 -78.15 14.01 9.85
N GLN E 16 -78.37 14.33 8.58
CA GLN E 16 -79.05 13.42 7.68
C GLN E 16 -78.04 12.68 6.82
N THR E 17 -78.54 11.79 5.95
CA THR E 17 -77.70 10.96 5.10
C THR E 17 -77.79 11.44 3.66
N VAL E 18 -76.64 11.69 3.04
CA VAL E 18 -76.54 12.08 1.65
C VAL E 18 -75.54 11.16 0.96
N THR E 19 -75.66 11.07 -0.36
CA THR E 19 -74.85 10.16 -1.15
C THR E 19 -74.22 10.91 -2.31
N ILE E 20 -72.95 10.61 -2.60
CA ILE E 20 -72.22 11.19 -3.72
C ILE E 20 -71.96 10.07 -4.71
N SER E 21 -72.58 10.17 -5.89
CA SER E 21 -72.47 9.13 -6.91
C SER E 21 -71.25 9.35 -7.79
N CYS E 22 -70.82 8.28 -8.44
CA CYS E 22 -69.71 8.32 -9.39
C CYS E 22 -70.05 7.39 -10.54
N THR E 23 -70.36 7.96 -11.70
CA THR E 23 -70.78 7.20 -12.87
C THR E 23 -69.63 7.08 -13.84
N GLY E 24 -69.38 5.84 -14.29
CA GLY E 24 -68.33 5.60 -15.25
C GLY E 24 -68.82 4.89 -16.49
N GLY E 25 -68.02 3.97 -17.03
CA GLY E 25 -68.41 3.20 -18.19
C GLY E 25 -67.98 1.75 -18.11
N SER E 26 -67.91 1.09 -19.26
CA SER E 26 -67.49 -0.31 -19.30
C SER E 26 -65.98 -0.48 -19.28
N SER E 27 -65.22 0.62 -19.36
CA SER E 27 -63.76 0.54 -19.41
C SER E 27 -63.09 0.90 -18.09
N ASN E 28 -63.78 1.60 -17.20
CA ASN E 28 -63.14 2.08 -15.98
C ASN E 28 -63.69 1.40 -14.73
N ILE E 29 -65.01 1.46 -14.52
CA ILE E 29 -65.59 0.90 -13.31
C ILE E 29 -66.19 -0.48 -13.57
N GLY E 30 -66.91 -0.62 -14.68
CA GLY E 30 -67.54 -1.88 -15.02
C GLY E 30 -66.61 -2.91 -15.61
N ALA E 31 -65.35 -2.58 -15.83
CA ALA E 31 -64.37 -3.51 -16.36
C ALA E 31 -63.72 -4.37 -15.28
N GLY E 32 -64.04 -4.13 -14.01
CA GLY E 32 -63.47 -4.90 -12.92
C GLY E 32 -62.45 -4.17 -12.07
N TYR E 33 -62.30 -2.86 -12.24
CA TYR E 33 -61.32 -2.09 -11.49
C TYR E 33 -61.96 -1.47 -10.25
N ASP E 34 -61.10 -1.04 -9.33
CA ASP E 34 -61.58 -0.50 -8.06
C ASP E 34 -61.88 0.99 -8.16
N VAL E 35 -62.56 1.51 -7.16
CA VAL E 35 -62.90 2.93 -7.07
C VAL E 35 -62.42 3.45 -5.71
N HIS E 36 -61.64 4.52 -5.74
CA HIS E 36 -61.11 5.14 -4.52
C HIS E 36 -61.64 6.56 -4.43
N TRP E 37 -61.82 7.03 -3.20
CA TRP E 37 -62.41 8.34 -2.93
C TRP E 37 -61.43 9.21 -2.17
N TYR E 38 -61.42 10.50 -2.48
CA TYR E 38 -60.58 11.48 -1.80
C TYR E 38 -61.43 12.67 -1.37
N GLN E 39 -61.09 13.22 -0.21
CA GLN E 39 -61.76 14.39 0.34
C GLN E 39 -60.74 15.53 0.41
N GLN E 40 -61.08 16.65 -0.24
CA GLN E 40 -60.19 17.80 -0.30
C GLN E 40 -60.79 18.96 0.47
N LEU E 41 -60.10 19.38 1.54
CA LEU E 41 -60.51 20.56 2.27
C LEU E 41 -60.18 21.82 1.48
N PRO E 42 -60.84 22.94 1.77
CA PRO E 42 -60.59 24.16 0.99
C PRO E 42 -59.15 24.63 0.99
N GLY E 43 -58.40 24.39 2.07
CA GLY E 43 -57.05 24.91 2.18
C GLY E 43 -55.93 23.92 2.25
N THR E 44 -56.15 22.65 1.89
CA THR E 44 -55.10 21.65 1.97
C THR E 44 -55.19 20.70 0.78
N ALA E 45 -54.21 19.81 0.69
CA ALA E 45 -54.19 18.81 -0.37
C ALA E 45 -55.23 17.73 -0.09
N PRO E 46 -55.66 16.99 -1.12
CA PRO E 46 -56.63 15.92 -0.89
C PRO E 46 -56.11 14.87 0.09
N LYS E 47 -57.02 14.36 0.91
CA LYS E 47 -56.72 13.34 1.91
C LYS E 47 -57.51 12.08 1.59
N LEU E 48 -56.86 10.93 1.72
CA LEU E 48 -57.49 9.65 1.36
C LEU E 48 -58.74 9.42 2.20
N LEU E 49 -59.81 8.98 1.55
CA LEU E 49 -61.09 8.75 2.20
C LEU E 49 -61.48 7.27 2.22
N ILE E 50 -61.55 6.64 1.05
CA ILE E 50 -61.95 5.24 0.93
C ILE E 50 -61.10 4.58 -0.15
N TYR E 51 -60.60 3.39 0.14
CA TYR E 51 -59.89 2.56 -0.83
C TYR E 51 -60.48 1.16 -0.82
N GLY E 52 -60.35 0.46 -1.94
CA GLY E 52 -60.90 -0.88 -2.03
C GLY E 52 -62.41 -0.92 -2.02
N ASN E 53 -63.06 0.22 -2.24
CA ASN E 53 -64.50 0.36 -2.43
C ASN E 53 -65.28 0.19 -1.13
N ILE E 54 -64.64 -0.31 -0.07
CA ILE E 54 -65.27 -0.39 1.24
C ILE E 54 -64.33 0.00 2.38
N ASN E 55 -63.02 0.05 2.15
CA ASN E 55 -62.07 0.20 3.23
C ASN E 55 -61.65 1.65 3.41
N ARG E 56 -61.42 2.03 4.67
CA ARG E 56 -61.01 3.38 5.02
C ARG E 56 -59.79 3.33 5.92
N PRO E 57 -58.95 4.38 5.87
CA PRO E 57 -57.80 4.44 6.78
C PRO E 57 -58.23 4.69 8.21
N SER E 58 -57.22 4.79 9.09
CA SER E 58 -57.49 5.06 10.50
C SER E 58 -58.09 6.45 10.70
N GLY E 59 -57.58 7.44 9.97
CA GLY E 59 -58.05 8.80 10.18
C GLY E 59 -59.51 9.02 9.84
N VAL E 60 -59.99 8.32 8.81
CA VAL E 60 -61.38 8.49 8.38
C VAL E 60 -62.33 7.99 9.46
N PRO E 61 -63.36 8.74 9.83
CA PRO E 61 -64.31 8.26 10.83
C PRO E 61 -65.26 7.22 10.26
N ASP E 62 -66.05 6.63 11.16
CA ASP E 62 -66.96 5.55 10.78
C ASP E 62 -68.13 6.04 9.94
N ARG E 63 -68.36 7.36 9.88
CA ARG E 63 -69.51 7.88 9.16
C ARG E 63 -69.41 7.60 7.66
N PHE E 64 -68.22 7.73 7.08
CA PHE E 64 -68.05 7.56 5.65
C PHE E 64 -68.16 6.09 5.27
N SER E 65 -68.83 5.81 4.15
CA SER E 65 -68.92 4.46 3.61
C SER E 65 -69.25 4.55 2.13
N GLY E 66 -68.98 3.47 1.40
CA GLY E 66 -69.23 3.46 -0.01
C GLY E 66 -69.34 2.05 -0.54
N SER E 67 -69.81 1.94 -1.78
CA SER E 67 -69.99 0.65 -2.42
C SER E 67 -70.01 0.85 -3.94
N LYS E 68 -69.81 -0.24 -4.66
CA LYS E 68 -69.82 -0.22 -6.12
C LYS E 68 -70.64 -1.39 -6.63
N SER E 69 -71.18 -1.23 -7.84
CA SER E 69 -71.95 -2.28 -8.50
C SER E 69 -72.09 -1.93 -9.97
N GLY E 70 -71.84 -2.90 -10.84
CA GLY E 70 -71.95 -2.66 -12.27
C GLY E 70 -70.93 -1.61 -12.71
N THR E 71 -71.42 -0.58 -13.39
CA THR E 71 -70.61 0.53 -13.84
C THR E 71 -70.74 1.76 -12.95
N SER E 72 -71.41 1.64 -11.82
CA SER E 72 -71.70 2.77 -10.95
C SER E 72 -71.10 2.54 -9.57
N ALA E 73 -70.62 3.64 -8.97
CA ALA E 73 -70.10 3.63 -7.61
C ALA E 73 -70.60 4.87 -6.91
N SER E 74 -70.70 4.78 -5.58
CA SER E 74 -71.22 5.88 -4.80
C SER E 74 -70.55 5.94 -3.44
N LEU E 75 -70.53 7.13 -2.85
CA LEU E 75 -70.04 7.36 -1.50
C LEU E 75 -71.20 7.82 -0.63
N ALA E 76 -71.41 7.14 0.48
CA ALA E 76 -72.52 7.43 1.38
C ALA E 76 -72.00 8.11 2.64
N ILE E 77 -72.60 9.24 2.99
CA ILE E 77 -72.23 10.01 4.17
C ILE E 77 -73.45 10.09 5.08
N THR E 78 -73.27 9.73 6.35
CA THR E 78 -74.33 9.79 7.34
C THR E 78 -73.94 10.76 8.44
N GLY E 79 -74.94 11.47 8.96
CA GLY E 79 -74.71 12.42 10.02
C GLY E 79 -73.82 13.58 9.63
N LEU E 80 -74.26 14.40 8.68
CA LEU E 80 -73.47 15.52 8.18
C LEU E 80 -73.08 16.45 9.31
N GLN E 81 -71.83 16.90 9.30
CA GLN E 81 -71.29 17.79 10.31
C GLN E 81 -70.80 19.09 9.68
N ALA E 82 -70.35 20.00 10.55
CA ALA E 82 -69.87 21.30 10.07
C ALA E 82 -68.60 21.15 9.22
N GLU E 83 -67.67 20.29 9.63
CA GLU E 83 -66.40 20.15 8.96
C GLU E 83 -66.45 19.20 7.75
N ASP E 84 -67.61 18.65 7.43
CA ASP E 84 -67.73 17.74 6.30
C ASP E 84 -67.79 18.46 4.96
N GLU E 85 -67.88 19.79 4.95
CA GLU E 85 -67.92 20.54 3.71
C GLU E 85 -66.59 20.42 2.99
N ALA E 86 -66.59 19.77 1.83
CA ALA E 86 -65.38 19.57 1.06
C ALA E 86 -65.74 19.09 -0.34
N ASP E 87 -64.71 18.97 -1.19
CA ASP E 87 -64.88 18.42 -2.53
C ASP E 87 -64.47 16.96 -2.51
N TYR E 88 -65.31 16.10 -3.07
CA TYR E 88 -65.08 14.66 -3.08
C TYR E 88 -64.86 14.17 -4.50
N TYR E 89 -63.72 13.52 -4.71
CA TYR E 89 -63.34 13.00 -6.03
C TYR E 89 -63.31 11.49 -5.99
N CYS E 90 -63.81 10.86 -7.05
CA CYS E 90 -63.74 9.42 -7.21
C CYS E 90 -62.69 9.07 -8.26
N GLN E 91 -61.83 8.10 -7.92
CA GLN E 91 -60.69 7.76 -8.76
C GLN E 91 -60.76 6.29 -9.15
N SER E 92 -60.43 6.01 -10.41
CA SER E 92 -60.32 4.66 -10.91
C SER E 92 -59.24 4.63 -11.99
N TYR E 93 -59.19 3.57 -12.77
CA TYR E 93 -58.26 3.45 -13.89
C TYR E 93 -59.03 3.15 -15.15
N ASP E 94 -58.75 3.88 -16.22
CA ASP E 94 -59.43 3.72 -17.50
C ASP E 94 -58.56 2.82 -18.39
N ARG E 95 -59.18 1.80 -18.97
CA ARG E 95 -58.47 0.89 -19.86
C ARG E 95 -58.05 1.56 -21.15
N ARG E 96 -58.79 2.58 -21.59
CA ARG E 96 -58.62 3.17 -22.91
C ARG E 96 -57.61 4.31 -22.95
N LEU E 97 -56.96 4.61 -21.84
CA LEU E 97 -55.94 5.64 -21.79
C LEU E 97 -54.59 5.02 -21.41
N SER E 98 -53.59 5.88 -21.20
CA SER E 98 -52.23 5.46 -20.85
C SER E 98 -51.84 6.16 -19.55
N GLY E 99 -52.76 6.17 -18.59
CA GLY E 99 -52.50 6.78 -17.30
C GLY E 99 -52.98 5.89 -16.18
N SER E 100 -52.23 5.89 -15.08
CA SER E 100 -52.57 5.02 -13.96
C SER E 100 -53.88 5.42 -13.31
N TRP E 101 -54.10 6.72 -13.10
CA TRP E 101 -55.29 7.21 -12.44
C TRP E 101 -56.12 8.07 -13.38
N VAL E 102 -57.44 8.01 -13.18
CA VAL E 102 -58.38 8.94 -13.80
C VAL E 102 -59.28 9.48 -12.70
N PHE E 103 -59.53 10.78 -12.72
CA PHE E 103 -60.33 11.43 -11.68
C PHE E 103 -61.66 11.90 -12.25
N GLY E 104 -62.64 12.02 -11.37
CA GLY E 104 -63.95 12.54 -11.74
C GLY E 104 -63.98 14.04 -11.73
N GLY E 105 -65.16 14.58 -12.04
CA GLY E 105 -65.34 16.02 -12.05
C GLY E 105 -65.20 16.64 -10.68
N GLY E 106 -65.65 15.95 -9.64
CA GLY E 106 -65.59 16.48 -8.29
C GLY E 106 -66.92 17.06 -7.84
N THR E 107 -67.39 16.63 -6.68
CA THR E 107 -68.68 17.06 -6.14
C THR E 107 -68.47 17.87 -4.88
N LYS E 108 -69.04 19.07 -4.83
CA LYS E 108 -68.96 19.92 -3.66
C LYS E 108 -70.13 19.62 -2.73
N LEU E 109 -69.82 19.31 -1.48
CA LEU E 109 -70.83 18.97 -0.48
C LEU E 109 -71.11 20.21 0.36
N THR E 110 -72.39 20.56 0.48
CA THR E 110 -72.82 21.74 1.22
C THR E 110 -73.66 21.31 2.42
N VAL E 111 -73.29 21.82 3.60
CA VAL E 111 -74.03 21.55 4.83
C VAL E 111 -74.86 22.78 5.15
N LEU E 112 -76.18 22.62 5.18
CA LEU E 112 -77.11 23.72 5.39
C LEU E 112 -77.36 23.91 6.88
N GLY E 113 -76.29 24.25 7.59
CA GLY E 113 -76.35 24.47 9.02
C GLY E 113 -76.94 25.82 9.40
N GLN F 1 -25.85 -27.22 14.88
CA GLN F 1 -27.24 -26.96 15.23
C GLN F 1 -27.50 -25.47 15.35
N VAL F 2 -28.74 -25.06 15.06
CA VAL F 2 -29.05 -23.63 14.97
C VAL F 2 -29.43 -23.09 16.34
N GLN F 3 -28.66 -22.12 16.82
CA GLN F 3 -28.95 -21.42 18.06
C GLN F 3 -29.07 -19.93 17.77
N LEU F 4 -30.18 -19.33 18.21
CA LEU F 4 -30.38 -17.89 18.15
C LEU F 4 -30.60 -17.41 19.58
N VAL F 5 -29.75 -16.48 20.03
CA VAL F 5 -29.78 -15.98 21.39
C VAL F 5 -30.04 -14.49 21.35
N GLU F 6 -31.00 -14.03 22.15
CA GLU F 6 -31.40 -12.63 22.17
C GLU F 6 -31.05 -11.98 23.50
N SER F 7 -30.70 -10.70 23.43
CA SER F 7 -30.35 -9.93 24.61
C SER F 7 -30.60 -8.46 24.34
N GLY F 8 -30.70 -7.69 25.42
CA GLY F 8 -30.94 -6.27 25.31
C GLY F 8 -32.29 -5.79 25.78
N GLY F 9 -33.10 -6.66 26.38
CA GLY F 9 -34.41 -6.26 26.87
C GLY F 9 -34.33 -5.54 28.20
N GLY F 10 -35.50 -5.13 28.68
CA GLY F 10 -35.61 -4.42 29.93
C GLY F 10 -36.82 -3.53 29.93
N VAL F 11 -36.85 -2.61 30.89
CA VAL F 11 -37.95 -1.65 31.06
C VAL F 11 -37.46 -0.28 30.65
N VAL F 12 -38.24 0.40 29.81
CA VAL F 12 -37.84 1.69 29.25
C VAL F 12 -39.07 2.61 29.19
N PRO F 13 -38.96 3.86 29.65
CA PRO F 13 -40.09 4.76 29.58
C PRO F 13 -40.41 5.13 28.14
N PRO F 14 -41.65 5.46 27.84
CA PRO F 14 -42.02 5.77 26.44
C PRO F 14 -41.37 7.06 25.96
N GLY F 15 -41.20 7.16 24.64
CA GLY F 15 -40.65 8.33 24.02
C GLY F 15 -39.18 8.24 23.65
N ARG F 16 -38.49 7.18 24.07
CA ARG F 16 -37.07 7.04 23.83
C ARG F 16 -36.77 5.68 23.23
N SER F 17 -35.48 5.40 23.01
CA SER F 17 -35.07 4.26 22.22
C SER F 17 -34.41 3.18 23.07
N LEU F 18 -34.50 1.94 22.57
CA LEU F 18 -33.82 0.79 23.15
C LEU F 18 -33.34 -0.09 22.01
N ARG F 19 -32.21 -0.77 22.20
CA ARG F 19 -31.57 -1.55 21.16
C ARG F 19 -31.64 -3.03 21.52
N LEU F 20 -31.84 -3.88 20.50
CA LEU F 20 -31.90 -5.32 20.67
C LEU F 20 -30.86 -5.99 19.78
N SER F 21 -30.42 -7.18 20.20
CA SER F 21 -29.45 -7.95 19.44
C SER F 21 -29.83 -9.43 19.49
N CYS F 22 -29.58 -10.12 18.38
CA CYS F 22 -29.83 -11.55 18.25
C CYS F 22 -28.58 -12.21 17.71
N ALA F 23 -27.73 -12.72 18.61
CA ALA F 23 -26.52 -13.42 18.22
C ALA F 23 -26.86 -14.77 17.60
N THR F 24 -26.10 -15.14 16.57
CA THR F 24 -26.37 -16.34 15.80
C THR F 24 -25.20 -17.31 15.91
N SER F 25 -25.51 -18.60 15.84
CA SER F 25 -24.48 -19.64 15.85
C SER F 25 -25.06 -20.90 15.24
N GLY F 26 -24.19 -21.67 14.59
CA GLY F 26 -24.56 -22.95 14.02
C GLY F 26 -24.83 -22.96 12.54
N PHE F 27 -24.61 -21.85 11.84
CA PHE F 27 -24.82 -21.79 10.40
C PHE F 27 -24.08 -20.58 9.86
N THR F 28 -24.05 -20.49 8.53
CA THR F 28 -23.42 -19.36 7.86
C THR F 28 -24.39 -18.19 7.87
N PHE F 29 -24.08 -17.16 8.65
CA PHE F 29 -25.00 -16.05 8.85
C PHE F 29 -25.23 -15.27 7.57
N SER F 30 -24.18 -15.08 6.76
CA SER F 30 -24.28 -14.25 5.56
C SER F 30 -25.10 -14.90 4.46
N ASN F 31 -25.49 -16.16 4.59
CA ASN F 31 -26.23 -16.86 3.55
C ASN F 31 -27.73 -16.73 3.70
N TYR F 32 -28.23 -16.15 4.79
CA TYR F 32 -29.65 -16.17 5.10
C TYR F 32 -30.13 -14.77 5.50
N GLY F 33 -31.37 -14.46 5.13
CA GLY F 33 -32.05 -13.32 5.68
C GLY F 33 -32.70 -13.67 7.01
N MET F 34 -33.10 -12.64 7.75
CA MET F 34 -33.65 -12.83 9.08
C MET F 34 -34.95 -12.04 9.22
N HIS F 35 -35.70 -12.36 10.27
CA HIS F 35 -36.98 -11.74 10.56
C HIS F 35 -37.04 -11.28 12.02
N TRP F 36 -37.96 -10.36 12.29
CA TRP F 36 -38.36 -10.02 13.64
C TRP F 36 -39.86 -10.19 13.78
N VAL F 37 -40.28 -10.94 14.80
CA VAL F 37 -41.69 -11.19 15.08
C VAL F 37 -41.93 -10.92 16.56
N ARG F 38 -43.01 -10.20 16.86
CA ARG F 38 -43.32 -9.80 18.22
C ARG F 38 -44.67 -10.37 18.63
N GLN F 39 -44.84 -10.56 19.94
CA GLN F 39 -46.07 -11.07 20.52
C GLN F 39 -46.35 -10.32 21.81
N ALA F 40 -47.37 -9.47 21.80
CA ALA F 40 -47.79 -8.80 23.01
C ALA F 40 -48.42 -9.81 23.97
N PRO F 41 -48.28 -9.59 25.27
CA PRO F 41 -48.80 -10.56 26.25
C PRO F 41 -50.29 -10.79 26.08
N GLY F 42 -50.66 -12.04 25.82
CA GLY F 42 -52.04 -12.43 25.63
C GLY F 42 -52.57 -12.28 24.22
N LYS F 43 -51.78 -11.76 23.29
CA LYS F 43 -52.17 -11.60 21.90
C LYS F 43 -51.47 -12.64 21.02
N GLY F 44 -51.68 -12.51 19.72
CA GLY F 44 -51.05 -13.38 18.74
C GLY F 44 -49.71 -12.87 18.28
N LEU F 45 -49.29 -13.35 17.12
CA LEU F 45 -48.01 -12.97 16.54
C LEU F 45 -48.19 -11.89 15.49
N GLU F 46 -47.19 -11.01 15.38
CA GLU F 46 -47.20 -9.93 14.41
C GLU F 46 -45.83 -9.83 13.76
N TRP F 47 -45.81 -9.76 12.43
CA TRP F 47 -44.56 -9.61 11.70
C TRP F 47 -44.08 -8.17 11.76
N VAL F 48 -42.80 -7.98 12.04
CA VAL F 48 -42.22 -6.65 12.23
C VAL F 48 -41.38 -6.23 11.03
N ALA F 49 -40.31 -6.97 10.73
CA ALA F 49 -39.39 -6.55 9.69
C ALA F 49 -38.65 -7.74 9.11
N ILE F 50 -38.11 -7.54 7.89
CA ILE F 50 -37.26 -8.50 7.21
C ILE F 50 -36.04 -7.77 6.66
N ILE F 51 -34.90 -8.46 6.64
CA ILE F 51 -33.67 -7.91 6.08
C ILE F 51 -33.06 -8.97 5.17
N TRP F 52 -32.55 -8.54 4.02
CA TRP F 52 -31.92 -9.47 3.09
C TRP F 52 -30.59 -9.98 3.63
N TYR F 53 -30.03 -10.96 2.93
CA TYR F 53 -28.77 -11.55 3.37
C TYR F 53 -27.63 -10.55 3.30
N ASP F 54 -27.62 -9.70 2.28
CA ASP F 54 -26.58 -8.69 2.15
C ASP F 54 -26.99 -7.33 2.72
N GLY F 55 -28.19 -7.21 3.26
CA GLY F 55 -28.67 -5.96 3.81
C GLY F 55 -29.12 -4.93 2.80
N SER F 56 -29.14 -5.28 1.52
CA SER F 56 -29.53 -4.32 0.49
C SER F 56 -31.00 -3.95 0.60
N ARG F 57 -31.84 -4.90 1.02
CA ARG F 57 -33.28 -4.72 1.04
C ARG F 57 -33.77 -4.75 2.48
N ASN F 58 -34.70 -3.84 2.81
CA ASN F 58 -35.29 -3.75 4.13
C ASN F 58 -36.78 -3.51 4.00
N PHE F 59 -37.56 -4.17 4.85
CA PHE F 59 -39.01 -3.98 4.89
C PHE F 59 -39.46 -3.88 6.34
N TYR F 60 -40.57 -3.17 6.55
CA TYR F 60 -41.13 -2.98 7.88
C TYR F 60 -42.65 -3.04 7.80
N ALA F 61 -43.26 -3.35 8.95
CA ALA F 61 -44.72 -3.31 9.03
C ALA F 61 -45.21 -1.86 9.00
N ALA F 62 -46.49 -1.70 8.66
CA ALA F 62 -47.06 -0.35 8.60
C ALA F 62 -47.07 0.32 9.96
N SER F 63 -47.27 -0.45 11.03
CA SER F 63 -47.38 0.14 12.37
C SER F 63 -46.04 0.50 12.98
N VAL F 64 -44.92 0.12 12.35
CA VAL F 64 -43.60 0.39 12.88
C VAL F 64 -42.67 1.05 11.89
N GLU F 65 -43.10 1.28 10.64
CA GLU F 65 -42.24 1.90 9.65
C GLU F 65 -41.99 3.36 10.00
N GLY F 66 -40.74 3.78 9.90
CA GLY F 66 -40.34 5.13 10.26
C GLY F 66 -39.88 5.28 11.70
N ARG F 67 -40.04 4.25 12.52
CA ARG F 67 -39.59 4.28 13.91
C ARG F 67 -38.56 3.20 14.23
N PHE F 68 -38.66 2.04 13.60
CA PHE F 68 -37.74 0.94 13.83
C PHE F 68 -36.67 0.91 12.75
N THR F 69 -35.54 0.29 13.07
CA THR F 69 -34.44 0.12 12.13
C THR F 69 -33.85 -1.27 12.30
N ILE F 70 -33.69 -1.99 11.20
CA ILE F 70 -33.14 -3.34 11.20
C ILE F 70 -31.79 -3.31 10.48
N SER F 71 -30.82 -4.01 11.05
CA SER F 71 -29.47 -4.04 10.50
C SER F 71 -28.77 -5.30 10.97
N ARG F 72 -27.67 -5.63 10.28
CA ARG F 72 -26.92 -6.84 10.57
C ARG F 72 -25.43 -6.56 10.44
N ASP F 73 -24.63 -7.40 11.10
CA ASP F 73 -23.17 -7.36 11.01
C ASP F 73 -22.69 -8.77 10.69
N ASN F 74 -22.32 -9.01 9.43
CA ASN F 74 -21.96 -10.34 8.97
C ASN F 74 -20.62 -10.82 9.52
N SER F 75 -19.79 -9.93 10.05
CA SER F 75 -18.50 -10.32 10.60
C SER F 75 -18.56 -10.72 12.06
N LYS F 76 -19.71 -10.52 12.73
CA LYS F 76 -19.89 -10.90 14.13
C LYS F 76 -21.07 -11.84 14.33
N ASN F 77 -21.80 -12.16 13.25
CA ASN F 77 -22.93 -13.08 13.32
C ASN F 77 -23.99 -12.60 14.31
N THR F 78 -24.32 -11.31 14.23
CA THR F 78 -25.26 -10.71 15.16
C THR F 78 -26.22 -9.80 14.40
N LEU F 79 -27.51 -9.92 14.72
CA LEU F 79 -28.56 -9.11 14.12
C LEU F 79 -28.98 -8.01 15.09
N TYR F 80 -29.33 -6.85 14.56
CA TYR F 80 -29.69 -5.69 15.37
C TYR F 80 -31.11 -5.23 15.07
N LEU F 81 -31.69 -4.49 16.01
CA LEU F 81 -32.97 -3.83 15.84
C LEU F 81 -32.98 -2.56 16.67
N GLN F 82 -32.95 -1.41 15.99
CA GLN F 82 -32.97 -0.12 16.66
C GLN F 82 -34.37 0.46 16.61
N MET F 83 -35.04 0.51 17.75
CA MET F 83 -36.41 1.02 17.86
C MET F 83 -36.37 2.38 18.54
N ASN F 84 -36.76 3.41 17.79
CA ASN F 84 -36.78 4.77 18.29
C ASN F 84 -38.21 5.21 18.59
N SER F 85 -38.32 6.10 19.59
CA SER F 85 -39.61 6.65 20.01
C SER F 85 -40.60 5.55 20.38
N LEU F 86 -40.20 4.73 21.36
CA LEU F 86 -41.03 3.62 21.78
C LEU F 86 -42.34 4.12 22.38
N ARG F 87 -43.42 3.41 22.09
CA ARG F 87 -44.75 3.71 22.63
C ARG F 87 -45.21 2.57 23.52
N VAL F 88 -46.36 2.79 24.17
CA VAL F 88 -46.93 1.75 25.03
C VAL F 88 -47.37 0.55 24.20
N GLU F 89 -47.85 0.78 22.98
CA GLU F 89 -48.33 -0.30 22.12
C GLU F 89 -47.21 -1.23 21.66
N ASP F 90 -45.95 -0.86 21.87
CA ASP F 90 -44.81 -1.68 21.46
C ASP F 90 -44.45 -2.74 22.49
N THR F 91 -45.15 -2.80 23.62
CA THR F 91 -44.83 -3.79 24.64
C THR F 91 -45.18 -5.19 24.14
N ALA F 92 -44.16 -6.05 24.04
CA ALA F 92 -44.33 -7.39 23.48
C ALA F 92 -43.07 -8.19 23.74
N VAL F 93 -43.09 -9.44 23.29
CA VAL F 93 -41.91 -10.30 23.29
C VAL F 93 -41.42 -10.43 21.86
N TYR F 94 -40.16 -10.08 21.63
CA TYR F 94 -39.62 -9.99 20.27
C TYR F 94 -38.77 -11.20 19.95
N TYR F 95 -39.01 -11.77 18.76
CA TYR F 95 -38.34 -12.98 18.31
C TYR F 95 -37.53 -12.68 17.05
N CYS F 96 -36.36 -13.30 16.96
CA CYS F 96 -35.57 -13.29 15.74
C CYS F 96 -35.62 -14.67 15.09
N ALA F 97 -35.96 -14.68 13.80
CA ALA F 97 -36.20 -15.94 13.09
C ALA F 97 -35.41 -15.95 11.80
N ARG F 98 -34.97 -17.14 11.40
CA ARG F 98 -34.24 -17.31 10.15
C ARG F 98 -35.22 -17.45 9.00
N ALA F 99 -34.96 -16.73 7.91
CA ALA F 99 -35.87 -16.73 6.78
C ALA F 99 -35.75 -18.01 5.97
N ALA F 100 -36.88 -18.46 5.42
CA ALA F 100 -36.92 -19.57 4.49
C ALA F 100 -38.05 -19.33 3.50
N TYR F 101 -37.91 -19.94 2.32
CA TYR F 101 -38.85 -19.73 1.22
C TYR F 101 -39.13 -21.08 0.57
N TYR F 102 -40.41 -21.40 0.39
CA TYR F 102 -40.73 -22.73 -0.14
C TYR F 102 -41.08 -22.70 -1.63
N ASP F 103 -42.22 -22.14 -1.98
CA ASP F 103 -42.56 -21.98 -3.40
C ASP F 103 -42.92 -20.54 -3.74
N THR F 104 -43.91 -20.00 -3.03
CA THR F 104 -44.46 -18.67 -3.28
C THR F 104 -44.60 -17.87 -1.99
N SER F 105 -44.37 -18.47 -0.84
CA SER F 105 -44.48 -17.78 0.44
C SER F 105 -43.30 -18.17 1.31
N GLY F 106 -43.01 -17.35 2.32
CA GLY F 106 -41.89 -17.58 3.19
C GLY F 106 -42.33 -18.11 4.54
N TYR F 107 -41.38 -18.70 5.25
CA TYR F 107 -41.62 -19.22 6.59
C TYR F 107 -40.32 -19.14 7.37
N GLY F 108 -40.42 -19.30 8.69
CA GLY F 108 -39.24 -19.28 9.54
C GLY F 108 -38.92 -20.65 10.09
N ASP F 109 -37.77 -21.21 9.70
CA ASP F 109 -37.43 -22.57 10.10
C ASP F 109 -37.01 -22.64 11.56
N TYR F 110 -36.22 -21.66 12.02
CA TYR F 110 -35.70 -21.67 13.38
C TYR F 110 -35.98 -20.34 14.05
N TRP F 111 -36.34 -20.39 15.34
CA TRP F 111 -36.69 -19.21 16.11
C TRP F 111 -35.78 -19.10 17.32
N GLY F 112 -35.61 -17.86 17.79
CA GLY F 112 -34.81 -17.59 18.97
C GLY F 112 -35.59 -17.77 20.25
N GLN F 113 -34.88 -17.60 21.38
CA GLN F 113 -35.51 -17.77 22.68
C GLN F 113 -36.50 -16.65 22.98
N GLY F 114 -36.19 -15.43 22.55
CA GLY F 114 -37.10 -14.32 22.76
C GLY F 114 -36.66 -13.44 23.92
N THR F 115 -37.06 -12.17 23.85
CA THR F 115 -36.77 -11.20 24.90
C THR F 115 -37.99 -10.30 25.09
N LEU F 116 -38.14 -9.79 26.31
CA LEU F 116 -39.30 -9.00 26.67
C LEU F 116 -38.94 -7.52 26.78
N VAL F 117 -39.71 -6.68 26.12
CA VAL F 117 -39.55 -5.23 26.17
C VAL F 117 -40.77 -4.63 26.83
N THR F 118 -40.56 -3.88 27.91
CA THR F 118 -41.63 -3.26 28.67
C THR F 118 -41.52 -1.75 28.56
N VAL F 119 -42.59 -1.12 28.08
CA VAL F 119 -42.66 0.33 27.95
C VAL F 119 -43.83 0.81 28.79
N SER F 120 -43.53 1.56 29.84
CA SER F 120 -44.56 2.02 30.76
C SER F 120 -44.07 3.29 31.45
N SER F 121 -45.01 4.01 32.05
CA SER F 121 -44.70 5.25 32.76
C SER F 121 -45.10 5.14 34.24
N SER G 2 -55.13 -9.43 11.52
CA SER G 2 -55.51 -10.83 11.44
C SER G 2 -56.42 -11.08 10.24
N VAL G 3 -55.84 -10.98 9.04
CA VAL G 3 -56.61 -11.23 7.83
C VAL G 3 -56.99 -12.69 7.70
N LEU G 4 -56.29 -13.58 8.41
CA LEU G 4 -56.62 -15.00 8.41
C LEU G 4 -57.44 -15.34 9.64
N THR G 5 -58.62 -15.89 9.42
CA THR G 5 -59.59 -16.12 10.50
C THR G 5 -59.49 -17.55 11.00
N GLN G 6 -59.35 -17.70 12.31
CA GLN G 6 -59.25 -18.98 12.97
C GLN G 6 -60.26 -19.06 14.12
N PRO G 7 -60.73 -20.26 14.46
CA PRO G 7 -61.55 -20.39 15.66
C PRO G 7 -60.71 -20.17 16.90
N PRO G 8 -61.21 -19.40 17.87
CA PRO G 8 -60.40 -19.10 19.06
C PRO G 8 -60.08 -20.30 19.92
N SER G 9 -60.92 -21.35 19.92
CA SER G 9 -60.68 -22.48 20.79
C SER G 9 -61.43 -23.70 20.27
N VAL G 10 -60.71 -24.81 20.13
CA VAL G 10 -61.28 -26.11 19.83
C VAL G 10 -60.71 -27.12 20.81
N SER G 11 -61.43 -28.22 21.00
CA SER G 11 -61.06 -29.18 22.02
C SER G 11 -61.54 -30.57 21.62
N GLY G 12 -61.00 -31.58 22.29
CA GLY G 12 -61.40 -32.95 22.04
C GLY G 12 -60.77 -33.87 23.08
N ALA G 13 -61.31 -35.08 23.14
CA ALA G 13 -60.82 -36.08 24.08
C ALA G 13 -59.51 -36.69 23.57
N PRO G 14 -58.70 -37.25 24.46
CA PRO G 14 -57.48 -37.93 24.00
C PRO G 14 -57.80 -39.05 23.03
N GLY G 15 -56.95 -39.18 22.00
CA GLY G 15 -57.09 -40.24 21.02
C GLY G 15 -58.07 -40.00 19.91
N GLN G 16 -58.77 -38.86 19.91
CA GLN G 16 -59.76 -38.58 18.88
C GLN G 16 -59.16 -37.65 17.82
N THR G 17 -59.96 -37.34 16.80
CA THR G 17 -59.52 -36.52 15.67
C THR G 17 -60.23 -35.18 15.71
N VAL G 18 -59.45 -34.10 15.66
CA VAL G 18 -59.97 -32.74 15.60
C VAL G 18 -59.34 -32.03 14.41
N THR G 19 -60.06 -31.02 13.90
CA THR G 19 -59.62 -30.26 12.75
C THR G 19 -59.60 -28.78 13.11
N ILE G 20 -58.61 -28.06 12.60
CA ILE G 20 -58.45 -26.63 12.83
C ILE G 20 -58.52 -25.95 11.47
N SER G 21 -59.45 -25.02 11.33
CA SER G 21 -59.61 -24.29 10.07
C SER G 21 -58.89 -22.95 10.13
N CYS G 22 -58.49 -22.48 8.95
CA CYS G 22 -57.86 -21.18 8.79
C CYS G 22 -58.40 -20.54 7.53
N THR G 23 -59.39 -19.66 7.67
CA THR G 23 -60.08 -19.05 6.55
C THR G 23 -59.35 -17.77 6.15
N GLY G 24 -59.09 -17.63 4.85
CA GLY G 24 -58.43 -16.44 4.35
C GLY G 24 -59.28 -15.69 3.36
N GLY G 25 -58.64 -14.92 2.48
CA GLY G 25 -59.36 -14.20 1.44
C GLY G 25 -58.86 -14.53 0.06
N SER G 26 -59.41 -13.85 -0.95
CA SER G 26 -58.98 -14.07 -2.32
C SER G 26 -57.59 -13.53 -2.59
N SER G 27 -57.01 -12.78 -1.65
CA SER G 27 -55.70 -12.18 -1.84
C SER G 27 -54.58 -12.98 -1.17
N ASN G 28 -54.89 -13.81 -0.18
CA ASN G 28 -53.83 -14.53 0.53
C ASN G 28 -53.87 -16.03 0.26
N ILE G 29 -55.00 -16.68 0.53
CA ILE G 29 -55.08 -18.12 0.28
C ILE G 29 -55.79 -18.38 -1.04
N GLY G 30 -56.75 -17.53 -1.40
CA GLY G 30 -57.42 -17.65 -2.68
C GLY G 30 -56.60 -17.19 -3.86
N ALA G 31 -55.43 -16.60 -3.61
CA ALA G 31 -54.51 -16.20 -4.67
C ALA G 31 -53.47 -17.26 -4.97
N GLY G 32 -53.49 -18.38 -4.26
CA GLY G 32 -52.55 -19.47 -4.49
C GLY G 32 -51.30 -19.44 -3.65
N TYR G 33 -51.20 -18.54 -2.67
CA TYR G 33 -50.03 -18.45 -1.82
C TYR G 33 -50.04 -19.60 -0.81
N ASP G 34 -48.85 -19.92 -0.30
CA ASP G 34 -48.69 -21.07 0.56
C ASP G 34 -49.22 -20.79 1.97
N VAL G 35 -49.49 -21.86 2.71
CA VAL G 35 -49.97 -21.79 4.08
C VAL G 35 -49.02 -22.60 4.96
N HIS G 36 -48.59 -22.01 6.06
CA HIS G 36 -47.69 -22.66 6.99
C HIS G 36 -48.29 -22.61 8.39
N TRP G 37 -47.87 -23.54 9.24
CA TRP G 37 -48.42 -23.69 10.58
C TRP G 37 -47.32 -23.65 11.62
N TYR G 38 -47.59 -22.98 12.73
CA TYR G 38 -46.64 -22.86 13.82
C TYR G 38 -47.29 -23.34 15.12
N GLN G 39 -46.49 -23.97 15.97
CA GLN G 39 -46.92 -24.45 17.27
C GLN G 39 -46.15 -23.72 18.35
N GLN G 40 -46.86 -23.16 19.33
CA GLN G 40 -46.25 -22.43 20.43
C GLN G 40 -46.68 -23.05 21.75
N LEU G 41 -45.75 -23.70 22.43
CA LEU G 41 -46.02 -24.17 23.78
C LEU G 41 -46.15 -22.98 24.73
N PRO G 42 -46.81 -23.15 25.87
CA PRO G 42 -47.09 -21.99 26.74
C PRO G 42 -45.86 -21.19 27.16
N GLY G 43 -44.72 -21.84 27.36
CA GLY G 43 -43.54 -21.16 27.85
C GLY G 43 -42.36 -21.06 26.92
N THR G 44 -42.54 -21.26 25.61
CA THR G 44 -41.42 -21.21 24.68
C THR G 44 -41.84 -20.49 23.40
N ALA G 45 -40.88 -20.33 22.50
CA ALA G 45 -41.11 -19.65 21.24
C ALA G 45 -41.85 -20.56 20.26
N PRO G 46 -42.51 -19.99 19.25
CA PRO G 46 -43.17 -20.83 18.25
C PRO G 46 -42.18 -21.71 17.50
N LYS G 47 -42.66 -22.89 17.10
CA LYS G 47 -41.86 -23.84 16.32
C LYS G 47 -42.61 -24.17 15.04
N LEU G 48 -41.86 -24.50 13.99
CA LEU G 48 -42.47 -24.81 12.70
C LEU G 48 -43.13 -26.18 12.76
N LEU G 49 -44.39 -26.24 12.33
CA LEU G 49 -45.14 -27.49 12.32
C LEU G 49 -45.32 -28.05 10.91
N ILE G 50 -45.90 -27.27 10.00
CA ILE G 50 -46.15 -27.70 8.63
C ILE G 50 -45.86 -26.56 7.68
N TYR G 51 -45.09 -26.83 6.63
CA TYR G 51 -44.80 -25.88 5.58
C TYR G 51 -45.11 -26.51 4.23
N GLY G 52 -45.35 -25.67 3.24
CA GLY G 52 -45.71 -26.17 1.93
C GLY G 52 -47.09 -26.81 1.88
N ASN G 53 -47.88 -26.59 2.93
CA ASN G 53 -49.28 -27.02 3.05
C ASN G 53 -49.41 -28.52 3.30
N ILE G 54 -48.34 -29.28 3.13
CA ILE G 54 -48.35 -30.71 3.43
C ILE G 54 -47.12 -31.19 4.17
N ASN G 55 -46.02 -30.43 4.15
CA ASN G 55 -44.73 -30.98 4.54
C ASN G 55 -44.41 -30.67 6.00
N ARG G 56 -43.73 -31.62 6.64
CA ARG G 56 -43.40 -31.50 8.05
C ARG G 56 -41.91 -31.70 8.26
N PRO G 57 -41.32 -31.01 9.23
CA PRO G 57 -39.89 -31.23 9.54
C PRO G 57 -39.67 -32.59 10.19
N SER G 58 -38.41 -32.83 10.56
CA SER G 58 -38.04 -34.13 11.12
C SER G 58 -38.67 -34.36 12.49
N GLY G 59 -38.63 -33.34 13.36
CA GLY G 59 -39.11 -33.53 14.72
C GLY G 59 -40.61 -33.69 14.81
N VAL G 60 -41.33 -33.22 13.80
CA VAL G 60 -42.80 -33.27 13.84
C VAL G 60 -43.26 -34.71 13.63
N PRO G 61 -44.07 -35.28 14.52
CA PRO G 61 -44.56 -36.64 14.32
C PRO G 61 -45.63 -36.70 13.25
N ASP G 62 -46.02 -37.94 12.90
CA ASP G 62 -46.93 -38.15 11.78
C ASP G 62 -48.38 -37.87 12.16
N ARG G 63 -48.67 -37.56 13.42
CA ARG G 63 -50.04 -37.27 13.81
C ARG G 63 -50.57 -36.03 13.09
N PHE G 64 -49.75 -34.99 12.99
CA PHE G 64 -50.16 -33.75 12.34
C PHE G 64 -50.16 -33.92 10.82
N SER G 65 -51.16 -33.34 10.17
CA SER G 65 -51.24 -33.33 8.72
C SER G 65 -51.99 -32.07 8.30
N GLY G 66 -51.79 -31.66 7.05
CA GLY G 66 -52.40 -30.43 6.58
C GLY G 66 -52.75 -30.51 5.13
N SER G 67 -53.64 -29.62 4.72
CA SER G 67 -54.09 -29.52 3.34
C SER G 67 -54.82 -28.20 3.17
N LYS G 68 -54.95 -27.78 1.91
CA LYS G 68 -55.67 -26.55 1.60
C LYS G 68 -56.50 -26.76 0.34
N SER G 69 -57.56 -25.97 0.22
CA SER G 69 -58.45 -26.05 -0.93
C SER G 69 -59.22 -24.74 -1.06
N GLY G 70 -59.14 -24.12 -2.22
CA GLY G 70 -59.84 -22.87 -2.42
C GLY G 70 -59.29 -21.76 -1.54
N THR G 71 -60.16 -21.18 -0.71
CA THR G 71 -59.82 -20.03 0.12
C THR G 71 -59.52 -20.44 1.56
N SER G 72 -59.80 -21.68 1.93
CA SER G 72 -59.61 -22.15 3.30
C SER G 72 -58.49 -23.16 3.37
N ALA G 73 -57.81 -23.19 4.52
CA ALA G 73 -56.78 -24.17 4.81
C ALA G 73 -57.06 -24.77 6.17
N SER G 74 -56.69 -26.04 6.33
CA SER G 74 -57.04 -26.77 7.53
C SER G 74 -55.83 -27.54 8.04
N LEU G 75 -55.77 -27.70 9.36
CA LEU G 75 -54.78 -28.54 10.02
C LEU G 75 -55.51 -29.67 10.72
N ALA G 76 -55.09 -30.91 10.44
CA ALA G 76 -55.73 -32.09 10.99
C ALA G 76 -54.81 -32.75 12.02
N ILE G 77 -55.36 -33.07 13.18
CA ILE G 77 -54.64 -33.76 14.25
C ILE G 77 -55.40 -35.04 14.56
N THR G 78 -54.68 -36.16 14.56
CA THR G 78 -55.26 -37.45 14.88
C THR G 78 -54.53 -38.07 16.07
N GLY G 79 -55.29 -38.73 16.93
CA GLY G 79 -54.72 -39.30 18.14
C GLY G 79 -54.24 -38.25 19.12
N LEU G 80 -55.17 -37.45 19.67
CA LEU G 80 -54.80 -36.37 20.57
C LEU G 80 -54.06 -36.90 21.79
N GLN G 81 -53.00 -36.19 22.17
CA GLN G 81 -52.20 -36.54 23.33
C GLN G 81 -52.22 -35.40 24.34
N ALA G 82 -51.67 -35.67 25.52
CA ALA G 82 -51.62 -34.66 26.57
C ALA G 82 -50.68 -33.51 26.19
N GLU G 83 -49.62 -33.80 25.45
CA GLU G 83 -48.60 -32.79 25.12
C GLU G 83 -48.96 -31.96 23.91
N ASP G 84 -50.10 -32.21 23.26
CA ASP G 84 -50.52 -31.42 22.10
C ASP G 84 -51.12 -30.08 22.49
N GLU G 85 -51.32 -29.82 23.78
CA GLU G 85 -51.91 -28.56 24.22
C GLU G 85 -50.97 -27.39 23.94
N ALA G 86 -51.37 -26.53 23.01
CA ALA G 86 -50.56 -25.38 22.62
C ALA G 86 -51.40 -24.45 21.77
N ASP G 87 -50.75 -23.40 21.26
CA ASP G 87 -51.40 -22.44 20.38
C ASP G 87 -50.90 -22.66 18.95
N TYR G 88 -51.83 -22.68 18.00
CA TYR G 88 -51.52 -22.96 16.61
C TYR G 88 -51.88 -21.76 15.73
N TYR G 89 -50.91 -21.30 14.95
CA TYR G 89 -51.08 -20.14 14.07
C TYR G 89 -50.88 -20.56 12.63
N CYS G 90 -51.73 -20.06 11.75
CA CYS G 90 -51.57 -20.25 10.31
C CYS G 90 -50.99 -18.99 9.70
N GLN G 91 -49.92 -19.16 8.92
CA GLN G 91 -49.17 -18.04 8.37
C GLN G 91 -49.17 -18.11 6.86
N SER G 92 -49.37 -16.96 6.23
CA SER G 92 -49.40 -16.86 4.77
C SER G 92 -48.89 -15.47 4.38
N TYR G 93 -49.12 -15.09 3.13
CA TYR G 93 -48.73 -13.78 2.63
C TYR G 93 -49.94 -13.13 1.97
N ASP G 94 -50.15 -11.84 2.27
CA ASP G 94 -51.28 -11.09 1.74
C ASP G 94 -50.78 -10.14 0.66
N ARG G 95 -51.42 -10.17 -0.51
CA ARG G 95 -51.03 -9.30 -1.61
C ARG G 95 -51.32 -7.83 -1.30
N ARG G 96 -52.37 -7.56 -0.52
CA ARG G 96 -52.86 -6.21 -0.33
C ARG G 96 -52.08 -5.42 0.72
N LEU G 97 -51.11 -6.03 1.37
CA LEU G 97 -50.32 -5.35 2.40
C LEU G 97 -48.85 -5.29 1.96
N SER G 98 -48.00 -4.79 2.86
CA SER G 98 -46.58 -4.63 2.60
C SER G 98 -45.79 -5.45 3.62
N GLY G 99 -46.29 -6.65 3.89
CA GLY G 99 -45.67 -7.52 4.87
C GLY G 99 -45.31 -8.86 4.26
N SER G 100 -44.14 -9.37 4.64
CA SER G 100 -43.72 -10.67 4.15
C SER G 100 -44.61 -11.79 4.66
N TRP G 101 -44.97 -11.75 5.94
CA TRP G 101 -45.84 -12.74 6.54
C TRP G 101 -47.08 -12.06 7.12
N VAL G 102 -48.18 -12.81 7.11
CA VAL G 102 -49.37 -12.44 7.88
C VAL G 102 -49.78 -13.65 8.69
N PHE G 103 -50.16 -13.44 9.94
CA PHE G 103 -50.53 -14.52 10.84
C PHE G 103 -52.03 -14.51 11.10
N GLY G 104 -52.54 -15.65 11.55
CA GLY G 104 -53.92 -15.76 11.94
C GLY G 104 -54.15 -15.37 13.39
N GLY G 105 -55.41 -15.43 13.79
CA GLY G 105 -55.75 -15.09 15.17
C GLY G 105 -55.14 -16.03 16.18
N GLY G 106 -55.08 -17.32 15.86
CA GLY G 106 -54.53 -18.30 16.78
C GLY G 106 -55.61 -19.14 17.45
N THR G 107 -55.36 -20.43 17.57
CA THR G 107 -56.28 -21.36 18.21
C THR G 107 -55.57 -22.09 19.34
N LYS G 108 -56.29 -22.32 20.43
CA LYS G 108 -55.74 -23.05 21.57
C LYS G 108 -56.36 -24.44 21.65
N LEU G 109 -55.51 -25.45 21.76
CA LEU G 109 -55.95 -26.84 21.88
C LEU G 109 -55.95 -27.23 23.35
N THR G 110 -57.12 -27.61 23.86
CA THR G 110 -57.26 -28.12 25.21
C THR G 110 -57.77 -29.56 25.14
N VAL G 111 -57.03 -30.48 25.72
CA VAL G 111 -57.37 -31.90 25.70
C VAL G 111 -58.15 -32.22 26.97
N LEU G 112 -59.35 -32.77 26.80
CA LEU G 112 -60.23 -33.08 27.94
C LEU G 112 -59.77 -34.37 28.61
N GLY G 113 -58.70 -34.25 29.38
CA GLY G 113 -58.12 -35.38 30.09
C GLY G 113 -58.21 -35.24 31.59
N GLN H 1 -4.18 -33.55 -18.62
CA GLN H 1 -5.25 -34.38 -18.07
C GLN H 1 -5.59 -33.98 -16.64
N VAL H 2 -6.89 -33.87 -16.36
CA VAL H 2 -7.32 -33.46 -15.03
C VAL H 2 -7.14 -34.62 -14.05
N GLN H 3 -6.42 -34.36 -12.97
CA GLN H 3 -6.18 -35.38 -11.94
C GLN H 3 -6.73 -34.86 -10.62
N LEU H 4 -7.58 -35.65 -9.98
CA LEU H 4 -8.15 -35.35 -8.67
C LEU H 4 -7.86 -36.54 -7.76
N VAL H 5 -7.04 -36.31 -6.73
CA VAL H 5 -6.59 -37.37 -5.83
C VAL H 5 -6.99 -36.98 -4.42
N GLU H 6 -7.85 -37.79 -3.80
CA GLU H 6 -8.30 -37.56 -2.44
C GLU H 6 -7.47 -38.38 -1.46
N SER H 7 -7.42 -37.91 -0.22
CA SER H 7 -6.70 -38.59 0.85
C SER H 7 -7.24 -38.12 2.20
N GLY H 8 -6.92 -38.88 3.23
CA GLY H 8 -7.28 -38.53 4.58
C GLY H 8 -8.36 -39.36 5.23
N GLY H 9 -8.78 -40.46 4.60
CA GLY H 9 -9.81 -41.30 5.15
C GLY H 9 -9.29 -42.25 6.21
N GLY H 10 -10.19 -43.10 6.68
CA GLY H 10 -9.88 -44.08 7.70
C GLY H 10 -11.07 -44.34 8.58
N VAL H 11 -10.81 -44.90 9.76
CA VAL H 11 -11.82 -45.25 10.74
C VAL H 11 -11.68 -44.32 11.93
N VAL H 12 -12.80 -43.76 12.38
CA VAL H 12 -12.80 -42.79 13.47
C VAL H 12 -14.02 -43.04 14.36
N PRO H 13 -13.89 -42.99 15.68
CA PRO H 13 -15.06 -43.15 16.55
C PRO H 13 -15.97 -41.94 16.45
N PRO H 14 -17.27 -42.09 16.70
CA PRO H 14 -18.19 -40.97 16.56
C PRO H 14 -17.94 -39.89 17.60
N GLY H 15 -18.32 -38.66 17.26
CA GLY H 15 -18.24 -37.53 18.16
C GLY H 15 -17.01 -36.67 18.02
N ARG H 16 -16.11 -36.99 17.10
CA ARG H 16 -14.86 -36.27 16.94
C ARG H 16 -14.62 -35.96 15.47
N SER H 17 -13.47 -35.35 15.20
CA SER H 17 -13.22 -34.72 13.91
C SER H 17 -12.29 -35.54 13.02
N LEU H 18 -12.29 -35.18 11.74
CA LEU H 18 -11.39 -35.75 10.74
C LEU H 18 -11.30 -34.77 9.59
N ARG H 19 -10.18 -34.77 8.88
CA ARG H 19 -9.90 -33.79 7.83
C ARG H 19 -9.55 -34.51 6.54
N LEU H 20 -10.29 -34.20 5.48
CA LEU H 20 -10.02 -34.75 4.15
C LEU H 20 -9.32 -33.71 3.28
N SER H 21 -8.66 -34.19 2.23
CA SER H 21 -7.99 -33.33 1.28
C SER H 21 -8.08 -33.93 -0.12
N CYS H 22 -7.98 -33.06 -1.12
CA CYS H 22 -8.07 -33.45 -2.52
C CYS H 22 -7.03 -32.64 -3.31
N ALA H 23 -5.93 -33.29 -3.67
CA ALA H 23 -4.84 -32.64 -4.38
C ALA H 23 -5.13 -32.67 -5.88
N THR H 24 -4.79 -31.56 -6.56
CA THR H 24 -5.17 -31.36 -7.95
C THR H 24 -3.94 -31.10 -8.80
N SER H 25 -4.07 -31.42 -10.09
CA SER H 25 -3.06 -31.11 -11.08
C SER H 25 -3.71 -31.20 -12.46
N GLY H 26 -3.07 -30.56 -13.43
CA GLY H 26 -3.51 -30.62 -14.81
C GLY H 26 -4.44 -29.50 -15.25
N PHE H 27 -4.74 -28.54 -14.37
CA PHE H 27 -5.59 -27.41 -14.74
C PHE H 27 -5.34 -26.29 -13.74
N THR H 28 -5.76 -25.08 -14.11
CA THR H 28 -5.59 -23.92 -13.25
C THR H 28 -6.58 -24.02 -12.10
N PHE H 29 -6.08 -24.34 -10.91
CA PHE H 29 -6.96 -24.60 -9.77
C PHE H 29 -7.74 -23.36 -9.36
N SER H 30 -7.10 -22.19 -9.39
CA SER H 30 -7.72 -20.98 -8.90
C SER H 30 -8.81 -20.43 -9.82
N ASN H 31 -9.09 -21.09 -10.94
CA ASN H 31 -10.14 -20.64 -11.85
C ASN H 31 -11.45 -21.38 -11.69
N TYR H 32 -11.53 -22.35 -10.77
CA TYR H 32 -12.69 -23.23 -10.70
C TYR H 32 -13.16 -23.40 -9.26
N GLY H 33 -14.48 -23.53 -9.10
CA GLY H 33 -15.04 -23.97 -7.84
C GLY H 33 -15.02 -25.49 -7.74
N MET H 34 -15.25 -25.97 -6.52
CA MET H 34 -15.16 -27.40 -6.25
C MET H 34 -16.40 -27.88 -5.53
N HIS H 35 -16.64 -29.18 -5.57
CA HIS H 35 -17.77 -29.81 -4.91
C HIS H 35 -17.30 -31.00 -4.08
N TRP H 36 -18.09 -31.35 -3.07
CA TRP H 36 -17.94 -32.60 -2.35
C TRP H 36 -19.23 -33.40 -2.47
N VAL H 37 -19.10 -34.66 -2.87
CA VAL H 37 -20.24 -35.56 -3.03
C VAL H 37 -19.89 -36.87 -2.34
N ARG H 38 -20.83 -37.40 -1.57
CA ARG H 38 -20.60 -38.64 -0.82
C ARG H 38 -21.66 -39.67 -1.19
N GLN H 39 -21.30 -40.94 -1.03
CA GLN H 39 -22.18 -42.06 -1.34
C GLN H 39 -22.10 -43.07 -0.21
N ALA H 40 -23.19 -43.24 0.52
CA ALA H 40 -23.25 -44.25 1.55
C ALA H 40 -23.19 -45.64 0.92
N PRO H 41 -22.62 -46.62 1.61
CA PRO H 41 -22.49 -47.96 1.03
C PRO H 41 -23.84 -48.56 0.67
N GLY H 42 -24.01 -48.83 -0.62
CA GLY H 42 -25.26 -49.36 -1.13
C GLY H 42 -26.35 -48.34 -1.40
N LYS H 43 -26.06 -47.05 -1.25
CA LYS H 43 -27.04 -46.00 -1.45
C LYS H 43 -26.64 -45.13 -2.64
N GLY H 44 -27.44 -44.08 -2.88
CA GLY H 44 -27.21 -43.16 -3.96
C GLY H 44 -26.21 -42.07 -3.62
N LEU H 45 -26.07 -41.13 -4.53
CA LEU H 45 -25.16 -40.01 -4.36
C LEU H 45 -25.86 -38.87 -3.62
N GLU H 46 -25.09 -38.13 -2.82
CA GLU H 46 -25.60 -37.02 -2.05
C GLU H 46 -24.64 -35.85 -2.13
N TRP H 47 -25.16 -34.66 -2.40
CA TRP H 47 -24.34 -33.46 -2.48
C TRP H 47 -24.08 -32.89 -1.09
N VAL H 48 -22.85 -32.44 -0.85
CA VAL H 48 -22.40 -32.03 0.47
C VAL H 48 -22.10 -30.53 0.52
N ALA H 49 -21.14 -30.06 -0.28
CA ALA H 49 -20.71 -28.67 -0.17
C ALA H 49 -20.10 -28.20 -1.48
N ILE H 50 -20.04 -26.87 -1.64
CA ILE H 50 -19.40 -26.23 -2.77
C ILE H 50 -18.68 -24.98 -2.26
N ILE H 51 -17.51 -24.70 -2.84
CA ILE H 51 -16.75 -23.49 -2.51
C ILE H 51 -16.46 -22.74 -3.81
N TRP H 52 -16.60 -21.41 -3.77
CA TRP H 52 -16.33 -20.58 -4.92
C TRP H 52 -14.85 -20.62 -5.29
N TYR H 53 -14.53 -20.02 -6.44
CA TYR H 53 -13.14 -20.02 -6.90
C TYR H 53 -12.26 -19.19 -5.98
N ASP H 54 -12.77 -18.07 -5.47
CA ASP H 54 -12.01 -17.25 -4.54
C ASP H 54 -12.28 -17.59 -3.08
N GLY H 55 -13.23 -18.48 -2.81
CA GLY H 55 -13.61 -18.80 -1.45
C GLY H 55 -14.56 -17.82 -0.80
N SER H 56 -15.22 -16.97 -1.59
CA SER H 56 -16.08 -15.95 -1.01
C SER H 56 -17.41 -16.53 -0.53
N ARG H 57 -17.93 -17.51 -1.25
CA ARG H 57 -19.24 -18.08 -0.93
C ARG H 57 -19.10 -19.57 -0.66
N ASN H 58 -19.74 -20.04 0.41
CA ASN H 58 -19.77 -21.45 0.77
C ASN H 58 -21.22 -21.87 0.97
N PHE H 59 -21.53 -23.09 0.55
CA PHE H 59 -22.87 -23.65 0.70
C PHE H 59 -22.76 -25.09 1.19
N TYR H 60 -23.65 -25.48 2.09
CA TYR H 60 -23.64 -26.81 2.68
C TYR H 60 -25.04 -27.41 2.62
N ALA H 61 -25.08 -28.74 2.60
CA ALA H 61 -26.36 -29.43 2.69
C ALA H 61 -26.96 -29.25 4.08
N ALA H 62 -28.29 -29.32 4.15
CA ALA H 62 -28.96 -29.11 5.43
C ALA H 62 -28.57 -30.16 6.46
N SER H 63 -28.20 -31.37 6.01
CA SER H 63 -27.88 -32.44 6.94
C SER H 63 -26.46 -32.36 7.49
N VAL H 64 -25.63 -31.48 6.95
CA VAL H 64 -24.25 -31.35 7.40
C VAL H 64 -23.87 -29.93 7.78
N GLU H 65 -24.77 -28.96 7.60
CA GLU H 65 -24.43 -27.57 7.89
C GLU H 65 -24.22 -27.37 9.39
N GLY H 66 -23.17 -26.62 9.74
CA GLY H 66 -22.78 -26.41 11.12
C GLY H 66 -21.74 -27.38 11.63
N ARG H 67 -21.55 -28.51 10.96
CA ARG H 67 -20.57 -29.51 11.35
C ARG H 67 -19.41 -29.62 10.39
N PHE H 68 -19.65 -29.41 9.09
CA PHE H 68 -18.62 -29.50 8.07
C PHE H 68 -18.18 -28.11 7.66
N THR H 69 -16.94 -28.03 7.17
CA THR H 69 -16.36 -26.76 6.70
C THR H 69 -15.44 -27.04 5.53
N ILE H 70 -15.71 -26.40 4.40
CA ILE H 70 -14.93 -26.56 3.18
C ILE H 70 -14.00 -25.37 3.03
N SER H 71 -12.79 -25.63 2.53
CA SER H 71 -11.80 -24.58 2.36
C SER H 71 -10.81 -25.00 1.29
N ARG H 72 -10.06 -24.02 0.78
CA ARG H 72 -9.10 -24.23 -0.29
C ARG H 72 -7.89 -23.34 -0.07
N ASP H 73 -6.75 -23.78 -0.59
CA ASP H 73 -5.54 -22.96 -0.64
C ASP H 73 -5.02 -23.00 -2.07
N ASN H 74 -5.20 -21.89 -2.80
CA ASN H 74 -4.87 -21.84 -4.21
C ASN H 74 -3.37 -21.96 -4.49
N SER H 75 -2.52 -21.77 -3.48
CA SER H 75 -1.07 -21.79 -3.67
C SER H 75 -0.49 -23.21 -3.67
N LYS H 76 -1.27 -24.21 -3.26
CA LYS H 76 -0.81 -25.60 -3.31
C LYS H 76 -1.80 -26.51 -4.05
N ASN H 77 -2.85 -25.95 -4.63
CA ASN H 77 -3.81 -26.71 -5.43
C ASN H 77 -4.47 -27.81 -4.60
N THR H 78 -4.87 -27.47 -3.38
CA THR H 78 -5.44 -28.44 -2.46
C THR H 78 -6.81 -27.99 -2.00
N LEU H 79 -7.74 -28.94 -1.90
CA LEU H 79 -9.09 -28.70 -1.41
C LEU H 79 -9.29 -29.47 -0.11
N TYR H 80 -9.92 -28.84 0.87
CA TYR H 80 -10.09 -29.43 2.19
C TYR H 80 -11.56 -29.54 2.56
N LEU H 81 -11.86 -30.54 3.38
CA LEU H 81 -13.18 -30.70 3.99
C LEU H 81 -12.97 -31.09 5.45
N GLN H 82 -13.19 -30.15 6.36
CA GLN H 82 -13.04 -30.38 7.78
C GLN H 82 -14.36 -30.87 8.35
N MET H 83 -14.38 -32.11 8.81
CA MET H 83 -15.58 -32.74 9.35
C MET H 83 -15.49 -32.75 10.87
N ASN H 84 -16.46 -32.14 11.53
CA ASN H 84 -16.52 -32.08 12.98
C ASN H 84 -17.77 -32.77 13.50
N SER H 85 -17.65 -33.34 14.70
CA SER H 85 -18.75 -34.05 15.36
C SER H 85 -19.29 -35.17 14.47
N LEU H 86 -18.39 -36.04 14.04
CA LEU H 86 -18.76 -37.10 13.11
C LEU H 86 -19.78 -38.05 13.73
N ARG H 87 -20.82 -38.36 12.97
CA ARG H 87 -21.88 -39.25 13.41
C ARG H 87 -21.85 -40.54 12.59
N VAL H 88 -22.69 -41.49 13.00
CA VAL H 88 -22.65 -42.82 12.39
C VAL H 88 -23.07 -42.77 10.92
N GLU H 89 -24.12 -42.00 10.59
CA GLU H 89 -24.58 -41.95 9.21
C GLU H 89 -23.66 -41.12 8.31
N ASP H 90 -22.56 -40.60 8.83
CA ASP H 90 -21.54 -39.93 8.03
C ASP H 90 -20.59 -40.89 7.35
N THR H 91 -20.83 -42.20 7.46
CA THR H 91 -19.96 -43.18 6.84
C THR H 91 -20.29 -43.30 5.35
N ALA H 92 -19.36 -42.90 4.50
CA ALA H 92 -19.57 -42.90 3.06
C ALA H 92 -18.23 -42.67 2.36
N VAL H 93 -18.25 -42.77 1.05
CA VAL H 93 -17.08 -42.48 0.22
C VAL H 93 -17.23 -41.09 -0.36
N TYR H 94 -16.21 -40.25 -0.17
CA TYR H 94 -16.28 -38.84 -0.51
C TYR H 94 -15.47 -38.54 -1.76
N TYR H 95 -16.08 -37.78 -2.67
CA TYR H 95 -15.44 -37.40 -3.93
C TYR H 95 -15.31 -35.90 -4.01
N CYS H 96 -14.23 -35.43 -4.62
CA CYS H 96 -14.07 -34.04 -4.99
C CYS H 96 -14.29 -33.89 -6.50
N ALA H 97 -15.18 -32.97 -6.86
CA ALA H 97 -15.56 -32.80 -8.26
C ALA H 97 -15.31 -31.36 -8.67
N ARG H 98 -14.99 -31.18 -9.95
CA ARG H 98 -14.75 -29.85 -10.49
C ARG H 98 -16.06 -29.25 -10.97
N ALA H 99 -16.32 -28.01 -10.58
CA ALA H 99 -17.60 -27.37 -10.87
C ALA H 99 -17.70 -26.99 -12.34
N ALA H 100 -18.92 -27.06 -12.87
CA ALA H 100 -19.23 -26.63 -14.22
C ALA H 100 -20.65 -26.09 -14.24
N TYR H 101 -20.96 -25.29 -15.26
CA TYR H 101 -22.26 -24.63 -15.36
C TYR H 101 -22.66 -24.54 -16.83
N TYR H 102 -23.87 -24.99 -17.16
CA TYR H 102 -24.25 -25.00 -18.55
C TYR H 102 -25.16 -23.84 -18.95
N ASP H 103 -26.42 -23.86 -18.50
CA ASP H 103 -27.30 -22.73 -18.76
C ASP H 103 -27.94 -22.18 -17.49
N THR H 104 -28.63 -23.07 -16.76
CA THR H 104 -29.37 -22.71 -15.56
C THR H 104 -29.09 -23.66 -14.41
N SER H 105 -28.23 -24.66 -14.62
CA SER H 105 -27.90 -25.62 -13.58
C SER H 105 -26.45 -26.03 -13.77
N GLY H 106 -25.85 -26.52 -12.69
CA GLY H 106 -24.46 -26.90 -12.71
C GLY H 106 -24.30 -28.41 -12.68
N TYR H 107 -23.13 -28.86 -13.14
CA TYR H 107 -22.80 -30.27 -13.15
C TYR H 107 -21.34 -30.43 -12.79
N GLY H 108 -20.88 -31.67 -12.74
CA GLY H 108 -19.48 -31.97 -12.47
C GLY H 108 -18.85 -32.74 -13.61
N ASP H 109 -17.74 -32.22 -14.15
CA ASP H 109 -17.16 -32.83 -15.34
C ASP H 109 -16.06 -33.82 -14.98
N TYR H 110 -15.25 -33.52 -13.97
CA TYR H 110 -14.15 -34.38 -13.57
C TYR H 110 -14.28 -34.71 -12.09
N TRP H 111 -14.09 -35.98 -11.74
CA TRP H 111 -14.24 -36.48 -10.39
C TRP H 111 -12.94 -37.09 -9.89
N GLY H 112 -12.85 -37.24 -8.56
CA GLY H 112 -11.71 -37.88 -7.94
C GLY H 112 -11.95 -39.37 -7.69
N GLN H 113 -10.92 -40.01 -7.15
CA GLN H 113 -11.01 -41.45 -6.92
C GLN H 113 -11.92 -41.77 -5.72
N GLY H 114 -11.80 -41.03 -4.64
CA GLY H 114 -12.65 -41.23 -3.49
C GLY H 114 -11.97 -42.00 -2.38
N THR H 115 -12.25 -41.58 -1.14
CA THR H 115 -11.72 -42.23 0.05
C THR H 115 -12.86 -42.60 0.97
N LEU H 116 -12.67 -43.71 1.70
CA LEU H 116 -13.68 -44.20 2.62
C LEU H 116 -13.47 -43.60 4.00
N VAL H 117 -14.53 -43.03 4.57
CA VAL H 117 -14.54 -42.53 5.93
C VAL H 117 -15.55 -43.34 6.72
N THR H 118 -15.08 -44.08 7.72
CA THR H 118 -15.91 -44.97 8.51
C THR H 118 -16.01 -44.44 9.93
N VAL H 119 -17.24 -44.28 10.41
CA VAL H 119 -17.52 -43.82 11.77
C VAL H 119 -18.21 -44.95 12.51
N SER H 120 -17.52 -45.53 13.49
CA SER H 120 -18.05 -46.65 14.25
C SER H 120 -17.34 -46.72 15.59
N SER H 121 -17.92 -47.50 16.50
CA SER H 121 -17.34 -47.69 17.82
C SER H 121 -17.28 -49.17 18.19
N SER I 2 -33.70 -37.75 -2.40
CA SER I 2 -34.11 -38.17 -3.75
C SER I 2 -35.37 -37.46 -4.19
N VAL I 3 -35.25 -36.17 -4.53
CA VAL I 3 -36.41 -35.42 -5.01
C VAL I 3 -36.76 -35.81 -6.44
N LEU I 4 -35.83 -36.48 -7.14
CA LEU I 4 -36.09 -36.95 -8.49
C LEU I 4 -36.35 -38.44 -8.47
N THR I 5 -37.43 -38.87 -9.13
CA THR I 5 -37.91 -40.23 -9.07
C THR I 5 -37.40 -41.02 -10.27
N GLN I 6 -36.71 -42.13 -9.99
CA GLN I 6 -36.23 -43.04 -11.01
C GLN I 6 -36.67 -44.46 -10.68
N PRO I 7 -36.94 -45.28 -11.69
CA PRO I 7 -37.18 -46.70 -11.44
C PRO I 7 -35.93 -47.35 -10.88
N PRO I 8 -36.07 -48.30 -9.94
CA PRO I 8 -34.89 -48.85 -9.28
C PRO I 8 -34.02 -49.73 -10.17
N SER I 9 -34.58 -50.34 -11.21
CA SER I 9 -33.80 -51.23 -12.05
C SER I 9 -34.49 -51.43 -13.39
N VAL I 10 -33.70 -51.53 -14.45
CA VAL I 10 -34.18 -51.87 -15.78
C VAL I 10 -33.26 -52.95 -16.35
N SER I 11 -33.75 -53.62 -17.39
CA SER I 11 -32.99 -54.70 -18.00
C SER I 11 -33.33 -54.75 -19.49
N GLY I 12 -32.41 -55.34 -20.26
CA GLY I 12 -32.62 -55.46 -21.69
C GLY I 12 -31.63 -56.44 -22.28
N ALA I 13 -32.04 -57.04 -23.38
CA ALA I 13 -31.19 -57.98 -24.09
C ALA I 13 -30.15 -57.24 -24.92
N PRO I 14 -28.99 -57.84 -25.17
CA PRO I 14 -27.97 -57.17 -25.99
C PRO I 14 -28.50 -56.85 -27.38
N GLY I 15 -28.12 -55.68 -27.89
CA GLY I 15 -28.57 -55.22 -29.18
C GLY I 15 -29.93 -54.55 -29.17
N GLN I 16 -30.59 -54.48 -28.01
CA GLN I 16 -31.89 -53.84 -27.91
C GLN I 16 -31.73 -52.45 -27.29
N THR I 17 -32.80 -51.65 -27.32
CA THR I 17 -32.79 -50.31 -26.78
C THR I 17 -33.57 -50.27 -25.47
N VAL I 18 -33.09 -49.46 -24.53
CA VAL I 18 -33.70 -49.33 -23.21
C VAL I 18 -33.91 -47.84 -22.92
N THR I 19 -34.82 -47.57 -22.00
CA THR I 19 -35.15 -46.20 -21.60
C THR I 19 -35.13 -46.09 -20.09
N ILE I 20 -34.40 -45.09 -19.59
CA ILE I 20 -34.32 -44.81 -18.16
C ILE I 20 -34.98 -43.45 -17.93
N SER I 21 -35.97 -43.41 -17.05
CA SER I 21 -36.70 -42.18 -16.79
C SER I 21 -36.19 -41.49 -15.53
N CYS I 22 -36.51 -40.21 -15.41
CA CYS I 22 -36.16 -39.40 -14.25
C CYS I 22 -37.23 -38.34 -14.08
N THR I 23 -38.21 -38.61 -13.23
CA THR I 23 -39.38 -37.75 -13.07
C THR I 23 -39.14 -36.80 -11.90
N GLY I 24 -39.37 -35.51 -12.15
CA GLY I 24 -39.26 -34.51 -11.10
C GLY I 24 -40.56 -33.80 -10.87
N GLY I 25 -40.50 -32.57 -10.37
CA GLY I 25 -41.71 -31.82 -10.11
C GLY I 25 -41.72 -30.48 -10.81
N SER I 26 -42.57 -29.56 -10.34
CA SER I 26 -42.64 -28.23 -10.91
C SER I 26 -41.58 -27.29 -10.33
N SER I 27 -40.77 -27.76 -9.40
CA SER I 27 -39.73 -26.95 -8.78
C SER I 27 -38.33 -27.25 -9.30
N ASN I 28 -38.08 -28.45 -9.82
CA ASN I 28 -36.74 -28.80 -10.25
C ASN I 28 -36.66 -28.99 -11.76
N ILE I 29 -37.48 -29.88 -12.32
CA ILE I 29 -37.43 -30.11 -13.76
C ILE I 29 -38.48 -29.28 -14.48
N GLY I 30 -39.69 -29.21 -13.92
CA GLY I 30 -40.75 -28.42 -14.50
C GLY I 30 -40.52 -26.93 -14.46
N ALA I 31 -39.57 -26.47 -13.65
CA ALA I 31 -39.22 -25.05 -13.58
C ALA I 31 -38.27 -24.63 -14.70
N GLY I 32 -37.83 -25.55 -15.53
CA GLY I 32 -36.96 -25.24 -16.64
C GLY I 32 -35.48 -25.43 -16.39
N TYR I 33 -35.10 -26.05 -15.28
CA TYR I 33 -33.70 -26.28 -14.96
C TYR I 33 -33.13 -27.43 -15.78
N ASP I 34 -31.82 -27.48 -15.87
CA ASP I 34 -31.16 -28.44 -16.74
C ASP I 34 -31.01 -29.80 -16.07
N VAL I 35 -30.96 -30.84 -16.89
CA VAL I 35 -30.86 -32.22 -16.42
C VAL I 35 -29.56 -32.82 -16.94
N HIS I 36 -28.77 -33.42 -16.06
CA HIS I 36 -27.52 -34.05 -16.42
C HIS I 36 -27.54 -35.49 -15.94
N TRP I 37 -26.78 -36.36 -16.60
CA TRP I 37 -26.76 -37.78 -16.31
C TRP I 37 -25.35 -38.23 -16.00
N TYR I 38 -25.22 -39.20 -15.09
CA TYR I 38 -23.93 -39.76 -14.70
C TYR I 38 -23.97 -41.28 -14.81
N GLN I 39 -22.80 -41.86 -15.05
CA GLN I 39 -22.64 -43.31 -15.12
C GLN I 39 -21.56 -43.72 -14.14
N GLN I 40 -21.85 -44.72 -13.31
CA GLN I 40 -20.92 -45.20 -12.30
C GLN I 40 -20.74 -46.70 -12.48
N LEU I 41 -19.56 -47.11 -12.93
CA LEU I 41 -19.20 -48.51 -12.98
C LEU I 41 -19.01 -49.04 -11.55
N PRO I 42 -19.17 -50.35 -11.35
CA PRO I 42 -19.24 -50.88 -9.96
C PRO I 42 -18.07 -50.49 -9.07
N GLY I 43 -16.86 -50.43 -9.60
CA GLY I 43 -15.69 -50.17 -8.79
C GLY I 43 -15.00 -48.83 -8.95
N THR I 44 -15.65 -47.83 -9.55
CA THR I 44 -15.00 -46.55 -9.82
C THR I 44 -15.95 -45.42 -9.45
N ALA I 45 -15.43 -44.20 -9.57
CA ALA I 45 -16.20 -43.00 -9.29
C ALA I 45 -17.16 -42.69 -10.44
N PRO I 46 -18.19 -41.88 -10.20
CA PRO I 46 -19.10 -41.51 -11.29
C PRO I 46 -18.37 -40.76 -12.40
N LYS I 47 -18.86 -40.93 -13.62
CA LYS I 47 -18.33 -40.24 -14.78
C LYS I 47 -19.47 -39.56 -15.52
N LEU I 48 -19.23 -38.32 -15.96
CA LEU I 48 -20.25 -37.54 -16.65
C LEU I 48 -20.64 -38.21 -17.95
N LEU I 49 -21.94 -38.38 -18.16
CA LEU I 49 -22.47 -39.01 -19.37
C LEU I 49 -23.12 -38.01 -20.31
N ILE I 50 -24.09 -37.23 -19.81
CA ILE I 50 -24.81 -36.26 -20.61
C ILE I 50 -25.02 -35.00 -19.78
N TYR I 51 -24.80 -33.85 -20.41
CA TYR I 51 -25.09 -32.56 -19.81
C TYR I 51 -25.91 -31.72 -20.79
N GLY I 52 -26.64 -30.75 -20.26
CA GLY I 52 -27.47 -29.92 -21.11
C GLY I 52 -28.62 -30.66 -21.77
N ASN I 53 -28.97 -31.84 -21.23
CA ASN I 53 -30.10 -32.68 -21.63
C ASN I 53 -29.93 -33.31 -23.01
N ILE I 54 -28.95 -32.87 -23.80
CA ILE I 54 -28.68 -33.49 -25.10
C ILE I 54 -27.20 -33.69 -25.37
N ASN I 55 -26.31 -33.02 -24.65
CA ASN I 55 -24.90 -33.00 -25.01
C ASN I 55 -24.14 -34.13 -24.32
N ARG I 56 -23.08 -34.59 -24.97
CA ARG I 56 -22.24 -35.63 -24.39
C ARG I 56 -20.77 -35.27 -24.56
N PRO I 57 -19.92 -35.68 -23.62
CA PRO I 57 -18.49 -35.41 -23.75
C PRO I 57 -17.87 -36.24 -24.85
N SER I 58 -16.54 -36.11 -24.98
CA SER I 58 -15.82 -36.77 -26.06
C SER I 58 -15.85 -38.28 -25.92
N GLY I 59 -15.60 -38.79 -24.72
CA GLY I 59 -15.48 -40.24 -24.55
C GLY I 59 -16.80 -40.97 -24.71
N VAL I 60 -17.90 -40.28 -24.48
CA VAL I 60 -19.20 -40.95 -24.50
C VAL I 60 -19.58 -41.30 -25.93
N PRO I 61 -19.91 -42.55 -26.24
CA PRO I 61 -20.27 -42.91 -27.61
C PRO I 61 -21.65 -42.40 -27.99
N ASP I 62 -21.97 -42.58 -29.27
CA ASP I 62 -23.21 -42.05 -29.83
C ASP I 62 -24.42 -42.85 -29.36
N ARG I 63 -24.21 -44.01 -28.74
CA ARG I 63 -25.32 -44.85 -28.31
C ARG I 63 -26.18 -44.13 -27.27
N PHE I 64 -25.54 -43.43 -26.33
CA PHE I 64 -26.28 -42.74 -25.28
C PHE I 64 -26.86 -41.44 -25.82
N SER I 65 -28.14 -41.21 -25.52
CA SER I 65 -28.81 -39.98 -25.91
C SER I 65 -29.86 -39.64 -24.86
N GLY I 66 -30.18 -38.36 -24.77
CA GLY I 66 -31.12 -37.93 -23.74
C GLY I 66 -32.00 -36.81 -24.25
N SER I 67 -33.01 -36.49 -23.45
CA SER I 67 -33.94 -35.41 -23.77
C SER I 67 -34.71 -35.07 -22.49
N LYS I 68 -35.65 -34.13 -22.63
CA LYS I 68 -36.56 -33.80 -21.54
C LYS I 68 -37.81 -33.16 -22.11
N SER I 69 -38.89 -33.24 -21.34
CA SER I 69 -40.17 -32.67 -21.76
C SER I 69 -41.08 -32.60 -20.55
N GLY I 70 -41.71 -31.45 -20.35
CA GLY I 70 -42.60 -31.28 -19.21
C GLY I 70 -41.80 -31.37 -17.92
N THR I 71 -42.15 -32.35 -17.08
CA THR I 71 -41.46 -32.59 -15.82
C THR I 71 -40.64 -33.87 -15.84
N SER I 72 -40.43 -34.47 -17.01
CA SER I 72 -39.74 -35.74 -17.11
C SER I 72 -38.55 -35.63 -18.06
N ALA I 73 -37.47 -36.34 -17.70
CA ALA I 73 -36.29 -36.41 -18.53
C ALA I 73 -35.90 -37.88 -18.66
N SER I 74 -35.52 -38.27 -19.88
CA SER I 74 -35.28 -39.67 -20.17
C SER I 74 -33.92 -39.84 -20.82
N LEU I 75 -33.26 -40.96 -20.51
CA LEU I 75 -31.99 -41.34 -21.10
C LEU I 75 -32.20 -42.61 -21.90
N ALA I 76 -31.85 -42.57 -23.19
CA ALA I 76 -32.04 -43.70 -24.08
C ALA I 76 -30.70 -44.32 -24.42
N ILE I 77 -30.61 -45.64 -24.35
CA ILE I 77 -29.41 -46.40 -24.68
C ILE I 77 -29.77 -47.37 -25.80
N THR I 78 -28.99 -47.34 -26.88
CA THR I 78 -29.17 -48.24 -28.00
C THR I 78 -27.91 -49.08 -28.20
N GLY I 79 -28.09 -50.27 -28.76
CA GLY I 79 -26.96 -51.17 -28.93
C GLY I 79 -26.33 -51.59 -27.63
N LEU I 80 -27.14 -52.03 -26.67
CA LEU I 80 -26.67 -52.33 -25.33
C LEU I 80 -25.57 -53.38 -25.36
N GLN I 81 -24.53 -53.16 -24.56
CA GLN I 81 -23.37 -54.03 -24.50
C GLN I 81 -23.19 -54.59 -23.09
N ALA I 82 -22.19 -55.46 -22.95
CA ALA I 82 -21.90 -56.05 -21.64
C ALA I 82 -21.17 -55.06 -20.75
N GLU I 83 -20.58 -54.01 -21.31
CA GLU I 83 -19.89 -53.01 -20.51
C GLU I 83 -20.79 -51.87 -20.08
N ASP I 84 -22.10 -51.96 -20.34
CA ASP I 84 -23.04 -50.94 -19.92
C ASP I 84 -23.66 -51.22 -18.55
N GLU I 85 -23.25 -52.31 -17.89
CA GLU I 85 -23.75 -52.57 -16.54
C GLU I 85 -23.18 -51.55 -15.57
N ALA I 86 -24.04 -50.63 -15.12
CA ALA I 86 -23.63 -49.56 -14.24
C ALA I 86 -24.86 -48.93 -13.61
N ASP I 87 -24.61 -47.96 -12.73
CA ASP I 87 -25.66 -47.18 -12.11
C ASP I 87 -25.76 -45.84 -12.83
N TYR I 88 -26.97 -45.43 -13.17
CA TYR I 88 -27.20 -44.17 -13.87
C TYR I 88 -28.00 -43.22 -13.00
N TYR I 89 -27.44 -42.05 -12.75
CA TYR I 89 -28.04 -41.03 -11.90
C TYR I 89 -28.37 -39.80 -12.73
N CYS I 90 -29.53 -39.21 -12.46
CA CYS I 90 -29.89 -37.93 -13.04
C CYS I 90 -29.71 -36.83 -12.00
N GLN I 91 -29.28 -35.66 -12.45
CA GLN I 91 -29.00 -34.55 -11.55
C GLN I 91 -29.63 -33.28 -12.09
N SER I 92 -30.18 -32.49 -11.18
CA SER I 92 -30.79 -31.21 -11.52
C SER I 92 -30.60 -30.27 -10.33
N TYR I 93 -31.34 -29.17 -10.31
CA TYR I 93 -31.34 -28.25 -9.18
C TYR I 93 -32.77 -28.03 -8.73
N ASP I 94 -32.99 -28.06 -7.42
CA ASP I 94 -34.33 -27.92 -6.84
C ASP I 94 -34.43 -26.55 -6.20
N ARG I 95 -35.46 -25.80 -6.57
CA ARG I 95 -35.64 -24.44 -6.07
C ARG I 95 -35.98 -24.41 -4.59
N ARG I 96 -36.59 -25.47 -4.07
CA ARG I 96 -37.10 -25.50 -2.71
C ARG I 96 -36.03 -25.82 -1.67
N LEU I 97 -34.83 -26.18 -2.08
CA LEU I 97 -33.74 -26.52 -1.16
C LEU I 97 -32.65 -25.46 -1.26
N SER I 98 -31.61 -25.64 -0.44
CA SER I 98 -30.47 -24.70 -0.40
C SER I 98 -29.21 -25.47 -0.79
N GLY I 99 -29.33 -26.30 -1.82
CA GLY I 99 -28.20 -27.05 -2.32
C GLY I 99 -28.04 -26.86 -3.81
N SER I 100 -26.79 -26.95 -4.27
CA SER I 100 -26.52 -26.72 -5.69
C SER I 100 -27.05 -27.86 -6.55
N TRP I 101 -26.85 -29.10 -6.12
CA TRP I 101 -27.27 -30.27 -6.89
C TRP I 101 -28.28 -31.08 -6.10
N VAL I 102 -29.20 -31.72 -6.83
CA VAL I 102 -30.03 -32.79 -6.30
C VAL I 102 -29.91 -33.98 -7.23
N PHE I 103 -29.72 -35.16 -6.67
CA PHE I 103 -29.52 -36.38 -7.45
C PHE I 103 -30.79 -37.23 -7.42
N GLY I 104 -30.86 -38.16 -8.36
CA GLY I 104 -31.89 -39.18 -8.35
C GLY I 104 -31.47 -40.38 -7.51
N GLY I 105 -32.37 -41.35 -7.44
CA GLY I 105 -32.09 -42.54 -6.66
C GLY I 105 -31.03 -43.43 -7.29
N GLY I 106 -30.95 -43.42 -8.62
CA GLY I 106 -30.00 -44.27 -9.31
C GLY I 106 -30.63 -45.55 -9.80
N THR I 107 -30.44 -45.88 -11.08
CA THR I 107 -31.01 -47.05 -11.69
C THR I 107 -29.90 -48.03 -12.06
N LYS I 108 -30.04 -49.27 -11.62
CA LYS I 108 -29.10 -50.33 -11.98
C LYS I 108 -29.56 -51.02 -13.25
N LEU I 109 -28.74 -50.97 -14.28
CA LEU I 109 -29.04 -51.55 -15.57
C LEU I 109 -28.28 -52.86 -15.72
N THR I 110 -28.99 -53.94 -15.99
CA THR I 110 -28.39 -55.25 -16.20
C THR I 110 -28.69 -55.72 -17.63
N VAL I 111 -27.65 -56.16 -18.33
CA VAL I 111 -27.77 -56.67 -19.69
C VAL I 111 -27.81 -58.20 -19.62
N LEU I 112 -28.88 -58.78 -20.16
CA LEU I 112 -29.11 -60.22 -20.05
C LEU I 112 -28.20 -60.98 -21.00
N GLY I 113 -27.00 -61.29 -20.51
CA GLY I 113 -26.03 -62.05 -21.28
C GLY I 113 -26.42 -63.50 -21.46
N GLN J 1 3.05 3.46 -34.54
CA GLN J 1 2.35 2.29 -35.08
C GLN J 1 2.55 1.07 -34.20
N VAL J 2 1.54 0.20 -34.15
CA VAL J 2 1.62 -0.99 -33.31
C VAL J 2 2.25 -2.12 -34.11
N GLN J 3 3.30 -2.72 -33.56
CA GLN J 3 4.02 -3.79 -34.23
C GLN J 3 4.11 -4.99 -33.31
N LEU J 4 3.60 -6.14 -33.75
CA LEU J 4 3.70 -7.40 -33.03
C LEU J 4 4.44 -8.38 -33.93
N VAL J 5 5.59 -8.87 -33.47
CA VAL J 5 6.43 -9.77 -34.24
C VAL J 5 6.72 -11.00 -33.38
N GLU J 6 6.44 -12.18 -33.91
CA GLU J 6 6.66 -13.43 -33.18
C GLU J 6 7.85 -14.20 -33.76
N SER J 7 8.21 -15.28 -33.06
CA SER J 7 9.29 -16.15 -33.45
C SER J 7 9.14 -17.47 -32.71
N GLY J 8 10.17 -18.30 -32.80
CA GLY J 8 10.22 -19.55 -32.06
C GLY J 8 9.56 -20.73 -32.72
N GLY J 9 8.99 -20.57 -33.91
CA GLY J 9 8.36 -21.67 -34.60
C GLY J 9 9.38 -22.61 -35.21
N GLY J 10 8.86 -23.66 -35.83
CA GLY J 10 9.70 -24.65 -36.48
C GLY J 10 9.02 -26.00 -36.48
N VAL J 11 9.82 -27.05 -36.66
CA VAL J 11 9.34 -28.42 -36.75
C VAL J 11 9.78 -29.17 -35.50
N VAL J 12 8.85 -29.87 -34.87
CA VAL J 12 9.11 -30.56 -33.61
C VAL J 12 8.44 -31.93 -33.65
N PRO J 13 9.11 -33.00 -33.22
CA PRO J 13 8.45 -34.30 -33.14
C PRO J 13 7.44 -34.32 -32.01
N PRO J 14 6.39 -35.15 -32.12
CA PRO J 14 5.35 -35.15 -31.10
C PRO J 14 5.87 -35.67 -29.76
N GLY J 15 5.28 -35.15 -28.69
CA GLY J 15 5.57 -35.62 -27.35
C GLY J 15 6.52 -34.77 -26.54
N ARG J 16 7.06 -33.70 -27.11
CA ARG J 16 8.03 -32.85 -26.43
C ARG J 16 7.62 -31.39 -26.53
N SER J 17 8.49 -30.52 -26.04
CA SER J 17 8.13 -29.13 -25.78
C SER J 17 8.74 -28.18 -26.82
N LEU J 18 8.20 -26.95 -26.82
CA LEU J 18 8.66 -25.89 -27.71
C LEU J 18 8.12 -24.58 -27.16
N ARG J 19 8.84 -23.48 -27.37
CA ARG J 19 8.51 -22.19 -26.79
C ARG J 19 8.35 -21.15 -27.89
N LEU J 20 7.32 -20.33 -27.79
CA LEU J 20 7.07 -19.22 -28.71
C LEU J 20 7.23 -17.89 -28.00
N SER J 21 7.43 -16.83 -28.78
CA SER J 21 7.57 -15.48 -28.25
C SER J 21 6.96 -14.50 -29.24
N CYS J 22 6.54 -13.34 -28.72
CA CYS J 22 5.94 -12.28 -29.52
C CYS J 22 6.44 -10.95 -28.99
N ALA J 23 7.46 -10.40 -29.65
CA ALA J 23 8.05 -9.12 -29.26
C ALA J 23 7.20 -7.97 -29.77
N THR J 24 7.13 -6.91 -28.97
CA THR J 24 6.17 -5.83 -29.19
C THR J 24 6.89 -4.49 -29.25
N SER J 25 6.24 -3.54 -29.92
CA SER J 25 6.72 -2.16 -29.98
C SER J 25 5.58 -1.28 -30.46
N GLY J 26 5.63 -0.01 -30.06
CA GLY J 26 4.67 0.98 -30.51
C GLY J 26 3.52 1.25 -29.56
N PHE J 27 3.53 0.66 -28.38
CA PHE J 27 2.49 0.90 -27.38
C PHE J 27 3.02 0.46 -26.02
N THR J 28 2.33 0.89 -24.97
CA THR J 28 2.71 0.54 -23.61
C THR J 28 2.29 -0.91 -23.36
N PHE J 29 3.29 -1.79 -23.19
CA PHE J 29 3.00 -3.21 -23.11
C PHE J 29 2.28 -3.58 -21.83
N SER J 30 2.59 -2.88 -20.73
CA SER J 30 2.06 -3.28 -19.43
C SER J 30 0.64 -2.76 -19.18
N ASN J 31 0.06 -2.02 -20.11
CA ASN J 31 -1.31 -1.52 -19.97
C ASN J 31 -2.34 -2.42 -20.63
N TYR J 32 -1.92 -3.51 -21.28
CA TYR J 32 -2.81 -4.31 -22.10
C TYR J 32 -2.65 -5.78 -21.81
N GLY J 33 -3.74 -6.54 -21.97
CA GLY J 33 -3.66 -7.99 -22.01
C GLY J 33 -3.45 -8.50 -23.41
N MET J 34 -3.02 -9.75 -23.52
CA MET J 34 -2.67 -10.32 -24.81
C MET J 34 -3.35 -11.67 -24.99
N HIS J 35 -3.65 -12.00 -26.24
CA HIS J 35 -4.28 -13.26 -26.61
C HIS J 35 -3.32 -14.09 -27.45
N TRP J 36 -3.64 -15.37 -27.60
CA TRP J 36 -3.03 -16.25 -28.59
C TRP J 36 -4.12 -16.92 -29.40
N VAL J 37 -3.98 -16.90 -30.72
CA VAL J 37 -4.95 -17.48 -31.64
C VAL J 37 -4.19 -18.32 -32.65
N ARG J 38 -4.73 -19.48 -33.00
CA ARG J 38 -4.08 -20.38 -33.95
C ARG J 38 -5.06 -20.75 -35.06
N GLN J 39 -4.50 -21.16 -36.20
CA GLN J 39 -5.28 -21.53 -37.37
C GLN J 39 -4.65 -22.76 -38.02
N ALA J 40 -5.34 -23.89 -37.93
CA ALA J 40 -4.88 -25.09 -38.61
C ALA J 40 -4.98 -24.90 -40.12
N PRO J 41 -4.10 -25.53 -40.89
CA PRO J 41 -4.06 -25.28 -42.33
C PRO J 41 -5.38 -25.61 -43.01
N GLY J 42 -5.90 -24.65 -43.77
CA GLY J 42 -7.14 -24.81 -44.48
C GLY J 42 -8.39 -24.77 -43.63
N LYS J 43 -8.27 -24.39 -42.36
CA LYS J 43 -9.39 -24.35 -41.42
C LYS J 43 -9.60 -22.93 -40.94
N GLY J 44 -10.50 -22.78 -39.97
CA GLY J 44 -10.81 -21.50 -39.37
C GLY J 44 -9.91 -21.18 -38.19
N LEU J 45 -10.31 -20.15 -37.45
CA LEU J 45 -9.53 -19.66 -36.31
C LEU J 45 -9.98 -20.33 -35.02
N GLU J 46 -9.09 -20.33 -34.03
CA GLU J 46 -9.37 -20.93 -32.73
C GLU J 46 -8.67 -20.14 -31.64
N TRP J 47 -9.41 -19.78 -30.60
CA TRP J 47 -8.85 -19.06 -29.47
C TRP J 47 -8.10 -20.03 -28.56
N VAL J 48 -6.92 -19.62 -28.09
CA VAL J 48 -6.02 -20.48 -27.34
C VAL J 48 -5.89 -20.02 -25.89
N ALA J 49 -5.44 -18.78 -25.66
CA ALA J 49 -5.16 -18.33 -24.30
C ALA J 49 -5.23 -16.83 -24.21
N ILE J 50 -5.31 -16.34 -22.97
CA ILE J 50 -5.28 -14.91 -22.66
C ILE J 50 -4.52 -14.72 -21.35
N ILE J 51 -3.90 -13.56 -21.19
CA ILE J 51 -3.22 -13.19 -19.95
C ILE J 51 -3.61 -11.76 -19.60
N TRP J 52 -3.74 -11.49 -18.29
CA TRP J 52 -4.10 -10.15 -17.85
C TRP J 52 -2.92 -9.21 -17.99
N TYR J 53 -3.20 -7.91 -17.85
CA TYR J 53 -2.16 -6.90 -18.04
C TYR J 53 -1.06 -7.03 -16.99
N ASP J 54 -1.41 -7.47 -15.78
CA ASP J 54 -0.42 -7.72 -14.74
C ASP J 54 -0.01 -9.18 -14.63
N GLY J 55 -0.65 -10.07 -15.39
CA GLY J 55 -0.36 -11.49 -15.31
C GLY J 55 -1.02 -12.23 -14.18
N SER J 56 -2.04 -11.64 -13.54
CA SER J 56 -2.66 -12.29 -12.40
C SER J 56 -3.60 -13.43 -12.84
N ARG J 57 -4.29 -13.24 -13.97
CA ARG J 57 -5.26 -14.22 -14.45
C ARG J 57 -4.81 -14.76 -15.80
N ASN J 58 -4.91 -16.08 -15.96
CA ASN J 58 -4.69 -16.74 -17.23
C ASN J 58 -5.86 -17.66 -17.52
N PHE J 59 -6.33 -17.66 -18.76
CA PHE J 59 -7.39 -18.55 -19.19
C PHE J 59 -6.93 -19.30 -20.43
N TYR J 60 -7.23 -20.60 -20.47
CA TYR J 60 -6.82 -21.45 -21.58
C TYR J 60 -8.03 -22.13 -22.18
N ALA J 61 -7.90 -22.54 -23.44
CA ALA J 61 -8.93 -23.33 -24.07
C ALA J 61 -8.97 -24.72 -23.47
N ALA J 62 -10.11 -25.40 -23.63
CA ALA J 62 -10.26 -26.74 -23.07
C ALA J 62 -9.27 -27.72 -23.69
N SER J 63 -9.03 -27.60 -25.00
CA SER J 63 -8.17 -28.56 -25.68
C SER J 63 -6.70 -28.39 -25.34
N VAL J 64 -6.30 -27.22 -24.83
CA VAL J 64 -4.89 -26.95 -24.54
C VAL J 64 -4.62 -26.71 -23.06
N GLU J 65 -5.63 -26.79 -22.20
CA GLU J 65 -5.42 -26.55 -20.78
C GLU J 65 -4.60 -27.67 -20.16
N GLY J 66 -3.68 -27.31 -19.27
CA GLY J 66 -2.81 -28.26 -18.62
C GLY J 66 -1.52 -28.54 -19.35
N ARG J 67 -1.44 -28.18 -20.62
CA ARG J 67 -0.23 -28.40 -21.43
C ARG J 67 0.46 -27.11 -21.83
N PHE J 68 -0.30 -26.09 -22.20
CA PHE J 68 0.26 -24.81 -22.63
C PHE J 68 0.39 -23.87 -21.43
N THR J 69 1.33 -22.95 -21.52
CA THR J 69 1.56 -21.97 -20.47
C THR J 69 1.83 -20.61 -21.10
N ILE J 70 1.07 -19.60 -20.68
CA ILE J 70 1.22 -18.24 -21.19
C ILE J 70 1.82 -17.38 -20.08
N SER J 71 2.77 -16.53 -20.45
CA SER J 71 3.42 -15.65 -19.50
C SER J 71 3.91 -14.41 -20.23
N ARG J 72 4.14 -13.34 -19.47
CA ARG J 72 4.61 -12.08 -20.01
C ARG J 72 5.71 -11.54 -19.10
N ASP J 73 6.59 -10.73 -19.69
CA ASP J 73 7.63 -10.04 -18.94
C ASP J 73 7.59 -8.57 -19.35
N ASN J 74 7.14 -7.71 -18.44
CA ASN J 74 6.89 -6.31 -18.74
C ASN J 74 8.16 -5.50 -18.93
N SER J 75 9.33 -6.05 -18.62
CA SER J 75 10.60 -5.34 -18.78
C SER J 75 11.15 -5.41 -20.20
N LYS J 76 10.79 -6.44 -20.97
CA LYS J 76 11.29 -6.60 -22.33
C LYS J 76 10.17 -6.49 -23.37
N ASN J 77 8.95 -6.19 -22.95
CA ASN J 77 7.83 -6.01 -23.86
C ASN J 77 7.62 -7.24 -24.73
N THR J 78 7.70 -8.42 -24.12
CA THR J 78 7.60 -9.67 -24.84
C THR J 78 6.58 -10.60 -24.19
N LEU J 79 5.94 -11.42 -25.01
CA LEU J 79 4.93 -12.37 -24.58
C LEU J 79 5.36 -13.78 -24.95
N TYR J 80 5.17 -14.73 -24.05
CA TYR J 80 5.62 -16.10 -24.25
C TYR J 80 4.44 -17.06 -24.28
N LEU J 81 4.62 -18.16 -24.99
CA LEU J 81 3.69 -19.29 -24.99
C LEU J 81 4.50 -20.57 -24.92
N GLN J 82 4.54 -21.19 -23.74
CA GLN J 82 5.29 -22.41 -23.53
C GLN J 82 4.41 -23.61 -23.87
N MET J 83 4.81 -24.38 -24.87
CA MET J 83 4.05 -25.52 -25.34
C MET J 83 4.75 -26.79 -24.87
N ASN J 84 4.02 -27.64 -24.16
CA ASN J 84 4.56 -28.89 -23.63
C ASN J 84 3.75 -30.07 -24.11
N SER J 85 4.45 -31.15 -24.43
CA SER J 85 3.85 -32.39 -24.92
C SER J 85 2.94 -32.13 -26.11
N LEU J 86 3.54 -31.61 -27.18
CA LEU J 86 2.78 -31.26 -28.37
C LEU J 86 2.18 -32.50 -29.02
N ARG J 87 0.97 -32.35 -29.54
CA ARG J 87 0.29 -33.40 -30.28
C ARG J 87 0.26 -33.05 -31.77
N VAL J 88 -0.12 -34.03 -32.58
CA VAL J 88 -0.20 -33.81 -34.02
C VAL J 88 -1.27 -32.77 -34.33
N GLU J 89 -2.32 -32.70 -33.51
CA GLU J 89 -3.39 -31.73 -33.72
C GLU J 89 -2.96 -30.30 -33.41
N ASP J 90 -1.77 -30.09 -32.85
CA ASP J 90 -1.30 -28.77 -32.49
C ASP J 90 -0.57 -28.06 -33.63
N THR J 91 -0.51 -28.64 -34.81
CA THR J 91 0.14 -27.97 -35.93
C THR J 91 -0.78 -26.89 -36.50
N ALA J 92 -0.30 -25.66 -36.50
CA ALA J 92 -1.09 -24.51 -36.92
C ALA J 92 -0.19 -23.28 -36.96
N VAL J 93 -0.76 -22.17 -37.41
CA VAL J 93 -0.08 -20.88 -37.40
C VAL J 93 -0.60 -20.07 -36.22
N TYR J 94 0.32 -19.62 -35.37
CA TYR J 94 -0.04 -18.99 -34.10
C TYR J 94 0.16 -17.48 -34.17
N TYR J 95 -0.88 -16.74 -33.79
CA TYR J 95 -0.87 -15.28 -33.80
C TYR J 95 -0.96 -14.74 -32.37
N CYS J 96 -0.28 -13.63 -32.13
CA CYS J 96 -0.44 -12.87 -30.90
C CYS J 96 -1.23 -11.61 -31.20
N ALA J 97 -2.27 -11.38 -30.39
CA ALA J 97 -3.17 -10.25 -30.62
C ALA J 97 -3.23 -9.41 -29.36
N ARG J 98 -3.61 -8.14 -29.53
CA ARG J 98 -3.74 -7.23 -28.41
C ARG J 98 -5.21 -7.14 -28.00
N ALA J 99 -5.46 -7.21 -26.68
CA ALA J 99 -6.82 -7.30 -26.20
C ALA J 99 -7.51 -5.94 -26.19
N ALA J 100 -8.78 -5.94 -26.59
CA ALA J 100 -9.65 -4.79 -26.47
C ALA J 100 -11.02 -5.25 -25.98
N TYR J 101 -11.74 -4.34 -25.33
CA TYR J 101 -13.04 -4.64 -24.75
C TYR J 101 -14.02 -3.52 -25.10
N TYR J 102 -15.18 -3.88 -25.65
CA TYR J 102 -16.10 -2.83 -26.08
C TYR J 102 -17.25 -2.58 -25.12
N ASP J 103 -18.19 -3.52 -25.03
CA ASP J 103 -19.30 -3.36 -24.08
C ASP J 103 -19.43 -4.57 -23.17
N THR J 104 -19.60 -5.74 -23.78
CA THR J 104 -19.82 -7.00 -23.09
C THR J 104 -18.95 -8.12 -23.64
N SER J 105 -18.24 -7.88 -24.74
CA SER J 105 -17.38 -8.87 -25.34
C SER J 105 -16.09 -8.18 -25.75
N GLY J 106 -15.00 -8.96 -25.80
CA GLY J 106 -13.71 -8.44 -26.17
C GLY J 106 -13.40 -8.78 -27.61
N TYR J 107 -12.36 -8.13 -28.13
CA TYR J 107 -11.87 -8.38 -29.48
C TYR J 107 -10.38 -8.09 -29.52
N GLY J 108 -9.78 -8.35 -30.68
CA GLY J 108 -8.37 -8.05 -30.87
C GLY J 108 -8.16 -7.01 -31.95
N ASP J 109 -7.68 -5.83 -31.57
CA ASP J 109 -7.57 -4.74 -32.52
C ASP J 109 -6.30 -4.86 -33.38
N TYR J 110 -5.21 -5.33 -32.80
CA TYR J 110 -3.94 -5.43 -33.49
C TYR J 110 -3.42 -6.85 -33.42
N TRP J 111 -3.10 -7.42 -34.58
CA TRP J 111 -2.62 -8.80 -34.69
C TRP J 111 -1.15 -8.81 -35.10
N GLY J 112 -0.53 -9.97 -34.93
CA GLY J 112 0.84 -10.17 -35.32
C GLY J 112 0.97 -10.64 -36.76
N GLN J 113 2.15 -11.18 -37.07
CA GLN J 113 2.39 -11.65 -38.43
C GLN J 113 2.08 -13.12 -38.59
N GLY J 114 2.27 -13.91 -37.53
CA GLY J 114 2.02 -15.33 -37.59
C GLY J 114 3.31 -16.13 -37.67
N THR J 115 3.34 -17.23 -36.92
CA THR J 115 4.46 -18.16 -36.96
C THR J 115 3.91 -19.57 -37.10
N LEU J 116 4.66 -20.43 -37.79
CA LEU J 116 4.18 -21.76 -38.12
C LEU J 116 4.87 -22.78 -37.25
N VAL J 117 4.06 -23.62 -36.59
CA VAL J 117 4.55 -24.73 -35.77
C VAL J 117 4.01 -26.02 -36.36
N THR J 118 4.91 -26.93 -36.72
CA THR J 118 4.55 -28.21 -37.30
C THR J 118 4.94 -29.33 -36.36
N VAL J 119 3.99 -30.20 -36.06
CA VAL J 119 4.22 -31.38 -35.23
C VAL J 119 4.08 -32.60 -36.13
N SER J 120 5.20 -33.30 -36.37
CA SER J 120 5.20 -34.45 -37.25
C SER J 120 6.40 -35.31 -36.91
N SER J 121 6.37 -36.55 -37.41
CA SER J 121 7.45 -37.49 -37.18
C SER J 121 7.74 -38.31 -38.44
N SER K 2 -16.90 -24.76 -33.78
CA SER K 2 -17.49 -23.53 -34.30
C SER K 2 -18.94 -23.40 -33.85
N VAL K 3 -19.15 -22.69 -32.75
CA VAL K 3 -20.49 -22.50 -32.22
C VAL K 3 -21.33 -21.63 -33.14
N LEU K 4 -20.76 -20.55 -33.66
CA LEU K 4 -21.46 -19.67 -34.57
C LEU K 4 -21.43 -20.25 -35.98
N THR K 5 -22.58 -20.22 -36.65
CA THR K 5 -22.75 -20.87 -37.94
C THR K 5 -22.74 -19.83 -39.06
N GLN K 6 -21.88 -20.05 -40.05
CA GLN K 6 -21.77 -19.20 -41.23
C GLN K 6 -21.84 -20.06 -42.49
N PRO K 7 -22.31 -19.50 -43.60
CA PRO K 7 -22.24 -20.22 -44.86
C PRO K 7 -20.78 -20.40 -45.28
N PRO K 8 -20.41 -21.60 -45.74
CA PRO K 8 -19.00 -21.84 -46.08
C PRO K 8 -18.47 -20.95 -47.20
N SER K 9 -19.33 -20.52 -48.13
CA SER K 9 -18.88 -19.69 -49.23
C SER K 9 -20.04 -18.86 -49.74
N VAL K 10 -19.72 -17.65 -50.20
CA VAL K 10 -20.68 -16.78 -50.87
C VAL K 10 -19.97 -16.13 -52.06
N SER K 11 -20.76 -15.66 -53.01
CA SER K 11 -20.21 -15.13 -54.25
C SER K 11 -21.06 -13.95 -54.73
N GLY K 12 -20.48 -13.16 -55.62
CA GLY K 12 -21.20 -12.04 -56.19
C GLY K 12 -20.37 -11.39 -57.28
N ALA K 13 -21.06 -10.70 -58.18
CA ALA K 13 -20.39 -9.98 -59.25
C ALA K 13 -19.97 -8.59 -58.77
N PRO K 14 -18.90 -8.03 -59.33
CA PRO K 14 -18.45 -6.71 -58.88
C PRO K 14 -19.52 -5.65 -59.08
N GLY K 15 -19.61 -4.74 -58.12
CA GLY K 15 -20.57 -3.66 -58.16
C GLY K 15 -21.86 -3.89 -57.41
N GLN K 16 -22.20 -5.14 -57.11
CA GLN K 16 -23.43 -5.43 -56.40
C GLN K 16 -23.13 -5.73 -54.92
N THR K 17 -24.17 -6.07 -54.17
CA THR K 17 -24.09 -6.22 -52.72
C THR K 17 -24.31 -7.68 -52.33
N VAL K 18 -23.45 -8.19 -51.44
CA VAL K 18 -23.62 -9.51 -50.85
C VAL K 18 -23.64 -9.37 -49.34
N THR K 19 -24.26 -10.36 -48.69
CA THR K 19 -24.40 -10.38 -47.24
C THR K 19 -23.82 -11.67 -46.69
N ILE K 20 -23.12 -11.58 -45.57
CA ILE K 20 -22.57 -12.74 -44.88
C ILE K 20 -23.26 -12.82 -43.53
N SER K 21 -23.91 -13.94 -43.25
CA SER K 21 -24.65 -14.12 -42.01
C SER K 21 -23.87 -14.97 -41.03
N CYS K 22 -24.08 -14.69 -39.74
CA CYS K 22 -23.44 -15.43 -38.66
C CYS K 22 -24.51 -15.73 -37.62
N THR K 23 -25.08 -16.93 -37.67
CA THR K 23 -26.19 -17.32 -36.82
C THR K 23 -25.66 -17.94 -35.54
N GLY K 24 -26.10 -17.41 -34.40
CA GLY K 24 -25.66 -17.91 -33.12
C GLY K 24 -26.77 -18.54 -32.31
N GLY K 25 -26.66 -18.48 -30.99
CA GLY K 25 -27.68 -19.05 -30.13
C GLY K 25 -28.08 -18.12 -28.99
N SER K 26 -28.93 -18.62 -28.10
CA SER K 26 -29.37 -17.82 -26.96
C SER K 26 -28.29 -17.63 -25.91
N SER K 27 -27.17 -18.32 -26.02
CA SER K 27 -26.09 -18.21 -25.04
C SER K 27 -24.96 -17.28 -25.50
N ASN K 28 -24.85 -17.00 -26.79
CA ASN K 28 -23.76 -16.15 -27.28
C ASN K 28 -24.29 -14.84 -27.87
N ILE K 29 -25.18 -14.93 -28.86
CA ILE K 29 -25.65 -13.72 -29.51
C ILE K 29 -27.01 -13.32 -28.96
N GLY K 30 -27.86 -14.30 -28.66
CA GLY K 30 -29.13 -14.01 -28.03
C GLY K 30 -29.03 -13.62 -26.57
N ALA K 31 -27.86 -13.80 -25.96
CA ALA K 31 -27.61 -13.36 -24.60
C ALA K 31 -27.17 -11.90 -24.53
N GLY K 32 -27.06 -11.22 -25.67
CA GLY K 32 -26.72 -9.81 -25.70
C GLY K 32 -25.26 -9.48 -25.84
N TYR K 33 -24.40 -10.44 -26.20
CA TYR K 33 -22.99 -10.18 -26.36
C TYR K 33 -22.69 -9.63 -27.74
N ASP K 34 -21.59 -8.88 -27.83
CA ASP K 34 -21.26 -8.17 -29.06
C ASP K 34 -20.75 -9.12 -30.13
N VAL K 35 -20.87 -8.69 -31.38
CA VAL K 35 -20.40 -9.45 -32.53
C VAL K 35 -19.36 -8.61 -33.26
N HIS K 36 -18.18 -9.19 -33.48
CA HIS K 36 -17.09 -8.53 -34.17
C HIS K 36 -16.70 -9.34 -35.39
N TRP K 37 -16.27 -8.66 -36.46
CA TRP K 37 -15.95 -9.30 -37.73
C TRP K 37 -14.47 -9.09 -38.05
N TYR K 38 -13.90 -10.06 -38.75
CA TYR K 38 -12.50 -10.03 -39.14
C TYR K 38 -12.35 -10.32 -40.63
N GLN K 39 -11.26 -9.83 -41.21
CA GLN K 39 -10.92 -10.08 -42.61
C GLN K 39 -9.52 -10.66 -42.66
N GLN K 40 -9.34 -11.73 -43.43
CA GLN K 40 -8.05 -12.35 -43.62
C GLN K 40 -7.76 -12.50 -45.10
N LEU K 41 -6.79 -11.74 -45.59
CA LEU K 41 -6.32 -11.91 -46.96
C LEU K 41 -5.58 -13.23 -47.09
N PRO K 42 -5.51 -13.79 -48.30
CA PRO K 42 -5.00 -15.16 -48.45
C PRO K 42 -3.60 -15.40 -47.89
N GLY K 43 -2.74 -14.39 -47.88
CA GLY K 43 -1.38 -14.55 -47.39
C GLY K 43 -1.00 -13.76 -46.16
N THR K 44 -1.95 -13.15 -45.45
CA THR K 44 -1.63 -12.29 -44.32
C THR K 44 -2.43 -12.73 -43.10
N ALA K 45 -2.14 -12.09 -41.97
CA ALA K 45 -2.85 -12.37 -40.73
C ALA K 45 -4.23 -11.72 -40.74
N PRO K 46 -5.14 -12.15 -39.86
CA PRO K 46 -6.46 -11.51 -39.80
C PRO K 46 -6.36 -10.05 -39.42
N LYS K 47 -7.28 -9.25 -39.94
CA LYS K 47 -7.35 -7.82 -39.68
C LYS K 47 -8.76 -7.46 -39.21
N LEU K 48 -8.83 -6.67 -38.14
CA LEU K 48 -10.13 -6.27 -37.61
C LEU K 48 -10.90 -5.46 -38.63
N LEU K 49 -12.19 -5.77 -38.78
CA LEU K 49 -13.04 -5.12 -39.77
C LEU K 49 -14.19 -4.37 -39.14
N ILE K 50 -14.91 -4.98 -38.20
CA ILE K 50 -16.05 -4.38 -37.53
C ILE K 50 -16.06 -4.82 -36.08
N TYR K 51 -16.32 -3.87 -35.17
CA TYR K 51 -16.47 -4.15 -33.76
C TYR K 51 -17.70 -3.42 -33.23
N GLY K 52 -18.29 -3.96 -32.17
CA GLY K 52 -19.49 -3.37 -31.62
C GLY K 52 -20.71 -3.51 -32.50
N ASN K 53 -20.64 -4.40 -33.50
CA ASN K 53 -21.71 -4.76 -34.43
C ASN K 53 -22.04 -3.67 -35.43
N ILE K 54 -21.53 -2.46 -35.24
CA ILE K 54 -21.76 -1.37 -36.19
C ILE K 54 -20.50 -0.55 -36.50
N ASN K 55 -19.46 -0.64 -35.68
CA ASN K 55 -18.35 0.29 -35.79
C ASN K 55 -17.23 -0.30 -36.65
N ARG K 56 -16.50 0.57 -37.34
CA ARG K 56 -15.37 0.16 -38.15
C ARG K 56 -14.15 0.99 -37.82
N PRO K 57 -12.95 0.39 -37.88
CA PRO K 57 -11.72 1.16 -37.65
C PRO K 57 -11.46 2.15 -38.77
N SER K 58 -10.32 2.84 -38.64
CA SER K 58 -10.01 3.93 -39.57
C SER K 58 -9.79 3.41 -40.99
N GLY K 59 -9.04 2.32 -41.14
CA GLY K 59 -8.66 1.89 -42.48
C GLY K 59 -9.81 1.30 -43.26
N VAL K 60 -10.85 0.84 -42.58
CA VAL K 60 -11.96 0.16 -43.27
C VAL K 60 -12.79 1.19 -44.02
N PRO K 61 -13.09 0.99 -45.30
CA PRO K 61 -13.91 1.94 -46.04
C PRO K 61 -15.38 1.84 -45.65
N ASP K 62 -16.19 2.66 -46.33
CA ASP K 62 -17.62 2.74 -46.03
C ASP K 62 -18.37 1.54 -46.59
N ARG K 63 -17.76 0.77 -47.48
CA ARG K 63 -18.45 -0.35 -48.11
C ARG K 63 -18.87 -1.40 -47.08
N PHE K 64 -18.03 -1.63 -46.07
CA PHE K 64 -18.33 -2.65 -45.07
C PHE K 64 -19.23 -2.08 -43.98
N SER K 65 -20.32 -2.78 -43.69
CA SER K 65 -21.23 -2.39 -42.63
C SER K 65 -21.78 -3.64 -41.98
N GLY K 66 -22.18 -3.51 -40.72
CA GLY K 66 -22.66 -4.67 -39.97
C GLY K 66 -23.86 -4.30 -39.12
N SER K 67 -24.53 -5.34 -38.66
CA SER K 67 -25.72 -5.19 -37.80
C SER K 67 -25.98 -6.52 -37.11
N LYS K 68 -26.94 -6.49 -36.19
CA LYS K 68 -27.37 -7.68 -35.49
C LYS K 68 -28.83 -7.54 -35.08
N SER K 69 -29.48 -8.68 -34.86
CA SER K 69 -30.88 -8.70 -34.45
C SER K 69 -31.20 -10.06 -33.85
N GLY K 70 -31.52 -10.07 -32.56
CA GLY K 70 -31.86 -11.33 -31.91
C GLY K 70 -30.65 -12.23 -31.81
N THR K 71 -30.77 -13.43 -32.39
CA THR K 71 -29.72 -14.45 -32.33
C THR K 71 -28.85 -14.45 -33.58
N SER K 72 -29.00 -13.46 -34.46
CA SER K 72 -28.31 -13.45 -35.74
C SER K 72 -27.54 -12.15 -35.92
N ALA K 73 -26.55 -12.20 -36.82
CA ALA K 73 -25.78 -11.03 -37.21
C ALA K 73 -25.49 -11.14 -38.70
N SER K 74 -25.24 -10.00 -39.32
CA SER K 74 -25.02 -9.97 -40.75
C SER K 74 -23.96 -8.94 -41.10
N LEU K 75 -23.10 -9.28 -42.05
CA LEU K 75 -22.10 -8.38 -42.60
C LEU K 75 -22.46 -8.09 -44.05
N ALA K 76 -22.80 -6.83 -44.33
CA ALA K 76 -23.19 -6.42 -45.67
C ALA K 76 -22.05 -5.65 -46.32
N ILE K 77 -21.66 -6.08 -47.51
CA ILE K 77 -20.61 -5.41 -48.29
C ILE K 77 -21.27 -4.89 -49.56
N THR K 78 -21.19 -3.57 -49.76
CA THR K 78 -21.79 -2.92 -50.90
C THR K 78 -20.71 -2.44 -51.87
N GLY K 79 -20.99 -2.57 -53.15
CA GLY K 79 -20.00 -2.24 -54.16
C GLY K 79 -18.82 -3.18 -54.17
N LEU K 80 -19.04 -4.43 -54.60
CA LEU K 80 -17.98 -5.44 -54.59
C LEU K 80 -16.79 -4.99 -55.42
N GLN K 81 -15.59 -5.27 -54.90
CA GLN K 81 -14.34 -4.98 -55.58
C GLN K 81 -13.49 -6.24 -55.66
N ALA K 82 -12.40 -6.15 -56.40
CA ALA K 82 -11.52 -7.30 -56.57
C ALA K 82 -10.78 -7.65 -55.29
N GLU K 83 -10.45 -6.66 -54.47
CA GLU K 83 -9.67 -6.89 -53.26
C GLU K 83 -10.47 -7.51 -52.13
N ASP K 84 -11.77 -7.72 -52.30
CA ASP K 84 -12.59 -8.30 -51.25
C ASP K 84 -12.49 -9.82 -51.20
N GLU K 85 -11.67 -10.43 -52.05
CA GLU K 85 -11.46 -11.87 -52.00
C GLU K 85 -10.73 -12.23 -50.71
N ALA K 86 -11.46 -12.75 -49.73
CA ALA K 86 -10.88 -13.05 -48.43
C ALA K 86 -11.87 -13.88 -47.61
N ASP K 87 -11.40 -14.31 -46.44
CA ASP K 87 -12.23 -15.02 -45.48
C ASP K 87 -12.76 -14.03 -44.45
N TYR K 88 -14.05 -14.15 -44.13
CA TYR K 88 -14.68 -13.28 -43.13
C TYR K 88 -15.15 -14.13 -41.95
N TYR K 89 -14.68 -13.79 -40.75
CA TYR K 89 -15.02 -14.51 -39.54
C TYR K 89 -15.80 -13.60 -38.60
N CYS K 90 -16.81 -14.16 -37.95
CA CYS K 90 -17.51 -13.48 -36.87
C CYS K 90 -16.98 -13.99 -35.53
N GLN K 91 -17.03 -13.13 -34.51
CA GLN K 91 -16.49 -13.47 -33.21
C GLN K 91 -17.38 -12.89 -32.13
N SER K 92 -17.62 -13.69 -31.10
CA SER K 92 -18.47 -13.32 -29.98
C SER K 92 -17.96 -14.03 -28.73
N TYR K 93 -18.78 -14.06 -27.68
CA TYR K 93 -18.46 -14.77 -26.46
C TYR K 93 -19.56 -15.76 -26.16
N ASP K 94 -19.19 -16.96 -25.75
CA ASP K 94 -20.16 -18.01 -25.41
C ASP K 94 -20.17 -18.18 -23.90
N ARG K 95 -21.38 -18.11 -23.32
CA ARG K 95 -21.52 -18.20 -21.87
C ARG K 95 -21.20 -19.61 -21.36
N ARG K 96 -21.46 -20.62 -22.18
CA ARG K 96 -21.34 -22.02 -21.75
C ARG K 96 -19.91 -22.52 -21.71
N LEU K 97 -18.96 -21.80 -22.31
CA LEU K 97 -17.57 -22.24 -22.36
C LEU K 97 -16.72 -21.38 -21.43
N SER K 98 -15.43 -21.70 -21.33
CA SER K 98 -14.49 -21.00 -20.47
C SER K 98 -13.44 -20.33 -21.35
N GLY K 99 -13.88 -19.75 -22.46
CA GLY K 99 -12.98 -19.06 -23.36
C GLY K 99 -13.44 -17.64 -23.59
N SER K 100 -12.47 -16.76 -23.81
CA SER K 100 -12.79 -15.35 -24.01
C SER K 100 -13.51 -15.11 -25.33
N TRP K 101 -13.05 -15.74 -26.41
CA TRP K 101 -13.65 -15.57 -27.72
C TRP K 101 -14.10 -16.91 -28.28
N VAL K 102 -15.14 -16.87 -29.11
CA VAL K 102 -15.52 -17.99 -29.95
C VAL K 102 -15.72 -17.48 -31.38
N PHE K 103 -15.21 -18.22 -32.36
CA PHE K 103 -15.22 -17.80 -33.74
C PHE K 103 -16.28 -18.56 -34.53
N GLY K 104 -16.58 -18.06 -35.72
CA GLY K 104 -17.43 -18.76 -36.66
C GLY K 104 -16.62 -19.65 -37.59
N GLY K 105 -17.35 -20.33 -38.48
CA GLY K 105 -16.69 -21.23 -39.41
C GLY K 105 -15.79 -20.53 -40.40
N GLY K 106 -16.22 -19.38 -40.92
CA GLY K 106 -15.45 -18.67 -41.92
C GLY K 106 -16.06 -18.78 -43.29
N THR K 107 -16.25 -17.64 -43.97
CA THR K 107 -16.89 -17.59 -45.27
C THR K 107 -15.91 -17.05 -46.30
N LYS K 108 -15.78 -17.77 -47.41
CA LYS K 108 -14.96 -17.32 -48.54
C LYS K 108 -15.80 -16.53 -49.51
N LEU K 109 -15.47 -15.24 -49.66
CA LEU K 109 -16.18 -14.36 -50.57
C LEU K 109 -15.42 -14.32 -51.89
N THR K 110 -16.08 -14.77 -52.96
CA THR K 110 -15.49 -14.84 -54.29
C THR K 110 -16.20 -13.86 -55.21
N VAL K 111 -15.43 -13.07 -55.94
CA VAL K 111 -15.96 -12.11 -56.91
C VAL K 111 -15.91 -12.76 -58.29
N LEU K 112 -16.96 -12.53 -59.08
CA LEU K 112 -17.08 -13.14 -60.41
C LEU K 112 -16.54 -12.18 -61.46
N GLY K 113 -15.21 -12.04 -61.47
CA GLY K 113 -14.55 -11.17 -62.41
C GLY K 113 -14.62 -11.67 -63.85
N GLN L 1 -0.83 29.70 -3.34
CA GLN L 1 -1.55 29.60 -4.60
C GLN L 1 -0.88 28.60 -5.54
N VAL L 2 -1.68 27.94 -6.36
CA VAL L 2 -1.15 26.93 -7.27
C VAL L 2 -0.74 27.60 -8.57
N GLN L 3 0.52 27.40 -8.97
CA GLN L 3 1.06 28.04 -10.16
C GLN L 3 1.67 26.99 -11.06
N LEU L 4 1.21 26.94 -12.31
CA LEU L 4 1.76 26.05 -13.34
C LEU L 4 2.19 26.91 -14.51
N VAL L 5 3.48 26.88 -14.83
CA VAL L 5 4.05 27.68 -15.90
C VAL L 5 4.69 26.74 -16.91
N GLU L 6 4.36 26.91 -18.19
CA GLU L 6 4.79 26.01 -19.24
C GLU L 6 5.74 26.71 -20.20
N SER L 7 6.59 25.91 -20.84
CA SER L 7 7.53 26.40 -21.83
C SER L 7 7.94 25.24 -22.73
N GLY L 8 8.78 25.54 -23.71
CA GLY L 8 9.27 24.55 -24.64
C GLY L 8 8.61 24.52 -25.99
N GLY L 9 7.69 25.44 -26.28
CA GLY L 9 7.03 25.48 -27.55
C GLY L 9 7.91 26.07 -28.63
N GLY L 10 7.30 26.33 -29.77
CA GLY L 10 7.99 26.94 -30.89
C GLY L 10 7.51 26.34 -32.19
N VAL L 11 8.37 26.44 -33.21
CA VAL L 11 8.08 25.96 -34.56
C VAL L 11 9.04 24.81 -34.86
N VAL L 12 8.50 23.72 -35.37
CA VAL L 12 9.30 22.52 -35.65
C VAL L 12 8.82 21.90 -36.97
N PRO L 13 9.73 21.52 -37.87
CA PRO L 13 9.29 20.86 -39.08
C PRO L 13 8.75 19.46 -38.79
N PRO L 14 7.82 18.96 -39.60
CA PRO L 14 7.26 17.63 -39.35
C PRO L 14 8.31 16.55 -39.49
N GLY L 15 8.19 15.51 -38.67
CA GLY L 15 9.07 14.36 -38.74
C GLY L 15 10.10 14.27 -37.64
N ARG L 16 10.30 15.33 -36.85
CA ARG L 16 11.30 15.33 -35.80
C ARG L 16 10.68 15.73 -34.47
N SER L 17 11.51 15.78 -33.44
CA SER L 17 11.05 15.78 -32.06
C SER L 17 10.95 17.19 -31.47
N LEU L 18 10.36 17.26 -30.28
CA LEU L 18 10.22 18.48 -29.51
C LEU L 18 9.87 18.07 -28.08
N ARG L 19 10.32 18.87 -27.10
CA ARG L 19 10.09 18.58 -25.70
C ARG L 19 9.45 19.79 -25.03
N LEU L 20 8.36 19.55 -24.30
CA LEU L 20 7.68 20.58 -23.52
C LEU L 20 7.98 20.40 -22.04
N SER L 21 7.61 21.41 -21.25
CA SER L 21 7.81 21.38 -19.82
C SER L 21 6.74 22.22 -19.14
N CYS L 22 6.50 21.92 -17.86
CA CYS L 22 5.49 22.60 -17.05
C CYS L 22 6.00 22.66 -15.62
N ALA L 23 6.60 23.81 -15.25
CA ALA L 23 7.15 24.00 -13.91
C ALA L 23 6.03 24.39 -12.95
N THR L 24 6.12 23.87 -11.72
CA THR L 24 5.05 24.00 -10.76
C THR L 24 5.55 24.70 -9.50
N SER L 25 4.61 25.30 -8.77
CA SER L 25 4.91 25.91 -7.49
C SER L 25 3.62 26.13 -6.73
N GLY L 26 3.72 26.12 -5.40
CA GLY L 26 2.59 26.37 -4.54
C GLY L 26 1.87 25.15 -4.01
N PHE L 27 2.37 23.95 -4.30
CA PHE L 27 1.78 22.72 -3.77
C PHE L 27 2.83 21.63 -3.79
N THR L 28 2.54 20.55 -3.08
CA THR L 28 3.43 19.39 -3.05
C THR L 28 3.31 18.64 -4.37
N PHE L 29 4.36 18.70 -5.19
CA PHE L 29 4.30 18.12 -6.52
C PHE L 29 4.21 16.60 -6.46
N SER L 30 4.92 15.98 -5.53
CA SER L 30 5.01 14.52 -5.50
C SER L 30 3.74 13.84 -4.98
N ASN L 31 2.71 14.60 -4.63
CA ASN L 31 1.46 14.04 -4.13
C ASN L 31 0.38 13.93 -5.19
N TYR L 32 0.59 14.45 -6.39
CA TYR L 32 -0.47 14.59 -7.37
C TYR L 32 -0.06 14.01 -8.72
N GLY L 33 -1.03 13.46 -9.44
CA GLY L 33 -0.85 13.14 -10.84
C GLY L 33 -1.13 14.35 -11.71
N MET L 34 -0.67 14.26 -12.96
CA MET L 34 -0.77 15.40 -13.87
C MET L 34 -1.31 14.93 -15.21
N HIS L 35 -1.85 15.88 -15.97
CA HIS L 35 -2.44 15.62 -17.28
C HIS L 35 -1.82 16.54 -18.32
N TRP L 36 -1.92 16.13 -19.58
CA TRP L 36 -1.67 17.00 -20.73
C TRP L 36 -2.93 17.04 -21.58
N VAL L 37 -3.34 18.25 -21.96
CA VAL L 37 -4.53 18.47 -22.77
C VAL L 37 -4.16 19.46 -23.86
N ARG L 38 -4.67 19.24 -25.07
CA ARG L 38 -4.37 20.11 -26.20
C ARG L 38 -5.65 20.57 -26.87
N GLN L 39 -5.55 21.69 -27.58
CA GLN L 39 -6.68 22.30 -28.26
C GLN L 39 -6.23 22.80 -29.63
N ALA L 40 -6.71 22.14 -30.69
CA ALA L 40 -6.41 22.61 -32.03
C ALA L 40 -7.10 23.96 -32.28
N PRO L 41 -6.49 24.82 -33.09
CA PRO L 41 -7.06 26.16 -33.31
C PRO L 41 -8.48 26.08 -33.86
N GLY L 42 -9.41 26.69 -33.11
CA GLY L 42 -10.80 26.69 -33.49
C GLY L 42 -11.58 25.45 -33.13
N LYS L 43 -10.94 24.47 -32.48
CA LYS L 43 -11.58 23.21 -32.14
C LYS L 43 -11.75 23.10 -30.63
N GLY L 44 -12.24 21.94 -30.19
CA GLY L 44 -12.43 21.67 -28.79
C GLY L 44 -11.21 21.05 -28.14
N LEU L 45 -11.36 20.73 -26.86
CA LEU L 45 -10.27 20.17 -26.08
C LEU L 45 -10.13 18.68 -26.34
N GLU L 46 -8.92 18.17 -26.20
CA GLU L 46 -8.60 16.77 -26.42
C GLU L 46 -7.61 16.29 -25.37
N TRP L 47 -7.98 15.24 -24.65
CA TRP L 47 -7.09 14.67 -23.65
C TRP L 47 -5.94 13.95 -24.33
N VAL L 48 -4.75 14.03 -23.74
CA VAL L 48 -3.52 13.51 -24.35
C VAL L 48 -2.89 12.42 -23.49
N ALA L 49 -2.55 12.73 -22.24
CA ALA L 49 -1.82 11.76 -21.43
C ALA L 49 -2.01 12.07 -19.94
N ILE L 50 -1.75 11.05 -19.12
CA ILE L 50 -1.73 11.17 -17.67
C ILE L 50 -0.51 10.43 -17.15
N ILE L 51 -0.01 10.84 -15.99
CA ILE L 51 1.05 10.15 -15.29
C ILE L 51 0.69 10.08 -13.82
N TRP L 52 0.98 8.95 -13.18
CA TRP L 52 0.69 8.78 -11.76
C TRP L 52 1.63 9.63 -10.91
N TYR L 53 1.32 9.72 -9.62
CA TYR L 53 2.10 10.58 -8.72
C TYR L 53 3.51 10.04 -8.55
N ASP L 54 3.69 8.73 -8.57
CA ASP L 54 5.02 8.14 -8.45
C ASP L 54 5.65 7.81 -9.79
N GLY L 55 4.94 8.04 -10.90
CA GLY L 55 5.46 7.74 -12.22
C GLY L 55 5.38 6.29 -12.62
N SER L 56 4.64 5.45 -11.88
CA SER L 56 4.58 4.04 -12.20
C SER L 56 3.70 3.77 -13.42
N ARG L 57 2.56 4.46 -13.51
CA ARG L 57 1.57 4.19 -14.54
C ARG L 57 1.47 5.38 -15.48
N ASN L 58 1.49 5.12 -16.79
CA ASN L 58 1.31 6.13 -17.81
C ASN L 58 0.19 5.68 -18.74
N PHE L 59 -0.67 6.62 -19.15
CA PHE L 59 -1.72 6.34 -20.11
C PHE L 59 -1.69 7.42 -21.19
N TYR L 60 -1.91 7.01 -22.43
CA TYR L 60 -1.85 7.91 -23.58
C TYR L 60 -3.11 7.78 -24.41
N ALA L 61 -3.41 8.84 -25.15
CA ALA L 61 -4.51 8.78 -26.11
C ALA L 61 -4.12 7.90 -27.29
N ALA L 62 -5.15 7.41 -28.00
CA ALA L 62 -4.90 6.49 -29.11
C ALA L 62 -4.13 7.16 -30.23
N SER L 63 -4.34 8.46 -30.44
CA SER L 63 -3.71 9.13 -31.57
C SER L 63 -2.27 9.54 -31.30
N VAL L 64 -1.82 9.49 -30.04
CA VAL L 64 -0.46 9.89 -29.70
C VAL L 64 0.35 8.75 -29.08
N GLU L 65 -0.24 7.58 -28.87
CA GLU L 65 0.48 6.49 -28.23
C GLU L 65 1.61 5.99 -29.14
N GLY L 66 2.74 5.64 -28.52
CA GLY L 66 3.90 5.19 -29.24
C GLY L 66 4.84 6.29 -29.67
N ARG L 67 4.37 7.53 -29.71
CA ARG L 67 5.16 8.68 -30.12
C ARG L 67 5.45 9.66 -29.00
N PHE L 68 4.45 10.00 -28.18
CA PHE L 68 4.63 10.92 -27.07
C PHE L 68 5.04 10.16 -25.81
N THR L 69 5.81 10.82 -24.97
CA THR L 69 6.28 10.26 -23.72
C THR L 69 6.08 11.29 -22.61
N ILE L 70 5.47 10.87 -21.50
CA ILE L 70 5.24 11.74 -20.35
C ILE L 70 6.11 11.27 -19.20
N SER L 71 6.71 12.22 -18.49
CA SER L 71 7.57 11.91 -17.37
C SER L 71 7.58 13.10 -16.41
N ARG L 72 8.12 12.88 -15.22
CA ARG L 72 8.17 13.90 -14.19
C ARG L 72 9.46 13.77 -13.40
N ASP L 73 9.89 14.88 -12.81
CA ASP L 73 11.08 14.93 -11.96
C ASP L 73 10.67 15.54 -10.64
N ASN L 74 10.45 14.69 -9.63
CA ASN L 74 9.92 15.14 -8.35
C ASN L 74 10.89 16.03 -7.58
N SER L 75 12.19 16.00 -7.88
CA SER L 75 13.16 16.84 -7.21
C SER L 75 13.25 18.24 -7.79
N LYS L 76 12.63 18.49 -8.94
CA LYS L 76 12.61 19.80 -9.56
C LYS L 76 11.20 20.33 -9.79
N ASN L 77 10.18 19.57 -9.39
CA ASN L 77 8.77 19.97 -9.54
C ASN L 77 8.43 20.31 -10.99
N THR L 78 8.91 19.47 -11.91
CA THR L 78 8.75 19.72 -13.33
C THR L 78 8.08 18.53 -14.01
N LEU L 79 7.16 18.82 -14.91
CA LEU L 79 6.48 17.82 -15.73
C LEU L 79 6.90 17.97 -17.18
N TYR L 80 7.27 16.85 -17.81
CA TYR L 80 7.80 16.86 -19.17
C TYR L 80 6.85 16.16 -20.13
N LEU L 81 7.00 16.48 -21.41
CA LEU L 81 6.29 15.80 -22.48
C LEU L 81 7.24 15.71 -23.67
N GLN L 82 7.71 14.51 -23.96
CA GLN L 82 8.66 14.29 -25.06
C GLN L 82 7.86 13.88 -26.30
N MET L 83 7.83 14.77 -27.29
CA MET L 83 7.00 14.61 -28.47
C MET L 83 7.88 14.22 -29.65
N ASN L 84 7.67 13.02 -30.19
CA ASN L 84 8.50 12.49 -31.25
C ASN L 84 7.70 12.26 -32.52
N SER L 85 8.39 12.32 -33.66
CA SER L 85 7.81 12.10 -34.97
C SER L 85 6.58 12.98 -35.19
N LEU L 86 6.79 14.29 -35.02
CA LEU L 86 5.68 15.23 -35.05
C LEU L 86 5.05 15.30 -36.44
N ARG L 87 3.73 15.44 -36.46
CA ARG L 87 2.96 15.54 -37.69
C ARG L 87 2.24 16.88 -37.75
N VAL L 88 1.58 17.13 -38.89
CA VAL L 88 0.88 18.40 -39.06
C VAL L 88 -0.31 18.51 -38.12
N GLU L 89 -1.02 17.41 -37.89
CA GLU L 89 -2.21 17.45 -37.05
C GLU L 89 -1.89 17.64 -35.57
N ASP L 90 -0.62 17.59 -35.18
CA ASP L 90 -0.20 17.84 -33.81
C ASP L 90 -0.01 19.33 -33.51
N THR L 91 -0.55 20.21 -34.35
CA THR L 91 -0.47 21.64 -34.10
C THR L 91 -1.62 22.08 -33.20
N ALA L 92 -1.29 22.48 -31.97
CA ALA L 92 -2.31 22.83 -31.00
C ALA L 92 -1.63 23.52 -29.82
N VAL L 93 -2.47 24.08 -28.93
CA VAL L 93 -2.00 24.66 -27.68
C VAL L 93 -2.10 23.61 -26.59
N TYR L 94 -0.99 23.36 -25.90
CA TYR L 94 -0.90 22.30 -24.92
C TYR L 94 -0.96 22.86 -23.51
N TYR L 95 -1.76 22.23 -22.66
CA TYR L 95 -1.92 22.63 -21.27
C TYR L 95 -1.49 21.50 -20.35
N CYS L 96 -0.97 21.86 -19.18
CA CYS L 96 -0.75 20.92 -18.11
C CYS L 96 -1.78 21.16 -17.01
N ALA L 97 -2.42 20.09 -16.55
CA ALA L 97 -3.49 20.19 -15.56
C ALA L 97 -3.17 19.27 -14.40
N ARG L 98 -3.63 19.68 -13.21
CA ARG L 98 -3.42 18.90 -12.01
C ARG L 98 -4.59 17.94 -11.81
N ALA L 99 -4.28 16.66 -11.57
CA ALA L 99 -5.31 15.65 -11.50
C ALA L 99 -6.09 15.73 -10.19
N ALA L 100 -7.39 15.53 -10.28
CA ALA L 100 -8.26 15.39 -9.13
C ALA L 100 -9.28 14.29 -9.41
N TYR L 101 -9.74 13.63 -8.35
CA TYR L 101 -10.67 12.52 -8.47
C TYR L 101 -11.82 12.73 -7.49
N TYR L 102 -13.06 12.65 -8.00
CA TYR L 102 -14.17 12.97 -7.12
C TYR L 102 -14.90 11.75 -6.57
N ASP L 103 -15.63 11.03 -7.41
CA ASP L 103 -16.32 9.83 -6.93
C ASP L 103 -15.98 8.62 -7.80
N THR L 104 -16.23 8.75 -9.10
CA THR L 104 -16.02 7.69 -10.07
C THR L 104 -15.35 8.21 -11.33
N SER L 105 -15.00 9.49 -11.39
CA SER L 105 -14.36 10.08 -12.55
C SER L 105 -13.44 11.19 -12.07
N GLY L 106 -12.49 11.56 -12.93
CA GLY L 106 -11.51 12.55 -12.57
C GLY L 106 -11.72 13.85 -13.33
N TYR L 107 -11.10 14.90 -12.81
CA TYR L 107 -11.16 16.22 -13.42
C TYR L 107 -9.85 16.94 -13.15
N GLY L 108 -9.74 18.17 -13.65
CA GLY L 108 -8.57 18.98 -13.39
C GLY L 108 -8.92 20.30 -12.74
N ASP L 109 -8.53 20.47 -11.47
CA ASP L 109 -8.90 21.68 -10.74
C ASP L 109 -8.06 22.88 -11.19
N TYR L 110 -6.76 22.69 -11.38
CA TYR L 110 -5.85 23.77 -11.71
C TYR L 110 -5.19 23.51 -13.05
N TRP L 111 -5.18 24.52 -13.91
CA TRP L 111 -4.63 24.42 -15.25
C TRP L 111 -3.46 25.36 -15.42
N GLY L 112 -2.67 25.10 -16.48
CA GLY L 112 -1.55 25.95 -16.82
C GLY L 112 -1.97 27.12 -17.70
N GLN L 113 -0.97 27.81 -18.24
CA GLN L 113 -1.26 28.92 -19.14
C GLN L 113 -1.35 28.47 -20.58
N GLY L 114 -0.61 27.43 -20.95
CA GLY L 114 -0.65 26.90 -22.29
C GLY L 114 0.52 27.39 -23.13
N THR L 115 0.99 26.51 -24.01
CA THR L 115 2.06 26.83 -24.94
C THR L 115 1.69 26.33 -26.32
N LEU L 116 2.05 27.10 -27.34
CA LEU L 116 1.63 26.82 -28.70
C LEU L 116 2.73 26.07 -29.44
N VAL L 117 2.36 24.94 -30.05
CA VAL L 117 3.26 24.13 -30.86
C VAL L 117 2.72 24.13 -32.28
N THR L 118 3.52 24.61 -33.23
CA THR L 118 3.14 24.66 -34.63
C THR L 118 4.06 23.74 -35.43
N VAL L 119 3.46 22.82 -36.17
CA VAL L 119 4.17 21.92 -37.06
C VAL L 119 3.85 22.35 -38.49
N SER L 120 4.86 22.77 -39.23
CA SER L 120 4.65 23.33 -40.56
C SER L 120 5.93 23.15 -41.36
N SER L 121 5.79 23.32 -42.68
CA SER L 121 6.92 23.20 -43.59
C SER L 121 7.03 24.42 -44.50
N SER M 2 -15.24 13.25 -29.91
CA SER M 2 -16.30 13.84 -29.09
C SER M 2 -17.43 12.84 -28.89
N VAL M 3 -17.30 11.98 -27.87
CA VAL M 3 -18.34 11.00 -27.60
C VAL M 3 -19.54 11.66 -26.92
N LEU M 4 -19.36 12.87 -26.38
CA LEU M 4 -20.45 13.64 -25.81
C LEU M 4 -20.88 14.73 -26.78
N THR M 5 -22.18 14.91 -26.91
CA THR M 5 -22.75 15.83 -27.89
C THR M 5 -23.28 17.08 -27.20
N GLN M 6 -22.89 18.24 -27.71
CA GLN M 6 -23.36 19.53 -27.22
C GLN M 6 -23.87 20.36 -28.38
N PRO M 7 -24.86 21.23 -28.14
CA PRO M 7 -25.26 22.16 -29.18
C PRO M 7 -24.13 23.10 -29.53
N PRO M 8 -23.95 23.44 -30.81
CA PRO M 8 -22.82 24.28 -31.19
C PRO M 8 -22.88 25.70 -30.65
N SER M 9 -24.07 26.22 -30.32
CA SER M 9 -24.16 27.59 -29.83
C SER M 9 -25.48 27.78 -29.09
N VAL M 10 -25.45 28.65 -28.08
CA VAL M 10 -26.62 29.04 -27.32
C VAL M 10 -26.49 30.54 -27.01
N SER M 11 -27.60 31.26 -27.17
CA SER M 11 -27.57 32.71 -27.03
C SER M 11 -28.76 33.16 -26.20
N GLY M 12 -28.63 34.35 -25.64
CA GLY M 12 -29.69 34.93 -24.83
C GLY M 12 -29.31 36.32 -24.36
N ALA M 13 -30.34 37.15 -24.21
CA ALA M 13 -30.15 38.51 -23.72
C ALA M 13 -29.83 38.50 -22.23
N PRO M 14 -29.17 39.53 -21.73
CA PRO M 14 -28.85 39.57 -20.29
C PRO M 14 -30.11 39.53 -19.44
N GLY M 15 -30.01 38.82 -18.31
CA GLY M 15 -31.07 38.81 -17.33
C GLY M 15 -31.86 37.52 -17.20
N GLN M 16 -31.87 36.67 -18.22
CA GLN M 16 -32.65 35.44 -18.12
C GLN M 16 -31.73 34.23 -18.02
N THR M 17 -32.34 33.04 -18.02
CA THR M 17 -31.65 31.79 -17.78
C THR M 17 -31.56 30.99 -19.07
N VAL M 18 -30.37 30.43 -19.34
CA VAL M 18 -30.16 29.54 -20.48
C VAL M 18 -29.62 28.21 -19.96
N THR M 19 -29.77 27.18 -20.78
CA THR M 19 -29.33 25.83 -20.43
C THR M 19 -28.43 25.29 -21.53
N ILE M 20 -27.32 24.69 -21.13
CA ILE M 20 -26.40 24.01 -22.04
C ILE M 20 -26.49 22.52 -21.75
N SER M 21 -26.87 21.74 -22.75
CA SER M 21 -27.03 20.30 -22.58
C SER M 21 -25.81 19.55 -23.09
N CYS M 22 -25.52 18.44 -22.43
CA CYS M 22 -24.41 17.56 -22.81
C CYS M 22 -24.90 16.12 -22.72
N THR M 23 -25.45 15.61 -23.82
CA THR M 23 -26.02 14.27 -23.85
C THR M 23 -24.91 13.26 -24.04
N GLY M 24 -25.08 12.08 -23.44
CA GLY M 24 -24.10 11.02 -23.55
C GLY M 24 -24.72 9.70 -23.93
N GLY M 25 -24.12 8.61 -23.49
CA GLY M 25 -24.63 7.29 -23.79
C GLY M 25 -24.61 6.36 -22.60
N SER M 26 -24.83 5.07 -22.86
CA SER M 26 -24.84 4.07 -21.80
C SER M 26 -23.45 3.75 -21.27
N SER M 27 -22.39 4.26 -21.91
CA SER M 27 -21.03 3.93 -21.52
C SER M 27 -20.36 5.03 -20.71
N ASN M 28 -20.76 6.28 -20.85
CA ASN M 28 -20.08 7.37 -20.14
C ASN M 28 -20.96 8.02 -19.09
N ILE M 29 -22.13 8.53 -19.49
CA ILE M 29 -23.00 9.21 -18.53
C ILE M 29 -24.03 8.24 -17.97
N GLY M 30 -24.53 7.34 -18.81
CA GLY M 30 -25.46 6.32 -18.36
C GLY M 30 -24.83 5.18 -17.60
N ALA M 31 -23.49 5.15 -17.52
CA ALA M 31 -22.78 4.14 -16.75
C ALA M 31 -22.47 4.59 -15.33
N GLY M 32 -22.93 5.78 -14.93
CA GLY M 32 -22.73 6.26 -13.59
C GLY M 32 -21.49 7.06 -13.33
N TYR M 33 -20.83 7.57 -14.37
CA TYR M 33 -19.63 8.36 -14.20
C TYR M 33 -19.98 9.84 -14.08
N ASP M 34 -19.17 10.56 -13.29
CA ASP M 34 -19.45 11.95 -12.98
C ASP M 34 -19.24 12.83 -14.20
N VAL M 35 -19.92 13.98 -14.20
CA VAL M 35 -19.83 14.95 -15.29
C VAL M 35 -19.31 16.26 -14.71
N HIS M 36 -18.28 16.82 -15.34
CA HIS M 36 -17.66 18.07 -14.89
C HIS M 36 -17.78 19.09 -16.02
N TRP M 37 -17.70 20.36 -15.67
CA TRP M 37 -17.87 21.45 -16.63
C TRP M 37 -16.69 22.40 -16.54
N TYR M 38 -16.29 22.95 -17.68
CA TYR M 38 -15.20 23.91 -17.78
C TYR M 38 -15.66 25.13 -18.55
N GLN M 39 -15.02 26.26 -18.27
CA GLN M 39 -15.29 27.52 -18.95
C GLN M 39 -13.97 28.05 -19.49
N GLN M 40 -13.97 28.48 -20.74
CA GLN M 40 -12.78 29.03 -21.39
C GLN M 40 -13.11 30.39 -21.98
N LEU M 41 -12.58 31.44 -21.37
CA LEU M 41 -12.71 32.77 -21.92
C LEU M 41 -11.91 32.87 -23.22
N PRO M 42 -12.24 33.83 -24.10
CA PRO M 42 -11.68 33.80 -25.46
C PRO M 42 -10.15 33.70 -25.54
N GLY M 43 -9.43 34.35 -24.63
CA GLY M 43 -7.98 34.35 -24.69
C GLY M 43 -7.24 33.70 -23.55
N THR M 44 -7.85 32.77 -22.83
CA THR M 44 -7.23 32.20 -21.63
C THR M 44 -7.41 30.70 -21.62
N ALA M 45 -6.82 30.06 -20.60
CA ALA M 45 -6.92 28.62 -20.43
C ALA M 45 -8.26 28.25 -19.80
N PRO M 46 -8.67 26.98 -19.88
CA PRO M 46 -9.92 26.57 -19.24
C PRO M 46 -9.85 26.72 -17.73
N LYS M 47 -11.00 27.01 -17.13
CA LYS M 47 -11.14 27.14 -15.69
C LYS M 47 -12.26 26.23 -15.20
N LEU M 48 -11.98 25.46 -14.16
CA LEU M 48 -12.98 24.54 -13.62
C LEU M 48 -14.22 25.31 -13.16
N LEU M 49 -15.39 24.81 -13.54
CA LEU M 49 -16.66 25.47 -13.23
C LEU M 49 -17.52 24.65 -12.28
N ILE M 50 -17.79 23.40 -12.62
CA ILE M 50 -18.61 22.51 -11.80
C ILE M 50 -18.00 21.12 -11.82
N TYR M 51 -17.94 20.48 -10.65
CA TYR M 51 -17.48 19.11 -10.52
C TYR M 51 -18.47 18.33 -9.67
N GLY M 52 -18.53 17.02 -9.90
CA GLY M 52 -19.47 16.19 -9.17
C GLY M 52 -20.92 16.41 -9.57
N ASN M 53 -21.14 17.10 -10.70
CA ASN M 53 -22.44 17.37 -11.31
C ASN M 53 -23.26 18.40 -10.53
N ILE M 54 -22.86 18.75 -9.31
CA ILE M 54 -23.58 19.76 -8.54
C ILE M 54 -22.67 20.77 -7.86
N ASN M 55 -21.39 20.46 -7.66
CA ASN M 55 -20.53 21.29 -6.82
C ASN M 55 -19.80 22.33 -7.65
N ARG M 56 -19.46 23.44 -7.00
CA ARG M 56 -18.67 24.47 -7.65
C ARG M 56 -17.52 24.90 -6.75
N PRO M 57 -16.40 25.32 -7.33
CA PRO M 57 -15.28 25.82 -6.52
C PRO M 57 -15.61 27.16 -5.89
N SER M 58 -14.62 27.70 -5.18
CA SER M 58 -14.82 28.94 -4.43
C SER M 58 -15.07 30.13 -5.35
N GLY M 59 -14.28 30.25 -6.43
CA GLY M 59 -14.35 31.45 -7.25
C GLY M 59 -15.63 31.53 -8.07
N VAL M 60 -16.25 30.40 -8.34
CA VAL M 60 -17.46 30.40 -9.18
C VAL M 60 -18.63 30.96 -8.40
N PRO M 61 -19.39 31.90 -8.95
CA PRO M 61 -20.55 32.44 -8.23
C PRO M 61 -21.71 31.45 -8.18
N ASP M 62 -22.83 31.94 -7.62
CA ASP M 62 -24.00 31.09 -7.43
C ASP M 62 -24.87 31.02 -8.68
N ARG M 63 -24.57 31.83 -9.70
CA ARG M 63 -25.38 31.82 -10.91
C ARG M 63 -25.32 30.47 -11.61
N PHE M 64 -24.15 29.84 -11.64
CA PHE M 64 -23.98 28.58 -12.35
C PHE M 64 -24.41 27.41 -11.49
N SER M 65 -25.19 26.51 -12.07
CA SER M 65 -25.59 25.28 -11.41
C SER M 65 -25.71 24.18 -12.45
N GLY M 66 -25.57 22.93 -12.00
CA GLY M 66 -25.61 21.82 -12.92
C GLY M 66 -26.36 20.65 -12.34
N SER M 67 -26.78 19.75 -13.23
CA SER M 67 -27.50 18.55 -12.84
C SER M 67 -27.40 17.55 -13.98
N LYS M 68 -27.65 16.28 -13.64
CA LYS M 68 -27.67 15.22 -14.64
C LYS M 68 -28.80 14.25 -14.31
N SER M 69 -29.32 13.59 -15.34
CA SER M 69 -30.39 12.62 -15.19
C SER M 69 -30.32 11.63 -16.34
N GLY M 70 -30.20 10.35 -15.99
CA GLY M 70 -30.11 9.33 -17.03
C GLY M 70 -28.79 9.46 -17.78
N THR M 71 -28.88 9.58 -19.10
CA THR M 71 -27.71 9.68 -19.96
C THR M 71 -27.43 11.11 -20.41
N SER M 72 -28.06 12.10 -19.77
CA SER M 72 -27.93 13.49 -20.17
C SER M 72 -27.52 14.34 -18.97
N ALA M 73 -26.86 15.46 -19.26
CA ALA M 73 -26.47 16.43 -18.25
C ALA M 73 -26.79 17.81 -18.76
N SER M 74 -26.96 18.75 -17.83
CA SER M 74 -27.34 20.11 -18.20
C SER M 74 -26.62 21.11 -17.32
N LEU M 75 -26.40 22.30 -17.87
CA LEU M 75 -25.80 23.41 -17.15
C LEU M 75 -26.75 24.59 -17.21
N ALA M 76 -27.17 25.08 -16.05
CA ALA M 76 -28.12 26.19 -15.97
C ALA M 76 -27.38 27.46 -15.56
N ILE M 77 -27.53 28.51 -16.36
CA ILE M 77 -26.91 29.80 -16.10
C ILE M 77 -28.02 30.83 -15.93
N THR M 78 -28.23 31.28 -14.71
CA THR M 78 -29.30 32.22 -14.40
C THR M 78 -28.74 33.63 -14.30
N GLY M 79 -29.49 34.57 -14.88
CA GLY M 79 -29.07 35.97 -14.86
C GLY M 79 -27.84 36.24 -15.70
N LEU M 80 -27.95 36.15 -17.01
CA LEU M 80 -26.81 36.34 -17.90
C LEU M 80 -26.17 37.71 -17.70
N GLN M 81 -24.85 37.72 -17.68
CA GLN M 81 -24.06 38.95 -17.64
C GLN M 81 -23.20 39.06 -18.88
N ALA M 82 -22.58 40.23 -19.04
CA ALA M 82 -21.72 40.45 -20.20
C ALA M 82 -20.44 39.62 -20.12
N GLU M 83 -20.08 39.14 -18.92
CA GLU M 83 -18.84 38.40 -18.75
C GLU M 83 -19.01 36.90 -18.86
N ASP M 84 -20.21 36.41 -19.22
CA ASP M 84 -20.43 34.98 -19.37
C ASP M 84 -20.18 34.48 -20.78
N GLU M 85 -19.72 35.34 -21.69
CA GLU M 85 -19.45 34.92 -23.05
C GLU M 85 -18.18 34.06 -23.09
N ALA M 86 -18.34 32.77 -23.33
CA ALA M 86 -17.21 31.85 -23.36
C ALA M 86 -17.68 30.53 -23.95
N ASP M 87 -16.74 29.58 -24.03
CA ASP M 87 -17.04 28.22 -24.46
C ASP M 87 -17.16 27.34 -23.22
N TYR M 88 -18.15 26.46 -23.21
CA TYR M 88 -18.40 25.59 -22.07
C TYR M 88 -18.27 24.13 -22.51
N TYR M 89 -17.41 23.38 -21.82
CA TYR M 89 -17.11 22.00 -22.15
C TYR M 89 -17.55 21.09 -21.02
N CYS M 90 -18.15 19.96 -21.38
CA CYS M 90 -18.46 18.91 -20.43
C CYS M 90 -17.42 17.80 -20.55
N GLN M 91 -17.10 17.18 -19.42
CA GLN M 91 -16.08 16.14 -19.38
C GLN M 91 -16.59 14.97 -18.56
N SER M 92 -16.29 13.76 -19.02
CA SER M 92 -16.68 12.54 -18.33
C SER M 92 -15.62 11.49 -18.63
N TYR M 93 -15.94 10.23 -18.34
CA TYR M 93 -15.08 9.10 -18.67
C TYR M 93 -15.88 8.10 -19.48
N ASP M 94 -15.33 7.65 -20.61
CA ASP M 94 -15.98 6.70 -21.49
C ASP M 94 -15.35 5.34 -21.29
N ARG M 95 -16.19 4.33 -21.02
CA ARG M 95 -15.70 2.99 -20.72
C ARG M 95 -15.13 2.30 -21.95
N ARG M 96 -15.55 2.71 -23.14
CA ARG M 96 -15.17 2.05 -24.38
C ARG M 96 -13.80 2.47 -24.90
N LEU M 97 -13.15 3.43 -24.28
CA LEU M 97 -11.85 3.92 -24.71
C LEU M 97 -10.81 3.65 -23.63
N SER M 98 -9.57 4.07 -23.89
CA SER M 98 -8.45 3.89 -22.98
C SER M 98 -7.92 5.26 -22.59
N GLY M 99 -8.83 6.18 -22.29
CA GLY M 99 -8.46 7.53 -21.92
C GLY M 99 -9.12 7.93 -20.63
N SER M 100 -8.41 8.73 -19.84
CA SER M 100 -8.93 9.17 -18.55
C SER M 100 -10.13 10.08 -18.72
N TRP M 101 -10.07 11.03 -19.66
CA TRP M 101 -11.13 12.00 -19.87
C TRP M 101 -11.66 11.92 -21.29
N VAL M 102 -12.93 12.27 -21.45
CA VAL M 102 -13.52 12.53 -22.76
C VAL M 102 -14.24 13.87 -22.69
N PHE M 103 -14.05 14.71 -23.69
CA PHE M 103 -14.63 16.04 -23.72
C PHE M 103 -15.79 16.10 -24.70
N GLY M 104 -16.67 17.07 -24.49
CA GLY M 104 -17.75 17.34 -25.42
C GLY M 104 -17.30 18.25 -26.55
N GLY M 105 -18.25 18.53 -27.45
CA GLY M 105 -17.96 19.40 -28.57
C GLY M 105 -17.65 20.82 -28.17
N GLY M 106 -18.36 21.33 -27.15
CA GLY M 106 -18.19 22.70 -26.73
C GLY M 106 -19.29 23.59 -27.24
N THR M 107 -19.90 24.37 -26.35
CA THR M 107 -21.00 25.27 -26.70
C THR M 107 -20.55 26.70 -26.45
N LYS M 108 -20.63 27.53 -27.49
CA LYS M 108 -20.27 28.94 -27.38
C LYS M 108 -21.49 29.74 -26.96
N LEU M 109 -21.38 30.47 -25.86
CA LEU M 109 -22.47 31.26 -25.31
C LEU M 109 -22.30 32.71 -25.75
N THR M 110 -23.30 33.25 -26.42
CA THR M 110 -23.29 34.62 -26.89
C THR M 110 -24.39 35.40 -26.17
N VAL M 111 -23.99 36.48 -25.51
CA VAL M 111 -24.93 37.31 -24.74
C VAL M 111 -25.39 38.45 -25.65
N LEU M 112 -26.70 38.50 -25.91
CA LEU M 112 -27.27 39.48 -26.83
C LEU M 112 -27.36 40.84 -26.15
N GLY M 113 -26.23 41.54 -26.15
CA GLY M 113 -26.15 42.86 -25.56
C GLY M 113 -26.88 43.92 -26.35
N GLN N 1 26.18 -25.05 19.68
CA GLN N 1 24.83 -24.97 20.23
C GLN N 1 24.53 -23.55 20.72
N VAL N 2 23.28 -23.13 20.54
CA VAL N 2 22.88 -21.79 20.95
C VAL N 2 22.56 -21.79 22.44
N GLN N 3 23.17 -20.86 23.18
CA GLN N 3 23.08 -20.84 24.63
C GLN N 3 22.89 -19.40 25.10
N LEU N 4 21.68 -19.09 25.54
CA LEU N 4 21.32 -17.75 26.03
C LEU N 4 21.13 -17.85 27.54
N VAL N 5 21.88 -17.06 28.29
CA VAL N 5 21.85 -17.08 29.75
C VAL N 5 21.44 -15.69 30.24
N GLU N 6 20.46 -15.65 31.14
CA GLU N 6 19.96 -14.40 31.70
C GLU N 6 20.47 -14.20 33.12
N SER N 7 20.47 -12.95 33.56
CA SER N 7 20.81 -12.61 34.94
C SER N 7 20.23 -11.24 35.26
N GLY N 8 20.51 -10.77 36.46
CA GLY N 8 20.10 -9.43 36.87
C GLY N 8 18.78 -9.34 37.60
N GLY N 9 18.05 -10.44 37.75
CA GLY N 9 16.80 -10.43 38.46
C GLY N 9 17.01 -10.38 39.97
N GLY N 10 15.91 -10.27 40.69
CA GLY N 10 15.93 -10.22 42.13
C GLY N 10 14.71 -9.51 42.66
N VAL N 11 14.77 -9.13 43.93
CA VAL N 11 13.66 -8.50 44.65
C VAL N 11 13.97 -7.02 44.78
N VAL N 12 13.04 -6.18 44.32
CA VAL N 12 13.21 -4.73 44.38
C VAL N 12 11.89 -4.10 44.83
N PRO N 13 11.93 -3.06 45.66
CA PRO N 13 10.70 -2.33 45.99
C PRO N 13 10.23 -1.51 44.81
N PRO N 14 8.93 -1.22 44.72
CA PRO N 14 8.44 -0.44 43.58
C PRO N 14 8.99 0.97 43.59
N GLY N 15 9.12 1.56 42.39
CA GLY N 15 9.50 2.95 42.23
C GLY N 15 10.92 3.18 41.76
N ARG N 16 11.77 2.16 41.75
CA ARG N 16 13.15 2.32 41.32
C ARG N 16 13.51 1.28 40.25
N SER N 17 14.78 1.29 39.88
CA SER N 17 15.21 0.65 38.64
C SER N 17 15.78 -0.76 38.86
N LEU N 18 15.95 -1.47 37.75
CA LEU N 18 16.56 -2.79 37.71
C LEU N 18 17.00 -3.07 36.29
N ARG N 19 18.21 -3.60 36.13
CA ARG N 19 18.82 -3.80 34.83
C ARG N 19 19.17 -5.27 34.64
N LEU N 20 18.55 -5.90 33.65
CA LEU N 20 18.80 -7.30 33.32
C LEU N 20 19.80 -7.40 32.19
N SER N 21 20.32 -8.62 31.99
CA SER N 21 21.25 -8.89 30.91
C SER N 21 21.08 -10.34 30.46
N CYS N 22 21.29 -10.56 29.16
CA CYS N 22 21.16 -11.88 28.56
C CYS N 22 22.41 -12.14 27.74
N ALA N 23 23.39 -12.82 28.34
CA ALA N 23 24.64 -13.15 27.68
C ALA N 23 24.44 -14.36 26.77
N THR N 24 25.02 -14.31 25.58
CA THR N 24 24.78 -15.31 24.54
C THR N 24 26.09 -15.92 24.08
N SER N 25 25.99 -17.13 23.54
CA SER N 25 27.13 -17.82 22.96
C SER N 25 26.61 -18.86 21.99
N GLY N 26 27.48 -19.27 21.06
CA GLY N 26 27.18 -20.31 20.11
C GLY N 26 26.64 -19.84 18.77
N PHE N 27 26.61 -18.54 18.51
CA PHE N 27 26.14 -18.02 17.25
C PHE N 27 26.67 -16.61 17.08
N THR N 28 26.55 -16.09 15.86
CA THR N 28 26.99 -14.73 15.55
C THR N 28 25.94 -13.76 16.08
N PHE N 29 26.30 -13.04 17.15
CA PHE N 29 25.31 -12.20 17.84
C PHE N 29 24.86 -11.03 16.97
N SER N 30 25.77 -10.44 16.20
CA SER N 30 25.48 -9.20 15.51
C SER N 30 24.62 -9.38 14.26
N ASN N 31 24.31 -10.61 13.87
CA ASN N 31 23.47 -10.85 12.69
C ASN N 31 21.99 -10.94 13.01
N TYR N 32 21.61 -10.92 14.29
CA TYR N 32 20.24 -11.22 14.68
C TYR N 32 19.69 -10.15 15.61
N GLY N 33 18.39 -9.91 15.50
CA GLY N 33 17.68 -9.14 16.51
C GLY N 33 17.28 -10.01 17.68
N MET N 34 16.89 -9.35 18.77
CA MET N 34 16.53 -10.06 20.00
C MET N 34 15.22 -9.52 20.55
N HIS N 35 14.51 -10.37 21.28
CA HIS N 35 13.25 -10.03 21.89
C HIS N 35 13.36 -10.16 23.41
N TRP N 36 12.43 -9.51 24.11
CA TRP N 36 12.16 -9.78 25.51
C TRP N 36 10.70 -10.19 25.65
N VAL N 37 10.47 -11.27 26.36
CA VAL N 37 9.12 -11.78 26.62
C VAL N 37 9.00 -12.06 28.11
N ARG N 38 7.89 -11.65 28.71
CA ARG N 38 7.67 -11.86 30.13
C ARG N 38 6.40 -12.67 30.34
N GLN N 39 6.41 -13.47 31.41
CA GLN N 39 5.27 -14.31 31.78
C GLN N 39 4.96 -14.09 33.25
N ALA N 40 3.79 -13.53 33.52
CA ALA N 40 3.36 -13.33 34.89
C ALA N 40 3.06 -14.68 35.54
N PRO N 41 3.33 -14.81 36.84
CA PRO N 41 3.10 -16.10 37.52
C PRO N 41 1.65 -16.53 37.43
N GLY N 42 1.41 -17.65 36.75
CA GLY N 42 0.07 -18.15 36.54
C GLY N 42 -0.66 -17.57 35.35
N LYS N 43 0.03 -16.82 34.48
CA LYS N 43 -0.59 -16.20 33.32
C LYS N 43 0.10 -16.67 32.04
N GLY N 44 -0.30 -16.07 30.93
CA GLY N 44 0.27 -16.39 29.63
C GLY N 44 1.52 -15.60 29.33
N LEU N 45 1.89 -15.60 28.06
CA LEU N 45 3.10 -14.91 27.60
C LEU N 45 2.76 -13.53 27.07
N GLU N 46 3.69 -12.59 27.23
CA GLU N 46 3.51 -11.21 26.83
C GLU N 46 4.77 -10.67 26.20
N TRP N 47 4.68 -10.20 24.96
CA TRP N 47 5.81 -9.63 24.26
C TRP N 47 6.14 -8.26 24.85
N VAL N 48 7.41 -7.99 25.07
CA VAL N 48 7.87 -6.78 25.74
C VAL N 48 8.56 -5.82 24.78
N ALA N 49 9.65 -6.26 24.15
CA ALA N 49 10.44 -5.34 23.33
C ALA N 49 11.19 -6.11 22.26
N ILE N 50 11.65 -5.38 21.25
CA ILE N 50 12.52 -5.90 20.19
C ILE N 50 13.59 -4.87 19.89
N ILE N 51 14.75 -5.34 19.41
CA ILE N 51 15.83 -4.46 18.98
C ILE N 51 16.41 -5.03 17.69
N TRP N 52 16.75 -4.16 16.75
CA TRP N 52 17.31 -4.60 15.49
C TRP N 52 18.73 -5.10 15.68
N TYR N 53 19.27 -5.72 14.61
CA TYR N 53 20.62 -6.27 14.69
C TYR N 53 21.67 -5.18 14.84
N ASP N 54 21.41 -4.00 14.26
CA ASP N 54 22.34 -2.89 14.36
C ASP N 54 21.96 -1.90 15.46
N GLY N 55 20.82 -2.09 16.12
CA GLY N 55 20.36 -1.16 17.12
C GLY N 55 19.65 0.06 16.59
N SER N 56 19.33 0.10 15.30
CA SER N 56 18.75 1.30 14.72
C SER N 56 17.28 1.47 15.12
N ARG N 57 16.53 0.38 15.21
CA ARG N 57 15.11 0.43 15.53
C ARG N 57 14.85 -0.23 16.87
N ASN N 58 13.88 0.29 17.60
CA ASN N 58 13.43 -0.27 18.86
C ASN N 58 11.91 -0.20 18.89
N PHE N 59 11.26 -1.26 19.36
CA PHE N 59 9.82 -1.28 19.54
C PHE N 59 9.50 -1.81 20.93
N TYR N 60 8.45 -1.24 21.54
CA TYR N 60 8.07 -1.59 22.90
C TYR N 60 6.58 -1.84 22.98
N ALA N 61 6.17 -2.65 23.95
CA ALA N 61 4.76 -2.83 24.22
C ALA N 61 4.16 -1.55 24.78
N ALA N 62 2.86 -1.38 24.57
CA ALA N 62 2.19 -0.15 25.01
C ALA N 62 2.26 0.03 26.51
N SER N 63 2.33 -1.07 27.27
CA SER N 63 2.31 -0.98 28.72
C SER N 63 3.69 -0.70 29.32
N VAL N 64 4.75 -0.80 28.52
CA VAL N 64 6.11 -0.62 29.02
C VAL N 64 6.86 0.50 28.33
N GLU N 65 6.32 1.09 27.26
CA GLU N 65 7.03 2.14 26.55
C GLU N 65 7.16 3.38 27.42
N GLY N 66 8.33 4.01 27.37
CA GLY N 66 8.64 5.15 28.20
C GLY N 66 9.32 4.82 29.50
N ARG N 67 9.20 3.58 29.97
CA ARG N 67 9.84 3.11 31.19
C ARG N 67 10.96 2.13 30.94
N PHE N 68 10.78 1.22 29.98
CA PHE N 68 11.78 0.21 29.67
C PHE N 68 12.69 0.70 28.53
N THR N 69 13.92 0.24 28.55
CA THR N 69 14.91 0.57 27.53
C THR N 69 15.71 -0.68 27.17
N ILE N 70 15.75 -1.01 25.90
CA ILE N 70 16.46 -2.19 25.40
C ILE N 70 17.69 -1.73 24.63
N SER N 71 18.81 -2.41 24.86
CA SER N 71 20.06 -2.07 24.21
C SER N 71 20.92 -3.31 24.11
N ARG N 72 21.92 -3.26 23.23
CA ARG N 72 22.79 -4.39 22.99
C ARG N 72 24.24 -3.91 22.89
N ASP N 73 25.16 -4.85 23.11
CA ASP N 73 26.59 -4.60 22.93
C ASP N 73 27.13 -5.71 22.05
N ASN N 74 27.42 -5.39 20.79
CA ASN N 74 27.89 -6.38 19.84
C ASN N 74 29.30 -6.87 20.11
N SER N 75 30.08 -6.16 20.92
CA SER N 75 31.43 -6.58 21.25
C SER N 75 31.49 -7.53 22.44
N LYS N 76 30.46 -7.56 23.28
CA LYS N 76 30.41 -8.47 24.42
C LYS N 76 29.33 -9.52 24.28
N ASN N 77 28.56 -9.50 23.18
CA ASN N 77 27.51 -10.47 22.93
C ASN N 77 26.49 -10.50 24.06
N THR N 78 26.17 -9.33 24.59
CA THR N 78 25.28 -9.20 25.73
C THR N 78 24.13 -8.26 25.41
N LEU N 79 22.91 -8.70 25.71
CA LEU N 79 21.70 -7.91 25.54
C LEU N 79 21.25 -7.39 26.90
N TYR N 80 20.78 -6.14 26.92
CA TYR N 80 20.39 -5.48 28.16
C TYR N 80 18.93 -5.04 28.11
N LEU N 81 18.33 -4.91 29.29
CA LEU N 81 17.02 -4.30 29.46
C LEU N 81 17.05 -3.44 30.70
N GLN N 82 16.91 -2.12 30.52
CA GLN N 82 16.88 -1.17 31.62
C GLN N 82 15.43 -0.87 31.96
N MET N 83 15.03 -1.19 33.19
CA MET N 83 13.65 -1.07 33.62
C MET N 83 13.57 -0.02 34.73
N ASN N 84 12.86 1.08 34.44
CA ASN N 84 12.74 2.18 35.37
C ASN N 84 11.30 2.36 35.81
N SER N 85 11.14 2.94 37.00
CA SER N 85 9.82 3.19 37.60
C SER N 85 8.99 1.92 37.67
N LEU N 86 9.54 0.92 38.36
CA LEU N 86 8.91 -0.39 38.41
C LEU N 86 7.61 -0.36 39.20
N ARG N 87 6.62 -1.11 38.72
CA ARG N 87 5.34 -1.26 39.38
C ARG N 87 5.11 -2.71 39.75
N VAL N 88 4.10 -2.95 40.58
CA VAL N 88 3.83 -4.31 41.03
C VAL N 88 3.32 -5.17 39.88
N GLU N 89 2.78 -4.54 38.84
CA GLU N 89 2.36 -5.27 37.64
C GLU N 89 3.52 -5.82 36.85
N ASP N 90 4.75 -5.41 37.14
CA ASP N 90 5.93 -5.80 36.39
C ASP N 90 6.61 -7.05 36.98
N THR N 91 6.02 -7.68 37.98
CA THR N 91 6.58 -8.89 38.53
C THR N 91 6.26 -10.07 37.61
N ALA N 92 7.31 -10.68 37.04
CA ALA N 92 7.14 -11.78 36.10
C ALA N 92 8.51 -12.41 35.84
N VAL N 93 8.53 -13.36 34.93
CA VAL N 93 9.76 -14.02 34.49
C VAL N 93 10.09 -13.53 33.08
N TYR N 94 11.31 -13.03 32.90
CA TYR N 94 11.71 -12.43 31.64
C TYR N 94 12.60 -13.37 30.85
N TYR N 95 12.26 -13.56 29.57
CA TYR N 95 13.02 -14.40 28.66
C TYR N 95 13.58 -13.57 27.52
N CYS N 96 14.80 -13.89 27.11
CA CYS N 96 15.38 -13.34 25.89
C CYS N 96 15.31 -14.38 24.79
N ALA N 97 14.80 -13.98 23.64
CA ALA N 97 14.58 -14.89 22.53
C ALA N 97 15.24 -14.35 21.28
N ARG N 98 15.85 -15.25 20.51
CA ARG N 98 16.49 -14.88 19.26
C ARG N 98 15.43 -14.70 18.18
N ALA N 99 15.58 -13.65 17.38
CA ALA N 99 14.56 -13.31 16.41
C ALA N 99 14.70 -14.15 15.14
N ALA N 100 13.56 -14.40 14.49
CA ALA N 100 13.51 -15.07 13.21
C ALA N 100 12.28 -14.57 12.45
N TYR N 101 12.26 -14.80 11.15
CA TYR N 101 11.20 -14.30 10.28
C TYR N 101 10.94 -15.30 9.17
N TYR N 102 9.68 -15.68 8.98
CA TYR N 102 9.39 -16.71 7.99
C TYR N 102 8.86 -16.17 6.67
N ASP N 103 7.62 -15.66 6.66
CA ASP N 103 7.09 -15.07 5.43
C ASP N 103 6.51 -13.68 5.68
N THR N 104 5.63 -13.59 6.67
CA THR N 104 4.90 -12.37 6.98
C THR N 104 4.87 -12.08 8.47
N SER N 105 5.38 -12.99 9.29
CA SER N 105 5.41 -12.81 10.73
C SER N 105 6.69 -13.45 11.26
N GLY N 106 7.12 -12.97 12.43
CA GLY N 106 8.34 -13.46 13.03
C GLY N 106 8.02 -14.30 14.26
N TYR N 107 8.98 -15.15 14.61
CA TYR N 107 8.85 -16.04 15.75
C TYR N 107 10.16 -16.01 16.55
N GLY N 108 10.23 -16.86 17.56
CA GLY N 108 11.44 -16.98 18.34
C GLY N 108 11.96 -18.40 18.33
N ASP N 109 13.16 -18.60 17.81
CA ASP N 109 13.65 -19.96 17.57
C ASP N 109 14.38 -20.53 18.78
N TYR N 110 15.16 -19.73 19.48
CA TYR N 110 15.85 -20.17 20.68
C TYR N 110 15.62 -19.18 21.81
N TRP N 111 15.28 -19.70 22.99
CA TRP N 111 14.93 -18.90 24.16
C TRP N 111 15.97 -19.12 25.26
N GLY N 112 16.01 -18.17 26.20
CA GLY N 112 16.86 -18.29 27.36
C GLY N 112 16.20 -19.10 28.46
N GLN N 113 16.91 -19.23 29.58
CA GLN N 113 16.35 -19.96 30.72
C GLN N 113 15.28 -19.14 31.42
N GLY N 114 15.49 -17.84 31.53
CA GLY N 114 14.56 -16.96 32.21
C GLY N 114 15.08 -16.50 33.55
N THR N 115 14.66 -15.31 33.96
CA THR N 115 15.01 -14.76 35.26
C THR N 115 13.75 -14.18 35.90
N LEU N 116 13.71 -14.23 37.24
CA LEU N 116 12.55 -13.76 37.98
C LEU N 116 12.80 -12.37 38.53
N VAL N 117 11.93 -11.43 38.17
CA VAL N 117 11.93 -10.08 38.72
C VAL N 117 10.63 -9.90 39.48
N THR N 118 10.74 -9.57 40.77
CA THR N 118 9.56 -9.37 41.62
C THR N 118 9.58 -7.96 42.18
N VAL N 119 8.41 -7.36 42.28
CA VAL N 119 8.26 -6.01 42.81
C VAL N 119 7.24 -6.08 43.94
N SER N 120 7.68 -5.76 45.15
CA SER N 120 6.82 -5.81 46.33
C SER N 120 7.43 -4.94 47.42
N SER N 121 6.61 -4.57 48.38
CA SER N 121 7.05 -3.73 49.49
C SER N 121 6.42 -4.18 50.80
N SER O 2 -4.93 -10.54 25.16
CA SER O 2 -4.88 -11.72 24.30
C SER O 2 -5.88 -11.62 23.16
N VAL O 3 -5.40 -11.13 22.01
CA VAL O 3 -6.28 -10.99 20.86
C VAL O 3 -6.60 -12.34 20.23
N LEU O 4 -5.79 -13.36 20.50
CA LEU O 4 -6.05 -14.70 20.00
C LEU O 4 -6.71 -15.54 21.09
N THR O 5 -7.79 -16.22 20.72
CA THR O 5 -8.60 -16.98 21.66
C THR O 5 -8.25 -18.45 21.60
N GLN O 6 -7.94 -19.03 22.76
CA GLN O 6 -7.63 -20.44 22.89
C GLN O 6 -8.47 -21.06 23.98
N PRO O 7 -8.85 -22.33 23.83
CA PRO O 7 -9.58 -23.01 24.91
C PRO O 7 -8.70 -23.16 26.13
N PRO O 8 -9.22 -22.88 27.33
CA PRO O 8 -8.38 -22.95 28.53
C PRO O 8 -7.76 -24.32 28.78
N SER O 9 -8.41 -25.40 28.37
CA SER O 9 -7.87 -26.73 28.60
C SER O 9 -8.46 -27.72 27.60
N VAL O 10 -7.67 -28.72 27.25
CA VAL O 10 -8.08 -29.81 26.37
C VAL O 10 -7.43 -31.09 26.87
N SER O 11 -8.20 -32.17 26.85
CA SER O 11 -7.73 -33.44 27.41
C SER O 11 -8.07 -34.56 26.45
N GLY O 12 -7.38 -35.69 26.63
CA GLY O 12 -7.63 -36.87 25.83
C GLY O 12 -6.88 -38.05 26.40
N ALA O 13 -7.33 -39.24 26.02
CA ALA O 13 -6.69 -40.46 26.50
C ALA O 13 -5.42 -40.74 25.71
N PRO O 14 -4.44 -41.41 26.33
CA PRO O 14 -3.22 -41.74 25.60
C PRO O 14 -3.52 -42.57 24.36
N GLY O 15 -2.79 -42.28 23.28
CA GLY O 15 -2.94 -42.98 22.02
C GLY O 15 -3.98 -42.41 21.09
N GLN O 16 -4.76 -41.42 21.52
CA GLN O 16 -5.78 -40.84 20.66
C GLN O 16 -5.32 -39.49 20.11
N THR O 17 -6.17 -38.88 19.29
CA THR O 17 -5.86 -37.62 18.63
C THR O 17 -6.62 -36.49 19.28
N VAL O 18 -5.93 -35.37 19.54
CA VAL O 18 -6.54 -34.18 20.09
C VAL O 18 -6.17 -32.99 19.21
N THR O 19 -6.95 -31.93 19.32
CA THR O 19 -6.76 -30.72 18.52
C THR O 19 -6.90 -29.50 19.40
N ILE O 20 -5.93 -28.60 19.31
CA ILE O 20 -5.96 -27.31 19.99
C ILE O 20 -6.21 -26.25 18.92
N SER O 21 -7.24 -25.44 19.12
CA SER O 21 -7.58 -24.42 18.13
C SER O 21 -7.12 -23.04 18.59
N CYS O 22 -6.98 -22.15 17.62
CA CYS O 22 -6.59 -20.76 17.87
C CYS O 22 -7.37 -19.89 16.91
N THR O 23 -8.34 -19.13 17.43
CA THR O 23 -9.22 -18.31 16.61
C THR O 23 -8.83 -16.85 16.76
N GLY O 24 -8.63 -16.18 15.64
CA GLY O 24 -8.27 -14.77 15.66
C GLY O 24 -9.34 -13.89 15.04
N GLY O 25 -8.91 -12.82 14.39
CA GLY O 25 -9.83 -11.93 13.71
C GLY O 25 -9.43 -11.67 12.28
N SER O 26 -9.91 -10.56 11.70
CA SER O 26 -9.52 -10.19 10.35
C SER O 26 -8.21 -9.41 10.31
N SER O 27 -7.67 -9.03 11.47
CA SER O 27 -6.46 -8.23 11.52
C SER O 27 -5.20 -9.06 11.75
N ASN O 28 -5.31 -10.25 12.34
CA ASN O 28 -4.13 -11.03 12.66
C ASN O 28 -4.03 -12.31 11.85
N ILE O 29 -5.06 -13.15 11.89
CA ILE O 29 -4.99 -14.42 11.16
C ILE O 29 -5.68 -14.30 9.81
N GLY O 30 -6.83 -13.63 9.77
CA GLY O 30 -7.55 -13.45 8.54
C GLY O 30 -6.92 -12.48 7.57
N ALA O 31 -5.91 -11.73 8.01
CA ALA O 31 -5.19 -10.79 7.15
C ALA O 31 -4.05 -11.46 6.39
N GLY O 32 -3.74 -12.72 6.70
CA GLY O 32 -2.71 -13.45 5.99
C GLY O 32 -1.39 -13.61 6.72
N TYR O 33 -1.34 -13.34 8.02
CA TYR O 33 -0.11 -13.46 8.77
C TYR O 33 0.06 -14.88 9.31
N ASP O 34 1.31 -15.27 9.49
CA ASP O 34 1.64 -16.64 9.88
C ASP O 34 1.31 -16.88 11.36
N VAL O 35 1.08 -18.15 11.69
CA VAL O 35 0.78 -18.58 13.05
C VAL O 35 1.84 -19.59 13.47
N HIS O 36 2.47 -19.34 14.62
CA HIS O 36 3.51 -20.21 15.15
C HIS O 36 3.07 -20.74 16.50
N TRP O 37 3.57 -21.91 16.87
CA TRP O 37 3.16 -22.60 18.09
C TRP O 37 4.37 -22.82 18.99
N TYR O 38 4.16 -22.69 20.30
CA TYR O 38 5.19 -22.91 21.30
C TYR O 38 4.70 -23.93 22.31
N GLN O 39 5.65 -24.66 22.90
CA GLN O 39 5.36 -25.66 23.93
C GLN O 39 6.19 -25.35 25.16
N GLN O 40 5.53 -25.21 26.30
CA GLN O 40 6.19 -24.93 27.56
C GLN O 40 5.89 -26.04 28.56
N LEU O 41 6.93 -26.77 28.96
CA LEU O 41 6.79 -27.73 30.04
C LEU O 41 6.65 -26.98 31.37
N PRO O 42 6.14 -27.64 32.41
CA PRO O 42 5.84 -26.92 33.66
C PRO O 42 7.01 -26.16 34.25
N GLY O 43 8.23 -26.68 34.16
CA GLY O 43 9.37 -26.06 34.80
C GLY O 43 10.45 -25.46 33.91
N THR O 44 10.18 -25.26 32.62
CA THR O 44 11.21 -24.78 31.71
C THR O 44 10.65 -23.67 30.83
N ALA O 45 11.55 -23.06 30.05
CA ALA O 45 11.18 -21.99 29.15
C ALA O 45 10.47 -22.55 27.91
N PRO O 46 9.75 -21.71 27.18
CA PRO O 46 9.06 -22.20 25.97
C PRO O 46 10.04 -22.74 24.94
N LYS O 47 9.57 -23.70 24.16
CA LYS O 47 10.32 -24.28 23.05
C LYS O 47 9.48 -24.15 21.78
N LEU O 48 10.13 -23.75 20.69
CA LEU O 48 9.43 -23.62 19.43
C LEU O 48 8.92 -24.98 18.97
N LEU O 49 7.66 -25.03 18.52
CA LEU O 49 7.03 -26.27 18.12
C LEU O 49 6.72 -26.32 16.63
N ILE O 50 6.00 -25.32 16.12
CA ILE O 50 5.65 -25.24 14.70
C ILE O 50 5.77 -23.80 14.25
N TYR O 51 6.40 -23.59 13.10
CA TYR O 51 6.50 -22.28 12.48
C TYR O 51 6.08 -22.37 11.02
N GLY O 52 5.51 -21.29 10.51
CA GLY O 52 5.04 -21.30 9.14
C GLY O 52 3.76 -22.06 8.94
N ASN O 53 3.09 -22.43 10.03
CA ASN O 53 1.78 -23.09 10.08
C ASN O 53 1.84 -24.55 9.65
N ILE O 54 2.96 -25.02 9.10
CA ILE O 54 3.11 -26.41 8.72
C ILE O 54 4.45 -27.01 9.09
N ASN O 55 5.46 -26.21 9.42
CA ASN O 55 6.82 -26.71 9.55
C ASN O 55 7.21 -26.88 11.00
N ARG O 56 8.18 -27.74 11.24
CA ARG O 56 8.63 -28.05 12.59
C ARG O 56 10.15 -28.12 12.66
N PRO O 57 10.73 -27.82 13.82
CA PRO O 57 12.18 -27.92 13.98
C PRO O 57 12.64 -29.38 13.97
N SER O 58 13.94 -29.55 14.21
CA SER O 58 14.54 -30.88 14.15
C SER O 58 14.11 -31.74 15.34
N GLY O 59 14.12 -31.17 16.55
CA GLY O 59 13.85 -31.96 17.73
C GLY O 59 12.39 -32.37 17.85
N VAL O 60 11.49 -31.63 17.20
CA VAL O 60 10.07 -31.90 17.34
C VAL O 60 9.71 -33.16 16.54
N PRO O 61 9.07 -34.15 17.14
CA PRO O 61 8.72 -35.37 16.40
C PRO O 61 7.58 -35.15 15.42
N ASP O 62 7.27 -36.21 14.67
CA ASP O 62 6.28 -36.13 13.61
C ASP O 62 4.87 -36.12 14.17
N ARG O 63 4.71 -36.40 15.47
CA ARG O 63 3.37 -36.49 16.04
C ARG O 63 2.63 -35.17 15.96
N PHE O 64 3.33 -34.06 16.21
CA PHE O 64 2.71 -32.73 16.17
C PHE O 64 2.57 -32.27 14.73
N SER O 65 1.43 -31.63 14.43
CA SER O 65 1.19 -31.06 13.11
C SER O 65 0.23 -29.89 13.26
N GLY O 66 0.25 -29.00 12.28
CA GLY O 66 -0.58 -27.81 12.36
C GLY O 66 -1.03 -27.37 11.00
N SER O 67 -2.04 -26.51 11.00
CA SER O 67 -2.60 -25.97 9.76
C SER O 67 -3.42 -24.74 10.11
N LYS O 68 -3.77 -23.96 9.09
CA LYS O 68 -4.59 -22.78 9.26
C LYS O 68 -5.48 -22.61 8.04
N SER O 69 -6.64 -21.97 8.26
CA SER O 69 -7.59 -21.73 7.19
C SER O 69 -8.60 -20.70 7.66
N GLY O 70 -8.89 -19.70 6.82
CA GLY O 70 -9.83 -18.67 7.20
C GLY O 70 -9.31 -17.85 8.36
N THR O 71 -10.14 -17.72 9.39
CA THR O 71 -9.82 -16.89 10.55
C THR O 71 -9.28 -17.72 11.72
N SER O 72 -9.22 -19.04 11.58
CA SER O 72 -8.82 -19.91 12.66
C SER O 72 -7.63 -20.78 12.24
N ALA O 73 -6.91 -21.27 13.24
CA ALA O 73 -5.81 -22.20 13.03
C ALA O 73 -5.90 -23.30 14.07
N SER O 74 -5.35 -24.47 13.74
CA SER O 74 -5.47 -25.63 14.60
C SER O 74 -4.13 -26.32 14.73
N LEU O 75 -3.88 -26.87 15.93
CA LEU O 75 -2.71 -27.70 16.21
C LEU O 75 -3.21 -29.12 16.52
N ALA O 76 -2.81 -30.08 15.69
CA ALA O 76 -3.28 -31.45 15.81
C ALA O 76 -2.18 -32.33 16.40
N ILE O 77 -2.52 -33.06 17.45
CA ILE O 77 -1.61 -34.00 18.10
C ILE O 77 -2.21 -35.38 17.98
N THR O 78 -1.45 -36.32 17.41
CA THR O 78 -1.87 -37.70 17.27
C THR O 78 -0.94 -38.61 18.05
N GLY O 79 -1.53 -39.60 18.71
CA GLY O 79 -0.75 -40.50 19.55
C GLY O 79 -0.27 -39.86 20.83
N LEU O 80 -1.19 -39.46 21.71
CA LEU O 80 -0.83 -38.80 22.95
C LEU O 80 0.07 -39.69 23.79
N GLN O 81 1.06 -39.07 24.43
CA GLN O 81 1.98 -39.77 25.32
C GLN O 81 1.96 -39.12 26.70
N ALA O 82 2.79 -39.65 27.59
CA ALA O 82 2.82 -39.17 28.97
C ALA O 82 3.50 -37.80 29.07
N GLU O 83 4.46 -37.52 28.19
CA GLU O 83 5.26 -36.30 28.33
C GLU O 83 4.62 -35.10 27.63
N ASP O 84 3.50 -35.27 26.93
CA ASP O 84 2.89 -34.16 26.21
C ASP O 84 2.05 -33.25 27.11
N GLU O 85 2.09 -33.44 28.42
CA GLU O 85 1.42 -32.51 29.33
C GLU O 85 2.19 -31.20 29.39
N ALA O 86 1.74 -30.21 28.62
CA ALA O 86 2.42 -28.92 28.54
C ALA O 86 1.45 -27.87 28.05
N ASP O 87 1.84 -26.61 28.21
CA ASP O 87 1.05 -25.48 27.75
C ASP O 87 1.42 -25.17 26.31
N TYR O 88 0.41 -24.92 25.48
CA TYR O 88 0.61 -24.64 24.06
C TYR O 88 0.07 -23.25 23.74
N TYR O 89 0.91 -22.43 23.12
CA TYR O 89 0.58 -21.04 22.80
C TYR O 89 0.64 -20.83 21.30
N CYS O 90 -0.33 -20.10 20.77
CA CYS O 90 -0.33 -19.68 19.38
C CYS O 90 0.04 -18.21 19.27
N GLN O 91 0.97 -17.90 18.38
CA GLN O 91 1.48 -16.56 18.23
C GLN O 91 1.32 -16.10 16.78
N SER O 92 0.93 -14.85 16.61
CA SER O 92 0.81 -14.24 15.30
C SER O 92 1.12 -12.75 15.44
N TYR O 93 0.77 -11.97 14.43
CA TYR O 93 0.98 -10.52 14.45
C TYR O 93 -0.36 -9.83 14.24
N ASP O 94 -0.66 -8.85 15.08
CA ASP O 94 -1.91 -8.11 15.01
C ASP O 94 -1.65 -6.77 14.33
N ARG O 95 -2.41 -6.49 13.27
CA ARG O 95 -2.22 -5.27 12.51
C ARG O 95 -2.57 -4.03 13.31
N ARG O 96 -3.40 -4.17 14.33
CA ARG O 96 -3.97 -3.04 15.04
C ARG O 96 -3.13 -2.60 16.25
N LEU O 97 -2.01 -3.23 16.50
CA LEU O 97 -1.14 -2.87 17.61
C LEU O 97 0.22 -2.43 17.09
N SER O 98 1.13 -2.14 18.02
CA SER O 98 2.47 -1.68 17.70
C SER O 98 3.48 -2.66 18.30
N GLY O 99 3.19 -3.95 18.15
CA GLY O 99 4.04 -4.98 18.71
C GLY O 99 4.38 -6.02 17.67
N SER O 100 5.54 -6.65 17.86
CA SER O 100 6.00 -7.66 16.91
C SER O 100 5.17 -8.94 17.01
N TRP O 101 4.87 -9.37 18.22
CA TRP O 101 4.13 -10.61 18.44
C TRP O 101 2.87 -10.35 19.25
N VAL O 102 1.86 -11.18 19.00
CA VAL O 102 0.71 -11.29 19.90
C VAL O 102 0.50 -12.77 20.19
N PHE O 103 0.29 -13.10 21.47
CA PHE O 103 0.14 -14.48 21.90
C PHE O 103 -1.32 -14.80 22.16
N GLY O 104 -1.60 -16.10 22.32
CA GLY O 104 -2.91 -16.55 22.73
C GLY O 104 -3.00 -16.71 24.23
N GLY O 105 -4.17 -17.16 24.68
CA GLY O 105 -4.39 -17.34 26.10
C GLY O 105 -3.54 -18.44 26.71
N GLY O 106 -3.38 -19.55 26.00
CA GLY O 106 -2.62 -20.67 26.52
C GLY O 106 -3.51 -21.85 26.89
N THR O 107 -3.29 -22.99 26.24
CA THR O 107 -4.08 -24.19 26.46
C THR O 107 -3.24 -25.23 27.17
N LYS O 108 -3.74 -25.71 28.31
CA LYS O 108 -3.06 -26.76 29.06
C LYS O 108 -3.61 -28.11 28.65
N LEU O 109 -2.73 -29.00 28.18
CA LEU O 109 -3.11 -30.32 27.71
C LEU O 109 -2.77 -31.36 28.77
N THR O 110 -3.76 -32.15 29.17
CA THR O 110 -3.57 -33.22 30.14
C THR O 110 -4.02 -34.54 29.51
N VAL O 111 -3.13 -35.51 29.47
CA VAL O 111 -3.44 -36.84 28.96
C VAL O 111 -3.90 -37.70 30.13
N LEU O 112 -4.98 -38.46 29.92
CA LEU O 112 -5.63 -39.20 31.00
C LEU O 112 -4.85 -40.50 31.26
N GLY O 113 -3.71 -40.33 31.93
CA GLY O 113 -2.86 -41.45 32.28
C GLY O 113 -3.04 -41.92 33.71
N GLN P 1 45.13 -14.92 -14.95
CA GLN P 1 44.33 -16.13 -14.78
C GLN P 1 44.05 -16.40 -13.30
N VAL P 2 42.77 -16.42 -12.94
CA VAL P 2 42.39 -16.59 -11.54
C VAL P 2 42.71 -18.01 -11.08
N GLN P 3 43.44 -18.12 -9.99
CA GLN P 3 43.81 -19.41 -9.43
C GLN P 3 43.41 -19.44 -7.96
N LEU P 4 42.72 -20.51 -7.56
CA LEU P 4 42.38 -20.76 -6.16
C LEU P 4 42.92 -22.14 -5.80
N VAL P 5 43.97 -22.18 -4.99
CA VAL P 5 44.66 -23.41 -4.64
C VAL P 5 44.40 -23.69 -3.15
N GLU P 6 43.95 -24.90 -2.86
CA GLU P 6 43.49 -25.26 -1.52
C GLU P 6 44.38 -26.31 -0.89
N SER P 7 44.29 -26.42 0.43
CA SER P 7 45.06 -27.39 1.20
C SER P 7 44.43 -27.50 2.58
N GLY P 8 45.06 -28.32 3.43
CA GLY P 8 44.66 -28.45 4.80
C GLY P 8 43.77 -29.62 5.14
N GLY P 9 43.41 -30.44 4.16
CA GLY P 9 42.56 -31.59 4.40
C GLY P 9 43.33 -32.73 5.04
N GLY P 10 42.63 -33.83 5.26
CA GLY P 10 43.21 -35.02 5.83
C GLY P 10 42.20 -35.76 6.68
N VAL P 11 42.71 -36.71 7.45
CA VAL P 11 41.89 -37.58 8.29
C VAL P 11 41.97 -37.07 9.73
N VAL P 12 40.82 -36.80 10.32
CA VAL P 12 40.74 -36.32 11.71
C VAL P 12 39.66 -37.11 12.44
N PRO P 13 39.98 -37.72 13.58
CA PRO P 13 38.95 -38.40 14.36
C PRO P 13 38.00 -37.39 14.97
N PRO P 14 36.71 -37.72 15.06
CA PRO P 14 35.73 -36.72 15.51
C PRO P 14 36.03 -36.23 16.92
N GLY P 15 35.75 -34.94 17.14
CA GLY P 15 35.93 -34.32 18.43
C GLY P 15 37.02 -33.27 18.50
N ARG P 16 37.83 -33.13 17.46
CA ARG P 16 38.91 -32.14 17.44
C ARG P 16 38.84 -31.30 16.17
N SER P 17 39.74 -30.32 16.08
CA SER P 17 39.65 -29.26 15.10
C SER P 17 40.53 -29.52 13.87
N LEU P 18 40.21 -28.81 12.80
CA LEU P 18 40.98 -28.83 11.56
C LEU P 18 40.85 -27.47 10.89
N ARG P 19 41.92 -27.02 10.25
CA ARG P 19 41.96 -25.71 9.61
C ARG P 19 42.30 -25.89 8.13
N LEU P 20 41.54 -25.22 7.27
CA LEU P 20 41.78 -25.22 5.83
C LEU P 20 42.31 -23.87 5.38
N SER P 21 42.81 -23.85 4.15
CA SER P 21 43.31 -22.62 3.55
C SER P 21 43.04 -22.67 2.04
N CYS P 22 42.97 -21.48 1.44
CA CYS P 22 42.71 -21.33 0.02
C CYS P 22 43.56 -20.18 -0.50
N ALA P 23 44.76 -20.50 -0.99
CA ALA P 23 45.68 -19.50 -1.51
C ALA P 23 45.18 -18.97 -2.84
N THR P 24 45.36 -17.68 -3.06
CA THR P 24 44.80 -17.00 -4.22
C THR P 24 45.90 -16.31 -5.01
N SER P 25 45.64 -16.15 -6.31
CA SER P 25 46.55 -15.44 -7.19
C SER P 25 45.82 -15.08 -8.47
N GLY P 26 46.24 -13.99 -9.11
CA GLY P 26 45.70 -13.58 -10.39
C GLY P 26 44.57 -12.58 -10.33
N PHE P 27 44.26 -12.03 -9.16
CA PHE P 27 43.20 -11.04 -9.04
C PHE P 27 43.43 -10.26 -7.75
N THR P 28 42.69 -9.15 -7.63
CA THR P 28 42.76 -8.32 -6.43
C THR P 28 41.94 -8.99 -5.33
N PHE P 29 42.61 -9.58 -4.35
CA PHE P 29 41.93 -10.36 -3.33
C PHE P 29 41.07 -9.49 -2.44
N SER P 30 41.56 -8.29 -2.08
CA SER P 30 40.88 -7.47 -1.09
C SER P 30 39.59 -6.84 -1.61
N ASN P 31 39.31 -6.93 -2.90
CA ASN P 31 38.11 -6.34 -3.48
C ASN P 31 36.92 -7.29 -3.54
N TYR P 32 37.10 -8.55 -3.16
CA TYR P 32 36.08 -9.56 -3.36
C TYR P 32 35.80 -10.33 -2.08
N GLY P 33 34.53 -10.70 -1.89
CA GLY P 33 34.17 -11.65 -0.86
C GLY P 33 34.40 -13.08 -1.30
N MET P 34 34.38 -14.00 -0.35
CA MET P 34 34.65 -15.39 -0.64
C MET P 34 33.61 -16.28 0.02
N HIS P 35 33.40 -17.45 -0.56
CA HIS P 35 32.46 -18.44 -0.06
C HIS P 35 33.18 -19.74 0.25
N TRP P 36 32.50 -20.61 1.01
CA TRP P 36 32.86 -22.01 1.15
C TRP P 36 31.66 -22.87 0.82
N VAL P 37 31.86 -23.88 -0.01
CA VAL P 37 30.82 -24.79 -0.42
C VAL P 37 31.33 -26.21 -0.27
N ARG P 38 30.46 -27.14 0.11
CA ARG P 38 30.87 -28.52 0.30
C ARG P 38 29.97 -29.47 -0.48
N GLN P 39 30.51 -30.66 -0.75
CA GLN P 39 29.79 -31.71 -1.47
C GLN P 39 30.11 -33.03 -0.79
N ALA P 40 29.13 -33.61 -0.12
CA ALA P 40 29.31 -34.91 0.49
C ALA P 40 29.44 -35.98 -0.60
N PRO P 41 30.20 -37.05 -0.34
CA PRO P 41 30.43 -38.06 -1.38
C PRO P 41 29.13 -38.65 -1.90
N GLY P 42 28.90 -38.46 -3.20
CA GLY P 42 27.66 -38.90 -3.83
C GLY P 42 26.48 -37.98 -3.63
N LYS P 43 26.67 -36.80 -3.06
CA LYS P 43 25.58 -35.89 -2.73
C LYS P 43 25.71 -34.61 -3.55
N GLY P 44 24.82 -33.66 -3.26
CA GLY P 44 24.81 -32.38 -3.93
C GLY P 44 25.72 -31.36 -3.25
N LEU P 45 25.52 -30.10 -3.62
CA LEU P 45 26.32 -29.00 -3.11
C LEU P 45 25.59 -28.29 -1.98
N GLU P 46 26.34 -27.94 -0.93
CA GLU P 46 25.79 -27.25 0.23
C GLU P 46 26.62 -26.02 0.53
N TRP P 47 25.97 -24.85 0.56
CA TRP P 47 26.63 -23.62 0.93
C TRP P 47 26.98 -23.63 2.41
N VAL P 48 28.16 -23.13 2.76
CA VAL P 48 28.68 -23.21 4.11
C VAL P 48 28.82 -21.83 4.75
N ALA P 49 29.62 -20.95 4.15
CA ALA P 49 29.92 -19.68 4.79
C ALA P 49 30.29 -18.64 3.73
N ILE P 50 30.27 -17.37 4.15
CA ILE P 50 30.70 -16.24 3.33
C ILE P 50 31.39 -15.22 4.24
N ILE P 51 32.29 -14.43 3.66
CA ILE P 51 32.96 -13.35 4.37
C ILE P 51 33.00 -12.13 3.46
N TRP P 52 32.87 -10.95 4.05
CA TRP P 52 32.91 -9.72 3.28
C TRP P 52 34.33 -9.38 2.85
N TYR P 53 34.44 -8.40 1.95
CA TYR P 53 35.76 -8.01 1.44
C TYR P 53 36.62 -7.42 2.55
N ASP P 54 36.02 -6.64 3.45
CA ASP P 54 36.75 -6.09 4.58
C ASP P 54 36.73 -7.00 5.80
N GLY P 55 35.95 -8.08 5.77
CA GLY P 55 35.81 -8.95 6.91
C GLY P 55 34.78 -8.52 7.93
N SER P 56 33.95 -7.52 7.61
CA SER P 56 33.02 -7.00 8.59
C SER P 56 31.87 -7.97 8.87
N ARG P 57 31.29 -8.56 7.83
CA ARG P 57 30.12 -9.42 7.96
C ARG P 57 30.49 -10.86 7.63
N ASN P 58 30.07 -11.78 8.50
CA ASN P 58 30.20 -13.21 8.28
C ASN P 58 28.83 -13.85 8.39
N PHE P 59 28.55 -14.80 7.50
CA PHE P 59 27.31 -15.57 7.55
C PHE P 59 27.64 -17.04 7.44
N TYR P 60 26.95 -17.86 8.23
CA TYR P 60 27.18 -19.30 8.26
C TYR P 60 25.88 -20.04 8.02
N ALA P 61 26.01 -21.27 7.53
CA ALA P 61 24.85 -22.15 7.43
C ALA P 61 24.40 -22.58 8.81
N ALA P 62 23.10 -22.86 8.94
CA ALA P 62 22.54 -23.22 10.24
C ALA P 62 23.17 -24.49 10.79
N SER P 63 23.60 -25.41 9.91
CA SER P 63 24.17 -26.67 10.37
C SER P 63 25.64 -26.54 10.76
N VAL P 64 26.27 -25.41 10.48
CA VAL P 64 27.67 -25.20 10.82
C VAL P 64 27.89 -24.01 11.73
N GLU P 65 26.87 -23.21 12.01
CA GLU P 65 27.06 -22.00 12.79
C GLU P 65 27.42 -22.34 14.24
N GLY P 66 28.38 -21.59 14.78
CA GLY P 66 28.86 -21.80 16.13
C GLY P 66 30.07 -22.70 16.24
N ARG P 67 30.35 -23.50 15.22
CA ARG P 67 31.49 -24.40 15.20
C ARG P 67 32.56 -24.00 14.20
N PHE P 68 32.16 -23.54 13.02
CA PHE P 68 33.08 -23.11 11.98
C PHE P 68 33.39 -21.63 12.11
N THR P 69 34.60 -21.24 11.72
CA THR P 69 35.04 -19.85 11.76
C THR P 69 35.75 -19.51 10.46
N ILE P 70 35.24 -18.52 9.75
CA ILE P 70 35.81 -18.07 8.48
C ILE P 70 36.51 -16.74 8.70
N SER P 71 37.70 -16.61 8.14
CA SER P 71 38.49 -15.40 8.27
C SER P 71 39.40 -15.27 7.06
N ARG P 72 39.94 -14.07 6.86
CA ARG P 72 40.79 -13.80 5.72
C ARG P 72 42.00 -12.99 6.16
N ASP P 73 43.06 -13.06 5.34
CA ASP P 73 44.27 -12.28 5.55
C ASP P 73 44.55 -11.53 4.26
N ASN P 74 44.18 -10.25 4.23
CA ASN P 74 44.28 -9.45 3.01
C ASN P 74 45.72 -9.20 2.58
N SER P 75 46.70 -9.40 3.46
CA SER P 75 48.09 -9.18 3.12
C SER P 75 48.77 -10.40 2.53
N LYS P 76 48.28 -11.60 2.82
CA LYS P 76 48.81 -12.83 2.25
C LYS P 76 47.95 -13.38 1.13
N ASN P 77 46.83 -12.71 0.81
CA ASN P 77 45.89 -13.18 -0.21
C ASN P 77 45.45 -14.61 0.07
N THR P 78 45.11 -14.89 1.32
CA THR P 78 44.74 -16.23 1.75
C THR P 78 43.45 -16.20 2.54
N LEU P 79 42.71 -17.30 2.48
CA LEU P 79 41.43 -17.44 3.16
C LEU P 79 41.47 -18.68 4.05
N TYR P 80 40.88 -18.58 5.24
CA TYR P 80 40.90 -19.66 6.20
C TYR P 80 39.49 -20.14 6.49
N LEU P 81 39.40 -21.39 6.96
CA LEU P 81 38.16 -21.96 7.50
C LEU P 81 38.53 -22.82 8.68
N GLN P 82 38.27 -22.32 9.89
CA GLN P 82 38.61 -23.01 11.12
C GLN P 82 37.40 -23.81 11.60
N MET P 83 37.52 -25.13 11.54
CA MET P 83 36.45 -26.04 11.92
C MET P 83 36.77 -26.65 13.28
N ASN P 84 35.84 -26.56 14.22
CA ASN P 84 36.01 -27.07 15.56
C ASN P 84 34.95 -28.10 15.89
N SER P 85 35.34 -29.12 16.65
CA SER P 85 34.44 -30.18 17.10
C SER P 85 33.73 -30.83 15.92
N LEU P 86 34.52 -31.48 15.05
CA LEU P 86 33.99 -32.04 13.83
C LEU P 86 33.08 -33.24 14.11
N ARG P 87 31.99 -33.32 13.37
CA ARG P 87 31.07 -34.44 13.41
C ARG P 87 31.23 -35.28 12.14
N VAL P 88 30.74 -36.52 12.21
CA VAL P 88 30.85 -37.42 11.07
C VAL P 88 30.11 -36.85 9.86
N GLU P 89 29.08 -36.03 10.09
CA GLU P 89 28.34 -35.42 9.00
C GLU P 89 29.14 -34.35 8.27
N ASP P 90 30.31 -33.97 8.79
CA ASP P 90 31.13 -32.93 8.18
C ASP P 90 32.09 -33.46 7.13
N THR P 91 32.06 -34.75 6.82
CA THR P 91 32.90 -35.29 5.75
C THR P 91 32.34 -34.90 4.40
N ALA P 92 33.16 -34.19 3.61
CA ALA P 92 32.77 -33.75 2.28
C ALA P 92 34.01 -33.20 1.59
N VAL P 93 33.81 -32.65 0.40
CA VAL P 93 34.86 -31.95 -0.34
C VAL P 93 34.59 -30.47 -0.25
N TYR P 94 35.59 -29.71 0.20
CA TYR P 94 35.43 -28.30 0.50
C TYR P 94 36.03 -27.44 -0.60
N TYR P 95 35.25 -26.48 -1.10
CA TYR P 95 35.67 -25.60 -2.17
C TYR P 95 35.62 -24.15 -1.70
N CYS P 96 36.53 -23.33 -2.23
CA CYS P 96 36.46 -21.89 -2.07
C CYS P 96 36.08 -21.25 -3.40
N ALA P 97 35.11 -20.34 -3.35
CA ALA P 97 34.60 -19.71 -4.56
C ALA P 97 34.65 -18.21 -4.39
N ARG P 98 34.87 -17.50 -5.51
CA ARG P 98 34.91 -16.05 -5.50
C ARG P 98 33.51 -15.49 -5.65
N ALA P 99 33.20 -14.45 -4.88
CA ALA P 99 31.85 -13.92 -4.86
C ALA P 99 31.57 -13.05 -6.08
N ALA P 100 30.30 -12.99 -6.46
CA ALA P 100 29.81 -12.11 -7.51
C ALA P 100 28.34 -11.80 -7.23
N TYR P 101 27.84 -10.74 -7.85
CA TYR P 101 26.48 -10.29 -7.62
C TYR P 101 25.90 -9.70 -8.90
N TYR P 102 24.76 -10.23 -9.34
CA TYR P 102 24.24 -9.82 -10.62
C TYR P 102 23.19 -8.71 -10.53
N ASP P 103 21.99 -9.05 -10.05
CA ASP P 103 20.96 -8.04 -9.86
C ASP P 103 20.37 -8.09 -8.47
N THR P 104 19.95 -9.28 -8.04
CA THR P 104 19.26 -9.49 -6.78
C THR P 104 19.76 -10.74 -6.05
N SER P 105 20.69 -11.46 -6.65
CA SER P 105 21.25 -12.66 -6.04
C SER P 105 22.70 -12.79 -6.47
N GLY P 106 23.46 -13.55 -5.70
CA GLY P 106 24.88 -13.72 -5.95
C GLY P 106 25.19 -15.10 -6.46
N TYR P 107 26.38 -15.22 -7.06
CA TYR P 107 26.86 -16.49 -7.58
C TYR P 107 28.37 -16.55 -7.39
N GLY P 108 28.96 -17.68 -7.79
CA GLY P 108 30.40 -17.84 -7.72
C GLY P 108 31.00 -18.12 -9.08
N ASP P 109 31.84 -17.19 -9.56
CA ASP P 109 32.33 -17.29 -10.93
C ASP P 109 33.60 -18.13 -11.02
N TYR P 110 34.44 -18.09 -10.00
CA TYR P 110 35.69 -18.85 -10.00
C TYR P 110 35.75 -19.72 -8.75
N TRP P 111 35.94 -21.02 -8.95
CA TRP P 111 36.00 -22.00 -7.88
C TRP P 111 37.41 -22.54 -7.73
N GLY P 112 37.69 -23.08 -6.55
CA GLY P 112 38.96 -23.72 -6.28
C GLY P 112 38.97 -25.17 -6.73
N GLN P 113 40.15 -25.78 -6.62
CA GLN P 113 40.28 -27.18 -7.00
C GLN P 113 39.54 -28.09 -6.05
N GLY P 114 39.60 -27.81 -4.76
CA GLY P 114 38.87 -28.58 -3.78
C GLY P 114 39.79 -29.41 -2.90
N THR P 115 39.43 -29.51 -1.63
CA THR P 115 40.13 -30.37 -0.69
C THR P 115 39.11 -31.21 0.05
N LEU P 116 39.51 -32.42 0.43
CA LEU P 116 38.60 -33.40 0.99
C LEU P 116 38.99 -33.71 2.44
N VAL P 117 38.02 -33.60 3.34
CA VAL P 117 38.21 -33.86 4.76
C VAL P 117 37.39 -35.09 5.14
N THR P 118 38.06 -36.08 5.70
CA THR P 118 37.40 -37.29 6.21
C THR P 118 37.46 -37.27 7.73
N VAL P 119 36.31 -37.47 8.35
CA VAL P 119 36.21 -37.60 9.81
C VAL P 119 35.52 -38.92 10.13
N SER P 120 36.23 -39.79 10.83
CA SER P 120 35.72 -41.11 11.18
C SER P 120 36.53 -41.66 12.33
N SER P 121 35.98 -42.67 12.99
CA SER P 121 36.65 -43.29 14.12
C SER P 121 37.13 -44.70 13.75
N SER Q 2 17.80 -28.94 0.26
CA SER Q 2 17.47 -28.89 -1.16
C SER Q 2 16.08 -28.31 -1.38
N VAL Q 3 15.97 -26.99 -1.30
CA VAL Q 3 14.67 -26.35 -1.51
C VAL Q 3 14.24 -26.42 -2.96
N LEU Q 4 15.17 -26.17 -3.89
CA LEU Q 4 14.85 -26.19 -5.31
C LEU Q 4 14.78 -27.63 -5.80
N THR Q 5 13.73 -27.95 -6.55
CA THR Q 5 13.45 -29.31 -6.98
C THR Q 5 13.94 -29.52 -8.40
N GLN Q 6 14.71 -30.60 -8.60
CA GLN Q 6 15.21 -31.00 -9.90
C GLN Q 6 14.92 -32.48 -10.12
N PRO Q 7 14.56 -32.86 -11.35
CA PRO Q 7 14.45 -34.29 -11.65
C PRO Q 7 15.81 -34.96 -11.57
N PRO Q 8 15.90 -36.11 -10.92
CA PRO Q 8 17.22 -36.72 -10.67
C PRO Q 8 18.01 -37.05 -11.92
N SER Q 9 17.35 -37.28 -13.06
CA SER Q 9 18.09 -37.62 -14.27
C SER Q 9 17.24 -37.32 -15.50
N VAL Q 10 17.92 -36.93 -16.58
CA VAL Q 10 17.31 -36.71 -17.88
C VAL Q 10 18.32 -37.15 -18.93
N SER Q 11 17.82 -37.64 -20.06
CA SER Q 11 18.70 -38.16 -21.10
C SER Q 11 18.15 -37.77 -22.47
N GLY Q 12 19.01 -37.90 -23.47
CA GLY Q 12 18.62 -37.63 -24.84
C GLY Q 12 19.69 -38.15 -25.78
N ALA Q 13 19.28 -38.33 -27.04
CA ALA Q 13 20.20 -38.81 -28.05
C ALA Q 13 21.07 -37.66 -28.56
N PRO Q 14 22.27 -37.97 -29.05
CA PRO Q 14 23.12 -36.91 -29.60
C PRO Q 14 22.42 -36.16 -30.74
N GLY Q 15 22.55 -34.84 -30.73
CA GLY Q 15 21.94 -34.00 -31.74
C GLY Q 15 20.53 -33.54 -31.41
N GLN Q 16 19.93 -34.03 -30.33
CA GLN Q 16 18.59 -33.62 -29.96
C GLN Q 16 18.65 -32.59 -28.82
N THR Q 17 17.49 -32.05 -28.46
CA THR Q 17 17.38 -31.01 -27.45
C THR Q 17 16.86 -31.62 -26.15
N VAL Q 18 17.42 -31.17 -25.02
CA VAL Q 18 16.94 -31.58 -23.71
C VAL Q 18 16.69 -30.32 -22.88
N THR Q 19 15.80 -30.45 -21.90
CA THR Q 19 15.42 -29.35 -21.03
C THR Q 19 15.49 -29.81 -19.58
N ILE Q 20 16.36 -29.17 -18.81
CA ILE Q 20 16.51 -29.46 -17.38
C ILE Q 20 15.73 -28.39 -16.63
N SER Q 21 14.89 -28.81 -15.69
CA SER Q 21 14.03 -27.90 -14.98
C SER Q 21 14.51 -27.67 -13.56
N CYS Q 22 14.15 -26.51 -13.01
CA CYS Q 22 14.44 -26.14 -11.63
C CYS Q 22 13.24 -25.38 -11.09
N THR Q 23 12.44 -26.05 -10.26
CA THR Q 23 11.21 -25.48 -9.72
C THR Q 23 11.39 -25.20 -8.23
N GLY Q 24 11.03 -23.99 -7.82
CA GLY Q 24 11.13 -23.61 -6.43
C GLY Q 24 9.79 -23.26 -5.82
N GLY Q 25 9.78 -22.23 -4.98
CA GLY Q 25 8.55 -21.79 -4.35
C GLY Q 25 8.28 -20.32 -4.54
N SER Q 26 7.43 -19.75 -3.68
CA SER Q 26 7.12 -18.33 -3.75
C SER Q 26 8.12 -17.47 -2.98
N SER Q 27 9.13 -18.08 -2.37
CA SER Q 27 10.12 -17.34 -1.60
C SER Q 27 11.45 -17.16 -2.31
N ASN Q 28 11.79 -18.04 -3.26
CA ASN Q 28 13.10 -17.95 -3.89
C ASN Q 28 13.03 -17.57 -5.36
N ILE Q 29 12.27 -18.33 -6.15
CA ILE Q 29 12.21 -18.03 -7.59
C ILE Q 29 10.97 -17.19 -7.89
N GLY Q 30 9.87 -17.45 -7.19
CA GLY Q 30 8.68 -16.64 -7.34
C GLY Q 30 8.73 -15.30 -6.65
N ALA Q 31 9.81 -15.03 -5.91
CA ALA Q 31 9.99 -13.75 -5.24
C ALA Q 31 10.84 -12.78 -6.03
N GLY Q 32 11.27 -13.15 -7.24
CA GLY Q 32 12.01 -12.26 -8.10
C GLY Q 32 13.51 -12.38 -8.05
N TYR Q 33 14.05 -13.43 -7.45
CA TYR Q 33 15.49 -13.59 -7.33
C TYR Q 33 16.06 -14.34 -8.53
N ASP Q 34 17.35 -14.11 -8.79
CA ASP Q 34 18.00 -14.69 -9.96
C ASP Q 34 18.24 -16.17 -9.77
N VAL Q 35 18.43 -16.87 -10.88
CA VAL Q 35 18.75 -18.30 -10.90
C VAL Q 35 20.04 -18.48 -11.69
N HIS Q 36 20.98 -19.23 -11.15
CA HIS Q 36 22.28 -19.44 -11.77
C HIS Q 36 22.54 -20.93 -11.89
N TRP Q 37 23.18 -21.32 -13.00
CA TRP Q 37 23.38 -22.73 -13.32
C TRP Q 37 24.86 -23.07 -13.30
N TYR Q 38 25.18 -24.26 -12.79
CA TYR Q 38 26.55 -24.75 -12.73
C TYR Q 38 26.64 -26.10 -13.42
N GLN Q 39 27.84 -26.46 -13.86
CA GLN Q 39 28.13 -27.74 -14.48
C GLN Q 39 29.32 -28.37 -13.77
N GLN Q 40 29.18 -29.63 -13.39
CA GLN Q 40 30.24 -30.36 -12.69
C GLN Q 40 30.53 -31.65 -13.44
N LEU Q 41 31.72 -31.75 -14.01
CA LEU Q 41 32.17 -32.99 -14.61
C LEU Q 41 32.45 -34.03 -13.51
N PRO Q 42 32.50 -35.31 -13.86
CA PRO Q 42 32.59 -36.35 -12.81
C PRO Q 42 33.73 -36.17 -11.82
N GLY Q 43 34.88 -35.63 -12.25
CA GLY Q 43 36.03 -35.51 -11.37
C GLY Q 43 36.60 -34.13 -11.15
N THR Q 44 35.81 -33.07 -11.32
CA THR Q 44 36.33 -31.71 -11.21
C THR Q 44 35.32 -30.83 -10.46
N ALA Q 45 35.79 -29.65 -10.06
CA ALA Q 45 34.96 -28.71 -9.35
C ALA Q 45 33.93 -28.07 -10.29
N PRO Q 46 32.84 -27.52 -9.75
CA PRO Q 46 31.82 -26.92 -10.62
C PRO Q 46 32.36 -25.74 -11.42
N LYS Q 47 31.76 -25.52 -12.58
CA LYS Q 47 32.03 -24.37 -13.42
C LYS Q 47 30.75 -23.59 -13.63
N LEU Q 48 30.86 -22.26 -13.67
CA LEU Q 48 29.69 -21.43 -13.91
C LEU Q 48 29.21 -21.63 -15.34
N LEU Q 49 27.90 -21.80 -15.50
CA LEU Q 49 27.29 -22.06 -16.81
C LEU Q 49 26.40 -20.92 -17.27
N ILE Q 50 25.44 -20.51 -16.44
CA ILE Q 50 24.54 -19.41 -16.76
C ILE Q 50 24.34 -18.57 -15.50
N TYR Q 51 24.40 -17.25 -15.66
CA TYR Q 51 24.11 -16.32 -14.57
C TYR Q 51 23.17 -15.25 -15.08
N GLY Q 52 22.32 -14.75 -14.19
CA GLY Q 52 21.35 -13.75 -14.59
C GLY Q 52 20.20 -14.31 -15.41
N ASN Q 53 20.07 -15.64 -15.45
CA ASN Q 53 18.98 -16.38 -16.07
C ASN Q 53 19.06 -16.39 -17.60
N ILE Q 54 19.91 -15.55 -18.19
CA ILE Q 54 20.07 -15.52 -19.64
C ILE Q 54 21.53 -15.44 -20.08
N ASN Q 55 22.45 -15.07 -19.21
CA ASN Q 55 23.82 -14.77 -19.62
C ASN Q 55 24.72 -15.98 -19.37
N ARG Q 56 25.84 -16.01 -20.09
CA ARG Q 56 26.80 -17.10 -19.96
C ARG Q 56 28.21 -16.59 -20.09
N PRO Q 57 29.17 -17.26 -19.44
CA PRO Q 57 30.56 -16.82 -19.51
C PRO Q 57 31.16 -17.04 -20.89
N SER Q 58 32.45 -16.72 -21.01
CA SER Q 58 33.14 -16.79 -22.30
C SER Q 58 33.32 -18.23 -22.76
N GLY Q 59 33.71 -19.13 -21.86
CA GLY Q 59 34.04 -20.48 -22.26
C GLY Q 59 32.83 -21.30 -22.66
N VAL Q 60 31.65 -20.90 -22.19
CA VAL Q 60 30.44 -21.69 -22.48
C VAL Q 60 30.00 -21.44 -23.92
N PRO Q 61 29.81 -22.48 -24.72
CA PRO Q 61 29.36 -22.28 -26.11
C PRO Q 61 27.88 -21.90 -26.17
N ASP Q 62 27.42 -21.62 -27.40
CA ASP Q 62 26.07 -21.14 -27.61
C ASP Q 62 25.03 -22.23 -27.43
N ARG Q 63 25.45 -23.49 -27.29
CA ARG Q 63 24.48 -24.58 -27.17
C ARG Q 63 23.64 -24.44 -25.90
N PHE Q 64 24.27 -24.08 -24.79
CA PHE Q 64 23.57 -23.94 -23.52
C PHE Q 64 22.79 -22.62 -23.50
N SER Q 65 21.55 -22.69 -23.01
CA SER Q 65 20.73 -21.49 -22.84
C SER Q 65 19.67 -21.78 -21.79
N GLY Q 66 19.15 -20.71 -21.19
CA GLY Q 66 18.16 -20.89 -20.15
C GLY Q 66 17.30 -19.66 -20.00
N SER Q 67 16.25 -19.80 -19.20
CA SER Q 67 15.33 -18.70 -18.91
C SER Q 67 14.56 -19.05 -17.65
N LYS Q 68 13.74 -18.10 -17.20
CA LYS Q 68 12.89 -18.29 -16.04
C LYS Q 68 11.55 -17.62 -16.28
N SER Q 69 10.50 -18.17 -15.66
CA SER Q 69 9.16 -17.65 -15.81
C SER Q 69 8.32 -18.12 -14.64
N GLY Q 70 7.73 -17.17 -13.92
CA GLY Q 70 6.94 -17.52 -12.74
C GLY Q 70 7.82 -18.17 -11.69
N THR Q 71 7.38 -19.34 -11.21
CA THR Q 71 8.09 -20.08 -10.17
C THR Q 71 9.08 -21.07 -10.76
N SER Q 72 9.11 -21.23 -12.08
CA SER Q 72 9.91 -22.25 -12.73
C SER Q 72 11.02 -21.61 -13.56
N ALA Q 73 12.19 -22.23 -13.49
CA ALA Q 73 13.33 -21.85 -14.31
C ALA Q 73 13.93 -23.10 -14.92
N SER Q 74 14.18 -23.04 -16.23
CA SER Q 74 14.60 -24.23 -16.96
C SER Q 74 15.84 -23.93 -17.78
N LEU Q 75 16.71 -24.92 -17.89
CA LEU Q 75 17.92 -24.85 -18.68
C LEU Q 75 17.72 -25.66 -19.96
N ALA Q 76 17.87 -25.02 -21.11
CA ALA Q 76 17.64 -25.65 -22.41
C ALA Q 76 18.97 -25.90 -23.10
N ILE Q 77 19.22 -27.16 -23.46
CA ILE Q 77 20.47 -27.57 -24.09
C ILE Q 77 20.14 -28.14 -25.46
N THR Q 78 20.80 -27.63 -26.48
CA THR Q 78 20.63 -28.11 -27.86
C THR Q 78 21.96 -28.65 -28.38
N GLY Q 79 21.86 -29.60 -29.30
CA GLY Q 79 23.06 -30.22 -29.86
C GLY Q 79 23.87 -30.99 -28.85
N LEU Q 80 23.31 -32.06 -28.29
CA LEU Q 80 24.01 -32.84 -27.26
C LEU Q 80 25.31 -33.39 -27.81
N GLN Q 81 26.35 -33.37 -26.96
CA GLN Q 81 27.66 -33.88 -27.32
C GLN Q 81 28.11 -34.91 -26.30
N ALA Q 82 29.23 -35.57 -26.60
CA ALA Q 82 29.76 -36.59 -25.70
C ALA Q 82 30.33 -35.97 -24.44
N GLU Q 83 30.75 -34.71 -24.50
CA GLU Q 83 31.34 -34.04 -23.34
C GLU Q 83 30.30 -33.35 -22.46
N ASP Q 84 29.01 -33.47 -22.78
CA ASP Q 84 27.96 -32.80 -22.02
C ASP Q 84 27.45 -33.64 -20.85
N GLU Q 85 28.05 -34.80 -20.59
CA GLU Q 85 27.63 -35.63 -19.46
C GLU Q 85 28.20 -35.08 -18.16
N ALA Q 86 27.35 -34.46 -17.36
CA ALA Q 86 27.78 -33.83 -16.12
C ALA Q 86 26.56 -33.56 -15.24
N ASP Q 87 26.83 -33.14 -14.01
CA ASP Q 87 25.78 -32.79 -13.05
C ASP Q 87 25.49 -31.30 -13.16
N TYR Q 88 24.21 -30.95 -13.34
CA TYR Q 88 23.80 -29.57 -13.55
C TYR Q 88 22.93 -29.10 -12.39
N TYR Q 89 23.39 -28.08 -11.69
CA TYR Q 89 22.71 -27.54 -10.51
C TYR Q 89 22.14 -26.17 -10.82
N CYS Q 90 20.99 -25.86 -10.23
CA CYS Q 90 20.48 -24.51 -10.20
C CYS Q 90 20.70 -23.93 -8.81
N GLN Q 91 21.00 -22.64 -8.76
CA GLN Q 91 21.29 -21.97 -7.50
C GLN Q 91 20.60 -20.62 -7.48
N SER Q 92 20.02 -20.29 -6.32
CA SER Q 92 19.30 -19.04 -6.15
C SER Q 92 19.44 -18.62 -4.68
N TYR Q 93 18.61 -17.67 -4.26
CA TYR Q 93 18.57 -17.20 -2.88
C TYR Q 93 17.18 -17.41 -2.33
N ASP Q 94 17.09 -18.02 -1.14
CA ASP Q 94 15.82 -18.29 -0.49
C ASP Q 94 15.64 -17.29 0.64
N ARG Q 95 14.47 -16.64 0.67
CA ARG Q 95 14.24 -15.57 1.63
C ARG Q 95 14.04 -16.09 3.04
N ARG Q 96 13.69 -17.37 3.19
CA ARG Q 96 13.26 -17.89 4.48
C ARG Q 96 14.39 -18.44 5.34
N LEU Q 97 15.62 -18.49 4.85
CA LEU Q 97 16.76 -18.90 5.66
C LEU Q 97 17.79 -17.77 5.69
N SER Q 98 18.94 -18.04 6.31
CA SER Q 98 19.98 -17.04 6.55
C SER Q 98 21.25 -17.47 5.82
N GLY Q 99 21.09 -17.90 4.57
CA GLY Q 99 22.22 -18.28 3.75
C GLY Q 99 22.18 -17.58 2.42
N SER Q 100 23.36 -17.33 1.86
CA SER Q 100 23.44 -16.61 0.60
C SER Q 100 22.92 -17.45 -0.56
N TRP Q 101 23.37 -18.70 -0.66
CA TRP Q 101 23.00 -19.56 -1.77
C TRP Q 101 22.18 -20.74 -1.29
N VAL Q 102 21.23 -21.16 -2.13
CA VAL Q 102 20.56 -22.45 -1.98
C VAL Q 102 20.69 -23.19 -3.30
N PHE Q 103 21.08 -24.46 -3.25
CA PHE Q 103 21.31 -25.26 -4.44
C PHE Q 103 20.14 -26.21 -4.68
N GLY Q 104 20.17 -26.86 -5.85
CA GLY Q 104 19.22 -27.90 -6.16
C GLY Q 104 19.76 -29.28 -5.83
N GLY Q 105 18.94 -30.29 -6.14
CA GLY Q 105 19.35 -31.65 -5.88
C GLY Q 105 20.51 -32.11 -6.75
N GLY Q 106 20.46 -31.79 -8.05
CA GLY Q 106 21.51 -32.19 -8.97
C GLY Q 106 21.08 -33.24 -9.96
N THR Q 107 20.92 -32.84 -11.22
CA THR Q 107 20.51 -33.75 -12.29
C THR Q 107 21.75 -34.31 -12.97
N LYS Q 108 21.68 -35.55 -13.41
CA LYS Q 108 22.74 -36.15 -14.22
C LYS Q 108 22.24 -36.27 -15.66
N LEU Q 109 23.04 -35.77 -16.60
CA LEU Q 109 22.69 -35.81 -18.01
C LEU Q 109 23.43 -36.96 -18.67
N THR Q 110 22.68 -37.89 -19.24
CA THR Q 110 23.25 -39.05 -19.93
C THR Q 110 23.03 -38.89 -21.43
N VAL Q 111 24.11 -38.95 -22.19
CA VAL Q 111 24.07 -38.83 -23.64
C VAL Q 111 24.05 -40.24 -24.22
N LEU Q 112 22.98 -40.58 -24.92
CA LEU Q 112 22.76 -41.93 -25.43
C LEU Q 112 23.67 -42.19 -26.64
N GLY Q 113 24.95 -42.38 -26.35
CA GLY Q 113 25.95 -42.63 -27.36
C GLY Q 113 26.03 -44.09 -27.78
N GLN R 1 46.77 25.87 -15.05
CA GLN R 1 46.16 24.94 -16.00
C GLN R 1 46.57 23.50 -15.68
N VAL R 2 45.72 22.55 -16.09
CA VAL R 2 46.00 21.15 -15.83
C VAL R 2 46.77 20.55 -17.00
N GLN R 3 47.92 19.95 -16.70
CA GLN R 3 48.78 19.38 -17.73
C GLN R 3 49.05 17.92 -17.40
N LEU R 4 48.80 17.04 -18.36
CA LEU R 4 49.03 15.61 -18.20
C LEU R 4 49.83 15.12 -19.40
N VAL R 5 51.12 14.89 -19.20
CA VAL R 5 52.02 14.42 -20.25
C VAL R 5 52.29 12.95 -20.01
N GLU R 6 52.43 12.18 -21.09
CA GLU R 6 52.57 10.74 -21.00
C GLU R 6 53.80 10.26 -21.79
N SER R 7 54.31 9.10 -21.39
CA SER R 7 55.48 8.53 -22.04
C SER R 7 55.51 7.03 -21.73
N GLY R 8 56.56 6.37 -22.20
CA GLY R 8 56.78 4.97 -21.92
C GLY R 8 56.25 4.00 -22.96
N GLY R 9 55.60 4.50 -24.01
CA GLY R 9 55.04 3.63 -25.03
C GLY R 9 56.11 3.08 -25.95
N GLY R 10 55.64 2.36 -26.98
CA GLY R 10 56.51 1.77 -27.96
C GLY R 10 55.88 0.51 -28.54
N VAL R 11 56.72 -0.32 -29.13
CA VAL R 11 56.31 -1.57 -29.76
C VAL R 11 57.00 -2.72 -29.05
N VAL R 12 56.24 -3.76 -28.70
CA VAL R 12 56.78 -4.91 -28.00
C VAL R 12 56.17 -6.17 -28.59
N PRO R 13 56.94 -7.26 -28.74
CA PRO R 13 56.33 -8.54 -29.12
C PRO R 13 55.48 -9.08 -27.99
N PRO R 14 54.46 -9.88 -28.30
CA PRO R 14 53.61 -10.43 -27.24
C PRO R 14 54.40 -11.32 -26.30
N GLY R 15 54.03 -11.25 -25.01
CA GLY R 15 54.61 -12.12 -24.01
C GLY R 15 55.52 -11.46 -23.00
N ARG R 16 55.96 -10.22 -23.24
CA ARG R 16 56.81 -9.52 -22.30
C ARG R 16 56.12 -8.27 -21.77
N SER R 17 56.87 -7.48 -21.02
CA SER R 17 56.31 -6.40 -20.23
C SER R 17 56.53 -5.04 -20.90
N LEU R 18 55.82 -4.04 -20.37
CA LEU R 18 55.97 -2.65 -20.77
C LEU R 18 55.48 -1.79 -19.63
N ARG R 19 56.02 -0.58 -19.51
CA ARG R 19 55.73 0.30 -18.38
C ARG R 19 55.45 1.71 -18.90
N LEU R 20 54.25 2.21 -18.64
CA LEU R 20 53.86 3.55 -19.01
C LEU R 20 54.01 4.51 -17.83
N SER R 21 53.87 5.80 -18.11
CA SER R 21 53.94 6.82 -17.09
C SER R 21 53.19 8.06 -17.56
N CYS R 22 52.65 8.80 -16.60
CA CYS R 22 51.87 10.01 -16.87
C CYS R 22 52.28 11.07 -15.86
N ALA R 23 53.15 11.99 -16.26
CA ALA R 23 53.60 13.06 -15.39
C ALA R 23 52.63 14.23 -15.44
N THR R 24 52.30 14.77 -14.26
CA THR R 24 51.27 15.79 -14.13
C THR R 24 51.87 17.06 -13.57
N SER R 25 51.18 18.17 -13.82
CA SER R 25 51.57 19.46 -13.26
C SER R 25 50.36 20.39 -13.27
N GLY R 26 50.38 21.36 -12.37
CA GLY R 26 49.35 22.37 -12.31
C GLY R 26 48.22 22.12 -11.33
N PHE R 27 48.28 21.03 -10.56
CA PHE R 27 47.26 20.76 -9.56
C PHE R 27 47.85 19.85 -8.50
N THR R 28 47.18 19.80 -7.35
CA THR R 28 47.61 18.98 -6.23
C THR R 28 47.38 17.51 -6.59
N PHE R 29 48.45 16.80 -6.91
CA PHE R 29 48.34 15.43 -7.39
C PHE R 29 47.80 14.50 -6.29
N SER R 30 48.21 14.72 -5.05
CA SER R 30 47.87 13.80 -3.97
C SER R 30 46.42 13.92 -3.51
N ASN R 31 45.67 14.90 -4.01
CA ASN R 31 44.29 15.09 -3.59
C ASN R 31 43.28 14.46 -4.54
N TYR R 32 43.73 13.79 -5.60
CA TYR R 32 42.84 13.30 -6.63
C TYR R 32 43.18 11.85 -6.98
N GLY R 33 42.15 11.10 -7.37
CA GLY R 33 42.35 9.80 -7.96
C GLY R 33 42.61 9.90 -9.45
N MET R 34 43.17 8.83 -10.01
CA MET R 34 43.57 8.83 -11.41
C MET R 34 43.01 7.60 -12.10
N HIS R 35 42.81 7.71 -13.41
CA HIS R 35 42.26 6.65 -14.22
C HIS R 35 43.23 6.27 -15.34
N TRP R 36 42.89 5.21 -16.05
CA TRP R 36 43.52 4.85 -17.32
C TRP R 36 42.43 4.40 -18.28
N VAL R 37 42.44 4.95 -19.48
CA VAL R 37 41.47 4.63 -20.52
C VAL R 37 42.22 4.33 -21.81
N ARG R 38 41.74 3.35 -22.56
CA ARG R 38 42.40 2.96 -23.80
C ARG R 38 41.38 2.96 -24.94
N GLN R 39 41.89 3.23 -26.14
CA GLN R 39 41.08 3.26 -27.36
C GLN R 39 41.83 2.49 -28.44
N ALA R 40 41.28 1.37 -28.87
CA ALA R 40 41.87 0.61 -29.96
C ALA R 40 41.75 1.40 -31.26
N PRO R 41 42.71 1.25 -32.17
CA PRO R 41 42.66 1.99 -33.43
C PRO R 41 41.37 1.68 -34.20
N GLY R 42 40.55 2.71 -34.37
CA GLY R 42 39.27 2.57 -35.03
C GLY R 42 38.15 2.08 -34.16
N LYS R 43 38.33 2.03 -32.84
CA LYS R 43 37.32 1.53 -31.92
C LYS R 43 36.95 2.62 -30.92
N GLY R 44 36.13 2.23 -29.93
CA GLY R 44 35.68 3.15 -28.91
C GLY R 44 36.63 3.24 -27.74
N LEU R 45 36.11 3.77 -26.63
CA LEU R 45 36.90 3.96 -25.42
C LEU R 45 36.61 2.84 -24.43
N GLU R 46 37.67 2.36 -23.77
CA GLU R 46 37.57 1.28 -22.79
C GLU R 46 38.26 1.70 -21.51
N TRP R 47 37.52 1.68 -20.41
CA TRP R 47 38.08 1.97 -19.10
C TRP R 47 38.98 0.82 -18.67
N VAL R 48 40.12 1.13 -18.06
CA VAL R 48 41.15 0.15 -17.75
C VAL R 48 41.35 0.00 -16.24
N ALA R 49 41.66 1.09 -15.55
CA ALA R 49 42.01 1.00 -14.14
C ALA R 49 41.75 2.32 -13.45
N ILE R 50 41.70 2.27 -12.11
CA ILE R 50 41.60 3.43 -11.25
C ILE R 50 42.43 3.19 -10.01
N ILE R 51 42.91 4.26 -9.39
CA ILE R 51 43.66 4.18 -8.15
C ILE R 51 43.19 5.31 -7.23
N TRP R 52 43.05 5.01 -5.95
CA TRP R 52 42.64 6.01 -4.98
C TRP R 52 43.78 7.02 -4.74
N TYR R 53 43.40 8.16 -4.14
CA TYR R 53 44.39 9.22 -3.92
C TYR R 53 45.51 8.76 -3.01
N ASP R 54 45.20 7.88 -2.05
CA ASP R 54 46.23 7.31 -1.19
C ASP R 54 46.77 5.98 -1.71
N GLY R 55 46.22 5.47 -2.81
CA GLY R 55 46.63 4.18 -3.34
C GLY R 55 46.07 2.98 -2.62
N SER R 56 45.15 3.19 -1.67
CA SER R 56 44.63 2.07 -0.89
C SER R 56 43.75 1.16 -1.73
N ARG R 57 42.88 1.74 -2.56
CA ARG R 57 41.91 0.98 -3.32
C ARG R 57 42.26 1.03 -4.80
N ASN R 58 42.38 -0.13 -5.43
CA ASN R 58 42.62 -0.26 -6.86
C ASN R 58 41.50 -1.05 -7.48
N PHE R 59 41.12 -0.69 -8.70
CA PHE R 59 40.14 -1.45 -9.47
C PHE R 59 40.65 -1.61 -10.89
N TYR R 60 40.43 -2.78 -11.46
CA TYR R 60 40.86 -3.10 -12.82
C TYR R 60 39.69 -3.64 -13.62
N ALA R 61 39.77 -3.50 -14.94
CA ALA R 61 38.77 -4.08 -15.82
C ALA R 61 38.91 -5.60 -15.83
N ALA R 62 37.84 -6.26 -16.26
CA ALA R 62 37.84 -7.72 -16.25
C ALA R 62 38.88 -8.30 -17.19
N SER R 63 39.17 -7.61 -18.30
CA SER R 63 40.09 -8.16 -19.30
C SER R 63 41.55 -7.91 -18.94
N VAL R 64 41.84 -7.04 -17.97
CA VAL R 64 43.22 -6.71 -17.63
C VAL R 64 43.57 -7.07 -16.19
N GLU R 65 42.62 -7.54 -15.39
CA GLU R 65 42.91 -7.84 -13.99
C GLU R 65 43.86 -9.02 -13.89
N GLY R 66 44.85 -8.91 -12.99
CA GLY R 66 45.84 -9.93 -12.79
C GLY R 66 47.10 -9.77 -13.59
N ARG R 67 47.08 -8.96 -14.65
CA ARG R 67 48.25 -8.71 -15.47
C ARG R 67 48.77 -7.29 -15.34
N PHE R 68 47.88 -6.30 -15.28
CA PHE R 68 48.25 -4.90 -15.18
C PHE R 68 48.38 -4.49 -13.73
N THR R 69 49.21 -3.48 -13.48
CA THR R 69 49.41 -2.93 -12.14
C THR R 69 49.45 -1.42 -12.24
N ILE R 70 48.64 -0.76 -11.41
CA ILE R 70 48.58 0.70 -11.37
C ILE R 70 49.15 1.17 -10.04
N SER R 71 49.95 2.24 -10.11
CA SER R 71 50.59 2.78 -8.92
C SER R 71 50.84 4.27 -9.13
N ARG R 72 51.06 4.98 -8.03
CA ARG R 72 51.33 6.41 -8.07
C ARG R 72 52.45 6.74 -7.10
N ASP R 73 53.16 7.83 -7.38
CA ASP R 73 54.19 8.35 -6.50
C ASP R 73 53.87 9.80 -6.21
N ASN R 74 53.36 10.07 -5.01
CA ASN R 74 53.00 11.43 -4.60
C ASN R 74 54.20 12.35 -4.46
N SER R 75 55.41 11.80 -4.36
CA SER R 75 56.61 12.62 -4.23
C SER R 75 57.13 13.17 -5.55
N LYS R 76 56.67 12.63 -6.67
CA LYS R 76 57.11 13.09 -7.99
C LYS R 76 55.96 13.54 -8.88
N ASN R 77 54.72 13.51 -8.37
CA ASN R 77 53.53 13.90 -9.14
C ASN R 77 53.44 13.11 -10.44
N THR R 78 53.67 11.80 -10.35
CA THR R 78 53.67 10.93 -11.51
C THR R 78 52.78 9.72 -11.25
N LEU R 79 52.24 9.17 -12.33
CA LEU R 79 51.36 8.00 -12.28
C LEU R 79 51.92 6.92 -13.19
N TYR R 80 51.88 5.67 -12.73
CA TYR R 80 52.47 4.56 -13.47
C TYR R 80 51.40 3.55 -13.88
N LEU R 81 51.77 2.70 -14.83
CA LEU R 81 50.99 1.54 -15.22
C LEU R 81 51.96 0.45 -15.65
N GLN R 82 52.01 -0.63 -14.88
CA GLN R 82 52.91 -1.74 -15.16
C GLN R 82 52.14 -2.85 -15.88
N MET R 83 52.52 -3.11 -17.12
CA MET R 83 51.86 -4.10 -17.96
C MET R 83 52.74 -5.33 -18.04
N ASN R 84 52.15 -6.49 -17.79
CA ASN R 84 52.86 -7.76 -17.81
C ASN R 84 52.13 -8.78 -18.67
N SER R 85 52.90 -9.65 -19.32
CA SER R 85 52.38 -10.64 -20.25
C SER R 85 51.48 -9.98 -21.29
N LEU R 86 52.06 -9.06 -22.05
CA LEU R 86 51.29 -8.30 -23.01
C LEU R 86 50.84 -9.19 -24.17
N ARG R 87 49.65 -8.92 -24.67
CA ARG R 87 49.04 -9.69 -25.75
C ARG R 87 48.71 -8.78 -26.93
N VAL R 88 48.34 -9.40 -28.04
CA VAL R 88 48.06 -8.65 -29.26
C VAL R 88 46.83 -7.76 -29.08
N GLU R 89 45.82 -8.25 -28.37
CA GLU R 89 44.57 -7.51 -28.22
C GLU R 89 44.72 -6.28 -27.33
N ASP R 90 45.85 -6.10 -26.66
CA ASP R 90 46.08 -4.95 -25.79
C ASP R 90 46.61 -3.74 -26.55
N THR R 91 46.74 -3.83 -27.87
CA THR R 91 47.23 -2.69 -28.66
C THR R 91 46.17 -1.61 -28.74
N ALA R 92 46.49 -0.42 -28.22
CA ALA R 92 45.55 0.69 -28.21
C ALA R 92 46.32 1.95 -27.80
N VAL R 93 45.59 3.05 -27.71
CA VAL R 93 46.13 4.32 -27.24
C VAL R 93 45.72 4.53 -25.79
N TYR R 94 46.70 4.75 -24.92
CA TYR R 94 46.48 4.78 -23.48
C TYR R 94 46.46 6.21 -22.97
N TYR R 95 45.37 6.59 -22.30
CA TYR R 95 45.18 7.92 -21.75
C TYR R 95 45.19 7.86 -20.24
N CYS R 96 45.75 8.90 -19.62
CA CYS R 96 45.63 9.12 -18.18
C CYS R 96 44.68 10.28 -17.93
N ALA R 97 43.68 10.03 -17.08
CA ALA R 97 42.63 11.00 -16.83
C ALA R 97 42.51 11.25 -15.34
N ARG R 98 42.08 12.46 -14.99
CA ARG R 98 41.90 12.82 -13.59
C ARG R 98 40.47 12.51 -13.16
N ALA R 99 40.33 11.99 -11.94
CA ALA R 99 39.02 11.55 -11.47
C ALA R 99 38.23 12.70 -10.90
N ALA R 100 36.91 12.68 -11.15
CA ALA R 100 35.96 13.60 -10.55
C ALA R 100 34.70 12.82 -10.21
N TYR R 101 33.93 13.35 -9.27
CA TYR R 101 32.70 12.71 -8.81
C TYR R 101 31.63 13.77 -8.64
N TYR R 102 30.50 13.60 -9.33
CA TYR R 102 29.49 14.65 -9.28
C TYR R 102 28.41 14.39 -8.23
N ASP R 103 27.55 13.41 -8.47
CA ASP R 103 26.56 13.05 -7.46
C ASP R 103 26.59 11.56 -7.14
N THR R 104 26.42 10.73 -8.18
CA THR R 104 26.32 9.29 -8.04
C THR R 104 27.19 8.54 -9.04
N SER R 105 27.96 9.25 -9.84
CA SER R 105 28.83 8.63 -10.84
C SER R 105 30.06 9.50 -11.00
N GLY R 106 31.13 8.88 -11.51
CA GLY R 106 32.38 9.57 -11.72
C GLY R 106 32.59 9.88 -13.19
N TYR R 107 33.49 10.83 -13.44
CA TYR R 107 33.84 11.23 -14.80
C TYR R 107 35.28 11.73 -14.80
N GLY R 108 35.80 11.97 -16.00
CA GLY R 108 37.15 12.49 -16.13
C GLY R 108 37.16 13.93 -16.61
N ASP R 109 37.55 14.85 -15.74
CA ASP R 109 37.51 16.26 -16.09
C ASP R 109 38.65 16.65 -17.03
N TYR R 110 39.85 16.11 -16.81
CA TYR R 110 41.02 16.46 -17.60
C TYR R 110 41.75 15.20 -18.03
N TRP R 111 42.11 15.13 -19.31
CA TRP R 111 42.74 13.96 -19.91
C TRP R 111 44.15 14.28 -20.37
N GLY R 112 44.94 13.22 -20.58
CA GLY R 112 46.28 13.36 -21.11
C GLY R 112 46.29 13.33 -22.63
N GLN R 113 47.49 13.52 -23.18
CA GLN R 113 47.62 13.57 -24.64
C GLN R 113 47.40 12.20 -25.27
N GLY R 114 47.82 11.14 -24.59
CA GLY R 114 47.66 9.80 -25.12
C GLY R 114 48.96 9.26 -25.70
N THR R 115 49.25 8.01 -25.37
CA THR R 115 50.41 7.31 -25.89
C THR R 115 49.96 5.99 -26.52
N LEU R 116 50.67 5.57 -27.55
CA LEU R 116 50.27 4.40 -28.32
C LEU R 116 51.21 3.24 -28.03
N VAL R 117 50.63 2.08 -27.74
CA VAL R 117 51.37 0.84 -27.49
C VAL R 117 50.88 -0.20 -28.48
N THR R 118 51.81 -0.78 -29.23
CA THR R 118 51.49 -1.77 -30.26
C THR R 118 52.19 -3.07 -29.94
N VAL R 119 51.45 -4.18 -30.00
CA VAL R 119 51.99 -5.52 -29.78
C VAL R 119 51.88 -6.28 -31.09
N SER R 120 53.03 -6.72 -31.61
CA SER R 120 53.08 -7.41 -32.89
C SER R 120 54.29 -8.33 -32.90
N SER R 121 54.24 -9.31 -33.79
CA SER R 121 55.32 -10.29 -33.93
C SER R 121 55.72 -10.45 -35.39
N SER S 2 30.43 -2.79 -24.46
CA SER S 2 29.57 -1.67 -24.77
C SER S 2 28.17 -1.87 -24.20
N VAL S 3 28.03 -1.63 -22.89
CA VAL S 3 26.71 -1.76 -22.26
C VAL S 3 25.77 -0.68 -22.76
N LEU S 4 26.26 0.52 -23.00
CA LEU S 4 25.44 1.60 -23.53
C LEU S 4 25.41 1.53 -25.05
N THR S 5 24.22 1.69 -25.62
CA THR S 5 24.01 1.59 -27.05
C THR S 5 23.82 2.96 -27.66
N GLN S 6 24.53 3.23 -28.76
CA GLN S 6 24.44 4.47 -29.49
C GLN S 6 24.29 4.19 -30.97
N PRO S 7 23.62 5.07 -31.71
CA PRO S 7 23.63 4.97 -33.17
C PRO S 7 25.03 5.22 -33.70
N PRO S 8 25.53 4.38 -34.62
CA PRO S 8 26.91 4.54 -35.09
C PRO S 8 27.19 5.88 -35.76
N SER S 9 26.20 6.50 -36.39
CA SER S 9 26.43 7.77 -37.07
C SER S 9 25.12 8.49 -37.29
N VAL S 10 25.16 9.82 -37.10
CA VAL S 10 24.07 10.71 -37.46
C VAL S 10 24.68 11.91 -38.18
N SER S 11 23.82 12.69 -38.83
CA SER S 11 24.30 13.80 -39.64
C SER S 11 23.22 14.88 -39.72
N GLY S 12 23.66 16.06 -40.13
CA GLY S 12 22.75 17.19 -40.30
C GLY S 12 23.48 18.35 -40.94
N ALA S 13 22.71 19.14 -41.68
CA ALA S 13 23.29 20.30 -42.35
C ALA S 13 23.63 21.39 -41.34
N PRO S 14 24.65 22.21 -41.62
CA PRO S 14 25.00 23.29 -40.70
C PRO S 14 23.81 24.22 -40.47
N GLY S 15 23.66 24.66 -39.23
CA GLY S 15 22.56 25.53 -38.85
C GLY S 15 21.31 24.82 -38.38
N GLN S 16 21.24 23.50 -38.48
CA GLN S 16 20.08 22.76 -38.04
C GLN S 16 20.35 22.12 -36.68
N THR S 17 19.34 21.43 -36.15
CA THR S 17 19.43 20.80 -34.84
C THR S 17 19.46 19.29 -35.00
N VAL S 18 20.50 18.66 -34.44
CA VAL S 18 20.63 17.21 -34.43
C VAL S 18 20.64 16.73 -33.00
N THR S 19 20.30 15.46 -32.82
CA THR S 19 20.12 14.87 -31.50
C THR S 19 20.81 13.52 -31.45
N ILE S 20 21.79 13.39 -30.54
CA ILE S 20 22.53 12.15 -30.35
C ILE S 20 21.99 11.49 -29.10
N SER S 21 21.61 10.21 -29.21
CA SER S 21 21.00 9.51 -28.10
C SER S 21 21.94 8.43 -27.55
N CYS S 22 21.66 8.02 -26.32
CA CYS S 22 22.41 6.97 -25.65
C CYS S 22 21.43 6.11 -24.86
N THR S 23 21.28 4.85 -25.27
CA THR S 23 20.30 3.95 -24.67
C THR S 23 21.00 2.99 -23.73
N GLY S 24 20.48 2.87 -22.52
CA GLY S 24 21.06 1.97 -21.53
C GLY S 24 20.10 0.91 -21.07
N GLY S 25 20.19 0.53 -19.79
CA GLY S 25 19.31 -0.47 -19.22
C GLY S 25 18.78 -0.09 -17.87
N SER S 26 18.24 -1.06 -17.13
CA SER S 26 17.73 -0.79 -15.79
C SER S 26 18.82 -0.83 -14.74
N SER S 27 20.05 -1.16 -15.11
CA SER S 27 21.16 -1.27 -14.16
C SER S 27 22.11 -0.08 -14.18
N ASN S 28 22.18 0.66 -15.28
CA ASN S 28 23.14 1.76 -15.36
C ASN S 28 22.44 3.12 -15.41
N ILE S 29 21.54 3.33 -16.37
CA ILE S 29 20.88 4.62 -16.48
C ILE S 29 19.57 4.62 -15.69
N GLY S 30 18.81 3.54 -15.77
CA GLY S 30 17.56 3.44 -15.07
C GLY S 30 17.68 3.27 -13.57
N ALA S 31 18.88 3.04 -13.06
CA ALA S 31 19.11 2.92 -11.63
C ALA S 31 19.37 4.26 -10.96
N GLY S 32 19.44 5.34 -11.73
CA GLY S 32 19.65 6.67 -11.18
C GLY S 32 21.06 7.20 -11.28
N TYR S 33 21.95 6.54 -12.01
CA TYR S 33 23.33 6.99 -12.14
C TYR S 33 23.44 8.05 -13.24
N ASP S 34 24.36 8.99 -13.02
CA ASP S 34 24.49 10.13 -13.93
C ASP S 34 25.06 9.69 -15.27
N VAL S 35 24.87 10.53 -16.28
CA VAL S 35 25.36 10.31 -17.63
C VAL S 35 26.26 11.46 -18.01
N HIS S 36 27.44 11.14 -18.54
CA HIS S 36 28.43 12.14 -18.92
C HIS S 36 28.80 11.95 -20.39
N TRP S 37 29.11 13.06 -21.06
CA TRP S 37 29.36 13.07 -22.49
C TRP S 37 30.79 13.53 -22.76
N TYR S 38 31.40 12.96 -23.80
CA TYR S 38 32.76 13.30 -24.18
C TYR S 38 32.82 13.53 -25.68
N GLN S 39 33.69 14.46 -26.08
CA GLN S 39 33.87 14.81 -27.49
C GLN S 39 35.33 14.60 -27.87
N GLN S 40 35.57 13.86 -28.94
CA GLN S 40 36.91 13.55 -29.41
C GLN S 40 37.08 14.01 -30.84
N LEU S 41 37.90 15.04 -31.05
CA LEU S 41 38.29 15.43 -32.39
C LEU S 41 39.16 14.32 -33.01
N PRO S 42 39.24 14.26 -34.33
CA PRO S 42 39.93 13.12 -34.97
C PRO S 42 41.38 12.94 -34.53
N GLY S 43 42.10 14.02 -34.22
CA GLY S 43 43.51 13.93 -33.90
C GLY S 43 43.92 14.24 -32.48
N THR S 44 43.00 14.26 -31.52
CA THR S 44 43.33 14.63 -30.15
C THR S 44 42.59 13.73 -29.17
N ALA S 45 42.88 13.92 -27.89
CA ALA S 45 42.27 13.14 -26.83
C ALA S 45 40.84 13.58 -26.59
N PRO S 46 40.03 12.75 -25.93
CA PRO S 46 38.67 13.17 -25.58
C PRO S 46 38.66 14.37 -24.65
N LYS S 47 37.60 15.16 -24.75
CA LYS S 47 37.39 16.33 -23.91
C LYS S 47 36.00 16.27 -23.29
N LEU S 48 35.93 16.57 -21.99
CA LEU S 48 34.64 16.55 -21.31
C LEU S 48 33.70 17.58 -21.91
N LEU S 49 32.47 17.17 -22.19
CA LEU S 49 31.49 18.01 -22.86
C LEU S 49 30.32 18.36 -21.94
N ILE S 50 29.64 17.35 -21.39
CA ILE S 50 28.57 17.57 -20.43
C ILE S 50 28.73 16.59 -19.27
N TYR S 51 28.73 17.12 -18.05
CA TYR S 51 28.75 16.31 -16.85
C TYR S 51 27.49 16.62 -16.05
N GLY S 52 27.08 15.68 -15.21
CA GLY S 52 25.91 15.91 -14.38
C GLY S 52 24.62 15.94 -15.16
N ASN S 53 24.65 15.48 -16.42
CA ASN S 53 23.53 15.31 -17.32
C ASN S 53 22.96 16.62 -17.82
N ILE S 54 23.32 17.74 -17.20
CA ILE S 54 22.89 19.06 -17.65
C ILE S 54 24.00 20.10 -17.63
N ASN S 55 25.11 19.84 -16.94
CA ASN S 55 26.11 20.86 -16.69
C ASN S 55 27.21 20.77 -17.74
N ARG S 56 27.87 21.91 -17.96
CA ARG S 56 28.91 22.02 -18.98
C ARG S 56 30.09 22.80 -18.43
N PRO S 57 31.30 22.51 -18.90
CA PRO S 57 32.47 23.28 -18.46
C PRO S 57 32.48 24.67 -19.07
N SER S 58 33.54 25.42 -18.74
CA SER S 58 33.65 26.78 -19.24
C SER S 58 33.87 26.83 -20.75
N GLY S 59 34.73 25.96 -21.26
CA GLY S 59 35.09 26.05 -22.68
C GLY S 59 33.98 25.59 -23.61
N VAL S 60 33.05 24.79 -23.09
CA VAL S 60 32.01 24.24 -23.96
C VAL S 60 30.96 25.32 -24.24
N PRO S 61 30.60 25.58 -25.49
CA PRO S 61 29.62 26.62 -25.78
C PRO S 61 28.21 26.22 -25.35
N ASP S 62 27.32 27.22 -25.34
CA ASP S 62 25.96 27.01 -24.88
C ASP S 62 25.15 26.18 -25.89
N ARG S 63 25.70 25.95 -27.09
CA ARG S 63 24.98 25.20 -28.10
C ARG S 63 24.67 23.78 -27.64
N PHE S 64 25.62 23.13 -26.98
CA PHE S 64 25.45 21.76 -26.53
C PHE S 64 24.57 21.71 -25.28
N SER S 65 23.61 20.79 -25.27
CA SER S 65 22.73 20.60 -24.14
C SER S 65 22.24 19.15 -24.14
N GLY S 66 21.75 18.70 -22.99
CA GLY S 66 21.29 17.32 -22.90
C GLY S 66 20.49 17.09 -21.64
N SER S 67 19.77 15.97 -21.63
CA SER S 67 18.98 15.54 -20.51
C SER S 67 18.81 14.02 -20.59
N LYS S 68 18.29 13.43 -19.52
CA LYS S 68 17.96 12.02 -19.51
C LYS S 68 16.50 11.85 -19.17
N SER S 69 15.96 10.68 -19.50
CA SER S 69 14.63 10.29 -19.06
C SER S 69 14.54 8.77 -19.08
N GLY S 70 14.15 8.18 -17.95
CA GLY S 70 14.00 6.73 -17.89
C GLY S 70 15.31 6.02 -18.11
N THR S 71 15.34 5.14 -19.12
CA THR S 71 16.52 4.35 -19.45
C THR S 71 17.34 4.95 -20.59
N SER S 72 17.02 6.17 -21.02
CA SER S 72 17.71 6.79 -22.13
C SER S 72 18.13 8.21 -21.80
N ALA S 73 19.26 8.61 -22.37
CA ALA S 73 19.74 9.98 -22.27
C ALA S 73 20.21 10.42 -23.65
N SER S 74 20.18 11.73 -23.88
CA SER S 74 20.52 12.22 -25.21
C SER S 74 21.23 13.56 -25.12
N LEU S 75 22.06 13.83 -26.13
CA LEU S 75 22.82 15.06 -26.25
C LEU S 75 22.28 15.85 -27.44
N ALA S 76 21.68 17.00 -27.16
CA ALA S 76 21.09 17.84 -28.19
C ALA S 76 22.07 18.93 -28.59
N ILE S 77 22.34 19.03 -29.89
CA ILE S 77 23.26 20.03 -30.43
C ILE S 77 22.47 20.90 -31.40
N THR S 78 22.54 22.21 -31.19
CA THR S 78 21.88 23.19 -32.04
C THR S 78 22.91 24.11 -32.68
N GLY S 79 22.64 24.51 -33.91
CA GLY S 79 23.57 25.35 -34.64
C GLY S 79 24.84 24.62 -35.05
N LEU S 80 24.72 23.64 -35.94
CA LEU S 80 25.87 22.85 -36.36
C LEU S 80 26.92 23.73 -37.03
N GLN S 81 28.18 23.43 -36.75
CA GLN S 81 29.31 24.18 -37.29
C GLN S 81 30.33 23.23 -37.90
N ALA S 82 31.32 23.82 -38.59
CA ALA S 82 32.32 23.01 -39.26
C ALA S 82 33.21 22.26 -38.28
N GLU S 83 33.43 22.83 -37.10
CA GLU S 83 34.30 22.19 -36.11
C GLU S 83 33.57 21.16 -35.25
N ASP S 84 32.28 20.95 -35.46
CA ASP S 84 31.55 19.91 -34.73
C ASP S 84 31.80 18.51 -35.28
N GLU S 85 32.81 18.34 -36.13
CA GLU S 85 33.17 17.01 -36.64
C GLU S 85 34.03 16.30 -35.61
N ALA S 86 33.42 15.38 -34.86
CA ALA S 86 34.11 14.69 -33.78
C ALA S 86 33.28 13.48 -33.36
N ASP S 87 33.89 12.64 -32.54
CA ASP S 87 33.22 11.45 -32.01
C ASP S 87 32.66 11.78 -30.63
N TYR S 88 31.43 11.34 -30.38
CA TYR S 88 30.74 11.64 -29.14
C TYR S 88 30.45 10.34 -28.39
N TYR S 89 30.87 10.29 -27.13
CA TYR S 89 30.71 9.10 -26.29
C TYR S 89 29.88 9.43 -25.07
N CYS S 90 28.98 8.53 -24.71
CA CYS S 90 28.20 8.64 -23.48
C CYS S 90 28.78 7.67 -22.45
N GLN S 91 28.82 8.11 -21.20
CA GLN S 91 29.42 7.32 -20.13
C GLN S 91 28.51 7.34 -18.90
N SER S 92 28.44 6.20 -18.22
CA SER S 92 27.72 6.08 -16.97
C SER S 92 28.44 5.02 -16.14
N TYR S 93 27.79 4.56 -15.08
CA TYR S 93 28.30 3.46 -14.27
C TYR S 93 27.26 2.35 -14.26
N ASP S 94 27.70 1.14 -14.58
CA ASP S 94 26.80 -0.01 -14.65
C ASP S 94 26.98 -0.82 -13.37
N ARG S 95 25.88 -1.09 -12.68
CA ARG S 95 25.92 -1.73 -11.37
C ARG S 95 26.38 -3.18 -11.47
N ARG S 96 26.33 -3.77 -12.66
CA ARG S 96 26.48 -5.20 -12.84
C ARG S 96 27.93 -5.66 -12.96
N LEU S 97 28.86 -4.75 -13.27
CA LEU S 97 30.26 -5.10 -13.43
C LEU S 97 31.07 -4.53 -12.26
N SER S 98 32.40 -4.68 -12.35
CA SER S 98 33.32 -4.24 -11.30
C SER S 98 34.25 -3.18 -11.90
N GLY S 99 33.67 -2.27 -12.66
CA GLY S 99 34.44 -1.19 -13.26
C GLY S 99 33.80 0.14 -12.96
N SER S 100 34.64 1.18 -12.88
CA SER S 100 34.15 2.50 -12.53
C SER S 100 33.30 3.09 -13.65
N TRP S 101 33.77 3.01 -14.89
CA TRP S 101 33.09 3.60 -16.03
C TRP S 101 32.68 2.53 -17.03
N VAL S 102 31.62 2.84 -17.78
CA VAL S 102 31.25 2.10 -18.97
C VAL S 102 31.03 3.09 -20.11
N PHE S 103 31.61 2.81 -21.27
CA PHE S 103 31.50 3.69 -22.42
C PHE S 103 30.56 3.10 -23.45
N GLY S 104 30.00 3.97 -24.28
CA GLY S 104 29.19 3.55 -25.40
C GLY S 104 30.01 3.26 -26.64
N GLY S 105 29.31 2.89 -27.71
CA GLY S 105 29.99 2.59 -28.96
C GLY S 105 30.63 3.81 -29.60
N GLY S 106 29.97 4.96 -29.53
CA GLY S 106 30.50 6.16 -30.14
C GLY S 106 29.73 6.57 -31.38
N THR S 107 29.16 7.77 -31.38
CA THR S 107 28.34 8.27 -32.47
C THR S 107 29.12 9.33 -33.24
N LYS S 108 29.18 9.17 -34.56
CA LYS S 108 29.88 10.11 -35.42
C LYS S 108 28.90 11.11 -36.01
N LEU S 109 29.15 12.39 -35.79
CA LEU S 109 28.33 13.46 -36.34
C LEU S 109 29.02 14.02 -37.58
N THR S 110 28.30 14.00 -38.71
CA THR S 110 28.81 14.49 -39.97
C THR S 110 28.04 15.74 -40.37
N VAL S 111 28.76 16.83 -40.60
CA VAL S 111 28.18 18.11 -40.96
C VAL S 111 28.03 18.15 -42.47
N LEU S 112 26.78 18.25 -42.95
CA LEU S 112 26.48 18.18 -44.37
C LEU S 112 26.83 19.52 -45.04
N GLY S 113 28.14 19.73 -45.20
CA GLY S 113 28.64 20.93 -45.83
C GLY S 113 28.52 20.93 -47.34
N GLN T 1 43.78 35.78 24.31
CA GLN T 1 43.08 36.58 23.32
C GLN T 1 43.71 36.38 21.93
N VAL T 2 42.84 36.25 20.91
CA VAL T 2 43.30 35.89 19.59
C VAL T 2 43.57 37.13 18.76
N GLN T 3 44.79 37.22 18.22
CA GLN T 3 45.16 38.27 17.27
C GLN T 3 45.72 37.63 16.01
N LEU T 4 45.27 38.12 14.86
CA LEU T 4 45.77 37.68 13.56
C LEU T 4 46.12 38.93 12.76
N VAL T 5 47.40 39.23 12.64
CA VAL T 5 47.89 40.44 11.99
C VAL T 5 48.52 40.06 10.67
N GLU T 6 48.15 40.75 9.61
CA GLU T 6 48.55 40.41 8.25
C GLU T 6 49.44 41.50 7.66
N SER T 7 50.15 41.13 6.59
CA SER T 7 51.01 42.05 5.86
C SER T 7 51.31 41.46 4.49
N GLY T 8 52.06 42.20 3.69
CA GLY T 8 52.54 41.71 2.42
C GLY T 8 51.83 42.23 1.18
N GLY T 9 50.97 43.23 1.31
CA GLY T 9 50.27 43.78 0.16
C GLY T 9 51.16 44.69 -0.67
N GLY T 10 50.55 45.24 -1.73
CA GLY T 10 51.23 46.14 -2.63
C GLY T 10 50.56 46.16 -3.98
N VAL T 11 51.22 46.84 -4.92
CA VAL T 11 50.73 46.99 -6.28
C VAL T 11 51.70 46.26 -7.21
N VAL T 12 51.19 45.32 -7.98
CA VAL T 12 52.05 44.44 -8.78
C VAL T 12 51.55 44.36 -10.22
N PRO T 13 52.43 44.51 -11.21
CA PRO T 13 52.03 44.23 -12.59
C PRO T 13 51.70 42.76 -12.77
N PRO T 14 50.73 42.43 -13.61
CA PRO T 14 50.31 41.02 -13.74
C PRO T 14 51.44 40.14 -14.26
N GLY T 15 51.47 38.91 -13.75
CA GLY T 15 52.45 37.92 -14.18
C GLY T 15 53.63 37.73 -13.26
N ARG T 16 53.76 38.52 -12.20
CA ARG T 16 54.87 38.41 -11.28
C ARG T 16 54.35 38.08 -9.89
N SER T 17 55.15 37.34 -9.13
CA SER T 17 54.70 36.73 -7.88
C SER T 17 54.74 37.70 -6.71
N LEU T 18 54.06 37.31 -5.63
CA LEU T 18 54.02 38.09 -4.41
C LEU T 18 53.67 37.17 -3.25
N ARG T 19 54.17 37.50 -2.05
CA ARG T 19 54.08 36.66 -0.88
C ARG T 19 53.37 37.40 0.24
N LEU T 20 52.29 36.82 0.76
CA LEU T 20 51.60 37.32 1.93
C LEU T 20 52.11 36.66 3.20
N SER T 21 51.72 37.22 4.33
CA SER T 21 52.09 36.69 5.64
C SER T 21 51.06 37.14 6.67
N CYS T 22 50.77 36.23 7.60
CA CYS T 22 49.77 36.48 8.65
C CYS T 22 50.36 36.02 9.98
N ALA T 23 50.73 36.97 10.82
CA ALA T 23 51.31 36.68 12.13
C ALA T 23 50.21 36.49 13.16
N THR T 24 50.36 35.44 13.97
CA THR T 24 49.33 35.07 14.94
C THR T 24 49.90 35.15 16.35
N SER T 25 49.00 35.32 17.31
CA SER T 25 49.37 35.38 18.71
C SER T 25 48.14 35.10 19.57
N GLY T 26 48.38 34.54 20.75
CA GLY T 26 47.33 34.29 21.71
C GLY T 26 46.75 32.88 21.71
N PHE T 27 47.14 32.04 20.76
CA PHE T 27 46.67 30.66 20.74
C PHE T 27 47.78 29.78 20.18
N THR T 28 47.71 28.50 20.49
CA THR T 28 48.71 27.54 20.02
C THR T 28 48.55 27.37 18.52
N PHE T 29 49.47 27.96 17.76
CA PHE T 29 49.36 27.96 16.30
C PHE T 29 49.46 26.54 15.73
N SER T 30 50.35 25.73 16.30
CA SER T 30 50.55 24.37 15.78
C SER T 30 49.45 23.40 16.20
N ASN T 31 48.35 23.89 16.73
CA ASN T 31 47.22 23.05 17.12
C ASN T 31 45.96 23.34 16.33
N TYR T 32 46.02 24.21 15.33
CA TYR T 32 44.84 24.64 14.58
C TYR T 32 45.16 24.75 13.10
N GLY T 33 44.13 24.63 12.26
CA GLY T 33 44.26 24.90 10.85
C GLY T 33 43.90 26.33 10.52
N MET T 34 44.30 26.75 9.32
CA MET T 34 44.09 28.13 8.89
C MET T 34 43.45 28.17 7.52
N HIS T 35 42.68 29.23 7.28
CA HIS T 35 42.01 29.46 6.01
C HIS T 35 42.50 30.77 5.40
N TRP T 36 42.35 30.87 4.08
CA TRP T 36 42.50 32.13 3.37
C TRP T 36 41.20 32.43 2.63
N VAL T 37 40.65 33.61 2.89
CA VAL T 37 39.45 34.07 2.22
C VAL T 37 39.72 35.44 1.63
N ARG T 38 39.32 35.65 0.39
CA ARG T 38 39.53 36.91 -0.30
C ARG T 38 38.20 37.51 -0.69
N GLN T 39 38.19 38.84 -0.81
CA GLN T 39 36.98 39.61 -1.12
C GLN T 39 37.35 40.72 -2.07
N ALA T 40 36.93 40.61 -3.33
CA ALA T 40 37.13 41.68 -4.29
C ALA T 40 36.28 42.89 -3.90
N PRO T 41 36.75 44.10 -4.20
CA PRO T 41 35.96 45.29 -3.86
C PRO T 41 34.58 45.25 -4.52
N GLY T 42 33.55 45.48 -3.71
CA GLY T 42 32.19 45.46 -4.20
C GLY T 42 31.59 44.09 -4.41
N LYS T 43 32.27 43.03 -3.99
CA LYS T 43 31.80 41.66 -4.18
C LYS T 43 31.72 40.95 -2.83
N GLY T 44 31.35 39.68 -2.89
CA GLY T 44 31.24 38.85 -1.70
C GLY T 44 32.54 38.18 -1.34
N LEU T 45 32.45 37.25 -0.39
CA LEU T 45 33.62 36.50 0.07
C LEU T 45 33.87 35.30 -0.83
N GLU T 46 35.14 34.98 -1.01
CA GLU T 46 35.56 33.85 -1.84
C GLU T 46 36.61 33.04 -1.11
N TRP T 47 36.27 31.80 -0.78
CA TRP T 47 37.22 30.91 -0.11
C TRP T 47 38.35 30.59 -1.07
N VAL T 48 39.58 30.61 -0.56
CA VAL T 48 40.78 30.47 -1.38
C VAL T 48 41.51 29.17 -1.08
N ALA T 49 41.99 28.99 0.15
CA ALA T 49 42.83 27.85 0.47
C ALA T 49 42.72 27.51 1.94
N ILE T 50 43.12 26.28 2.28
CA ILE T 50 43.16 25.80 3.64
C ILE T 50 44.40 24.92 3.79
N ILE T 51 44.97 24.89 4.99
CA ILE T 51 46.12 24.05 5.29
C ILE T 51 45.85 23.33 6.61
N TRP T 52 46.21 22.05 6.67
CA TRP T 52 46.09 21.30 7.91
C TRP T 52 47.11 21.79 8.93
N TYR T 53 46.88 21.44 10.19
CA TYR T 53 47.75 21.90 11.26
C TYR T 53 49.18 21.42 11.06
N ASP T 54 49.35 20.18 10.60
CA ASP T 54 50.69 19.65 10.31
C ASP T 54 51.13 19.92 8.89
N GLY T 55 50.28 20.53 8.06
CA GLY T 55 50.62 20.80 6.68
C GLY T 55 50.51 19.62 5.74
N SER T 56 49.99 18.48 6.21
CA SER T 56 49.92 17.29 5.37
C SER T 56 48.96 17.49 4.20
N ARG T 57 47.81 18.09 4.45
CA ARG T 57 46.76 18.24 3.44
C ARG T 57 46.60 19.70 3.07
N ASN T 58 46.61 19.99 1.77
CA ASN T 58 46.37 21.32 1.26
C ASN T 58 45.21 21.25 0.26
N PHE T 59 44.24 22.14 0.42
CA PHE T 59 43.11 22.23 -0.50
C PHE T 59 42.99 23.65 -1.02
N TYR T 60 42.88 23.78 -2.33
CA TYR T 60 42.81 25.08 -2.99
C TYR T 60 41.50 25.21 -3.74
N ALA T 61 41.07 26.46 -3.93
CA ALA T 61 39.95 26.72 -4.81
C ALA T 61 40.36 26.44 -6.26
N ALA T 62 39.36 26.21 -7.11
CA ALA T 62 39.65 25.87 -8.51
C ALA T 62 40.36 27.01 -9.22
N SER T 63 39.97 28.26 -8.95
CA SER T 63 40.52 29.40 -9.67
C SER T 63 41.97 29.70 -9.29
N VAL T 64 42.46 29.13 -8.19
CA VAL T 64 43.81 29.43 -7.72
C VAL T 64 44.71 28.21 -7.66
N GLU T 65 44.19 27.01 -7.94
CA GLU T 65 45.01 25.81 -7.87
C GLU T 65 46.08 25.83 -8.96
N GLY T 66 47.30 25.49 -8.59
CA GLY T 66 48.42 25.49 -9.51
C GLY T 66 49.22 26.77 -9.54
N ARG T 67 48.69 27.85 -8.97
CA ARG T 67 49.38 29.13 -8.91
C ARG T 67 49.65 29.58 -7.49
N PHE T 68 48.69 29.42 -6.58
CA PHE T 68 48.82 29.86 -5.20
C PHE T 68 49.39 28.75 -4.33
N THR T 69 50.31 29.12 -3.44
CA THR T 69 50.92 28.19 -2.51
C THR T 69 50.71 28.72 -1.09
N ILE T 70 50.18 27.87 -0.22
CA ILE T 70 49.94 28.22 1.17
C ILE T 70 50.83 27.35 2.05
N SER T 71 51.60 27.99 2.93
CA SER T 71 52.51 27.28 3.80
C SER T 71 52.47 27.93 5.18
N ARG T 72 52.90 27.17 6.18
CA ARG T 72 52.86 27.62 7.56
C ARG T 72 54.17 27.27 8.25
N ASP T 73 54.49 28.04 9.29
CA ASP T 73 55.69 27.84 10.09
C ASP T 73 55.27 27.78 11.55
N ASN T 74 55.47 26.63 12.18
CA ASN T 74 55.05 26.42 13.56
C ASN T 74 55.99 27.04 14.58
N SER T 75 57.26 27.25 14.23
CA SER T 75 58.21 27.86 15.16
C SER T 75 58.11 29.38 15.19
N LYS T 76 57.47 30.00 14.20
CA LYS T 76 57.33 31.44 14.14
C LYS T 76 55.88 31.89 14.23
N ASN T 77 54.93 30.95 14.31
CA ASN T 77 53.50 31.26 14.36
C ASN T 77 53.09 32.14 13.18
N THR T 78 53.64 31.83 12.01
CA THR T 78 53.42 32.63 10.82
C THR T 78 52.77 31.77 9.73
N LEU T 79 51.72 32.31 9.13
CA LEU T 79 51.05 31.69 7.99
C LEU T 79 51.41 32.44 6.72
N TYR T 80 51.76 31.70 5.67
CA TYR T 80 52.22 32.30 4.43
C TYR T 80 51.27 31.92 3.29
N LEU T 81 51.25 32.77 2.27
CA LEU T 81 50.50 32.52 1.05
C LEU T 81 51.34 33.00 -0.12
N GLN T 82 51.97 32.06 -0.81
CA GLN T 82 52.84 32.36 -1.95
C GLN T 82 52.01 32.34 -3.22
N MET T 83 51.77 33.51 -3.80
CA MET T 83 50.92 33.68 -4.96
C MET T 83 51.80 33.99 -6.17
N ASN T 84 51.82 33.07 -7.13
CA ASN T 84 52.63 33.21 -8.34
C ASN T 84 51.74 33.50 -9.54
N SER T 85 52.33 34.19 -10.52
CA SER T 85 51.65 34.53 -11.77
C SER T 85 50.33 35.24 -11.51
N LEU T 86 50.40 36.35 -10.77
CA LEU T 86 49.20 37.11 -10.45
C LEU T 86 48.53 37.62 -11.71
N ARG T 87 47.20 37.57 -11.71
CA ARG T 87 46.38 38.09 -12.79
C ARG T 87 45.55 39.25 -12.28
N VAL T 88 44.88 39.94 -13.21
CA VAL T 88 44.12 41.13 -12.84
C VAL T 88 42.94 40.77 -11.94
N GLU T 89 42.32 39.61 -12.15
CA GLU T 89 41.16 39.23 -11.36
C GLU T 89 41.52 38.77 -9.96
N ASP T 90 42.80 38.73 -9.61
CA ASP T 90 43.24 38.38 -8.26
C ASP T 90 43.13 39.55 -7.29
N THR T 91 42.84 40.76 -7.77
CA THR T 91 42.80 41.93 -6.91
C THR T 91 41.67 41.82 -5.90
N ALA T 92 42.02 41.69 -4.63
CA ALA T 92 41.05 41.52 -3.56
C ALA T 92 41.74 41.77 -2.22
N VAL T 93 40.98 41.64 -1.15
CA VAL T 93 41.51 41.73 0.21
C VAL T 93 41.49 40.34 0.83
N TYR T 94 42.66 39.87 1.25
CA TYR T 94 42.81 38.50 1.75
C TYR T 94 42.78 38.49 3.27
N TYR T 95 41.99 37.57 3.84
CA TYR T 95 41.88 37.41 5.28
C TYR T 95 42.37 36.03 5.68
N CYS T 96 43.24 36.00 6.68
CA CYS T 96 43.64 34.74 7.30
C CYS T 96 42.71 34.43 8.46
N ALA T 97 42.11 33.25 8.43
CA ALA T 97 41.10 32.89 9.41
C ALA T 97 41.51 31.60 10.10
N ARG T 98 41.03 31.44 11.33
CA ARG T 98 41.31 30.25 12.11
C ARG T 98 40.20 29.22 11.90
N ALA T 99 40.59 27.96 11.79
CA ALA T 99 39.64 26.91 11.43
C ALA T 99 38.98 26.31 12.66
N ALA T 100 37.67 26.11 12.57
CA ALA T 100 36.89 25.44 13.61
C ALA T 100 35.89 24.50 12.95
N TYR T 101 35.67 23.35 13.59
CA TYR T 101 34.77 22.32 13.08
C TYR T 101 33.71 22.01 14.13
N TYR T 102 32.44 22.12 13.73
CA TYR T 102 31.38 21.90 14.71
C TYR T 102 30.85 20.47 14.71
N ASP T 103 30.11 20.09 13.67
CA ASP T 103 29.63 18.71 13.55
C ASP T 103 29.98 18.11 12.20
N THR T 104 29.55 18.77 11.12
CA THR T 104 29.68 18.28 9.76
C THR T 104 30.20 19.34 8.79
N SER T 105 30.61 20.49 9.30
CA SER T 105 31.14 21.55 8.45
C SER T 105 32.11 22.40 9.27
N GLY T 106 32.98 23.11 8.55
CA GLY T 106 33.94 23.97 9.19
C GLY T 106 33.51 25.43 9.11
N TYR T 107 34.10 26.24 9.98
CA TYR T 107 33.80 27.66 10.03
C TYR T 107 34.99 28.39 10.62
N GLY T 108 35.02 29.71 10.44
CA GLY T 108 36.11 30.53 10.95
C GLY T 108 35.71 31.35 12.16
N ASP T 109 36.23 30.97 13.33
CA ASP T 109 35.87 31.67 14.55
C ASP T 109 36.54 33.04 14.65
N TYR T 110 37.82 33.12 14.29
CA TYR T 110 38.59 34.36 14.42
C TYR T 110 39.21 34.70 13.07
N TRP T 111 39.17 35.98 12.71
CA TRP T 111 39.63 36.46 11.42
C TRP T 111 40.71 37.52 11.62
N GLY T 112 41.49 37.74 10.55
CA GLY T 112 42.48 38.78 10.54
C GLY T 112 41.95 40.09 9.95
N GLN T 113 42.75 41.14 10.10
CA GLN T 113 42.35 42.44 9.61
C GLN T 113 42.20 42.47 8.10
N GLY T 114 43.14 41.87 7.39
CA GLY T 114 43.10 41.83 5.94
C GLY T 114 43.94 42.92 5.31
N THR T 115 44.57 42.58 4.18
CA THR T 115 45.37 43.52 3.42
C THR T 115 44.89 43.55 1.98
N LEU T 116 45.06 44.69 1.33
CA LEU T 116 44.65 44.85 -0.05
C LEU T 116 45.83 44.58 -0.98
N VAL T 117 45.59 43.74 -1.99
CA VAL T 117 46.57 43.45 -3.02
C VAL T 117 46.07 44.03 -4.33
N THR T 118 46.97 44.62 -5.10
CA THR T 118 46.60 45.33 -6.33
C THR T 118 47.37 44.75 -7.50
N VAL T 119 46.63 44.36 -8.54
CA VAL T 119 47.21 43.91 -9.80
C VAL T 119 46.64 44.79 -10.90
N SER T 120 47.51 45.55 -11.57
CA SER T 120 47.07 46.50 -12.57
C SER T 120 48.18 46.69 -13.59
N SER T 121 47.79 47.19 -14.77
CA SER T 121 48.73 47.47 -15.84
C SER T 121 48.60 48.90 -16.33
N SER U 2 28.53 31.01 -5.87
CA SER U 2 27.29 31.48 -5.26
C SER U 2 26.18 30.44 -5.40
N VAL U 3 26.49 29.19 -5.07
CA VAL U 3 25.46 28.14 -5.09
C VAL U 3 24.40 28.41 -4.03
N LEU U 4 24.74 29.16 -2.99
CA LEU U 4 23.77 29.61 -2.00
C LEU U 4 23.23 30.98 -2.41
N THR U 5 21.91 31.10 -2.42
CA THR U 5 21.24 32.30 -2.90
C THR U 5 20.77 33.15 -1.72
N GLN U 6 21.13 34.43 -1.74
CA GLN U 6 20.75 35.38 -0.71
C GLN U 6 20.14 36.62 -1.37
N PRO U 7 19.18 37.26 -0.70
CA PRO U 7 18.61 38.49 -1.26
C PRO U 7 19.66 39.59 -1.28
N PRO U 8 19.74 40.36 -2.37
CA PRO U 8 20.75 41.42 -2.46
C PRO U 8 20.61 42.49 -1.39
N SER U 9 19.39 42.84 -0.99
CA SER U 9 19.19 43.90 -0.01
C SER U 9 17.88 43.69 0.73
N VAL U 10 17.90 43.97 2.02
CA VAL U 10 16.70 43.95 2.85
C VAL U 10 16.67 45.24 3.67
N SER U 11 15.52 45.51 4.27
CA SER U 11 15.35 46.73 5.05
C SER U 11 14.40 46.43 6.20
N GLY U 12 14.48 47.29 7.22
CA GLY U 12 13.60 47.16 8.37
C GLY U 12 13.66 48.41 9.22
N ALA U 13 12.50 48.80 9.72
CA ALA U 13 12.42 49.95 10.60
C ALA U 13 13.04 49.62 11.94
N PRO U 14 13.52 50.63 12.68
CA PRO U 14 14.06 50.36 14.02
C PRO U 14 13.02 49.70 14.92
N GLY U 15 13.44 48.62 15.59
CA GLY U 15 12.60 47.91 16.51
C GLY U 15 11.77 46.80 15.91
N GLN U 16 11.75 46.66 14.59
CA GLN U 16 10.97 45.60 13.95
C GLN U 16 11.84 44.35 13.75
N THR U 17 11.21 43.28 13.28
CA THR U 17 11.87 42.01 13.06
C THR U 17 12.05 41.78 11.56
N VAL U 18 13.27 41.45 11.14
CA VAL U 18 13.57 41.15 9.76
C VAL U 18 14.29 39.81 9.69
N THR U 19 14.21 39.18 8.52
CA THR U 19 14.78 37.86 8.30
C THR U 19 15.69 37.90 7.08
N ILE U 20 16.83 37.22 7.17
CA ILE U 20 17.76 37.07 6.06
C ILE U 20 17.79 35.60 5.70
N SER U 21 17.47 35.29 4.46
CA SER U 21 17.34 33.90 4.01
C SER U 21 18.53 33.50 3.14
N CYS U 22 18.91 32.23 3.26
CA CYS U 22 19.97 31.64 2.46
C CYS U 22 19.43 30.35 1.87
N THR U 23 19.35 30.28 0.54
CA THR U 23 18.74 29.16 -0.17
C THR U 23 19.82 28.33 -0.83
N GLY U 24 19.84 27.04 -0.51
CA GLY U 24 20.80 26.12 -1.12
C GLY U 24 20.13 25.04 -1.93
N GLY U 25 20.78 23.89 -2.04
CA GLY U 25 20.22 22.79 -2.79
C GLY U 25 20.30 21.47 -2.05
N SER U 26 20.13 20.36 -2.77
CA SER U 26 20.22 19.04 -2.16
C SER U 26 21.65 18.62 -1.86
N SER U 27 22.65 19.35 -2.35
CA SER U 27 24.04 18.98 -2.20
C SER U 27 24.74 19.72 -1.07
N ASN U 28 24.25 20.89 -0.66
CA ASN U 28 24.94 21.70 0.32
C ASN U 28 24.17 21.82 1.62
N ILE U 29 22.93 22.28 1.55
CA ILE U 29 22.15 22.51 2.78
C ILE U 29 21.23 21.33 3.04
N GLY U 30 20.59 20.81 2.00
CA GLY U 30 19.69 19.69 2.14
C GLY U 30 20.35 18.35 2.34
N ALA U 31 21.67 18.27 2.23
CA ALA U 31 22.41 17.04 2.42
C ALA U 31 22.87 16.83 3.86
N GLY U 32 22.53 17.74 4.77
CA GLY U 32 22.87 17.59 6.17
C GLY U 32 24.12 18.30 6.63
N TYR U 33 24.52 19.38 5.98
CA TYR U 33 25.66 20.16 6.42
C TYR U 33 25.21 21.42 7.14
N ASP U 34 25.97 21.80 8.17
CA ASP U 34 25.64 22.96 8.98
C ASP U 34 25.81 24.24 8.18
N VAL U 35 25.04 25.26 8.55
CA VAL U 35 25.10 26.58 7.94
C VAL U 35 25.63 27.56 8.97
N HIS U 36 26.54 28.43 8.55
CA HIS U 36 27.16 29.40 9.43
C HIS U 36 26.94 30.79 8.86
N TRP U 37 26.78 31.77 9.75
CA TRP U 37 26.48 33.14 9.36
C TRP U 37 27.60 34.07 9.82
N TYR U 38 27.97 35.00 8.96
CA TYR U 38 29.01 35.97 9.25
C TYR U 38 28.50 37.37 9.02
N GLN U 39 28.92 38.29 9.88
CA GLN U 39 28.55 39.70 9.79
C GLN U 39 29.82 40.51 9.55
N GLN U 40 29.76 41.41 8.57
CA GLN U 40 30.91 42.23 8.19
C GLN U 40 30.50 43.69 8.19
N LEU U 41 31.17 44.49 9.02
CA LEU U 41 30.95 45.92 9.01
C LEU U 41 31.45 46.52 7.70
N PRO U 42 30.94 47.70 7.32
CA PRO U 42 31.34 48.28 6.02
C PRO U 42 32.83 48.55 5.89
N GLY U 43 33.57 48.58 7.00
CA GLY U 43 34.98 48.91 6.97
C GLY U 43 35.95 47.95 7.63
N THR U 44 35.52 46.75 8.01
CA THR U 44 36.40 45.82 8.70
C THR U 44 36.13 44.39 8.23
N ALA U 45 36.86 43.45 8.83
CA ALA U 45 36.75 42.05 8.47
C ALA U 45 35.46 41.44 9.00
N PRO U 46 34.99 40.34 8.41
CA PRO U 46 33.79 39.69 8.94
C PRO U 46 34.05 39.05 10.29
N LYS U 47 32.98 38.95 11.09
CA LYS U 47 33.04 38.38 12.43
C LYS U 47 31.97 37.31 12.58
N LEU U 48 32.34 36.21 13.24
CA LEU U 48 31.42 35.09 13.42
C LEU U 48 30.17 35.53 14.17
N LEU U 49 29.00 35.16 13.67
CA LEU U 49 27.72 35.56 14.27
C LEU U 49 26.89 34.37 14.73
N ILE U 50 26.71 33.36 13.87
CA ILE U 50 26.05 32.12 14.26
C ILE U 50 26.79 30.94 13.65
N TYR U 51 27.04 29.92 14.47
CA TYR U 51 27.62 28.66 14.02
C TYR U 51 26.71 27.52 14.45
N GLY U 52 26.63 26.49 13.60
CA GLY U 52 25.81 25.33 13.92
C GLY U 52 24.33 25.56 13.83
N ASN U 53 23.91 26.60 13.12
CA ASN U 53 22.53 26.91 12.77
C ASN U 53 21.70 27.41 13.95
N ILE U 54 22.22 27.27 15.18
CA ILE U 54 21.51 27.75 16.36
C ILE U 54 22.43 28.44 17.36
N ASN U 55 23.75 28.26 17.27
CA ASN U 55 24.65 28.71 18.32
C ASN U 55 25.35 29.99 17.92
N ARG U 56 25.59 30.85 18.91
CA ARG U 56 26.25 32.13 18.72
C ARG U 56 27.36 32.29 19.72
N PRO U 57 28.39 33.07 19.39
CA PRO U 57 29.46 33.34 20.36
C PRO U 57 28.99 34.27 21.47
N SER U 58 29.91 34.54 22.39
CA SER U 58 29.59 35.41 23.52
C SER U 58 29.29 36.84 23.07
N GLY U 59 30.07 37.34 22.10
CA GLY U 59 29.91 38.73 21.70
C GLY U 59 28.56 39.01 21.06
N VAL U 60 28.03 38.04 20.32
CA VAL U 60 26.77 38.26 19.61
C VAL U 60 25.63 38.40 20.62
N PRO U 61 24.81 39.45 20.54
CA PRO U 61 23.68 39.57 21.46
C PRO U 61 22.59 38.55 21.16
N ASP U 62 21.65 38.44 22.11
CA ASP U 62 20.58 37.47 21.98
C ASP U 62 19.60 37.84 20.87
N ARG U 63 19.70 39.04 20.31
CA ARG U 63 18.81 39.44 19.22
C ARG U 63 18.98 38.55 18.00
N PHE U 64 20.21 38.17 17.69
CA PHE U 64 20.49 37.35 16.52
C PHE U 64 20.20 35.88 16.83
N SER U 65 19.39 35.25 15.99
CA SER U 65 19.07 33.84 16.12
C SER U 65 18.71 33.30 14.74
N GLY U 66 18.88 32.01 14.55
CA GLY U 66 18.62 31.41 13.26
C GLY U 66 18.30 29.94 13.39
N SER U 67 17.92 29.35 12.25
CA SER U 67 17.58 27.94 12.18
C SER U 67 17.61 27.52 10.71
N LYS U 68 17.55 26.20 10.49
CA LYS U 68 17.57 25.64 9.15
C LYS U 68 16.42 24.65 9.02
N SER U 69 16.01 24.42 7.77
CA SER U 69 14.94 23.47 7.48
C SER U 69 15.00 23.10 6.01
N GLY U 70 15.14 21.80 5.74
CA GLY U 70 15.15 21.33 4.36
C GLY U 70 16.33 21.89 3.59
N THR U 71 16.04 22.55 2.48
CA THR U 71 17.05 23.14 1.62
C THR U 71 17.18 24.64 1.78
N SER U 72 16.70 25.19 2.90
CA SER U 72 16.73 26.63 3.14
C SER U 72 17.21 26.93 4.55
N ALA U 73 17.75 28.13 4.72
CA ALA U 73 18.20 28.61 6.03
C ALA U 73 17.80 30.06 6.16
N SER U 74 17.65 30.51 7.41
CA SER U 74 17.18 31.86 7.68
C SER U 74 17.84 32.40 8.94
N LEU U 75 18.25 33.66 8.89
CA LEU U 75 18.80 34.37 10.04
C LEU U 75 17.79 35.42 10.47
N ALA U 76 17.35 35.34 11.73
CA ALA U 76 16.33 36.22 12.27
C ALA U 76 16.98 37.23 13.21
N ILE U 77 16.73 38.51 12.95
CA ILE U 77 17.22 39.61 13.77
C ILE U 77 16.02 40.38 14.30
N THR U 78 15.89 40.43 15.61
CA THR U 78 14.79 41.12 16.27
C THR U 78 15.32 42.32 17.06
N GLY U 79 14.51 43.36 17.13
CA GLY U 79 14.94 44.59 17.77
C GLY U 79 16.07 45.27 17.02
N LEU U 80 15.83 45.64 15.77
CA LEU U 80 16.87 46.22 14.93
C LEU U 80 17.44 47.49 15.56
N GLN U 81 18.76 47.63 15.48
CA GLN U 81 19.46 48.80 15.98
C GLN U 81 20.16 49.52 14.84
N ALA U 82 20.64 50.73 15.12
CA ALA U 82 21.35 51.50 14.11
C ALA U 82 22.66 50.83 13.73
N GLU U 83 23.33 50.17 14.68
CA GLU U 83 24.60 49.50 14.41
C GLU U 83 24.43 48.16 13.72
N ASP U 84 23.21 47.79 13.34
CA ASP U 84 22.97 46.53 12.64
C ASP U 84 23.20 46.62 11.15
N GLU U 85 23.57 47.79 10.63
CA GLU U 85 23.81 47.95 9.21
C GLU U 85 25.13 47.31 8.83
N ALA U 86 25.06 46.16 8.16
CA ALA U 86 26.25 45.41 7.78
C ALA U 86 25.85 44.39 6.72
N ASP U 87 26.85 43.72 6.17
CA ASP U 87 26.64 42.67 5.18
C ASP U 87 26.63 41.32 5.90
N TYR U 88 25.62 40.50 5.62
CA TYR U 88 25.44 39.21 6.25
C TYR U 88 25.61 38.10 5.23
N TYR U 89 26.48 37.14 5.54
CA TYR U 89 26.82 36.05 4.63
C TYR U 89 26.41 34.72 5.25
N CYS U 90 26.05 33.77 4.39
CA CYS U 90 25.78 32.41 4.81
C CYS U 90 26.82 31.47 4.21
N GLN U 91 27.27 30.52 5.03
CA GLN U 91 28.34 29.61 4.63
C GLN U 91 27.96 28.18 4.98
N SER U 92 28.28 27.26 4.07
CA SER U 92 28.07 25.84 4.27
C SER U 92 29.17 25.10 3.50
N TYR U 93 28.99 23.79 3.30
CA TYR U 93 29.90 22.99 2.51
C TYR U 93 29.13 22.32 1.39
N ASP U 94 29.66 22.37 0.17
CA ASP U 94 29.02 21.79 -0.99
C ASP U 94 29.72 20.48 -1.33
N ARG U 95 28.93 19.44 -1.61
CA ARG U 95 29.50 18.12 -1.84
C ARG U 95 30.14 18.01 -3.22
N ARG U 96 29.64 18.76 -4.20
CA ARG U 96 30.03 18.57 -5.59
C ARG U 96 31.30 19.31 -5.97
N LEU U 97 31.86 20.13 -5.09
CA LEU U 97 33.07 20.88 -5.38
C LEU U 97 34.22 20.37 -4.52
N SER U 98 35.37 21.04 -4.63
CA SER U 98 36.58 20.67 -3.89
C SER U 98 36.97 21.84 -3.00
N GLY U 99 35.99 22.45 -2.35
CA GLY U 99 36.23 23.57 -1.46
C GLY U 99 35.60 23.33 -0.11
N SER U 100 36.31 23.76 0.94
CA SER U 100 35.81 23.56 2.29
C SER U 100 34.57 24.42 2.57
N TRP U 101 34.58 25.66 2.10
CA TRP U 101 33.48 26.59 2.34
C TRP U 101 32.85 27.01 1.03
N VAL U 102 31.55 27.33 1.09
CA VAL U 102 30.86 28.01 0.01
C VAL U 102 30.09 29.18 0.62
N PHE U 103 30.22 30.36 0.03
CA PHE U 103 29.57 31.56 0.53
C PHE U 103 28.39 31.93 -0.37
N GLY U 104 27.52 32.78 0.17
CA GLY U 104 26.35 33.23 -0.56
C GLY U 104 26.57 34.55 -1.26
N GLY U 105 25.48 35.07 -1.81
CA GLY U 105 25.56 36.34 -2.53
C GLY U 105 25.87 37.53 -1.62
N GLY U 106 25.34 37.52 -0.41
CA GLY U 106 25.57 38.62 0.52
C GLY U 106 24.36 39.52 0.65
N THR U 107 23.88 39.71 1.87
CA THR U 107 22.68 40.49 2.15
C THR U 107 23.06 41.78 2.87
N LYS U 108 22.60 42.91 2.34
CA LYS U 108 22.82 44.20 2.96
C LYS U 108 21.59 44.62 3.74
N LEU U 109 21.76 44.88 5.03
CA LEU U 109 20.67 45.28 5.91
C LEU U 109 20.75 46.78 6.13
N THR U 110 19.69 47.49 5.76
CA THR U 110 19.58 48.93 5.93
C THR U 110 18.43 49.24 6.86
N VAL U 111 18.70 50.02 7.90
CA VAL U 111 17.70 50.38 8.90
C VAL U 111 17.06 51.70 8.47
N LEU U 112 15.73 51.72 8.39
CA LEU U 112 15.00 52.90 7.92
C LEU U 112 14.83 53.88 9.09
N GLY U 113 15.93 54.52 9.44
CA GLY U 113 15.94 55.49 10.53
C GLY U 113 15.10 56.72 10.25
N GLN V 1 55.70 4.22 45.36
CA GLN V 1 54.41 4.91 45.37
C GLN V 1 54.50 6.24 44.64
N VAL V 2 53.40 6.64 44.00
CA VAL V 2 53.37 7.91 43.27
C VAL V 2 53.07 9.05 44.22
N GLN V 3 53.94 10.05 44.25
CA GLN V 3 53.80 11.20 45.13
C GLN V 3 53.92 12.47 44.30
N LEU V 4 52.87 13.29 44.33
CA LEU V 4 52.82 14.55 43.59
C LEU V 4 52.62 15.68 44.60
N VAL V 5 53.65 16.48 44.82
CA VAL V 5 53.64 17.56 45.79
C VAL V 5 53.66 18.88 45.05
N GLU V 6 52.73 19.77 45.39
CA GLU V 6 52.62 21.07 44.75
C GLU V 6 53.10 22.17 45.68
N SER V 7 53.71 23.19 45.09
CA SER V 7 54.19 24.36 45.83
C SER V 7 54.20 25.56 44.89
N GLY V 8 54.19 26.74 45.49
CA GLY V 8 54.23 27.98 44.73
C GLY V 8 52.95 28.79 44.73
N GLY V 9 51.97 28.45 45.55
CA GLY V 9 50.75 29.22 45.65
C GLY V 9 50.94 30.46 46.52
N GLY V 10 49.87 31.24 46.61
CA GLY V 10 49.86 32.44 47.41
C GLY V 10 48.88 33.46 46.85
N VAL V 11 48.99 34.69 47.35
CA VAL V 11 48.10 35.78 46.97
C VAL V 11 48.87 36.73 46.06
N VAL V 12 48.28 37.05 44.91
CA VAL V 12 48.94 37.86 43.90
C VAL V 12 47.99 38.95 43.41
N PRO V 13 48.45 40.19 43.26
CA PRO V 13 47.62 41.23 42.64
C PRO V 13 47.39 40.94 41.17
N PRO V 14 46.26 41.36 40.61
CA PRO V 14 45.99 41.07 39.20
C PRO V 14 46.95 41.83 38.29
N GLY V 15 47.22 41.23 37.12
CA GLY V 15 48.05 41.85 36.11
C GLY V 15 49.47 41.34 36.02
N ARG V 16 49.91 40.51 36.96
CA ARG V 16 51.27 39.98 36.97
C ARG V 16 51.24 38.46 37.06
N SER V 17 52.43 37.86 37.02
CA SER V 17 52.56 36.42 36.86
C SER V 17 52.84 35.73 38.20
N LEU V 18 52.76 34.41 38.18
CA LEU V 18 53.07 33.55 39.32
C LEU V 18 53.30 32.14 38.80
N ARG V 19 54.38 31.53 39.23
CA ARG V 19 54.87 30.27 38.65
C ARG V 19 54.62 29.12 39.63
N LEU V 20 54.06 28.04 39.12
CA LEU V 20 53.77 26.84 39.90
C LEU V 20 54.66 25.69 39.47
N SER V 21 54.66 24.64 40.29
CA SER V 21 55.37 23.40 39.98
C SER V 21 54.73 22.25 40.74
N CYS V 22 55.00 21.03 40.27
CA CYS V 22 54.49 19.82 40.90
C CYS V 22 55.60 18.76 40.86
N ALA V 23 56.16 18.45 42.03
CA ALA V 23 57.25 17.50 42.13
C ALA V 23 56.72 16.07 42.10
N THR V 24 57.48 15.18 41.47
CA THR V 24 57.08 13.79 41.28
C THR V 24 58.16 12.86 41.81
N SER V 25 57.73 11.67 42.24
CA SER V 25 58.64 10.63 42.69
C SER V 25 57.90 9.30 42.70
N GLY V 26 58.67 8.23 42.55
CA GLY V 26 58.13 6.88 42.60
C GLY V 26 57.68 6.31 41.28
N PHE V 27 57.79 7.05 40.19
CA PHE V 27 57.42 6.54 38.87
C PHE V 27 58.24 7.28 37.83
N THR V 28 58.34 6.67 36.64
CA THR V 28 59.15 7.24 35.56
C THR V 28 58.43 8.48 35.02
N PHE V 29 58.92 9.66 35.41
CA PHE V 29 58.29 10.91 34.99
C PHE V 29 58.35 11.08 33.48
N SER V 30 59.47 10.70 32.86
CA SER V 30 59.67 10.92 31.44
C SER V 30 58.79 10.06 30.55
N ASN V 31 58.15 9.02 31.09
CA ASN V 31 57.35 8.09 30.29
C ASN V 31 55.85 8.34 30.40
N TYR V 32 55.43 9.41 31.07
CA TYR V 32 54.01 9.70 31.23
C TYR V 32 53.72 11.15 30.89
N GLY V 33 52.59 11.37 30.23
CA GLY V 33 52.00 12.70 30.19
C GLY V 33 51.23 12.98 31.45
N MET V 34 50.89 14.26 31.65
CA MET V 34 50.25 14.66 32.89
C MET V 34 49.50 15.97 32.69
N HIS V 35 48.49 16.19 33.54
CA HIS V 35 47.49 17.22 33.33
C HIS V 35 47.58 18.32 34.37
N TRP V 36 46.73 19.34 34.21
CA TRP V 36 46.45 20.33 35.23
C TRP V 36 44.94 20.50 35.35
N VAL V 37 44.44 20.52 36.59
CA VAL V 37 43.04 20.75 36.87
C VAL V 37 42.93 21.75 38.02
N ARG V 38 42.02 22.71 37.88
CA ARG V 38 41.83 23.73 38.90
C ARG V 38 40.38 23.70 39.39
N GLN V 39 40.20 24.03 40.67
CA GLN V 39 38.88 24.02 41.30
C GLN V 39 38.69 25.36 42.00
N ALA V 40 37.76 26.16 41.50
CA ALA V 40 37.43 27.41 42.16
C ALA V 40 36.70 27.14 43.48
N PRO V 41 36.83 28.04 44.45
CA PRO V 41 36.14 27.84 45.73
C PRO V 41 34.63 27.72 45.55
N GLY V 42 34.08 26.59 45.97
CA GLY V 42 32.66 26.33 45.83
C GLY V 42 32.22 25.87 44.47
N LYS V 43 33.14 25.61 43.55
CA LYS V 43 32.82 25.17 42.20
C LYS V 43 33.42 23.79 41.95
N GLY V 44 33.11 23.23 40.78
CA GLY V 44 33.62 21.94 40.39
C GLY V 44 34.99 22.05 39.74
N LEU V 45 35.45 20.92 39.21
CA LEU V 45 36.75 20.84 38.57
C LEU V 45 36.65 21.34 37.14
N GLU V 46 37.75 21.90 36.64
CA GLU V 46 37.84 22.40 35.27
C GLU V 46 39.23 22.11 34.73
N TRP V 47 39.29 21.43 33.59
CA TRP V 47 40.56 21.05 32.99
C TRP V 47 41.32 22.27 32.52
N VAL V 48 42.64 22.27 32.75
CA VAL V 48 43.50 23.41 32.45
C VAL V 48 44.40 23.14 31.25
N ALA V 49 45.28 22.14 31.36
CA ALA V 49 46.26 21.90 30.30
C ALA V 49 46.85 20.51 30.46
N ILE V 50 47.34 19.97 29.34
CA ILE V 50 48.07 18.71 29.30
C ILE V 50 49.31 18.92 28.44
N ILE V 51 50.38 18.20 28.77
CA ILE V 51 51.61 18.21 27.99
C ILE V 51 52.00 16.77 27.68
N TRP V 52 52.48 16.53 26.47
CA TRP V 52 52.96 15.21 26.10
C TRP V 52 54.22 14.86 26.88
N TYR V 53 54.52 13.55 26.90
CA TYR V 53 55.67 13.08 27.68
C TYR V 53 56.96 13.70 27.17
N ASP V 54 57.12 13.81 25.85
CA ASP V 54 58.28 14.49 25.29
C ASP V 54 58.10 16.00 25.22
N GLY V 55 56.94 16.52 25.57
CA GLY V 55 56.66 17.93 25.49
C GLY V 55 56.34 18.45 24.11
N SER V 56 56.19 17.56 23.12
CA SER V 56 55.96 18.01 21.75
C SER V 56 54.60 18.67 21.60
N ARG V 57 53.57 18.12 22.23
CA ARG V 57 52.20 18.57 22.03
C ARG V 57 51.66 19.19 23.32
N ASN V 58 51.17 20.43 23.22
CA ASN V 58 50.59 21.15 24.35
C ASN V 58 49.15 21.50 24.02
N PHE V 59 48.25 21.29 24.98
CA PHE V 59 46.85 21.61 24.83
C PHE V 59 46.38 22.44 26.01
N TYR V 60 45.66 23.52 25.73
CA TYR V 60 45.16 24.41 26.76
C TYR V 60 43.66 24.60 26.60
N ALA V 61 43.01 24.96 27.70
CA ALA V 61 41.59 25.28 27.65
C ALA V 61 41.38 26.61 26.94
N ALA V 62 40.14 26.83 26.48
CA ALA V 62 39.84 28.05 25.73
C ALA V 62 39.99 29.29 26.58
N SER V 63 39.74 29.19 27.88
CA SER V 63 39.77 30.38 28.74
C SER V 63 41.18 30.86 29.03
N VAL V 64 42.17 29.97 29.05
CA VAL V 64 43.53 30.32 29.43
C VAL V 64 44.54 30.17 28.31
N GLU V 65 44.11 29.86 27.08
CA GLU V 65 45.06 29.73 25.99
C GLU V 65 45.65 31.09 25.65
N GLY V 66 46.98 31.11 25.45
CA GLY V 66 47.70 32.33 25.19
C GLY V 66 48.23 33.03 26.43
N ARG V 67 47.81 32.60 27.61
CA ARG V 67 48.29 33.15 28.87
C ARG V 67 49.06 32.13 29.70
N PHE V 68 48.55 30.91 29.81
CA PHE V 68 49.22 29.85 30.57
C PHE V 68 50.23 29.14 29.69
N THR V 69 51.34 28.73 30.31
CA THR V 69 52.38 27.96 29.64
C THR V 69 52.77 26.78 30.51
N ILE V 70 52.78 25.59 29.92
CA ILE V 70 53.14 24.36 30.62
C ILE V 70 54.44 23.83 30.05
N SER V 71 55.38 23.51 30.94
CA SER V 71 56.69 23.02 30.53
C SER V 71 57.17 22.00 31.56
N ARG V 72 57.92 21.02 31.07
CA ARG V 72 58.41 19.95 31.93
C ARG V 72 59.91 19.78 31.73
N ASP V 73 60.61 19.51 32.84
CA ASP V 73 62.02 19.18 32.84
C ASP V 73 62.15 17.77 33.41
N ASN V 74 62.33 16.79 32.53
CA ASN V 74 62.34 15.39 32.92
C ASN V 74 63.60 14.99 33.67
N SER V 75 64.62 15.86 33.71
CA SER V 75 65.82 15.61 34.49
C SER V 75 65.68 16.02 35.95
N LYS V 76 64.59 16.71 36.30
CA LYS V 76 64.33 17.10 37.67
C LYS V 76 63.02 16.54 38.20
N ASN V 77 62.29 15.78 37.37
CA ASN V 77 61.02 15.17 37.76
C ASN V 77 60.03 16.21 38.26
N THR V 78 60.01 17.37 37.61
CA THR V 78 59.14 18.48 37.97
C THR V 78 58.51 19.08 36.73
N LEU V 79 57.19 19.21 36.76
CA LEU V 79 56.44 19.90 35.71
C LEU V 79 56.20 21.35 36.15
N TYR V 80 56.34 22.28 35.21
CA TYR V 80 56.23 23.69 35.49
C TYR V 80 55.03 24.27 34.76
N LEU V 81 54.28 25.13 35.46
CA LEU V 81 53.09 25.76 34.91
C LEU V 81 53.21 27.26 35.12
N GLN V 82 53.51 27.98 34.04
CA GLN V 82 53.62 29.43 34.07
C GLN V 82 52.26 30.05 33.79
N MET V 83 51.84 30.97 34.64
CA MET V 83 50.58 31.68 34.49
C MET V 83 50.87 33.17 34.41
N ASN V 84 50.72 33.75 33.23
CA ASN V 84 51.02 35.16 32.99
C ASN V 84 49.73 35.98 32.93
N SER V 85 49.85 37.23 33.37
CA SER V 85 48.73 38.17 33.40
C SER V 85 47.54 37.57 34.15
N LEU V 86 47.76 37.27 35.42
CA LEU V 86 46.73 36.65 36.24
C LEU V 86 45.54 37.59 36.43
N ARG V 87 44.34 37.04 36.36
CA ARG V 87 43.10 37.77 36.58
C ARG V 87 42.43 37.28 37.85
N VAL V 88 41.46 38.06 38.33
CA VAL V 88 40.75 37.69 39.55
C VAL V 88 40.00 36.38 39.37
N GLU V 89 39.63 36.04 38.14
CA GLU V 89 38.90 34.81 37.87
C GLU V 89 39.78 33.57 37.96
N ASP V 90 41.09 33.72 38.10
CA ASP V 90 42.01 32.60 38.18
C ASP V 90 42.12 32.01 39.59
N THR V 91 41.40 32.57 40.55
CA THR V 91 41.45 32.04 41.92
C THR V 91 40.83 30.65 41.97
N ALA V 92 41.67 29.64 42.18
CA ALA V 92 41.22 28.26 42.20
C ALA V 92 42.32 27.40 42.83
N VAL V 93 41.96 26.17 43.17
CA VAL V 93 42.90 25.20 43.70
C VAL V 93 43.35 24.30 42.55
N TYR V 94 44.63 24.42 42.19
CA TYR V 94 45.18 23.72 41.03
C TYR V 94 45.67 22.34 41.42
N TYR V 95 45.36 21.35 40.58
CA TYR V 95 45.73 19.96 40.81
C TYR V 95 46.64 19.48 39.70
N CYS V 96 47.69 18.77 40.06
CA CYS V 96 48.55 18.10 39.10
C CYS V 96 48.26 16.60 39.14
N ALA V 97 47.91 16.05 37.98
CA ALA V 97 47.50 14.65 37.90
C ALA V 97 48.14 14.00 36.69
N ARG V 98 48.54 12.74 36.87
CA ARG V 98 49.13 11.96 35.79
C ARG V 98 48.07 11.59 34.75
N ALA V 99 48.49 11.43 33.50
CA ALA V 99 47.56 11.13 32.42
C ALA V 99 47.49 9.63 32.17
N ALA V 100 46.28 9.13 31.99
CA ALA V 100 46.02 7.73 31.65
C ALA V 100 45.03 7.67 30.51
N TYR V 101 45.15 6.61 29.70
CA TYR V 101 44.31 6.40 28.54
C TYR V 101 43.84 4.96 28.50
N TYR V 102 42.53 4.75 28.57
CA TYR V 102 42.00 3.38 28.64
C TYR V 102 41.65 2.83 27.26
N ASP V 103 40.62 3.39 26.62
CA ASP V 103 40.29 2.97 25.26
C ASP V 103 40.27 4.14 24.29
N THR V 104 39.46 5.15 24.59
CA THR V 104 39.24 6.29 23.72
C THR V 104 39.18 7.61 24.48
N SER V 105 39.40 7.58 25.79
CA SER V 105 39.30 8.79 26.60
C SER V 105 40.47 8.81 27.57
N GLY V 106 40.66 9.97 28.21
CA GLY V 106 41.72 10.13 29.18
C GLY V 106 41.14 10.22 30.59
N TYR V 107 42.00 9.91 31.56
CA TYR V 107 41.64 9.97 32.97
C TYR V 107 42.91 10.06 33.80
N GLY V 108 42.76 10.42 35.06
CA GLY V 108 43.89 10.57 35.96
C GLY V 108 43.97 9.50 37.04
N ASP V 109 44.97 8.63 36.94
CA ASP V 109 45.12 7.56 37.92
C ASP V 109 45.59 8.10 39.27
N TYR V 110 46.53 9.04 39.26
CA TYR V 110 47.10 9.60 40.48
C TYR V 110 46.92 11.11 40.48
N TRP V 111 46.58 11.65 41.64
CA TRP V 111 46.44 13.09 41.84
C TRP V 111 47.40 13.58 42.91
N GLY V 112 47.70 14.87 42.86
CA GLY V 112 48.55 15.50 43.84
C GLY V 112 47.77 16.06 45.02
N GLN V 113 48.50 16.77 45.89
CA GLN V 113 47.87 17.38 47.05
C GLN V 113 47.03 18.60 46.64
N GLY V 114 47.58 19.44 45.78
CA GLY V 114 46.89 20.64 45.36
C GLY V 114 47.38 21.87 46.11
N THR V 115 47.39 23.01 45.43
CA THR V 115 47.81 24.26 46.03
C THR V 115 46.82 25.36 45.64
N LEU V 116 46.76 26.39 46.48
CA LEU V 116 45.80 27.48 46.30
C LEU V 116 46.49 28.71 45.72
N VAL V 117 45.89 29.27 44.67
CA VAL V 117 46.35 30.51 44.08
C VAL V 117 45.17 31.49 44.09
N THR V 118 45.34 32.60 44.80
CA THR V 118 44.30 33.59 44.98
C THR V 118 44.74 34.91 44.35
N VAL V 119 43.86 35.51 43.55
CA VAL V 119 44.10 36.80 42.93
C VAL V 119 43.05 37.76 43.48
N SER V 120 43.50 38.84 44.11
CA SER V 120 42.61 39.80 44.73
C SER V 120 43.25 41.18 44.70
N SER V 121 42.41 42.20 44.82
CA SER V 121 42.89 43.58 44.84
C SER V 121 42.06 44.43 45.80
N SER W 2 31.03 22.64 31.79
CA SER W 2 29.77 22.19 32.36
C SER W 2 28.86 21.59 31.29
N VAL W 3 29.48 21.00 30.26
CA VAL W 3 28.71 20.36 29.21
C VAL W 3 27.98 19.13 29.73
N LEU W 4 28.53 18.46 30.74
CA LEU W 4 27.87 17.33 31.37
C LEU W 4 26.94 17.82 32.48
N THR W 5 25.83 17.11 32.66
CA THR W 5 24.82 17.49 33.63
C THR W 5 24.77 16.48 34.77
N GLN W 6 24.86 16.98 36.00
CA GLN W 6 24.74 16.16 37.19
C GLN W 6 23.78 16.80 38.17
N PRO W 7 23.04 16.00 38.94
CA PRO W 7 22.11 16.58 39.91
C PRO W 7 22.86 17.33 41.00
N PRO W 8 22.30 18.43 41.50
CA PRO W 8 23.00 19.19 42.55
C PRO W 8 23.25 18.40 43.82
N SER W 9 22.31 17.55 44.24
CA SER W 9 22.48 16.79 45.47
C SER W 9 21.43 15.69 45.53
N VAL W 10 21.83 14.52 46.03
CA VAL W 10 20.93 13.40 46.26
C VAL W 10 21.16 12.90 47.68
N SER W 11 20.17 12.17 48.20
CA SER W 11 20.23 11.72 49.59
C SER W 11 19.56 10.37 49.70
N GLY W 12 19.90 9.66 50.77
CA GLY W 12 19.32 8.34 51.01
C GLY W 12 19.66 7.87 52.41
N ALA W 13 18.95 6.82 52.83
CA ALA W 13 19.16 6.24 54.15
C ALA W 13 20.45 5.42 54.17
N PRO W 14 21.02 5.19 55.35
CA PRO W 14 22.20 4.33 55.44
C PRO W 14 21.91 2.92 54.93
N GLY W 15 22.86 2.36 54.18
CA GLY W 15 22.76 1.01 53.69
C GLY W 15 21.89 0.83 52.45
N GLN W 16 21.17 1.86 52.02
CA GLN W 16 20.30 1.74 50.87
C GLN W 16 21.07 2.03 49.58
N THR W 17 20.38 1.89 48.45
CA THR W 17 20.98 2.13 47.14
C THR W 17 20.43 3.43 46.56
N VAL W 18 21.33 4.30 46.11
CA VAL W 18 20.97 5.56 45.46
C VAL W 18 21.63 5.58 44.09
N THR W 19 21.04 6.36 43.19
CA THR W 19 21.50 6.46 41.81
C THR W 19 21.97 7.88 41.53
N ILE W 20 23.21 8.01 41.09
CA ILE W 20 23.77 9.27 40.63
C ILE W 20 23.95 9.17 39.13
N SER W 21 23.30 10.06 38.39
CA SER W 21 23.29 9.99 36.94
C SER W 21 24.01 11.19 36.33
N CYS W 22 24.68 10.94 35.21
CA CYS W 22 25.34 11.99 34.44
C CYS W 22 24.85 11.90 33.00
N THR W 23 24.08 12.90 32.57
CA THR W 23 23.47 12.90 31.26
C THR W 23 24.29 13.78 30.32
N GLY W 24 24.80 13.19 29.25
CA GLY W 24 25.58 13.93 28.27
C GLY W 24 24.83 14.19 26.99
N GLY W 25 25.56 14.24 25.88
CA GLY W 25 24.94 14.43 24.59
C GLY W 25 25.43 13.43 23.56
N SER W 26 25.10 13.66 22.29
CA SER W 26 25.56 12.78 21.22
C SER W 26 27.03 13.03 20.86
N SER W 27 27.65 14.07 21.40
CA SER W 27 29.02 14.42 21.07
C SER W 27 30.03 13.91 22.10
N ASN W 28 29.61 13.67 23.34
CA ASN W 28 30.56 13.28 24.39
C ASN W 28 30.32 11.84 24.85
N ILE W 29 29.11 11.54 25.31
CA ILE W 29 28.82 10.19 25.79
C ILE W 29 28.22 9.34 24.69
N GLY W 30 27.27 9.89 23.95
CA GLY W 30 26.68 9.19 22.83
C GLY W 30 27.59 8.99 21.65
N ALA W 31 28.77 9.60 21.66
CA ALA W 31 29.74 9.44 20.59
C ALA W 31 30.63 8.22 20.77
N GLY W 32 30.44 7.47 21.86
CA GLY W 32 31.22 6.27 22.11
C GLY W 32 32.42 6.44 23.01
N TYR W 33 32.58 7.61 23.64
CA TYR W 33 33.70 7.86 24.52
C TYR W 33 33.38 7.38 25.93
N ASP W 34 34.42 6.96 26.65
CA ASP W 34 34.24 6.41 27.99
C ASP W 34 33.90 7.51 28.99
N VAL W 35 33.39 7.08 30.15
CA VAL W 35 33.04 7.98 31.24
C VAL W 35 33.80 7.54 32.48
N HIS W 36 34.44 8.50 33.15
CA HIS W 36 35.21 8.22 34.36
C HIS W 36 34.62 9.00 35.52
N TRP W 37 34.60 8.36 36.70
CA TRP W 37 34.01 8.93 37.89
C TRP W 37 35.09 9.18 38.94
N TYR W 38 35.01 10.33 39.60
CA TYR W 38 35.94 10.71 40.64
C TYR W 38 35.18 11.07 41.91
N GLN W 39 35.71 10.61 43.05
CA GLN W 39 35.14 10.92 44.35
C GLN W 39 36.10 11.85 45.09
N GLN W 40 35.65 13.07 45.34
CA GLN W 40 36.45 14.09 46.02
C GLN W 40 35.99 14.20 47.47
N LEU W 41 36.89 13.93 48.41
CA LEU W 41 36.58 14.17 49.81
C LEU W 41 36.57 15.67 50.08
N PRO W 42 35.84 16.11 51.09
CA PRO W 42 35.78 17.56 51.38
C PRO W 42 37.13 18.19 51.66
N GLY W 43 38.06 17.45 52.26
CA GLY W 43 39.33 18.01 52.67
C GLY W 43 40.56 17.56 51.91
N THR W 44 40.42 16.92 50.76
CA THR W 44 41.57 16.46 49.99
C THR W 44 41.23 16.47 48.51
N ALA W 45 42.22 16.08 47.70
CA ALA W 45 42.05 16.10 46.26
C ALA W 45 41.13 14.98 45.81
N PRO W 46 40.52 15.11 44.62
CA PRO W 46 39.67 14.03 44.10
C PRO W 46 40.45 12.74 43.90
N LYS W 47 39.77 11.62 44.14
CA LYS W 47 40.35 10.30 44.01
C LYS W 47 39.65 9.54 42.88
N LEU W 48 40.44 8.82 42.09
CA LEU W 48 39.87 8.02 41.00
C LEU W 48 38.94 6.95 41.57
N LEU W 49 37.75 6.84 40.98
CA LEU W 49 36.75 5.89 41.45
C LEU W 49 36.44 4.81 40.41
N ILE W 50 36.09 5.19 39.20
CA ILE W 50 35.75 4.25 38.13
C ILE W 50 36.36 4.75 36.83
N TYR W 51 37.00 3.83 36.08
CA TYR W 51 37.52 4.12 34.76
C TYR W 51 37.09 3.03 33.80
N GLY W 52 37.01 3.37 32.52
CA GLY W 52 36.55 2.42 31.52
C GLY W 52 35.08 2.05 31.65
N ASN W 53 34.33 2.82 32.43
CA ASN W 53 32.89 2.71 32.63
C ASN W 53 32.51 1.49 33.47
N ILE W 54 33.44 0.58 33.71
CA ILE W 54 33.19 -0.59 34.55
C ILE W 54 34.33 -0.90 35.51
N ASN W 55 35.51 -0.35 35.29
CA ASN W 55 36.69 -0.77 36.05
C ASN W 55 37.00 0.22 37.17
N ARG W 56 37.42 -0.34 38.30
CA ARG W 56 37.72 0.43 39.50
C ARG W 56 39.10 0.07 40.02
N PRO W 57 39.77 1.01 40.68
CA PRO W 57 41.07 0.69 41.29
C PRO W 57 40.92 -0.24 42.47
N SER W 58 42.06 -0.67 43.00
CA SER W 58 42.07 -1.58 44.15
C SER W 58 41.49 -0.92 45.39
N GLY W 59 41.80 0.37 45.59
CA GLY W 59 41.31 1.06 46.77
C GLY W 59 39.80 1.20 46.80
N VAL W 60 39.19 1.37 45.63
CA VAL W 60 37.73 1.54 45.57
C VAL W 60 37.04 0.25 46.00
N PRO W 61 36.10 0.28 46.93
CA PRO W 61 35.43 -0.94 47.35
C PRO W 61 34.46 -1.45 46.30
N ASP W 62 33.98 -2.68 46.52
CA ASP W 62 33.12 -3.33 45.55
C ASP W 62 31.70 -2.76 45.55
N ARG W 63 31.36 -1.94 46.54
CA ARG W 63 30.02 -1.34 46.57
C ARG W 63 29.82 -0.41 45.37
N PHE W 64 30.85 0.35 45.01
CA PHE W 64 30.75 1.27 43.89
C PHE W 64 30.72 0.50 42.56
N SER W 65 29.88 0.96 41.64
CA SER W 65 29.74 0.35 40.34
C SER W 65 29.14 1.38 39.38
N GLY W 66 29.26 1.09 38.08
CA GLY W 66 28.74 2.03 37.11
C GLY W 66 28.58 1.39 35.74
N SER W 67 27.80 2.05 34.91
CA SER W 67 27.56 1.63 33.53
C SER W 67 27.07 2.83 32.74
N LYS W 68 27.02 2.66 31.43
CA LYS W 68 26.56 3.72 30.54
C LYS W 68 25.73 3.13 29.40
N SER W 69 24.83 3.95 28.86
CA SER W 69 24.01 3.54 27.73
C SER W 69 23.60 4.78 26.96
N GLY W 70 23.88 4.78 25.66
CA GLY W 70 23.49 5.91 24.83
C GLY W 70 24.23 7.17 25.22
N THR W 71 23.48 8.22 25.55
CA THR W 71 24.05 9.52 25.90
C THR W 71 24.11 9.76 27.40
N SER W 72 23.85 8.74 28.21
CA SER W 72 23.80 8.90 29.65
C SER W 72 24.62 7.83 30.35
N ALA W 73 25.15 8.19 31.51
CA ALA W 73 25.88 7.27 32.36
C ALA W 73 25.42 7.46 33.80
N SER W 74 25.59 6.41 34.60
CA SER W 74 25.12 6.45 35.98
C SER W 74 26.15 5.83 36.90
N LEU W 75 26.14 6.27 38.16
CA LEU W 75 26.95 5.71 39.22
C LEU W 75 26.01 5.08 40.25
N ALA W 76 26.14 3.77 40.44
CA ALA W 76 25.28 3.04 41.36
C ALA W 76 26.05 2.72 42.63
N ILE W 77 25.55 3.22 43.75
CA ILE W 77 26.17 3.03 45.06
C ILE W 77 25.19 2.27 45.95
N THR W 78 25.64 1.14 46.47
CA THR W 78 24.84 0.31 47.37
C THR W 78 25.49 0.28 48.75
N GLY W 79 24.66 0.06 49.76
CA GLY W 79 25.16 0.04 51.13
C GLY W 79 25.78 1.35 51.56
N LEU W 80 25.01 2.44 51.53
CA LEU W 80 25.53 3.75 51.87
C LEU W 80 26.09 3.76 53.28
N GLN W 81 27.28 4.34 53.44
CA GLN W 81 27.96 4.42 54.71
C GLN W 81 28.27 5.88 55.06
N ALA W 82 28.69 6.08 56.30
CA ALA W 82 28.98 7.43 56.77
C ALA W 82 30.15 8.05 56.02
N GLU W 83 31.10 7.25 55.56
CA GLU W 83 32.25 7.76 54.84
C GLU W 83 31.97 7.98 53.35
N ASP W 84 30.77 7.68 52.88
CA ASP W 84 30.42 7.89 51.48
C ASP W 84 30.03 9.33 51.18
N GLU W 85 29.92 10.19 52.19
CA GLU W 85 29.56 11.57 51.96
C GLU W 85 30.72 12.31 51.28
N ALA W 86 30.58 12.54 49.98
CA ALA W 86 31.62 13.21 49.20
C ALA W 86 31.02 13.67 47.89
N ASP W 87 31.79 14.47 47.16
CA ASP W 87 31.38 14.99 45.87
C ASP W 87 31.79 14.01 44.78
N TYR W 88 30.89 13.77 43.82
CA TYR W 88 31.13 12.85 42.72
C TYR W 88 31.02 13.61 41.40
N TYR W 89 32.01 13.41 40.53
CA TYR W 89 32.06 14.08 39.24
C TYR W 89 32.12 13.04 38.13
N CYS W 90 31.44 13.32 37.02
CA CYS W 90 31.52 12.51 35.81
C CYS W 90 32.41 13.21 34.80
N GLN W 91 33.27 12.43 34.14
CA GLN W 91 34.23 12.96 33.21
C GLN W 91 34.22 12.16 31.91
N SER W 92 34.20 12.88 30.79
CA SER W 92 34.28 12.27 29.47
C SER W 92 35.08 13.20 28.57
N TYR W 93 35.06 12.94 27.27
CA TYR W 93 35.71 13.80 26.30
C TYR W 93 34.67 14.32 25.33
N ASP W 94 34.76 15.61 25.00
CA ASP W 94 33.82 16.25 24.09
C ASP W 94 34.51 16.47 22.75
N ARG W 95 33.84 16.08 21.66
CA ARG W 95 34.41 16.23 20.33
C ARG W 95 34.39 17.69 19.87
N ARG W 96 33.42 18.46 20.34
CA ARG W 96 33.19 19.81 19.83
C ARG W 96 34.06 20.87 20.50
N LEU W 97 34.90 20.48 21.45
CA LEU W 97 35.78 21.42 22.15
C LEU W 97 37.23 21.05 21.89
N SER W 98 38.15 21.77 22.56
CA SER W 98 39.58 21.55 22.44
C SER W 98 40.14 21.25 23.83
N GLY W 99 39.40 20.45 24.59
CA GLY W 99 39.83 20.07 25.93
C GLY W 99 39.87 18.56 26.05
N SER W 100 40.91 18.07 26.73
CA SER W 100 41.05 16.63 26.90
C SER W 100 39.92 16.05 27.75
N TRP W 101 39.57 16.73 28.85
CA TRP W 101 38.52 16.29 29.75
C TRP W 101 37.44 17.35 29.87
N VAL W 102 36.22 16.89 30.11
CA VAL W 102 35.11 17.77 30.45
C VAL W 102 34.46 17.28 31.74
N PHE W 103 34.20 18.20 32.66
CA PHE W 103 33.66 17.86 33.96
C PHE W 103 32.22 18.33 34.09
N GLY W 104 31.40 17.53 34.76
CA GLY W 104 30.01 17.87 34.97
C GLY W 104 29.83 18.77 36.17
N GLY W 105 28.56 19.07 36.46
CA GLY W 105 28.25 19.92 37.60
C GLY W 105 28.69 19.33 38.92
N GLY W 106 28.56 18.01 39.07
CA GLY W 106 28.93 17.36 40.32
C GLY W 106 27.75 17.10 41.22
N THR W 107 27.76 15.96 41.92
CA THR W 107 26.69 15.58 42.81
C THR W 107 27.22 15.48 44.23
N LYS W 108 26.55 16.17 45.16
CA LYS W 108 26.84 16.05 46.58
C LYS W 108 25.98 14.94 47.17
N LEU W 109 26.63 13.91 47.70
CA LEU W 109 25.94 12.75 48.26
C LEU W 109 25.81 12.94 49.76
N THR W 110 24.59 12.79 50.26
CA THR W 110 24.28 12.92 51.68
C THR W 110 23.71 11.61 52.20
N VAL W 111 24.21 11.16 53.34
CA VAL W 111 23.73 9.96 54.00
C VAL W 111 22.95 10.37 55.24
N LEU W 112 21.70 9.91 55.35
CA LEU W 112 20.83 10.28 56.46
C LEU W 112 21.19 9.47 57.70
N GLY W 113 22.35 9.82 58.27
CA GLY W 113 22.81 9.18 59.49
C GLY W 113 22.06 9.65 60.72
#